data_7ZXS
#
_entry.id   7ZXS
#
_cell.length_a   88.350
_cell.length_b   106.176
_cell.length_c   121.127
_cell.angle_alpha   65.250
_cell.angle_beta   70.430
_cell.angle_gamma   75.860
#
_symmetry.space_group_name_H-M   'P 1'
#
loop_
_entity.id
_entity.type
_entity.pdbx_description
1 polymer 'Dipeptidyl peptidase 9'
2 polymer 'Dipeptidyl peptidase 9'
3 non-polymer 2-ethyl-2-methanoyl-~{N}-[3-[[4-(quinolin-8-ylmethyl)piperazin-1-yl]methyl]phenyl]butanamide
4 non-polymer 1,2-ETHANEDIOL
5 non-polymer DI(HYDROXYETHYL)ETHER
6 water water
#
loop_
_entity_poly.entity_id
_entity_poly.type
_entity_poly.pdbx_seq_one_letter_code
_entity_poly.pdbx_strand_id
1 'polypeptide(L)'
;PAARFQVQKHSWDGLRSIIHGSRKYSGLIVNKAPHDFQFVQKTDESGPHSHRLYYLGMPYGSRENSLLYSEIPKKVRKEA
LLLLSWKQMLDHFQATPHHGVYSREEELLRERKRLGVFGITSYDFHSESGLFLFQASNSLFHCRDGGKNGFMVSPMKPLE
IKTQCSGPRMDPKICPADPAFFSFINNSDLWVANIETGEERRLTFCHQGLSNVLDDPKSAGVATFVIQEEFDRFTGYWWC
PTASWEGSEGLKTLRILYEEVDESEVEVIHVPSPALEERKTDSYRYPRTGSKNPKIALKLAEFQTDSQGKIVSTQEKELV
QPFSSLFPKVEYIARAGWTRDGKYAWAMFLDRPQQWLQLVLLPPALFIPSTENEEQRLASARAVPRNVQPYVVYEEVTNV
WINVHDIFYPFPQSEGEDELCFLRANECKTGFCHLYKVTAVLKSQGYDWSEPFSPGEDEFKCPIKEEIALTSGEWEVLAR
HGSKIWVNEETKLVYFQGTKDTPLEHHLYVVSYEAAGEIVRLTTPGFSHSCSMSQNFDMFVSHYSSVSTPPCVHVYKLSG
PDDDPLHKQPRFWASMMEAASCPPDYVPPEIFHFHTRSDVRLYGMIYKPHALQPGKKHPTVLFVYGGPQVQLVNNSFKGI
KYLRLNTLASLGYAVVVIDGRGSCQRGLRFEGALKNQMGQVEIEDQVEGLQFVAEKYGFIDLSRVAIHGWSYGGFLSLMG
LIHKPQVFKVAIAGAPVTVWMAYDTGYTERYMDVPENNQHGYEAGSVALHVEKLPNEPNRLLILHGFLDENVHFFHTNFL
VSQLIRAGKPYQLQIYPNERHSIR(CSO)PESGEHYEVTLLHFLQEYLHHHHHH
;
A,C
2 'polypeptide(L)'
;PAARFQVQKHSWDGLRSIIHGSRKYSGLIVNKAPHDFQFVQKTDESGPHSHRLYYLGMPYGSRENSLLYSEIPKKVRKEA
LLLLSWKQMLDHFQATPHHGVYSREEELLRERKRLGVFGITSYDFHSESGLFLFQASNSLFHCRDGGKNGFMVSPMKPLE
IKTQCSGPRMDPKICPADPAFFSFINNSDLWVANIETGEERRLTFCHQGLSNVLDDPKSAGVATFVIQEEFDRFTGYWWC
PTASWEGSEGLKTLRILYEEVDESEVEVIHVPSPALEERKTDSYRYPRTGSKNPKIALKLAEFQTDSQGKIVSTQEKELV
QPFSSLFPKVEYIARAGWTRDGKYAWAMFLDRPQQWLQLVLLPPALFIPSTENEEQRLASARAVPRNVQPYVVYEEVTNV
WINVHDIFYPFPQSEGEDELCFLRANECKTGFCHLYKVTAVLKSQGYDWSEPFSPGEDEFKCPIKEEIALTSGEWEVLAR
HGSKIWVNEETKLVYFQGTKDTPLEHHLYVVSYEAAGEIVRLTTPGFSHSCSMSQNFDMFVSHYSSVSTPPCVHVYKLSG
PDDDPLHKQPRFWASMMEAASCPPDYVPPEIFHFHTRSDVRLYGMIYKPHALQPGKKHPTVLFVYGGPQVQLVNNSFKGI
KYLRLNTLASLGYAVVVIDGRGSCQRGLRFEGALKNQMGQVEIEDQVEGLQFVAEKYGFIDLSRVAIHGWSYGGFLSLMG
LIHKPQVFKVAIAGAPVTVWMAYDTGYTERYMDVPENNQHGYEAGSVALHVEKLPNEPNRLLILHGFLDENVHFFHTNFL
VSQLIRAGKPYQLQIYPNERHSIRCPESGEHYEVTLLHFLQEYLHHHHHH
;
B,D
#
loop_
_chem_comp.id
_chem_comp.type
_chem_comp.name
_chem_comp.formula
EDO non-polymer 1,2-ETHANEDIOL 'C2 H6 O2'
KBO non-polymer 2-ethyl-2-methanoyl-~{N}-[3-[[4-(quinolin-8-ylmethyl)piperazin-1-yl]methyl]phenyl]butanamide 'C28 H34 N4 O2'
PEG non-polymer DI(HYDROXYETHYL)ETHER 'C4 H10 O3'
#
# COMPACT_ATOMS: atom_id res chain seq x y z
N ALA A 3 27.90 10.74 43.21
CA ALA A 3 27.38 11.98 42.55
C ALA A 3 27.86 12.06 41.09
N ARG A 4 27.19 12.88 40.28
CA ARG A 4 27.41 12.98 38.81
C ARG A 4 28.37 14.13 38.50
N PHE A 5 29.49 13.84 37.85
CA PHE A 5 30.37 14.87 37.26
C PHE A 5 29.66 15.53 36.07
N GLN A 6 29.75 16.86 35.97
CA GLN A 6 29.26 17.65 34.82
C GLN A 6 30.46 18.23 34.10
N VAL A 7 30.59 17.94 32.81
CA VAL A 7 31.61 18.56 31.93
C VAL A 7 31.30 20.06 31.83
N GLN A 8 32.34 20.91 31.87
CA GLN A 8 32.26 22.38 31.67
C GLN A 8 31.66 22.65 30.28
N LYS A 9 30.57 23.42 30.21
CA LYS A 9 29.95 23.84 28.92
C LYS A 9 30.79 24.98 28.36
N HIS A 10 31.20 24.84 27.09
CA HIS A 10 31.97 25.87 26.35
C HIS A 10 31.13 26.39 25.19
N SER A 11 31.37 27.63 24.79
CA SER A 11 30.90 28.18 23.49
C SER A 11 31.50 27.33 22.36
N TRP A 12 30.88 27.40 21.20
CA TRP A 12 31.41 26.77 19.96
C TRP A 12 32.84 27.24 19.70
N ASP A 13 33.11 28.56 19.77
CA ASP A 13 34.48 29.10 19.54
C ASP A 13 35.41 28.64 20.67
N GLY A 14 34.90 28.46 21.90
CA GLY A 14 35.63 27.84 23.01
C GLY A 14 36.09 26.43 22.66
N LEU A 15 35.19 25.63 22.10
CA LEU A 15 35.52 24.24 21.68
C LEU A 15 36.52 24.28 20.52
N ARG A 16 36.38 25.22 19.58
CA ARG A 16 37.33 25.39 18.45
C ARG A 16 38.75 25.65 18.98
N SER A 17 38.90 26.51 19.98
CA SER A 17 40.20 26.87 20.62
C SER A 17 40.82 25.64 21.28
N ILE A 18 40.03 24.86 22.03
CA ILE A 18 40.49 23.59 22.69
C ILE A 18 40.97 22.61 21.62
N ILE A 19 40.19 22.40 20.57
CA ILE A 19 40.54 21.41 19.50
C ILE A 19 41.75 21.93 18.72
N HIS A 20 41.75 23.20 18.30
CA HIS A 20 42.88 23.80 17.54
C HIS A 20 44.18 23.68 18.35
N GLY A 21 44.12 24.01 19.64
CA GLY A 21 45.25 23.84 20.59
C GLY A 21 45.74 22.41 20.68
N SER A 22 44.83 21.47 20.89
CA SER A 22 45.13 20.02 21.00
C SER A 22 45.92 19.54 19.78
N ARG A 23 45.53 19.98 18.59
CA ARG A 23 45.98 19.38 17.30
C ARG A 23 47.33 19.94 16.83
N LYS A 24 47.91 20.91 17.54
CA LYS A 24 49.28 21.42 17.27
C LYS A 24 50.29 20.29 17.54
N TYR A 25 50.09 19.52 18.62
CA TYR A 25 50.97 18.38 18.99
C TYR A 25 50.94 17.29 17.93
N SER A 26 49.77 16.92 17.41
CA SER A 26 49.58 15.83 16.41
C SER A 26 50.27 16.21 15.08
N GLY A 27 50.13 17.48 14.66
CA GLY A 27 50.79 18.06 13.46
C GLY A 27 52.30 18.21 13.61
N LEU A 28 52.84 18.07 14.82
CA LEU A 28 54.31 18.01 15.11
C LEU A 28 54.87 16.60 14.91
N ILE A 29 54.07 15.54 15.11
CA ILE A 29 54.54 14.11 15.17
C ILE A 29 53.96 13.27 14.03
N VAL A 30 52.78 13.60 13.46
CA VAL A 30 52.08 12.78 12.42
C VAL A 30 52.88 12.84 11.10
N ASN A 31 53.12 11.66 10.49
CA ASN A 31 53.92 11.46 9.26
C ASN A 31 55.32 12.09 9.41
N LYS A 32 55.97 11.92 10.57
CA LYS A 32 57.37 12.35 10.84
C LYS A 32 58.33 11.18 10.68
N ALA A 33 57.87 9.92 10.78
CA ALA A 33 58.71 8.71 10.78
C ALA A 33 59.26 8.44 9.38
N PRO A 34 60.59 8.14 9.24
CA PRO A 34 61.11 7.62 7.98
C PRO A 34 60.59 6.19 7.75
N HIS A 35 60.48 5.75 6.50
CA HIS A 35 59.90 4.44 6.12
C HIS A 35 60.39 4.00 4.74
N ASP A 36 60.04 2.77 4.33
CA ASP A 36 60.42 2.14 3.03
C ASP A 36 61.95 2.10 2.96
N PHE A 37 62.56 1.32 3.86
CA PHE A 37 64.02 1.26 4.08
C PHE A 37 64.66 0.31 3.07
N GLN A 38 65.79 0.73 2.49
CA GLN A 38 66.73 -0.13 1.72
C GLN A 38 68.14 0.06 2.28
N PHE A 39 68.71 -1.02 2.83
CA PHE A 39 70.15 -1.12 3.22
C PHE A 39 70.98 -1.49 1.99
N VAL A 40 72.02 -0.71 1.71
CA VAL A 40 73.10 -1.06 0.73
C VAL A 40 74.43 -1.04 1.49
N GLN A 41 75.21 -2.12 1.39
CA GLN A 41 76.59 -2.19 1.93
C GLN A 41 77.49 -1.29 1.08
N LYS A 42 78.48 -0.64 1.71
CA LYS A 42 79.56 0.10 1.03
C LYS A 42 80.79 -0.80 0.90
N THR A 43 81.49 -0.73 -0.24
CA THR A 43 82.62 -1.61 -0.61
C THR A 43 83.90 -0.75 -0.67
N ASP A 44 84.14 0.07 0.35
CA ASP A 44 85.30 1.01 0.47
C ASP A 44 85.82 0.95 1.92
N GLU A 45 86.93 0.23 2.16
CA GLU A 45 87.53 0.02 3.51
C GLU A 45 88.03 1.35 4.08
N SER A 46 88.44 2.29 3.22
CA SER A 46 89.00 3.62 3.60
C SER A 46 87.90 4.54 4.14
N GLY A 47 86.67 4.47 3.60
CA GLY A 47 85.51 5.28 4.04
C GLY A 47 85.03 4.89 5.43
N PRO A 48 84.38 5.82 6.18
CA PRO A 48 83.98 5.56 7.58
C PRO A 48 82.65 4.81 7.77
N HIS A 49 81.90 4.58 6.69
CA HIS A 49 80.51 4.07 6.69
C HIS A 49 80.48 2.62 6.18
N SER A 50 79.79 1.72 6.90
CA SER A 50 79.55 0.31 6.53
C SER A 50 78.44 0.21 5.49
N HIS A 51 77.39 1.04 5.61
CA HIS A 51 76.18 1.00 4.75
C HIS A 51 75.69 2.42 4.43
N ARG A 52 74.95 2.55 3.33
CA ARG A 52 73.99 3.65 3.07
C ARG A 52 72.58 3.08 3.25
N LEU A 53 71.72 3.81 3.96
CA LEU A 53 70.31 3.45 4.26
C LEU A 53 69.40 4.44 3.55
N TYR A 54 68.66 3.99 2.52
CA TYR A 54 67.69 4.80 1.74
C TYR A 54 66.30 4.65 2.37
N TYR A 55 65.47 5.70 2.27
CA TYR A 55 64.10 5.72 2.85
C TYR A 55 63.32 6.91 2.32
N LEU A 56 62.00 6.88 2.53
CA LEU A 56 61.09 8.04 2.32
C LEU A 56 60.88 8.73 3.66
N GLY A 57 60.80 10.06 3.63
CA GLY A 57 60.64 10.87 4.84
C GLY A 57 60.23 12.28 4.50
N MET A 58 59.55 12.93 5.44
CA MET A 58 59.28 14.39 5.45
C MET A 58 60.04 14.96 6.64
N PRO A 59 61.26 15.53 6.45
CA PRO A 59 61.94 16.20 7.57
C PRO A 59 61.18 17.47 7.95
N TYR A 60 61.46 18.04 9.13
CA TYR A 60 60.78 19.25 9.68
C TYR A 60 61.09 20.43 8.75
N GLY A 61 60.05 21.13 8.32
CA GLY A 61 60.14 22.22 7.33
C GLY A 61 59.54 21.82 5.99
N SER A 62 59.83 20.60 5.52
CA SER A 62 59.32 20.02 4.24
C SER A 62 57.79 19.88 4.31
N ARG A 63 57.11 20.09 3.19
CA ARG A 63 55.64 19.89 3.05
C ARG A 63 55.34 18.65 2.19
N GLU A 64 56.37 17.88 1.78
CA GLU A 64 56.18 16.61 1.04
C GLU A 64 57.26 15.58 1.39
N ASN A 65 56.88 14.31 1.34
CA ASN A 65 57.76 13.12 1.35
C ASN A 65 58.73 13.19 0.17
N SER A 66 60.02 12.94 0.43
CA SER A 66 61.05 12.81 -0.63
C SER A 66 61.94 11.61 -0.33
N LEU A 67 62.77 11.26 -1.33
CA LEU A 67 63.79 10.20 -1.24
C LEU A 67 64.97 10.73 -0.44
N LEU A 68 65.33 10.04 0.65
CA LEU A 68 66.42 10.42 1.58
C LEU A 68 67.37 9.24 1.75
N TYR A 69 68.56 9.50 2.29
CA TYR A 69 69.54 8.47 2.72
C TYR A 69 70.25 8.95 4.00
N SER A 70 70.78 8.00 4.76
CA SER A 70 71.64 8.23 5.95
C SER A 70 72.85 7.28 5.87
N GLU A 71 73.98 7.76 6.37
CA GLU A 71 75.28 7.03 6.36
C GLU A 71 75.41 6.30 7.70
N ILE A 72 75.65 4.98 7.66
CA ILE A 72 75.77 4.13 8.88
C ILE A 72 77.27 3.94 9.15
N PRO A 73 77.82 4.51 10.25
CA PRO A 73 79.25 4.43 10.51
C PRO A 73 79.72 3.04 10.98
N LYS A 74 80.99 2.71 10.70
CA LYS A 74 81.60 1.39 11.05
C LYS A 74 81.79 1.27 12.57
N LYS A 75 82.01 2.38 13.26
CA LYS A 75 82.22 2.42 14.74
C LYS A 75 81.38 3.53 15.37
N VAL A 76 80.84 3.30 16.57
CA VAL A 76 80.02 4.26 17.37
C VAL A 76 80.51 4.27 18.82
N ARG A 77 80.51 5.45 19.46
CA ARG A 77 80.79 5.62 20.91
C ARG A 77 79.72 4.87 21.71
N LYS A 78 80.14 3.93 22.56
CA LYS A 78 79.23 3.10 23.41
C LYS A 78 78.45 4.00 24.39
N GLU A 79 79.09 5.05 24.92
CA GLU A 79 78.50 6.01 25.88
C GLU A 79 78.14 7.31 25.13
N ALA A 80 77.36 7.19 24.06
CA ALA A 80 76.75 8.33 23.32
C ALA A 80 75.64 7.82 22.38
N LEU A 81 74.57 8.61 22.24
CA LEU A 81 73.37 8.31 21.41
C LEU A 81 73.51 9.04 20.06
N LEU A 82 73.83 8.31 18.98
CA LEU A 82 74.07 8.92 17.64
C LEU A 82 72.72 9.08 16.92
N LEU A 83 72.34 10.32 16.60
CA LEU A 83 71.17 10.67 15.76
C LEU A 83 71.67 10.87 14.33
N LEU A 84 71.31 9.97 13.41
CA LEU A 84 71.79 9.96 12.01
C LEU A 84 71.26 11.19 11.27
N SER A 85 72.10 11.82 10.46
CA SER A 85 71.73 12.98 9.61
C SER A 85 70.91 12.46 8.42
N TRP A 86 69.80 13.15 8.09
CA TRP A 86 68.93 12.85 6.93
C TRP A 86 69.44 13.64 5.72
N LYS A 87 70.01 12.96 4.72
CA LYS A 87 70.53 13.60 3.48
C LYS A 87 69.43 13.53 2.40
N GLN A 88 69.21 14.63 1.68
CA GLN A 88 68.30 14.69 0.49
C GLN A 88 68.99 13.98 -0.70
N MET A 89 68.23 13.20 -1.47
CA MET A 89 68.69 12.59 -2.75
C MET A 89 68.40 13.54 -3.91
N LEU A 90 67.28 14.29 -3.85
CA LEU A 90 66.76 15.12 -4.97
C LEU A 90 66.97 16.62 -4.67
N ASP A 91 67.53 17.35 -5.63
CA ASP A 91 67.86 18.80 -5.53
C ASP A 91 66.59 19.62 -5.83
N HIS A 92 66.08 20.36 -4.83
CA HIS A 92 64.93 21.31 -4.90
C HIS A 92 63.92 20.85 -5.97
N PHE A 93 63.17 19.78 -5.66
CA PHE A 93 62.29 19.05 -6.62
C PHE A 93 60.91 18.86 -5.97
N GLN A 94 59.86 19.37 -6.63
CA GLN A 94 58.44 19.29 -6.18
C GLN A 94 57.79 18.04 -6.81
N ALA A 95 57.79 16.93 -6.06
CA ALA A 95 57.13 15.65 -6.42
C ALA A 95 55.61 15.79 -6.44
N THR A 96 55.05 16.65 -5.58
CA THR A 96 53.58 16.93 -5.48
C THR A 96 53.15 17.73 -6.70
N PRO A 97 51.96 17.43 -7.31
CA PRO A 97 51.40 18.28 -8.35
C PRO A 97 50.76 19.57 -7.80
N HIS A 98 50.38 20.50 -8.69
CA HIS A 98 49.82 21.85 -8.34
C HIS A 98 48.54 21.70 -7.52
N HIS A 99 48.47 22.38 -6.37
CA HIS A 99 47.33 22.40 -5.40
C HIS A 99 47.06 20.98 -4.86
N GLY A 100 48.08 20.11 -4.84
CA GLY A 100 48.00 18.70 -4.42
C GLY A 100 46.88 17.92 -5.10
N VAL A 101 46.56 18.26 -6.35
CA VAL A 101 45.46 17.66 -7.17
C VAL A 101 46.07 16.56 -8.04
N TYR A 102 45.93 15.30 -7.63
CA TYR A 102 46.42 14.10 -8.36
C TYR A 102 45.38 13.71 -9.42
N SER A 103 45.84 12.99 -10.46
CA SER A 103 44.98 12.26 -11.43
C SER A 103 44.07 11.29 -10.67
N ARG A 104 42.92 10.93 -11.25
CA ARG A 104 41.92 10.04 -10.59
C ARG A 104 42.60 8.71 -10.20
N GLU A 105 43.46 8.18 -11.08
CA GLU A 105 44.20 6.90 -10.89
C GLU A 105 45.09 7.03 -9.64
N GLU A 106 45.94 8.06 -9.57
CA GLU A 106 46.87 8.30 -8.43
C GLU A 106 46.10 8.65 -7.15
N GLU A 107 45.01 9.41 -7.25
CA GLU A 107 44.15 9.83 -6.12
C GLU A 107 43.49 8.61 -5.48
N LEU A 108 42.85 7.74 -6.28
CA LEU A 108 42.16 6.52 -5.80
C LEU A 108 43.16 5.53 -5.18
N LEU A 109 44.38 5.43 -5.73
CA LEU A 109 45.44 4.50 -5.25
C LEU A 109 45.92 4.96 -3.86
N ARG A 110 46.07 6.27 -3.65
CA ARG A 110 46.45 6.88 -2.34
C ARG A 110 45.35 6.63 -1.30
N GLU A 111 44.07 6.69 -1.70
CA GLU A 111 42.91 6.39 -0.81
C GLU A 111 42.93 4.91 -0.40
N ARG A 112 43.18 4.01 -1.34
CA ARG A 112 43.15 2.54 -1.12
C ARG A 112 44.38 2.06 -0.33
N LYS A 113 45.53 2.73 -0.50
CA LYS A 113 46.80 2.42 0.25
C LYS A 113 46.88 3.23 1.55
N ARG A 114 45.83 3.99 1.91
CA ARG A 114 45.73 4.80 3.15
C ARG A 114 46.92 5.77 3.25
N LEU A 115 47.30 6.41 2.13
CA LEU A 115 48.48 7.32 2.06
C LEU A 115 48.02 8.77 2.29
N GLY A 116 48.48 9.39 3.39
CA GLY A 116 48.10 10.75 3.82
C GLY A 116 49.07 11.81 3.34
N VAL A 117 50.38 11.50 3.32
CA VAL A 117 51.48 12.43 2.91
C VAL A 117 51.34 12.78 1.42
N PHE A 118 51.86 13.95 1.04
CA PHE A 118 52.12 14.38 -0.37
C PHE A 118 53.58 14.08 -0.74
N GLY A 119 53.90 14.07 -2.03
CA GLY A 119 55.24 13.76 -2.59
C GLY A 119 55.39 12.28 -2.94
N ILE A 120 56.64 11.80 -3.01
CA ILE A 120 56.98 10.39 -3.35
C ILE A 120 56.48 9.49 -2.22
N THR A 121 55.56 8.56 -2.51
CA THR A 121 54.95 7.61 -1.54
C THR A 121 55.49 6.18 -1.75
N SER A 122 56.21 5.90 -2.84
CA SER A 122 56.87 4.59 -3.08
C SER A 122 57.96 4.74 -4.15
N TYR A 123 58.93 3.84 -4.14
CA TYR A 123 60.01 3.76 -5.16
C TYR A 123 60.33 2.29 -5.45
N ASP A 124 60.71 2.00 -6.71
CA ASP A 124 61.30 0.69 -7.08
C ASP A 124 62.82 0.89 -7.10
N PHE A 125 63.56 -0.07 -6.53
CA PHE A 125 65.02 0.00 -6.36
C PHE A 125 65.64 -1.29 -6.92
N HIS A 126 66.65 -1.14 -7.77
CA HIS A 126 67.46 -2.26 -8.35
C HIS A 126 68.89 -2.11 -7.82
N SER A 127 69.30 -2.97 -6.88
CA SER A 127 70.55 -2.80 -6.09
C SER A 127 71.79 -2.90 -7.01
N GLU A 128 71.85 -3.91 -7.88
CA GLU A 128 73.02 -4.15 -8.78
C GLU A 128 73.31 -2.89 -9.61
N SER A 129 72.28 -2.28 -10.20
CA SER A 129 72.41 -1.10 -11.11
C SER A 129 72.34 0.22 -10.31
N GLY A 130 71.79 0.19 -9.10
CA GLY A 130 71.59 1.39 -8.25
C GLY A 130 70.50 2.30 -8.80
N LEU A 131 69.54 1.76 -9.56
CA LEU A 131 68.45 2.52 -10.22
C LEU A 131 67.27 2.66 -9.26
N PHE A 132 66.82 3.90 -9.08
CA PHE A 132 65.56 4.26 -8.38
C PHE A 132 64.55 4.70 -9.44
N LEU A 133 63.31 4.21 -9.34
CA LEU A 133 62.19 4.56 -10.26
C LEU A 133 60.97 4.93 -9.43
N PHE A 134 60.31 6.05 -9.73
CA PHE A 134 59.19 6.57 -8.91
C PHE A 134 58.29 7.52 -9.72
N GLN A 135 57.02 7.62 -9.31
CA GLN A 135 56.04 8.61 -9.81
C GLN A 135 56.29 9.95 -9.11
N ALA A 136 56.09 11.05 -9.83
CA ALA A 136 56.20 12.46 -9.33
C ALA A 136 55.66 13.42 -10.39
N SER A 137 54.93 14.45 -9.96
CA SER A 137 54.42 15.56 -10.81
C SER A 137 53.58 15.01 -11.96
N ASN A 138 52.73 14.01 -11.70
CA ASN A 138 51.86 13.31 -12.68
C ASN A 138 52.70 12.76 -13.86
N SER A 139 53.92 12.31 -13.58
CA SER A 139 54.86 11.74 -14.58
C SER A 139 55.76 10.68 -13.92
N LEU A 140 56.79 10.19 -14.63
CA LEU A 140 57.75 9.17 -14.13
C LEU A 140 59.15 9.76 -14.13
N PHE A 141 59.90 9.51 -13.05
CA PHE A 141 61.29 10.00 -12.84
C PHE A 141 62.15 8.82 -12.41
N HIS A 142 63.47 8.98 -12.55
CA HIS A 142 64.49 8.01 -12.06
C HIS A 142 65.75 8.78 -11.65
N CYS A 143 66.59 8.14 -10.83
CA CYS A 143 67.97 8.59 -10.49
C CYS A 143 68.79 7.34 -10.13
N ARG A 144 70.12 7.46 -10.13
CA ARG A 144 71.07 6.33 -9.89
C ARG A 144 71.97 6.70 -8.72
N ASP A 145 72.29 5.73 -7.86
CA ASP A 145 73.22 5.89 -6.71
C ASP A 145 73.75 4.51 -6.31
N GLY A 146 75.02 4.43 -5.95
CA GLY A 146 75.71 3.16 -5.65
C GLY A 146 75.99 2.36 -6.92
N GLY A 147 76.23 1.06 -6.78
CA GLY A 147 76.58 0.15 -7.89
C GLY A 147 77.87 0.58 -8.56
N LYS A 148 77.88 0.60 -9.91
CA LYS A 148 79.05 1.01 -10.73
C LYS A 148 79.29 2.52 -10.58
N ASN A 149 78.22 3.32 -10.66
CA ASN A 149 78.24 4.81 -10.68
C ASN A 149 78.88 5.38 -9.40
N GLY A 150 78.77 4.69 -8.26
CA GLY A 150 79.27 5.16 -6.95
C GLY A 150 78.28 6.10 -6.27
N PHE A 151 78.53 6.41 -4.99
CA PHE A 151 77.58 7.08 -4.06
C PHE A 151 77.71 8.61 -4.14
N MET A 152 76.60 9.33 -4.37
CA MET A 152 76.53 10.82 -4.39
C MET A 152 76.91 11.36 -3.01
N VAL A 153 77.40 12.61 -2.95
CA VAL A 153 77.70 13.34 -1.68
C VAL A 153 76.78 14.56 -1.56
N SER A 154 75.98 14.89 -2.58
CA SER A 154 75.03 16.03 -2.59
C SER A 154 73.80 15.69 -3.43
N PRO A 155 72.64 16.36 -3.23
CA PRO A 155 71.42 16.04 -3.98
C PRO A 155 71.63 16.22 -5.50
N MET A 156 71.39 15.15 -6.28
CA MET A 156 71.34 15.19 -7.77
C MET A 156 69.92 15.56 -8.20
N LYS A 157 69.74 15.91 -9.48
CA LYS A 157 68.41 16.19 -10.10
C LYS A 157 67.84 14.88 -10.62
N PRO A 158 66.53 14.58 -10.42
CA PRO A 158 65.92 13.40 -11.00
C PRO A 158 65.61 13.63 -12.49
N LEU A 159 66.02 12.70 -13.36
CA LEU A 159 65.73 12.76 -14.82
C LEU A 159 64.31 12.23 -15.05
N GLU A 160 63.44 13.05 -15.65
CA GLU A 160 62.10 12.63 -16.14
C GLU A 160 62.29 11.59 -17.25
N ILE A 161 61.36 10.63 -17.38
CA ILE A 161 61.33 9.65 -18.51
C ILE A 161 60.28 10.13 -19.50
N LYS A 162 60.70 10.51 -20.70
CA LYS A 162 59.83 11.06 -21.77
C LYS A 162 58.96 9.91 -22.30
N THR A 163 57.73 10.25 -22.71
CA THR A 163 56.74 9.29 -23.25
C THR A 163 55.96 9.95 -24.39
N GLN A 164 55.49 9.12 -25.33
CA GLN A 164 54.46 9.51 -26.34
C GLN A 164 53.09 8.95 -25.93
N CYS A 165 53.00 8.30 -24.76
CA CYS A 165 51.72 7.83 -24.18
C CYS A 165 50.89 9.04 -23.73
N SER A 166 49.57 8.94 -23.91
CA SER A 166 48.56 9.93 -23.47
C SER A 166 47.96 9.45 -22.15
N GLY A 167 47.89 10.33 -21.14
CA GLY A 167 47.33 10.02 -19.81
C GLY A 167 48.36 9.35 -18.90
N PRO A 168 47.99 9.03 -17.64
CA PRO A 168 48.97 8.59 -16.65
C PRO A 168 49.63 7.24 -16.95
N ARG A 169 50.91 7.11 -16.56
CA ARG A 169 51.69 5.86 -16.54
C ARG A 169 51.73 5.35 -15.10
N MET A 170 50.99 4.29 -14.80
CA MET A 170 50.74 3.79 -13.42
C MET A 170 51.57 2.53 -13.14
N ASP A 171 51.84 2.27 -11.86
CA ASP A 171 52.45 1.01 -11.35
C ASP A 171 53.76 0.73 -12.08
N PRO A 172 54.72 1.68 -12.08
CA PRO A 172 56.00 1.45 -12.75
C PRO A 172 56.89 0.47 -11.98
N LYS A 173 57.58 -0.44 -12.69
CA LYS A 173 58.49 -1.45 -12.09
C LYS A 173 59.71 -1.68 -12.98
N ILE A 174 60.88 -1.79 -12.36
CA ILE A 174 62.17 -2.12 -13.02
C ILE A 174 62.11 -3.62 -13.39
N CYS A 175 62.58 -3.98 -14.57
CA CYS A 175 62.82 -5.39 -14.98
C CYS A 175 63.97 -5.94 -14.15
N PRO A 176 63.77 -6.96 -13.27
CA PRO A 176 64.85 -7.52 -12.45
C PRO A 176 66.00 -8.14 -13.26
N ALA A 177 65.68 -8.78 -14.39
CA ALA A 177 66.64 -9.49 -15.27
C ALA A 177 67.52 -8.48 -16.02
N ASP A 178 67.00 -7.28 -16.32
CA ASP A 178 67.70 -6.27 -17.14
C ASP A 178 67.19 -4.87 -16.77
N PRO A 179 67.91 -4.12 -15.90
CA PRO A 179 67.42 -2.82 -15.42
C PRO A 179 67.37 -1.68 -16.45
N ALA A 180 67.82 -1.93 -17.69
CA ALA A 180 67.60 -1.04 -18.85
C ALA A 180 66.10 -0.92 -19.15
N PHE A 181 65.31 -1.94 -18.80
CA PHE A 181 63.85 -2.00 -19.08
C PHE A 181 63.04 -1.77 -17.80
N PHE A 182 61.91 -1.09 -17.97
CA PHE A 182 60.87 -0.93 -16.94
C PHE A 182 59.50 -1.11 -17.62
N SER A 183 58.49 -1.38 -16.80
CA SER A 183 57.09 -1.59 -17.23
C SER A 183 56.21 -0.52 -16.61
N PHE A 184 55.03 -0.31 -17.18
CA PHE A 184 53.99 0.59 -16.62
C PHE A 184 52.66 0.22 -17.26
N ILE A 185 51.57 0.64 -16.63
CA ILE A 185 50.19 0.54 -17.17
C ILE A 185 49.82 1.90 -17.74
N ASN A 186 49.31 1.93 -18.96
CA ASN A 186 48.75 3.13 -19.61
C ASN A 186 47.41 2.75 -20.23
N ASN A 187 46.33 3.44 -19.84
CA ASN A 187 44.96 3.22 -20.37
C ASN A 187 44.65 1.71 -20.37
N SER A 188 44.83 1.07 -19.21
CA SER A 188 44.37 -0.32 -18.91
C SER A 188 45.12 -1.36 -19.75
N ASP A 189 46.35 -1.06 -20.19
CA ASP A 189 47.21 -2.01 -20.93
C ASP A 189 48.64 -1.90 -20.41
N LEU A 190 49.37 -3.02 -20.49
CA LEU A 190 50.79 -3.17 -20.07
C LEU A 190 51.70 -2.64 -21.19
N TRP A 191 52.65 -1.80 -20.81
CA TRP A 191 53.74 -1.28 -21.68
C TRP A 191 55.07 -1.65 -21.06
N VAL A 192 56.10 -1.82 -21.89
CA VAL A 192 57.53 -1.79 -21.47
C VAL A 192 58.23 -0.69 -22.25
N ALA A 193 59.33 -0.21 -21.69
CA ALA A 193 60.18 0.84 -22.28
C ALA A 193 61.62 0.58 -21.86
N ASN A 194 62.55 0.98 -22.71
CA ASN A 194 64.01 0.98 -22.44
C ASN A 194 64.35 2.38 -21.94
N ILE A 195 64.83 2.47 -20.69
CA ILE A 195 65.08 3.77 -19.98
C ILE A 195 66.30 4.46 -20.62
N GLU A 196 67.24 3.68 -21.19
CA GLU A 196 68.49 4.19 -21.80
C GLU A 196 68.20 4.72 -23.22
N THR A 197 67.47 3.96 -24.05
CA THR A 197 67.23 4.28 -25.48
C THR A 197 65.96 5.14 -25.65
N GLY A 198 64.99 5.01 -24.75
CA GLY A 198 63.70 5.73 -24.80
C GLY A 198 62.66 5.05 -25.67
N GLU A 199 62.94 3.84 -26.19
CA GLU A 199 61.96 3.03 -26.95
C GLU A 199 60.83 2.61 -25.99
N GLU A 200 59.58 2.83 -26.41
CA GLU A 200 58.36 2.39 -25.70
C GLU A 200 57.64 1.36 -26.58
N ARG A 201 57.01 0.36 -25.97
CA ARG A 201 56.26 -0.69 -26.70
C ARG A 201 55.05 -1.14 -25.88
N ARG A 202 53.86 -1.05 -26.46
CA ARG A 202 52.61 -1.63 -25.90
C ARG A 202 52.69 -3.15 -26.04
N LEU A 203 52.49 -3.89 -24.95
CA LEU A 203 52.54 -5.38 -24.93
C LEU A 203 51.14 -5.98 -25.04
N THR A 204 50.11 -5.33 -24.49
CA THR A 204 48.72 -5.87 -24.44
C THR A 204 47.75 -4.90 -25.14
N PHE A 205 46.68 -5.45 -25.73
CA PHE A 205 45.72 -4.72 -26.62
C PHE A 205 44.29 -5.05 -26.19
N CYS A 206 44.03 -5.01 -24.89
CA CYS A 206 42.70 -5.24 -24.24
C CYS A 206 41.80 -4.01 -24.41
N HIS A 207 42.37 -2.81 -24.24
CA HIS A 207 41.64 -1.52 -24.28
C HIS A 207 41.56 -1.05 -25.74
N GLN A 208 40.36 -1.09 -26.32
CA GLN A 208 40.03 -0.64 -27.70
C GLN A 208 40.14 0.89 -27.77
N GLY A 209 39.90 1.60 -26.67
CA GLY A 209 39.89 3.06 -26.59
C GLY A 209 38.59 3.65 -27.12
N LEU A 210 37.46 2.91 -27.03
CA LEU A 210 36.13 3.35 -27.54
C LEU A 210 35.69 4.60 -26.76
N SER A 211 34.88 5.46 -27.41
CA SER A 211 34.35 6.73 -26.84
C SER A 211 33.39 6.38 -25.68
N ASN A 212 32.49 5.41 -25.89
CA ASN A 212 31.67 4.79 -24.81
C ASN A 212 32.57 3.81 -24.01
N VAL A 213 32.98 4.23 -22.80
CA VAL A 213 33.96 3.49 -21.93
C VAL A 213 33.32 2.17 -21.47
N LEU A 214 32.00 2.14 -21.32
CA LEU A 214 31.23 0.96 -20.82
C LEU A 214 31.18 -0.15 -21.87
N ASP A 215 31.49 0.17 -23.15
CA ASP A 215 31.65 -0.82 -24.25
C ASP A 215 33.11 -1.27 -24.35
N ASP A 216 34.00 -0.80 -23.45
CA ASP A 216 35.47 -1.06 -23.48
C ASP A 216 35.88 -1.68 -22.15
N PRO A 217 35.42 -2.91 -21.82
CA PRO A 217 35.45 -3.41 -20.46
C PRO A 217 36.63 -4.32 -20.07
N LYS A 218 37.62 -4.51 -20.94
CA LYS A 218 38.78 -5.40 -20.66
C LYS A 218 40.00 -4.57 -20.28
N SER A 219 40.81 -5.07 -19.34
CA SER A 219 42.10 -4.47 -18.89
C SER A 219 43.14 -5.57 -18.74
N ALA A 220 44.41 -5.20 -18.86
CA ALA A 220 45.59 -6.06 -18.61
C ALA A 220 46.52 -5.37 -17.62
N GLY A 221 47.02 -6.11 -16.62
CA GLY A 221 48.05 -5.62 -15.69
C GLY A 221 47.47 -4.86 -14.51
N VAL A 222 46.14 -4.79 -14.40
CA VAL A 222 45.40 -3.91 -13.43
C VAL A 222 44.74 -4.77 -12.35
N ALA A 223 44.90 -4.37 -11.08
CA ALA A 223 44.08 -4.84 -9.94
C ALA A 223 42.76 -4.07 -9.95
N THR A 224 41.63 -4.77 -10.04
CA THR A 224 40.28 -4.16 -10.11
C THR A 224 39.84 -3.73 -8.70
N PHE A 225 38.67 -3.08 -8.62
CA PHE A 225 38.15 -2.41 -7.40
C PHE A 225 38.24 -3.32 -6.17
N VAL A 226 37.61 -4.50 -6.22
CA VAL A 226 37.49 -5.41 -5.04
C VAL A 226 38.87 -5.94 -4.66
N ILE A 227 39.75 -6.18 -5.64
CA ILE A 227 41.13 -6.71 -5.40
C ILE A 227 41.91 -5.66 -4.59
N GLN A 228 41.80 -4.38 -4.95
CA GLN A 228 42.53 -3.28 -4.27
C GLN A 228 41.90 -3.02 -2.91
N GLU A 229 40.57 -2.90 -2.84
CA GLU A 229 39.85 -2.48 -1.62
C GLU A 229 39.77 -3.63 -0.60
N GLU A 230 39.64 -4.89 -1.04
CA GLU A 230 39.30 -6.00 -0.11
C GLU A 230 40.36 -7.10 -0.04
N PHE A 231 41.30 -7.16 -0.99
CA PHE A 231 42.36 -8.20 -1.00
C PHE A 231 43.75 -7.58 -0.89
N ASP A 232 43.87 -6.25 -0.75
CA ASP A 232 45.15 -5.57 -0.47
C ASP A 232 46.19 -5.89 -1.57
N ARG A 233 45.75 -6.00 -2.83
CA ARG A 233 46.65 -6.18 -3.99
C ARG A 233 46.43 -4.99 -4.94
N PHE A 234 47.52 -4.29 -5.29
CA PHE A 234 47.50 -3.04 -6.07
C PHE A 234 48.20 -3.21 -7.42
N THR A 235 48.66 -4.42 -7.77
CA THR A 235 49.29 -4.69 -9.09
C THR A 235 48.56 -5.87 -9.73
N GLY A 236 48.56 -5.92 -11.07
CA GLY A 236 48.00 -7.03 -11.85
C GLY A 236 49.01 -7.61 -12.83
N TYR A 237 50.31 -7.43 -12.57
CA TYR A 237 51.38 -8.00 -13.42
C TYR A 237 52.65 -8.21 -12.58
N TRP A 238 53.50 -9.13 -13.04
CA TRP A 238 54.69 -9.64 -12.31
C TRP A 238 55.80 -9.92 -13.34
N TRP A 239 56.91 -9.16 -13.29
CA TRP A 239 58.14 -9.45 -14.07
C TRP A 239 58.62 -10.85 -13.76
N CYS A 240 58.96 -11.62 -14.79
CA CYS A 240 59.80 -12.83 -14.65
C CYS A 240 61.18 -12.35 -14.20
N PRO A 241 61.77 -12.90 -13.11
CA PRO A 241 63.04 -12.41 -12.59
C PRO A 241 64.28 -12.73 -13.46
N THR A 242 64.15 -13.63 -14.45
CA THR A 242 65.27 -14.10 -15.31
C THR A 242 64.95 -13.86 -16.78
N ALA A 243 66.00 -13.85 -17.60
CA ALA A 243 65.94 -13.87 -19.07
C ALA A 243 66.09 -15.32 -19.54
N SER A 244 65.63 -15.62 -20.76
CA SER A 244 65.86 -16.93 -21.44
C SER A 244 66.37 -16.68 -22.86
N TRP A 245 66.89 -17.74 -23.49
CA TRP A 245 67.64 -17.67 -24.77
C TRP A 245 67.22 -18.85 -25.66
N GLU A 246 65.92 -19.04 -25.87
CA GLU A 246 65.35 -20.13 -26.72
C GLU A 246 65.42 -19.74 -28.21
N GLY A 247 65.70 -18.47 -28.53
CA GLY A 247 65.94 -18.00 -29.92
C GLY A 247 67.31 -18.41 -30.41
N SER A 248 67.41 -18.92 -31.64
CA SER A 248 68.67 -19.36 -32.31
C SER A 248 69.32 -18.21 -33.11
N GLU A 249 68.83 -16.97 -32.96
CA GLU A 249 69.48 -15.74 -33.48
C GLU A 249 70.27 -15.04 -32.35
N GLY A 250 70.43 -15.68 -31.18
CA GLY A 250 71.13 -15.11 -30.01
C GLY A 250 70.33 -14.00 -29.34
N LEU A 251 68.99 -14.03 -29.45
CA LEU A 251 68.07 -13.05 -28.82
C LEU A 251 67.79 -13.45 -27.37
N LYS A 252 67.58 -12.45 -26.51
CA LYS A 252 67.20 -12.59 -25.09
C LYS A 252 65.68 -12.39 -24.96
N THR A 253 64.98 -13.32 -24.31
CA THR A 253 63.51 -13.24 -24.05
C THR A 253 63.28 -12.78 -22.61
N LEU A 254 62.44 -11.75 -22.44
CA LEU A 254 61.94 -11.27 -21.13
C LEU A 254 60.43 -11.51 -21.07
N ARG A 255 59.92 -11.84 -19.88
CA ARG A 255 58.52 -12.30 -19.66
C ARG A 255 57.86 -11.46 -18.57
N ILE A 256 56.58 -11.15 -18.74
CA ILE A 256 55.70 -10.56 -17.69
C ILE A 256 54.43 -11.42 -17.61
N LEU A 257 54.16 -11.98 -16.44
CA LEU A 257 52.85 -12.58 -16.09
C LEU A 257 51.88 -11.43 -15.82
N TYR A 258 50.65 -11.50 -16.31
CA TYR A 258 49.65 -10.44 -16.05
C TYR A 258 48.25 -11.05 -15.95
N GLU A 259 47.43 -10.40 -15.13
CA GLU A 259 45.98 -10.67 -15.00
C GLU A 259 45.26 -9.87 -16.08
N GLU A 260 44.54 -10.56 -16.96
CA GLU A 260 43.57 -9.94 -17.88
C GLU A 260 42.19 -10.06 -17.23
N VAL A 261 41.41 -8.98 -17.21
CA VAL A 261 40.05 -8.93 -16.60
C VAL A 261 39.07 -8.44 -17.65
N ASP A 262 37.84 -8.92 -17.57
CA ASP A 262 36.69 -8.46 -18.37
C ASP A 262 35.60 -8.08 -17.37
N GLU A 263 35.28 -6.79 -17.27
CA GLU A 263 34.29 -6.24 -16.30
C GLU A 263 32.92 -6.00 -16.95
N SER A 264 32.67 -6.59 -18.13
N SER A 264 32.67 -6.60 -18.14
CA SER A 264 31.43 -6.48 -18.94
CA SER A 264 31.43 -6.49 -18.95
C SER A 264 30.18 -6.66 -18.08
C SER A 264 30.18 -6.66 -18.09
N GLU A 265 30.14 -7.71 -17.27
CA GLU A 265 28.92 -8.13 -16.53
C GLU A 265 28.86 -7.52 -15.13
N VAL A 266 29.88 -6.75 -14.73
CA VAL A 266 29.99 -6.15 -13.37
C VAL A 266 29.12 -4.89 -13.34
N GLU A 267 28.33 -4.74 -12.28
CA GLU A 267 27.43 -3.56 -12.08
C GLU A 267 28.26 -2.27 -12.04
N VAL A 268 27.67 -1.18 -12.52
CA VAL A 268 28.30 0.16 -12.61
C VAL A 268 27.63 1.04 -11.56
N ILE A 269 28.43 1.70 -10.72
CA ILE A 269 27.94 2.76 -9.80
C ILE A 269 28.67 4.05 -10.14
N HIS A 270 28.06 5.17 -9.80
CA HIS A 270 28.63 6.53 -9.95
C HIS A 270 28.95 7.08 -8.57
N VAL A 271 30.16 7.60 -8.39
CA VAL A 271 30.58 8.32 -7.16
C VAL A 271 30.98 9.73 -7.58
N PRO A 272 30.55 10.79 -6.84
CA PRO A 272 30.99 12.15 -7.14
C PRO A 272 32.53 12.25 -7.17
N SER A 273 33.04 13.05 -8.10
CA SER A 273 34.47 13.38 -8.26
C SER A 273 34.83 14.51 -7.29
N PRO A 274 36.09 14.61 -6.81
CA PRO A 274 36.49 15.67 -5.88
C PRO A 274 36.43 17.11 -6.40
N ALA A 275 36.41 17.34 -7.71
CA ALA A 275 36.13 18.68 -8.30
C ALA A 275 34.62 18.93 -8.20
N LEU A 276 34.14 19.30 -7.01
CA LEU A 276 32.68 19.47 -6.69
C LEU A 276 32.03 20.42 -7.70
N GLU A 277 32.72 21.50 -8.05
CA GLU A 277 32.21 22.59 -8.95
C GLU A 277 31.94 22.04 -10.36
N GLU A 278 32.55 20.91 -10.77
CA GLU A 278 32.26 20.27 -12.08
C GLU A 278 30.94 19.48 -12.03
N ARG A 279 30.45 19.13 -10.84
CA ARG A 279 29.17 18.42 -10.60
C ARG A 279 29.11 17.13 -11.44
N LYS A 280 30.21 16.39 -11.50
CA LYS A 280 30.31 15.12 -12.26
C LYS A 280 30.68 14.01 -11.27
N THR A 281 30.46 12.78 -11.72
CA THR A 281 30.81 11.53 -11.03
C THR A 281 31.84 10.79 -11.86
N ASP A 282 32.59 9.88 -11.23
CA ASP A 282 33.38 8.82 -11.91
C ASP A 282 32.57 7.53 -11.87
N SER A 283 32.71 6.71 -12.91
CA SER A 283 32.08 5.37 -13.02
C SER A 283 33.00 4.32 -12.42
N TYR A 284 32.44 3.40 -11.64
CA TYR A 284 33.15 2.28 -10.98
C TYR A 284 32.45 0.97 -11.35
N ARG A 285 33.24 -0.05 -11.68
CA ARG A 285 32.77 -1.45 -11.78
C ARG A 285 32.74 -1.98 -10.35
N TYR A 286 31.58 -1.91 -9.70
CA TYR A 286 31.37 -2.24 -8.27
C TYR A 286 30.62 -3.55 -8.16
N PRO A 287 31.30 -4.69 -7.89
CA PRO A 287 30.63 -5.96 -7.65
C PRO A 287 29.95 -5.94 -6.28
N ARG A 288 28.65 -5.67 -6.24
CA ARG A 288 27.89 -5.77 -4.98
C ARG A 288 27.73 -7.25 -4.63
N THR A 289 27.64 -7.55 -3.33
CA THR A 289 27.53 -8.92 -2.78
C THR A 289 26.43 -9.69 -3.55
N GLY A 290 26.76 -10.90 -4.01
CA GLY A 290 25.79 -11.78 -4.72
C GLY A 290 25.81 -11.56 -6.23
N SER A 291 26.39 -10.47 -6.73
CA SER A 291 26.40 -10.11 -8.19
C SER A 291 27.75 -10.56 -8.79
N LYS A 292 27.96 -10.30 -10.07
CA LYS A 292 29.13 -10.84 -10.84
C LYS A 292 30.39 -10.08 -10.46
N ASN A 293 31.47 -10.81 -10.20
CA ASN A 293 32.87 -10.32 -10.17
C ASN A 293 33.38 -10.29 -11.60
N PRO A 294 34.53 -9.61 -11.89
CA PRO A 294 35.13 -9.67 -13.22
C PRO A 294 35.47 -11.11 -13.64
N LYS A 295 35.41 -11.37 -14.94
CA LYS A 295 35.99 -12.59 -15.55
C LYS A 295 37.52 -12.36 -15.63
N ILE A 296 38.30 -13.30 -15.11
CA ILE A 296 39.78 -13.12 -14.97
C ILE A 296 40.51 -14.27 -15.68
N ALA A 297 41.76 -14.01 -16.06
CA ALA A 297 42.70 -15.01 -16.61
C ALA A 297 44.12 -14.52 -16.35
N LEU A 298 45.05 -15.44 -16.14
CA LEU A 298 46.52 -15.16 -16.18
C LEU A 298 46.98 -15.40 -17.61
N LYS A 299 47.77 -14.46 -18.11
CA LYS A 299 48.38 -14.51 -19.46
C LYS A 299 49.85 -14.12 -19.32
N LEU A 300 50.60 -14.24 -20.41
CA LEU A 300 52.06 -14.04 -20.44
C LEU A 300 52.37 -13.12 -21.63
N ALA A 301 52.97 -11.97 -21.31
CA ALA A 301 53.58 -11.04 -22.29
C ALA A 301 55.07 -11.42 -22.42
N GLU A 302 55.53 -11.66 -23.64
CA GLU A 302 56.96 -11.90 -23.95
C GLU A 302 57.43 -10.82 -24.92
N PHE A 303 58.70 -10.43 -24.83
CA PHE A 303 59.38 -9.63 -25.86
C PHE A 303 60.85 -10.08 -25.92
N GLN A 304 61.45 -9.95 -27.10
CA GLN A 304 62.83 -10.36 -27.40
C GLN A 304 63.66 -9.08 -27.59
N THR A 305 64.88 -9.08 -27.06
CA THR A 305 65.83 -7.95 -27.16
C THR A 305 67.16 -8.48 -27.71
N ASP A 306 67.88 -7.66 -28.49
CA ASP A 306 69.24 -7.99 -29.01
C ASP A 306 70.28 -7.53 -27.99
N SER A 307 71.57 -7.76 -28.28
CA SER A 307 72.73 -7.41 -27.42
C SER A 307 72.85 -5.88 -27.24
N GLN A 308 72.29 -5.08 -28.16
CA GLN A 308 72.27 -3.59 -28.08
C GLN A 308 71.02 -3.09 -27.32
N GLY A 309 70.13 -3.97 -26.86
CA GLY A 309 68.96 -3.63 -26.03
C GLY A 309 67.78 -3.12 -26.85
N LYS A 310 67.76 -3.35 -28.17
CA LYS A 310 66.61 -2.98 -29.05
C LYS A 310 65.51 -4.02 -28.88
N ILE A 311 64.24 -3.60 -28.81
CA ILE A 311 63.06 -4.52 -28.73
C ILE A 311 62.75 -5.02 -30.14
N VAL A 312 63.09 -6.28 -30.43
CA VAL A 312 62.99 -6.91 -31.79
C VAL A 312 61.55 -7.36 -32.05
N SER A 313 60.90 -8.01 -31.08
CA SER A 313 59.55 -8.60 -31.25
C SER A 313 58.82 -8.71 -29.90
N THR A 314 57.49 -8.82 -29.94
CA THR A 314 56.60 -9.01 -28.77
C THR A 314 55.60 -10.14 -29.08
N GLN A 315 55.02 -10.76 -28.06
CA GLN A 315 54.03 -11.86 -28.22
C GLN A 315 53.08 -11.87 -27.01
N GLU A 316 51.77 -11.88 -27.28
CA GLU A 316 50.71 -12.17 -26.27
C GLU A 316 50.52 -13.69 -26.22
N LYS A 317 50.70 -14.29 -25.04
CA LYS A 317 50.47 -15.74 -24.83
C LYS A 317 49.39 -15.96 -23.77
N GLU A 318 48.61 -17.03 -23.94
CA GLU A 318 47.49 -17.42 -23.06
C GLU A 318 47.59 -18.91 -22.77
N LEU A 319 46.93 -19.38 -21.71
CA LEU A 319 46.94 -20.80 -21.32
C LEU A 319 46.42 -21.65 -22.48
N VAL A 320 47.02 -22.82 -22.68
CA VAL A 320 46.73 -23.75 -23.81
C VAL A 320 45.24 -24.15 -23.80
N GLN A 321 44.65 -24.32 -22.61
CA GLN A 321 43.18 -24.42 -22.40
C GLN A 321 42.75 -23.17 -21.62
N PRO A 322 41.51 -22.65 -21.80
CA PRO A 322 41.08 -21.45 -21.08
C PRO A 322 41.22 -21.56 -19.54
N PHE A 323 41.59 -20.46 -18.90
CA PHE A 323 41.70 -20.31 -17.43
C PHE A 323 40.46 -20.93 -16.76
N SER A 324 39.27 -20.63 -17.29
CA SER A 324 37.95 -21.08 -16.77
C SER A 324 37.79 -22.61 -16.89
N SER A 325 38.45 -23.25 -17.85
CA SER A 325 38.46 -24.73 -18.03
C SER A 325 39.44 -25.37 -17.04
N LEU A 326 40.66 -24.87 -16.97
CA LEU A 326 41.74 -25.44 -16.10
C LEU A 326 41.39 -25.25 -14.62
N PHE A 327 40.83 -24.10 -14.26
CA PHE A 327 40.62 -23.68 -12.85
C PHE A 327 39.17 -23.20 -12.69
N PRO A 328 38.19 -24.12 -12.83
CA PRO A 328 36.78 -23.71 -12.94
C PRO A 328 36.17 -23.17 -11.64
N LYS A 329 36.74 -23.46 -10.47
CA LYS A 329 36.18 -23.01 -9.16
C LYS A 329 36.89 -21.72 -8.68
N VAL A 330 37.86 -21.19 -9.43
CA VAL A 330 38.61 -19.95 -9.04
C VAL A 330 37.75 -18.73 -9.36
N GLU A 331 37.48 -17.92 -8.33
CA GLU A 331 36.76 -16.63 -8.42
C GLU A 331 37.78 -15.48 -8.43
N TYR A 332 38.79 -15.54 -7.55
CA TYR A 332 39.76 -14.43 -7.36
C TYR A 332 41.20 -14.96 -7.48
N ILE A 333 42.07 -14.16 -8.12
CA ILE A 333 43.55 -14.29 -7.99
C ILE A 333 43.95 -13.38 -6.82
N ALA A 334 44.29 -13.98 -5.67
CA ALA A 334 44.70 -13.24 -4.46
C ALA A 334 46.07 -12.62 -4.70
N ARG A 335 47.02 -13.44 -5.15
CA ARG A 335 48.47 -13.11 -5.26
C ARG A 335 49.05 -13.89 -6.43
N ALA A 336 50.15 -13.43 -6.99
CA ALA A 336 50.92 -14.16 -8.03
C ALA A 336 52.37 -13.68 -8.01
N GLY A 337 53.23 -14.38 -8.73
CA GLY A 337 54.67 -14.10 -8.82
C GLY A 337 55.39 -15.15 -9.62
N TRP A 338 56.69 -15.30 -9.37
CA TRP A 338 57.58 -16.32 -10.01
C TRP A 338 58.45 -16.97 -8.95
N THR A 339 58.93 -18.18 -9.23
CA THR A 339 60.09 -18.80 -8.54
C THR A 339 61.33 -17.96 -8.89
N ARG A 340 62.35 -17.96 -8.04
CA ARG A 340 63.51 -17.02 -8.16
C ARG A 340 64.31 -17.32 -9.44
N ASP A 341 64.22 -18.56 -9.96
CA ASP A 341 64.89 -18.99 -11.22
C ASP A 341 64.03 -18.68 -12.46
N GLY A 342 62.80 -18.21 -12.29
CA GLY A 342 61.87 -17.91 -13.40
C GLY A 342 61.32 -19.16 -14.06
N LYS A 343 61.52 -20.34 -13.47
CA LYS A 343 61.12 -21.64 -14.08
C LYS A 343 59.59 -21.75 -14.05
N TYR A 344 58.96 -21.27 -12.98
CA TYR A 344 57.49 -21.30 -12.80
C TYR A 344 56.97 -19.91 -12.43
N ALA A 345 55.88 -19.50 -13.08
CA ALA A 345 54.93 -18.51 -12.51
C ALA A 345 54.15 -19.22 -11.41
N TRP A 346 53.69 -18.49 -10.40
CA TRP A 346 52.79 -19.07 -9.39
C TRP A 346 51.61 -18.12 -9.16
N ALA A 347 50.50 -18.66 -8.70
CA ALA A 347 49.29 -17.89 -8.33
C ALA A 347 48.67 -18.52 -7.07
N MET A 348 48.13 -17.64 -6.23
CA MET A 348 47.30 -17.98 -5.06
C MET A 348 45.85 -17.73 -5.50
N PHE A 349 45.06 -18.80 -5.64
CA PHE A 349 43.67 -18.76 -6.14
C PHE A 349 42.69 -18.95 -4.98
N LEU A 350 41.58 -18.21 -5.00
CA LEU A 350 40.45 -18.34 -4.03
C LEU A 350 39.18 -18.72 -4.77
N ASP A 351 38.36 -19.56 -4.14
CA ASP A 351 36.97 -19.83 -4.62
C ASP A 351 36.10 -18.63 -4.19
N ARG A 352 34.86 -18.58 -4.68
CA ARG A 352 33.96 -17.45 -4.40
C ARG A 352 33.61 -17.39 -2.91
N PRO A 353 33.27 -18.51 -2.22
CA PRO A 353 33.06 -18.47 -0.77
C PRO A 353 34.28 -18.06 0.08
N GLN A 354 35.48 -18.02 -0.51
CA GLN A 354 36.76 -17.70 0.16
C GLN A 354 37.00 -18.67 1.34
N GLN A 355 36.72 -19.95 1.10
CA GLN A 355 36.95 -21.06 2.08
C GLN A 355 37.90 -22.11 1.50
N TRP A 356 38.40 -21.90 0.29
CA TRP A 356 39.27 -22.85 -0.45
C TRP A 356 40.33 -22.02 -1.20
N LEU A 357 41.60 -22.20 -0.84
CA LEU A 357 42.77 -21.53 -1.47
C LEU A 357 43.67 -22.58 -2.11
N GLN A 358 44.22 -22.31 -3.29
CA GLN A 358 45.23 -23.16 -3.96
C GLN A 358 46.45 -22.30 -4.31
N LEU A 359 47.66 -22.80 -4.01
CA LEU A 359 48.95 -22.32 -4.57
C LEU A 359 49.30 -23.18 -5.78
N VAL A 360 49.40 -22.57 -6.96
CA VAL A 360 49.52 -23.27 -8.27
C VAL A 360 50.77 -22.77 -9.00
N LEU A 361 51.66 -23.68 -9.43
CA LEU A 361 52.77 -23.39 -10.36
C LEU A 361 52.24 -23.44 -11.80
N LEU A 362 52.70 -22.52 -12.63
CA LEU A 362 52.35 -22.43 -14.07
C LEU A 362 53.64 -22.25 -14.86
N PRO A 363 54.16 -23.30 -15.55
CA PRO A 363 55.34 -23.16 -16.39
C PRO A 363 55.02 -22.28 -17.60
N PRO A 364 55.95 -21.42 -18.07
CA PRO A 364 55.73 -20.65 -19.29
C PRO A 364 55.34 -21.48 -20.52
N ALA A 365 55.80 -22.72 -20.60
CA ALA A 365 55.51 -23.70 -21.69
C ALA A 365 53.99 -24.00 -21.79
N LEU A 366 53.22 -23.77 -20.72
CA LEU A 366 51.75 -23.98 -20.71
C LEU A 366 51.03 -22.83 -21.44
N PHE A 367 51.70 -21.72 -21.71
CA PHE A 367 51.14 -20.56 -22.44
C PHE A 367 51.53 -20.67 -23.92
N ILE A 368 50.59 -20.46 -24.84
CA ILE A 368 50.81 -20.50 -26.31
C ILE A 368 50.42 -19.15 -26.91
N PRO A 369 50.91 -18.79 -28.12
CA PRO A 369 50.53 -17.53 -28.76
C PRO A 369 49.00 -17.39 -28.91
N SER A 370 48.46 -16.23 -28.54
CA SER A 370 47.06 -15.84 -28.79
C SER A 370 46.84 -15.71 -30.30
N THR A 371 45.71 -16.21 -30.82
CA THR A 371 45.37 -16.19 -32.26
C THR A 371 43.86 -16.39 -32.47
N GLU A 372 43.29 -15.75 -33.49
CA GLU A 372 41.90 -15.98 -33.99
C GLU A 372 41.87 -17.25 -34.85
N ASN A 373 43.02 -17.64 -35.42
CA ASN A 373 43.18 -18.82 -36.33
C ASN A 373 43.13 -20.10 -35.48
N GLU A 374 42.02 -20.84 -35.54
CA GLU A 374 41.76 -22.07 -34.73
C GLU A 374 42.77 -23.16 -35.09
N GLU A 375 43.22 -23.24 -36.35
CA GLU A 375 44.18 -24.28 -36.84
C GLU A 375 45.55 -24.03 -36.21
N GLN A 376 46.01 -22.78 -36.22
CA GLN A 376 47.28 -22.34 -35.57
C GLN A 376 47.24 -22.64 -34.08
N ARG A 377 46.10 -22.39 -33.41
CA ARG A 377 45.92 -22.62 -31.96
C ARG A 377 46.08 -24.12 -31.65
N LEU A 378 45.43 -24.98 -32.43
CA LEU A 378 45.50 -26.46 -32.25
C LEU A 378 46.94 -26.96 -32.47
N ALA A 379 47.63 -26.44 -33.49
CA ALA A 379 49.05 -26.74 -33.77
C ALA A 379 49.90 -26.37 -32.55
N SER A 380 49.71 -25.17 -32.00
CA SER A 380 50.41 -24.68 -30.78
C SER A 380 50.11 -25.62 -29.60
N ALA A 381 48.85 -25.98 -29.38
CA ALA A 381 48.41 -26.86 -28.25
C ALA A 381 49.08 -28.23 -28.37
N ARG A 382 49.13 -28.79 -29.59
CA ARG A 382 49.76 -30.09 -29.90
C ARG A 382 51.26 -30.05 -29.59
N ALA A 383 51.91 -28.90 -29.80
CA ALA A 383 53.38 -28.70 -29.60
C ALA A 383 53.74 -28.55 -28.12
N VAL A 384 52.78 -28.33 -27.21
CA VAL A 384 53.06 -28.23 -25.75
C VAL A 384 53.46 -29.62 -25.28
N PRO A 385 54.68 -29.82 -24.73
CA PRO A 385 55.07 -31.13 -24.20
C PRO A 385 54.07 -31.73 -23.22
N ARG A 386 53.88 -33.05 -23.27
CA ARG A 386 52.90 -33.79 -22.44
C ARG A 386 53.23 -33.63 -20.94
N ASN A 387 54.52 -33.48 -20.60
CA ASN A 387 55.02 -33.38 -19.19
C ASN A 387 54.86 -31.95 -18.62
N VAL A 388 54.35 -31.00 -19.40
CA VAL A 388 54.05 -29.60 -18.95
C VAL A 388 52.63 -29.58 -18.37
N GLN A 389 52.44 -29.00 -17.19
CA GLN A 389 51.09 -28.88 -16.57
C GLN A 389 51.12 -27.88 -15.41
N PRO A 390 49.93 -27.43 -14.93
CA PRO A 390 49.85 -26.79 -13.63
C PRO A 390 50.18 -27.81 -12.51
N TYR A 391 50.69 -27.32 -11.39
CA TYR A 391 50.95 -28.09 -10.15
C TYR A 391 50.33 -27.35 -8.98
N VAL A 392 49.29 -27.91 -8.35
CA VAL A 392 48.73 -27.43 -7.07
C VAL A 392 49.65 -27.96 -5.96
N VAL A 393 50.57 -27.11 -5.48
CA VAL A 393 51.63 -27.47 -4.48
C VAL A 393 51.08 -27.32 -3.06
N TYR A 394 49.95 -26.64 -2.88
CA TYR A 394 49.35 -26.42 -1.54
C TYR A 394 47.89 -26.02 -1.67
N GLU A 395 47.09 -26.46 -0.71
CA GLU A 395 45.63 -26.25 -0.66
C GLU A 395 45.26 -25.98 0.80
N GLU A 396 44.54 -24.88 1.05
CA GLU A 396 44.04 -24.51 2.40
C GLU A 396 42.51 -24.51 2.33
N VAL A 397 41.85 -25.22 3.25
CA VAL A 397 40.36 -25.33 3.32
C VAL A 397 39.94 -25.04 4.77
N THR A 398 38.78 -24.39 4.94
CA THR A 398 38.24 -23.95 6.24
C THR A 398 36.72 -23.85 6.16
N ASN A 399 36.04 -23.99 7.29
CA ASN A 399 34.59 -23.71 7.45
C ASN A 399 34.41 -22.28 8.02
N VAL A 400 35.49 -21.53 8.27
CA VAL A 400 35.42 -20.09 8.68
C VAL A 400 35.62 -19.25 7.41
N TRP A 401 36.81 -18.73 7.16
CA TRP A 401 37.19 -18.06 5.88
C TRP A 401 38.72 -18.08 5.76
N ILE A 402 39.21 -17.99 4.54
CA ILE A 402 40.66 -17.81 4.24
C ILE A 402 40.95 -16.32 4.38
N ASN A 403 41.85 -15.96 5.29
CA ASN A 403 42.57 -14.66 5.28
C ASN A 403 43.75 -14.84 4.34
N VAL A 404 43.90 -13.96 3.34
CA VAL A 404 45.04 -14.00 2.39
C VAL A 404 46.30 -13.58 3.16
N HIS A 405 47.23 -14.52 3.31
CA HIS A 405 48.56 -14.31 3.95
C HIS A 405 49.58 -14.11 2.83
N ASP A 406 50.44 -13.10 2.96
CA ASP A 406 51.38 -12.65 1.89
C ASP A 406 52.66 -13.50 1.91
N ILE A 407 52.84 -14.36 2.92
CA ILE A 407 54.05 -15.22 3.11
C ILE A 407 53.91 -16.49 2.25
N PHE A 408 54.66 -16.52 1.15
CA PHE A 408 54.96 -17.74 0.36
C PHE A 408 56.39 -17.57 -0.18
N TYR A 409 57.31 -18.40 0.28
CA TYR A 409 58.76 -18.31 -0.05
C TYR A 409 59.19 -19.62 -0.70
N PRO A 410 59.19 -19.72 -2.05
CA PRO A 410 59.68 -20.91 -2.74
C PRO A 410 61.21 -20.93 -2.77
N PHE A 411 61.81 -22.01 -2.28
CA PHE A 411 63.28 -22.23 -2.30
C PHE A 411 63.71 -22.64 -3.71
N PRO A 412 64.94 -22.30 -4.16
CA PRO A 412 65.47 -22.83 -5.42
C PRO A 412 65.50 -24.36 -5.37
N GLN A 413 65.27 -25.01 -6.52
CA GLN A 413 65.08 -26.48 -6.64
C GLN A 413 66.45 -27.18 -6.57
N SER A 414 67.11 -27.02 -5.42
CA SER A 414 68.47 -27.52 -5.14
C SER A 414 68.41 -28.99 -4.72
N GLU A 415 67.22 -29.60 -4.64
CA GLU A 415 67.03 -31.05 -4.39
C GLU A 415 66.79 -31.78 -5.72
N GLY A 416 66.46 -31.05 -6.80
CA GLY A 416 66.13 -31.61 -8.13
C GLY A 416 64.78 -31.11 -8.63
N GLU A 417 64.41 -31.49 -9.86
CA GLU A 417 63.23 -30.96 -10.57
C GLU A 417 61.94 -31.68 -10.17
N ASP A 418 62.01 -32.77 -9.40
CA ASP A 418 60.83 -33.59 -8.96
C ASP A 418 60.10 -32.94 -7.77
N GLU A 419 60.67 -31.91 -7.12
CA GLU A 419 60.05 -31.34 -5.90
C GLU A 419 60.31 -29.83 -5.80
N LEU A 420 59.42 -29.16 -5.07
CA LEU A 420 59.55 -27.73 -4.70
C LEU A 420 59.38 -27.65 -3.19
N CYS A 421 60.35 -27.03 -2.51
CA CYS A 421 60.28 -26.72 -1.07
C CYS A 421 59.89 -25.25 -0.92
N PHE A 422 59.03 -24.91 0.05
CA PHE A 422 58.57 -23.53 0.26
C PHE A 422 58.14 -23.33 1.72
N LEU A 423 58.35 -22.11 2.20
CA LEU A 423 57.76 -21.60 3.47
C LEU A 423 56.39 -21.02 3.13
N ARG A 424 55.41 -21.33 3.96
CA ARG A 424 54.01 -20.87 3.79
C ARG A 424 53.46 -20.55 5.17
N ALA A 425 52.80 -19.39 5.29
CA ALA A 425 51.94 -19.05 6.44
C ALA A 425 50.60 -19.78 6.25
N ASN A 426 50.16 -20.50 7.28
CA ASN A 426 48.91 -21.28 7.27
C ASN A 426 48.21 -21.06 8.61
N GLU A 427 46.97 -20.57 8.55
CA GLU A 427 46.10 -20.28 9.72
C GLU A 427 45.06 -21.39 9.90
N CYS A 428 44.52 -21.94 8.81
CA CYS A 428 43.36 -22.87 8.88
C CYS A 428 43.76 -24.21 9.52
N LYS A 429 45.04 -24.63 9.46
CA LYS A 429 45.49 -25.94 10.01
C LYS A 429 45.21 -26.03 11.52
N THR A 430 45.69 -25.07 12.31
CA THR A 430 45.53 -25.05 13.79
C THR A 430 44.56 -23.96 14.23
N GLY A 431 44.15 -23.03 13.36
CA GLY A 431 43.31 -21.89 13.75
C GLY A 431 44.15 -20.71 14.23
N PHE A 432 45.47 -20.81 14.16
CA PHE A 432 46.43 -19.71 14.40
C PHE A 432 47.43 -19.68 13.24
N CYS A 433 47.74 -18.48 12.74
CA CYS A 433 48.66 -18.28 11.60
C CYS A 433 50.08 -18.67 12.01
N HIS A 434 50.65 -19.69 11.36
CA HIS A 434 51.99 -20.27 11.69
C HIS A 434 52.79 -20.54 10.42
N LEU A 435 54.12 -20.62 10.56
CA LEU A 435 55.06 -20.88 9.43
C LEU A 435 55.25 -22.39 9.31
N TYR A 436 55.10 -22.90 8.09
CA TYR A 436 55.31 -24.32 7.73
C TYR A 436 56.36 -24.38 6.60
N LYS A 437 57.28 -25.34 6.69
CA LYS A 437 58.19 -25.72 5.58
C LYS A 437 57.56 -26.92 4.89
N VAL A 438 57.22 -26.74 3.61
CA VAL A 438 56.42 -27.72 2.83
C VAL A 438 57.27 -28.18 1.66
N THR A 439 57.27 -29.47 1.37
CA THR A 439 57.87 -30.05 0.15
C THR A 439 56.77 -30.75 -0.65
N ALA A 440 56.51 -30.27 -1.86
CA ALA A 440 55.51 -30.85 -2.80
C ALA A 440 56.26 -31.64 -3.88
N VAL A 441 55.68 -32.76 -4.30
CA VAL A 441 56.20 -33.62 -5.39
C VAL A 441 55.54 -33.18 -6.71
N LEU A 442 56.36 -32.83 -7.69
CA LEU A 442 55.92 -32.37 -9.04
C LEU A 442 56.03 -33.55 -10.01
N LYS A 443 54.98 -34.36 -10.11
CA LYS A 443 54.95 -35.58 -10.98
C LYS A 443 54.01 -35.31 -12.14
N SER A 444 54.51 -35.37 -13.38
CA SER A 444 53.74 -35.20 -14.65
C SER A 444 52.81 -36.40 -14.85
N GLN A 445 51.52 -36.15 -15.00
CA GLN A 445 50.49 -37.17 -15.37
C GLN A 445 50.61 -37.49 -16.86
N GLY A 446 51.06 -36.53 -17.68
CA GLY A 446 50.96 -36.58 -19.15
C GLY A 446 49.59 -36.09 -19.61
N TYR A 447 49.54 -35.00 -20.37
CA TYR A 447 48.29 -34.42 -20.92
C TYR A 447 48.48 -34.18 -22.41
N ASP A 448 47.44 -34.49 -23.18
CA ASP A 448 47.26 -34.01 -24.58
C ASP A 448 46.48 -32.69 -24.52
N TRP A 449 47.19 -31.57 -24.60
CA TRP A 449 46.61 -30.21 -24.42
C TRP A 449 45.76 -29.77 -25.62
N SER A 450 45.87 -30.47 -26.77
CA SER A 450 45.02 -30.22 -27.96
C SER A 450 43.62 -30.80 -27.73
N GLU A 451 43.46 -31.78 -26.83
CA GLU A 451 42.17 -32.46 -26.53
C GLU A 451 41.48 -31.68 -25.41
N PRO A 452 40.17 -31.36 -25.53
CA PRO A 452 39.45 -30.69 -24.45
C PRO A 452 39.35 -31.64 -23.23
N PHE A 453 39.39 -31.09 -22.02
CA PHE A 453 39.26 -31.85 -20.75
C PHE A 453 38.66 -30.95 -19.68
N SER A 454 37.66 -31.47 -18.97
CA SER A 454 37.07 -30.87 -17.74
C SER A 454 37.71 -31.54 -16.53
N PRO A 455 38.60 -30.85 -15.78
CA PRO A 455 39.37 -31.49 -14.71
C PRO A 455 38.47 -31.93 -13.54
N GLY A 456 38.74 -33.13 -13.01
CA GLY A 456 38.01 -33.69 -11.85
C GLY A 456 38.51 -33.08 -10.55
N GLU A 457 37.95 -33.53 -9.42
CA GLU A 457 38.39 -33.09 -8.06
C GLU A 457 39.85 -33.50 -7.88
N ASP A 458 40.67 -32.57 -7.39
CA ASP A 458 42.10 -32.79 -7.04
C ASP A 458 42.95 -33.01 -8.30
N GLU A 459 42.50 -32.56 -9.48
CA GLU A 459 43.34 -32.47 -10.70
C GLU A 459 44.52 -31.55 -10.38
N PHE A 460 45.74 -31.98 -10.73
CA PHE A 460 47.01 -31.22 -10.60
C PHE A 460 47.52 -31.21 -9.15
N LYS A 461 46.82 -31.87 -8.21
CA LYS A 461 47.14 -31.85 -6.76
C LYS A 461 48.44 -32.65 -6.55
N CYS A 462 49.48 -32.00 -6.02
CA CYS A 462 50.81 -32.60 -5.78
C CYS A 462 50.80 -33.39 -4.49
N PRO A 463 51.41 -34.59 -4.44
CA PRO A 463 51.73 -35.24 -3.16
C PRO A 463 52.58 -34.32 -2.29
N ILE A 464 52.28 -34.26 -0.99
CA ILE A 464 53.07 -33.51 0.03
C ILE A 464 54.03 -34.50 0.70
N LYS A 465 55.32 -34.41 0.36
CA LYS A 465 56.41 -35.27 0.88
C LYS A 465 56.67 -34.92 2.35
N GLU A 466 56.59 -33.64 2.73
CA GLU A 466 56.96 -33.15 4.09
C GLU A 466 56.20 -31.86 4.39
N GLU A 467 55.75 -31.69 5.64
CA GLU A 467 55.13 -30.44 6.13
C GLU A 467 55.52 -30.27 7.61
N ILE A 468 56.52 -29.43 7.88
CA ILE A 468 57.07 -29.18 9.24
C ILE A 468 56.50 -27.85 9.74
N ALA A 469 55.88 -27.84 10.92
CA ALA A 469 55.53 -26.62 11.67
C ALA A 469 56.82 -26.00 12.22
N LEU A 470 57.21 -24.81 11.76
CA LEU A 470 58.38 -24.07 12.31
C LEU A 470 57.95 -23.29 13.55
N THR A 471 56.67 -22.92 13.64
CA THR A 471 56.06 -22.23 14.80
C THR A 471 54.74 -22.92 15.15
N SER A 472 54.30 -22.80 16.41
CA SER A 472 53.02 -23.37 16.90
C SER A 472 52.60 -22.70 18.20
N GLY A 473 51.34 -22.89 18.61
CA GLY A 473 50.78 -22.36 19.87
C GLY A 473 49.66 -21.39 19.63
N GLU A 474 49.09 -20.86 20.71
CA GLU A 474 47.91 -19.93 20.68
C GLU A 474 48.43 -18.50 20.57
N TRP A 475 49.15 -18.23 19.49
CA TRP A 475 49.64 -16.88 19.08
C TRP A 475 49.85 -16.93 17.57
N GLU A 476 50.16 -15.80 16.93
CA GLU A 476 50.18 -15.67 15.45
C GLU A 476 51.54 -15.19 14.93
N VAL A 477 51.97 -15.76 13.81
CA VAL A 477 52.93 -15.10 12.88
C VAL A 477 52.13 -14.04 12.12
N LEU A 478 52.66 -12.83 12.00
CA LEU A 478 52.00 -11.72 11.27
C LEU A 478 52.39 -11.85 9.80
N ALA A 479 51.39 -11.92 8.92
CA ALA A 479 51.55 -12.29 7.50
C ALA A 479 50.70 -11.42 6.57
N ARG A 480 50.07 -10.35 7.08
CA ARG A 480 49.11 -9.52 6.31
C ARG A 480 49.45 -8.04 6.44
N HIS A 481 48.93 -7.22 5.51
CA HIS A 481 48.86 -5.74 5.65
C HIS A 481 50.23 -5.17 6.00
N GLY A 482 51.26 -5.56 5.25
CA GLY A 482 52.63 -5.04 5.37
C GLY A 482 53.60 -6.02 6.03
N SER A 483 53.11 -6.93 6.88
CA SER A 483 53.96 -7.95 7.56
C SER A 483 54.53 -8.92 6.52
N LYS A 484 55.78 -9.33 6.72
CA LYS A 484 56.51 -10.23 5.82
C LYS A 484 57.53 -11.03 6.64
N ILE A 485 58.14 -12.02 5.99
CA ILE A 485 59.31 -12.77 6.55
C ILE A 485 60.53 -12.37 5.75
N TRP A 486 61.70 -12.57 6.35
CA TRP A 486 63.02 -12.48 5.68
C TRP A 486 63.74 -13.81 5.90
N VAL A 487 64.27 -14.40 4.82
CA VAL A 487 64.93 -15.75 4.84
C VAL A 487 66.40 -15.57 4.49
N ASN A 488 67.29 -16.00 5.39
CA ASN A 488 68.74 -16.13 5.14
C ASN A 488 69.04 -17.60 4.82
N GLU A 489 69.27 -17.90 3.54
CA GLU A 489 69.50 -19.29 3.07
C GLU A 489 70.91 -19.77 3.44
N GLU A 490 71.85 -18.85 3.76
CA GLU A 490 73.21 -19.22 4.26
C GLU A 490 73.08 -19.87 5.64
N THR A 491 72.37 -19.23 6.56
CA THR A 491 72.22 -19.64 7.98
C THR A 491 71.00 -20.55 8.19
N LYS A 492 70.14 -20.69 7.18
CA LYS A 492 68.87 -21.48 7.23
C LYS A 492 67.94 -20.89 8.30
N LEU A 493 67.89 -19.56 8.42
CA LEU A 493 67.06 -18.87 9.45
C LEU A 493 65.96 -18.06 8.75
N VAL A 494 64.76 -18.04 9.34
CA VAL A 494 63.63 -17.19 8.89
C VAL A 494 63.31 -16.21 10.03
N TYR A 495 63.34 -14.92 9.70
CA TYR A 495 62.98 -13.80 10.60
C TYR A 495 61.52 -13.46 10.32
N PHE A 496 60.73 -13.28 11.38
CA PHE A 496 59.27 -13.01 11.28
C PHE A 496 58.83 -12.15 12.46
N GLN A 497 57.65 -11.53 12.30
CA GLN A 497 56.99 -10.75 13.38
C GLN A 497 55.81 -11.58 13.90
N GLY A 498 55.51 -11.46 15.19
CA GLY A 498 54.51 -12.31 15.86
C GLY A 498 54.04 -11.78 17.18
N THR A 499 53.01 -12.43 17.73
CA THR A 499 52.36 -12.10 19.01
C THR A 499 52.71 -13.15 20.06
N LYS A 500 53.86 -13.83 19.94
CA LYS A 500 54.26 -14.96 20.82
C LYS A 500 54.33 -14.48 22.29
N ASP A 501 54.94 -13.32 22.53
CA ASP A 501 55.10 -12.76 23.89
C ASP A 501 53.76 -12.26 24.43
N THR A 502 52.91 -11.67 23.58
CA THR A 502 51.59 -11.10 23.98
C THR A 502 50.84 -10.64 22.74
N PRO A 503 49.49 -10.77 22.70
CA PRO A 503 48.72 -10.21 21.59
C PRO A 503 48.77 -8.67 21.56
N LEU A 504 49.27 -8.02 22.63
CA LEU A 504 49.35 -6.54 22.74
C LEU A 504 50.59 -5.97 22.07
N GLU A 505 51.56 -6.80 21.64
CA GLU A 505 52.85 -6.30 21.09
C GLU A 505 53.26 -7.16 19.89
N HIS A 506 53.65 -6.49 18.80
CA HIS A 506 54.40 -7.10 17.67
C HIS A 506 55.89 -7.11 18.05
N HIS A 507 56.53 -8.27 17.92
CA HIS A 507 57.98 -8.46 18.16
C HIS A 507 58.60 -9.12 16.93
N LEU A 508 59.90 -8.87 16.72
CA LEU A 508 60.73 -9.57 15.71
C LEU A 508 61.27 -10.84 16.37
N TYR A 509 61.15 -11.96 15.67
CA TYR A 509 61.63 -13.29 16.10
C TYR A 509 62.45 -13.91 14.98
N VAL A 510 63.25 -14.92 15.33
CA VAL A 510 64.02 -15.73 14.34
C VAL A 510 63.94 -17.19 14.78
N VAL A 511 63.80 -18.08 13.81
CA VAL A 511 63.73 -19.56 13.98
C VAL A 511 64.46 -20.20 12.79
N SER A 512 65.04 -21.38 13.00
CA SER A 512 65.69 -22.19 11.95
C SER A 512 64.58 -22.88 11.14
N TYR A 513 64.69 -22.91 9.81
CA TYR A 513 63.82 -23.76 8.97
C TYR A 513 64.53 -25.10 8.66
N GLU A 514 65.80 -25.27 9.04
CA GLU A 514 66.55 -26.55 8.88
C GLU A 514 66.28 -27.44 10.09
N ALA A 515 66.58 -26.94 11.29
CA ALA A 515 66.38 -27.65 12.58
C ALA A 515 65.44 -26.84 13.47
N ALA A 516 64.15 -26.83 13.12
CA ALA A 516 63.08 -26.07 13.80
C ALA A 516 63.08 -26.40 15.30
N GLY A 517 63.29 -25.39 16.15
CA GLY A 517 63.27 -25.54 17.61
C GLY A 517 63.08 -24.21 18.33
N GLU A 518 64.16 -23.69 18.93
CA GLU A 518 64.14 -22.44 19.75
C GLU A 518 63.81 -21.24 18.86
N ILE A 519 62.82 -20.44 19.27
CA ILE A 519 62.48 -19.13 18.66
C ILE A 519 63.12 -18.04 19.51
N VAL A 520 63.97 -17.20 18.92
CA VAL A 520 64.67 -16.08 19.63
C VAL A 520 63.94 -14.77 19.29
N ARG A 521 63.58 -13.99 20.33
CA ARG A 521 63.01 -12.63 20.21
C ARG A 521 64.16 -11.63 20.07
N LEU A 522 64.10 -10.72 19.11
CA LEU A 522 65.16 -9.72 18.80
C LEU A 522 64.78 -8.31 19.29
N THR A 523 63.55 -8.11 19.77
CA THR A 523 62.99 -6.79 20.11
C THR A 523 62.66 -6.73 21.60
N THR A 524 62.69 -5.52 22.15
CA THR A 524 62.55 -5.24 23.61
C THR A 524 61.08 -5.32 24.01
N PRO A 525 60.72 -6.17 25.01
CA PRO A 525 59.38 -6.16 25.60
C PRO A 525 58.97 -4.78 26.14
N GLY A 526 57.66 -4.53 26.22
CA GLY A 526 57.06 -3.27 26.68
C GLY A 526 56.85 -2.28 25.54
N PHE A 527 57.17 -2.65 24.30
CA PHE A 527 56.89 -1.86 23.07
C PHE A 527 56.36 -2.78 21.98
N SER A 528 55.56 -2.23 21.05
CA SER A 528 55.15 -2.90 19.79
C SER A 528 56.07 -2.40 18.68
N HIS A 529 56.67 -3.32 17.92
CA HIS A 529 57.75 -3.07 16.94
C HIS A 529 57.26 -3.35 15.52
N SER A 530 57.66 -2.51 14.58
CA SER A 530 57.52 -2.69 13.11
C SER A 530 58.92 -2.62 12.51
N CYS A 531 59.44 -3.73 11.97
CA CYS A 531 60.88 -3.91 11.64
C CYS A 531 61.11 -4.03 10.13
N SER A 532 62.29 -3.57 9.70
CA SER A 532 62.83 -3.75 8.32
C SER A 532 64.22 -4.39 8.47
N MET A 533 64.42 -5.56 7.88
CA MET A 533 65.68 -6.35 7.97
C MET A 533 66.54 -6.08 6.73
N SER A 534 67.85 -5.83 6.91
CA SER A 534 68.83 -5.79 5.80
C SER A 534 68.84 -7.14 5.08
N GLN A 535 68.94 -7.13 3.75
CA GLN A 535 69.03 -8.36 2.90
C GLN A 535 70.33 -9.12 3.19
N ASN A 536 71.29 -8.50 3.88
CA ASN A 536 72.59 -9.11 4.31
C ASN A 536 72.48 -9.65 5.75
N PHE A 537 71.37 -9.38 6.45
CA PHE A 537 71.06 -9.89 7.82
C PHE A 537 72.11 -9.43 8.84
N ASP A 538 72.76 -8.28 8.58
CA ASP A 538 73.78 -7.69 9.47
C ASP A 538 73.14 -6.62 10.37
N MET A 539 72.05 -5.97 9.90
CA MET A 539 71.38 -4.84 10.60
C MET A 539 69.87 -4.89 10.37
N PHE A 540 69.09 -4.30 11.28
CA PHE A 540 67.64 -4.05 11.07
C PHE A 540 67.24 -2.73 11.72
N VAL A 541 66.14 -2.16 11.22
CA VAL A 541 65.46 -0.95 11.75
C VAL A 541 64.24 -1.44 12.54
N SER A 542 63.92 -0.83 13.68
CA SER A 542 62.62 -0.99 14.35
C SER A 542 61.99 0.38 14.58
N HIS A 543 60.79 0.55 14.01
CA HIS A 543 59.82 1.63 14.33
C HIS A 543 58.95 1.11 15.46
N TYR A 544 59.06 1.68 16.67
CA TYR A 544 58.36 1.12 17.86
C TYR A 544 57.89 2.22 18.82
N SER A 545 56.88 1.86 19.59
CA SER A 545 56.17 2.76 20.54
C SER A 545 55.48 1.91 21.61
N SER A 546 55.00 2.59 22.64
CA SER A 546 54.09 2.03 23.68
C SER A 546 52.95 3.04 23.87
N VAL A 547 51.92 2.68 24.62
CA VAL A 547 50.80 3.61 24.97
C VAL A 547 51.36 4.89 25.61
N SER A 548 52.47 4.81 26.36
CA SER A 548 53.04 5.94 27.14
C SER A 548 54.16 6.67 26.38
N THR A 549 54.75 6.06 25.34
CA THR A 549 55.95 6.60 24.65
C THR A 549 55.67 6.78 23.17
N PRO A 550 55.76 8.02 22.62
CA PRO A 550 55.64 8.23 21.17
C PRO A 550 56.65 7.41 20.38
N PRO A 551 56.42 7.19 19.07
CA PRO A 551 57.28 6.31 18.28
C PRO A 551 58.70 6.84 18.12
N CYS A 552 59.67 5.93 18.11
CA CYS A 552 61.06 6.18 17.69
C CYS A 552 61.43 5.18 16.59
N VAL A 553 62.47 5.47 15.83
CA VAL A 553 63.02 4.57 14.76
C VAL A 553 64.51 4.37 15.07
N HIS A 554 64.88 3.17 15.51
CA HIS A 554 66.27 2.81 15.92
C HIS A 554 66.84 1.77 14.94
N VAL A 555 68.14 1.90 14.64
CA VAL A 555 68.93 0.94 13.82
C VAL A 555 69.69 0.04 14.80
N TYR A 556 69.63 -1.27 14.59
CA TYR A 556 70.28 -2.30 15.44
C TYR A 556 71.27 -3.11 14.56
N LYS A 557 72.41 -3.49 15.13
CA LYS A 557 73.37 -4.43 14.53
C LYS A 557 73.11 -5.82 15.12
N LEU A 558 73.06 -6.86 14.28
CA LEU A 558 73.08 -8.28 14.74
C LEU A 558 74.55 -8.70 14.88
N SER A 559 75.01 -8.92 16.11
CA SER A 559 76.43 -9.08 16.50
C SER A 559 76.61 -10.36 17.33
N GLY A 560 77.78 -10.99 17.22
CA GLY A 560 78.14 -12.22 17.94
C GLY A 560 78.84 -13.22 17.00
N PRO A 561 79.27 -14.38 17.52
CA PRO A 561 79.93 -15.41 16.70
C PRO A 561 79.11 -15.85 15.49
N ASP A 562 79.76 -15.93 14.31
CA ASP A 562 79.12 -16.32 13.02
C ASP A 562 78.72 -17.80 13.05
N ASP A 563 79.31 -18.63 13.93
CA ASP A 563 79.03 -20.08 14.03
C ASP A 563 77.71 -20.32 14.80
N ASP A 564 77.14 -19.29 15.45
CA ASP A 564 75.86 -19.40 16.22
C ASP A 564 74.92 -18.28 15.78
N PRO A 565 74.45 -18.29 14.50
CA PRO A 565 73.64 -17.19 13.97
C PRO A 565 72.28 -17.00 14.67
N LEU A 566 71.67 -18.08 15.18
CA LEU A 566 70.36 -18.05 15.88
C LEU A 566 70.43 -17.13 17.10
N HIS A 567 71.58 -17.06 17.79
CA HIS A 567 71.76 -16.33 19.07
C HIS A 567 72.54 -15.02 18.88
N LYS A 568 72.62 -14.49 17.66
CA LYS A 568 73.15 -13.13 17.40
C LYS A 568 72.43 -12.12 18.31
N GLN A 569 73.17 -11.22 18.95
CA GLN A 569 72.63 -10.18 19.87
C GLN A 569 72.21 -8.96 19.05
N PRO A 570 70.98 -8.44 19.22
CA PRO A 570 70.61 -7.14 18.67
C PRO A 570 71.27 -6.05 19.53
N ARG A 571 72.17 -5.27 18.93
CA ARG A 571 72.91 -4.19 19.62
C ARG A 571 72.46 -2.85 19.05
N PHE A 572 71.93 -1.95 19.89
CA PHE A 572 71.55 -0.58 19.48
C PHE A 572 72.77 0.06 18.79
N TRP A 573 72.58 0.63 17.61
CA TRP A 573 73.65 1.24 16.78
C TRP A 573 73.46 2.76 16.68
N ALA A 574 72.30 3.21 16.21
CA ALA A 574 71.98 4.64 15.99
C ALA A 574 70.46 4.85 15.95
N SER A 575 70.04 6.11 16.07
CA SER A 575 68.62 6.55 15.99
C SER A 575 68.39 7.25 14.66
N MET A 576 67.30 6.89 13.97
CA MET A 576 66.76 7.63 12.80
C MET A 576 65.78 8.68 13.28
N MET A 577 65.15 8.48 14.45
CA MET A 577 64.12 9.41 15.00
C MET A 577 63.92 9.09 16.49
N GLU A 578 64.12 10.07 17.36
CA GLU A 578 63.87 9.92 18.82
C GLU A 578 62.38 10.20 19.11
N ALA A 579 61.82 9.57 20.14
CA ALA A 579 60.45 9.82 20.65
C ALA A 579 60.32 11.32 20.98
N ALA A 580 59.29 11.97 20.45
CA ALA A 580 58.88 13.35 20.83
C ALA A 580 58.56 13.40 22.33
N SER A 581 58.73 14.54 22.97
CA SER A 581 58.17 14.83 24.32
C SER A 581 56.63 14.78 24.21
N CYS A 582 55.96 14.08 25.12
CA CYS A 582 54.48 14.16 25.31
C CYS A 582 54.09 15.54 25.82
N PRO A 583 52.94 16.12 25.39
CA PRO A 583 52.35 17.28 26.08
C PRO A 583 52.09 17.00 27.57
N PRO A 584 52.10 18.02 28.46
CA PRO A 584 51.74 17.83 29.87
C PRO A 584 50.30 17.30 30.07
N ASP A 585 49.37 17.71 29.21
N ASP A 585 49.38 17.72 29.20
CA ASP A 585 47.94 17.30 29.32
CA ASP A 585 47.95 17.37 29.22
C ASP A 585 47.67 16.03 28.51
C ASP A 585 47.67 16.04 28.50
N TYR A 586 48.67 15.34 27.95
CA TYR A 586 48.47 13.98 27.36
C TYR A 586 48.71 12.94 28.45
N VAL A 587 47.66 12.20 28.86
CA VAL A 587 47.73 11.06 29.82
C VAL A 587 47.49 9.78 29.03
N PRO A 588 48.46 8.84 28.99
CA PRO A 588 48.29 7.60 28.23
C PRO A 588 47.06 6.82 28.72
N PRO A 589 46.35 6.10 27.83
CA PRO A 589 45.28 5.21 28.28
C PRO A 589 45.90 4.02 29.02
N GLU A 590 45.07 3.33 29.80
CA GLU A 590 45.47 2.15 30.59
C GLU A 590 44.85 0.91 29.93
N ILE A 591 45.69 -0.07 29.58
CA ILE A 591 45.24 -1.38 29.04
C ILE A 591 44.81 -2.26 30.21
N PHE A 592 43.68 -2.96 30.04
CA PHE A 592 43.18 -3.99 30.98
C PHE A 592 42.73 -5.20 30.16
N HIS A 593 42.47 -6.29 30.85
CA HIS A 593 41.71 -7.44 30.31
C HIS A 593 40.69 -7.89 31.36
N PHE A 594 39.68 -8.61 30.89
CA PHE A 594 38.65 -9.26 31.75
C PHE A 594 38.20 -10.53 31.05
N HIS A 595 37.49 -11.37 31.78
CA HIS A 595 36.97 -12.68 31.30
C HIS A 595 35.45 -12.53 31.20
N THR A 596 34.89 -12.82 30.03
CA THR A 596 33.43 -12.73 29.77
C THR A 596 32.74 -13.83 30.59
N ARG A 597 31.41 -13.77 30.69
CA ARG A 597 30.58 -14.83 31.32
C ARG A 597 30.83 -16.19 30.64
N SER A 598 31.24 -16.20 29.36
CA SER A 598 31.65 -17.40 28.58
C SER A 598 33.14 -17.74 28.77
N ASP A 599 33.86 -17.03 29.66
CA ASP A 599 35.30 -17.27 29.99
C ASP A 599 36.20 -17.02 28.77
N VAL A 600 35.85 -16.06 27.91
CA VAL A 600 36.76 -15.53 26.85
C VAL A 600 37.51 -14.34 27.44
N ARG A 601 38.81 -14.26 27.24
CA ARG A 601 39.61 -13.06 27.64
C ARG A 601 39.45 -11.99 26.58
N LEU A 602 38.99 -10.80 26.98
CA LEU A 602 38.93 -9.60 26.10
C LEU A 602 39.86 -8.53 26.67
N TYR A 603 40.59 -7.84 25.79
CA TYR A 603 41.41 -6.66 26.12
C TYR A 603 40.61 -5.40 25.84
N GLY A 604 40.84 -4.37 26.67
CA GLY A 604 40.29 -3.04 26.50
C GLY A 604 41.31 -1.98 26.89
N MET A 605 41.03 -0.72 26.62
CA MET A 605 41.77 0.36 27.32
C MET A 605 40.80 1.41 27.81
N ILE A 606 41.22 2.15 28.82
CA ILE A 606 40.43 3.24 29.45
C ILE A 606 41.28 4.50 29.45
N TYR A 607 40.71 5.60 28.93
CA TYR A 607 41.16 6.98 29.19
C TYR A 607 40.38 7.46 30.42
N LYS A 608 41.03 7.51 31.58
CA LYS A 608 40.39 7.96 32.85
C LYS A 608 40.14 9.46 32.72
N PRO A 609 39.01 9.99 33.24
CA PRO A 609 38.82 11.43 33.31
C PRO A 609 40.04 12.05 33.99
N HIS A 610 40.62 13.11 33.43
CA HIS A 610 41.81 13.79 34.01
C HIS A 610 41.39 14.42 35.34
N ALA A 611 42.29 14.46 36.33
CA ALA A 611 42.02 15.03 37.68
C ALA A 611 40.72 14.42 38.23
N LEU A 612 40.63 13.10 38.20
CA LEU A 612 39.48 12.31 38.73
C LEU A 612 39.37 12.52 40.24
N GLN A 613 38.16 12.68 40.77
CA GLN A 613 37.87 12.75 42.23
C GLN A 613 37.05 11.52 42.60
N PRO A 614 37.29 10.88 43.78
CA PRO A 614 36.54 9.69 44.18
C PRO A 614 35.07 10.02 44.48
N GLY A 615 34.18 9.03 44.30
CA GLY A 615 32.73 9.18 44.48
C GLY A 615 32.04 9.96 43.36
N LYS A 616 32.73 10.21 42.23
CA LYS A 616 32.17 10.93 41.05
C LYS A 616 31.96 9.92 39.91
N LYS A 617 30.76 9.93 39.32
CA LYS A 617 30.41 9.15 38.09
C LYS A 617 30.48 10.09 36.88
N HIS A 618 31.27 9.72 35.88
CA HIS A 618 31.61 10.57 34.71
C HIS A 618 30.82 10.12 33.48
N PRO A 619 30.41 11.06 32.59
CA PRO A 619 29.83 10.68 31.31
C PRO A 619 30.91 9.94 30.51
N THR A 620 30.51 8.95 29.71
CA THR A 620 31.43 7.93 29.13
C THR A 620 31.21 7.84 27.60
N VAL A 621 32.29 7.78 26.83
CA VAL A 621 32.27 7.50 25.37
C VAL A 621 32.84 6.09 25.17
N LEU A 622 32.01 5.16 24.69
CA LEU A 622 32.50 3.86 24.15
C LEU A 622 32.92 4.11 22.70
N PHE A 623 34.23 4.18 22.46
CA PHE A 623 34.83 4.28 21.12
C PHE A 623 34.97 2.87 20.57
N VAL A 624 34.36 2.60 19.40
CA VAL A 624 34.19 1.22 18.87
C VAL A 624 34.65 1.18 17.42
N TYR A 625 35.38 0.12 17.06
CA TYR A 625 35.50 -0.37 15.66
C TYR A 625 34.74 -1.69 15.56
N GLY A 626 35.29 -2.76 16.14
CA GLY A 626 34.57 -4.02 16.43
C GLY A 626 34.52 -4.98 15.26
N GLY A 627 35.09 -4.61 14.11
CA GLY A 627 35.02 -5.40 12.88
C GLY A 627 36.23 -6.30 12.69
N PRO A 628 36.21 -7.20 11.69
CA PRO A 628 37.34 -8.08 11.41
C PRO A 628 38.55 -7.31 10.86
N GLN A 629 39.74 -7.94 10.95
CA GLN A 629 41.03 -7.50 10.38
C GLN A 629 41.64 -6.34 11.17
N VAL A 630 41.06 -5.95 12.30
CA VAL A 630 41.52 -4.77 13.10
C VAL A 630 41.62 -5.18 14.57
N GLN A 631 42.66 -4.68 15.23
CA GLN A 631 42.86 -4.72 16.70
C GLN A 631 43.11 -3.28 17.17
N LEU A 632 42.19 -2.70 17.94
CA LEU A 632 42.33 -1.32 18.46
C LEU A 632 43.22 -1.31 19.70
N VAL A 633 43.16 -2.39 20.51
CA VAL A 633 43.78 -2.44 21.85
C VAL A 633 45.11 -3.19 21.75
N ASN A 634 46.20 -2.44 21.77
CA ASN A 634 47.58 -2.98 21.80
C ASN A 634 48.49 -1.93 22.41
N ASN A 635 49.71 -2.32 22.76
CA ASN A 635 50.69 -1.46 23.48
C ASN A 635 51.49 -0.69 22.43
N SER A 636 50.85 0.30 21.81
CA SER A 636 51.45 1.24 20.84
C SER A 636 50.85 2.62 21.09
N PHE A 637 51.54 3.66 20.64
CA PHE A 637 51.17 5.06 20.94
C PHE A 637 49.89 5.43 20.17
N LYS A 638 48.87 5.92 20.87
CA LYS A 638 47.53 6.24 20.29
C LYS A 638 47.38 7.75 20.06
N GLY A 639 48.34 8.58 20.49
CA GLY A 639 48.27 10.06 20.41
C GLY A 639 48.35 10.63 19.01
N ILE A 640 48.83 9.88 18.01
CA ILE A 640 48.88 10.34 16.59
C ILE A 640 47.48 10.23 15.99
N LYS A 641 46.90 9.03 16.04
CA LYS A 641 45.63 8.71 15.34
C LYS A 641 44.43 9.06 16.22
N TYR A 642 44.55 9.02 17.55
CA TYR A 642 43.41 9.08 18.51
C TYR A 642 43.65 10.10 19.63
N LEU A 643 44.30 11.22 19.31
CA LEU A 643 44.51 12.34 20.26
C LEU A 643 43.16 12.79 20.84
N ARG A 644 42.11 12.82 20.03
CA ARG A 644 40.75 13.27 20.42
C ARG A 644 40.20 12.47 21.60
N LEU A 645 40.65 11.22 21.81
CA LEU A 645 40.20 10.40 22.98
C LEU A 645 40.82 10.96 24.27
N ASN A 646 42.10 11.35 24.22
CA ASN A 646 42.76 12.09 25.33
C ASN A 646 42.03 13.42 25.58
N THR A 647 41.68 14.16 24.51
CA THR A 647 40.97 15.46 24.60
C THR A 647 39.64 15.26 25.36
N LEU A 648 38.85 14.24 24.99
CA LEU A 648 37.60 13.86 25.71
C LEU A 648 37.91 13.63 27.19
N ALA A 649 38.96 12.85 27.51
CA ALA A 649 39.33 12.53 28.91
C ALA A 649 39.73 13.82 29.66
N SER A 650 40.37 14.78 28.98
CA SER A 650 40.81 16.06 29.58
C SER A 650 39.60 16.91 30.00
N LEU A 651 38.45 16.76 29.33
CA LEU A 651 37.19 17.48 29.63
C LEU A 651 36.37 16.75 30.69
N GLY A 652 36.75 15.52 31.06
CA GLY A 652 36.11 14.74 32.14
C GLY A 652 35.24 13.62 31.63
N TYR A 653 35.29 13.27 30.34
CA TYR A 653 34.68 12.01 29.83
C TYR A 653 35.59 10.83 30.19
N ALA A 654 35.02 9.69 30.58
CA ALA A 654 35.70 8.39 30.51
C ALA A 654 35.61 7.91 29.07
N VAL A 655 36.70 7.40 28.50
CA VAL A 655 36.69 6.79 27.14
C VAL A 655 37.08 5.33 27.29
N VAL A 656 36.21 4.43 26.82
CA VAL A 656 36.39 2.95 26.89
C VAL A 656 36.53 2.44 25.45
N VAL A 657 37.50 1.55 25.22
CA VAL A 657 37.70 0.78 23.96
C VAL A 657 37.76 -0.70 24.32
N ILE A 658 36.96 -1.53 23.66
CA ILE A 658 36.91 -3.02 23.87
C ILE A 658 37.20 -3.69 22.52
N ASP A 659 38.20 -4.59 22.49
CA ASP A 659 38.40 -5.52 21.35
C ASP A 659 37.56 -6.76 21.62
N GLY A 660 36.31 -6.77 21.14
CA GLY A 660 35.40 -7.92 21.27
C GLY A 660 35.76 -9.05 20.32
N ARG A 661 35.07 -10.17 20.43
CA ARG A 661 35.15 -11.28 19.43
C ARG A 661 34.83 -10.69 18.04
N GLY A 662 35.54 -11.18 17.02
CA GLY A 662 35.49 -10.60 15.66
C GLY A 662 36.75 -9.83 15.32
N SER A 663 37.43 -9.25 16.32
CA SER A 663 38.72 -8.52 16.13
C SER A 663 39.84 -9.54 15.86
N CYS A 664 40.98 -9.06 15.37
CA CYS A 664 42.08 -9.91 14.86
C CYS A 664 43.22 -10.02 15.88
N GLN A 665 44.27 -10.79 15.54
CA GLN A 665 45.48 -11.08 16.36
C GLN A 665 45.13 -11.98 17.56
N ARG A 666 44.02 -12.74 17.50
CA ARG A 666 43.57 -13.68 18.55
C ARG A 666 43.20 -15.04 17.94
N GLY A 667 43.60 -15.32 16.69
CA GLY A 667 43.31 -16.59 15.98
C GLY A 667 42.00 -16.56 15.21
N LEU A 668 41.83 -17.52 14.29
CA LEU A 668 40.68 -17.63 13.35
C LEU A 668 39.37 -17.88 14.10
N ARG A 669 39.38 -18.70 15.15
CA ARG A 669 38.15 -19.05 15.91
C ARG A 669 37.55 -17.77 16.55
N PHE A 670 38.40 -16.95 17.17
CA PHE A 670 38.00 -15.69 17.85
C PHE A 670 37.41 -14.70 16.82
N GLU A 671 38.11 -14.50 15.70
CA GLU A 671 37.65 -13.63 14.57
C GLU A 671 36.37 -14.22 13.96
N GLY A 672 36.28 -15.55 13.90
CA GLY A 672 35.17 -16.32 13.29
C GLY A 672 33.85 -16.20 14.02
N ALA A 673 33.82 -15.68 15.25
CA ALA A 673 32.61 -15.57 16.08
C ALA A 673 31.51 -14.76 15.36
N LEU A 674 31.84 -13.85 14.45
CA LEU A 674 30.80 -13.00 13.79
C LEU A 674 30.32 -13.62 12.47
N LYS A 675 30.83 -14.79 12.08
CA LYS A 675 30.49 -15.44 10.78
C LYS A 675 28.97 -15.50 10.61
N ASN A 676 28.47 -14.90 9.52
CA ASN A 676 27.04 -14.94 9.08
C ASN A 676 26.11 -14.17 10.03
N GLN A 677 26.62 -13.45 11.03
CA GLN A 677 25.79 -12.77 12.05
C GLN A 677 26.43 -11.44 12.47
N MET A 678 27.02 -10.69 11.54
CA MET A 678 27.65 -9.39 11.85
C MET A 678 26.64 -8.46 12.55
N GLY A 679 27.07 -7.83 13.64
CA GLY A 679 26.24 -6.99 14.52
C GLY A 679 25.83 -7.69 15.82
N GLN A 680 25.62 -9.01 15.77
CA GLN A 680 24.82 -9.76 16.78
C GLN A 680 25.67 -10.17 18.00
N VAL A 681 26.98 -10.41 17.85
CA VAL A 681 27.88 -10.82 18.99
C VAL A 681 28.73 -9.63 19.46
N GLU A 682 29.05 -8.68 18.57
CA GLU A 682 30.03 -7.59 18.83
C GLU A 682 29.49 -6.70 19.94
N ILE A 683 28.19 -6.38 19.89
CA ILE A 683 27.53 -5.46 20.85
C ILE A 683 27.49 -6.12 22.23
N GLU A 684 27.25 -7.43 22.30
CA GLU A 684 27.20 -8.16 23.60
C GLU A 684 28.55 -7.97 24.30
N ASP A 685 29.66 -8.13 23.60
CA ASP A 685 31.04 -8.01 24.15
C ASP A 685 31.30 -6.55 24.53
N GLN A 686 30.86 -5.57 23.72
CA GLN A 686 31.01 -4.12 24.03
C GLN A 686 30.32 -3.81 25.36
N VAL A 687 29.09 -4.30 25.55
CA VAL A 687 28.27 -4.05 26.78
C VAL A 687 28.93 -4.75 27.98
N GLU A 688 29.44 -5.98 27.84
CA GLU A 688 30.15 -6.69 28.95
C GLU A 688 31.40 -5.90 29.34
N GLY A 689 32.15 -5.39 28.36
CA GLY A 689 33.36 -4.56 28.59
C GLY A 689 33.04 -3.30 29.36
N LEU A 690 31.97 -2.62 28.95
CA LEU A 690 31.52 -1.35 29.57
C LEU A 690 31.13 -1.64 31.03
N GLN A 691 30.37 -2.71 31.25
CA GLN A 691 29.85 -3.09 32.59
C GLN A 691 31.03 -3.54 33.47
N PHE A 692 32.01 -4.25 32.92
CA PHE A 692 33.27 -4.62 33.64
C PHE A 692 33.99 -3.34 34.09
N VAL A 693 34.20 -2.39 33.18
CA VAL A 693 34.93 -1.12 33.46
C VAL A 693 34.19 -0.36 34.56
N ALA A 694 32.86 -0.29 34.49
CA ALA A 694 32.02 0.41 35.51
C ALA A 694 32.21 -0.24 36.89
N GLU A 695 32.22 -1.57 36.96
CA GLU A 695 32.40 -2.35 38.23
C GLU A 695 33.84 -2.20 38.73
N LYS A 696 34.84 -2.36 37.86
CA LYS A 696 36.27 -2.38 38.24
C LYS A 696 36.75 -0.98 38.67
N TYR A 697 36.41 0.08 37.93
CA TYR A 697 37.01 1.44 38.07
C TYR A 697 36.09 2.37 38.87
N GLY A 698 34.77 2.17 38.82
CA GLY A 698 33.82 2.83 39.74
C GLY A 698 33.45 4.26 39.35
N PHE A 699 34.02 4.87 38.30
CA PHE A 699 33.75 6.30 37.93
C PHE A 699 32.94 6.42 36.63
N ILE A 700 32.32 5.33 36.15
CA ILE A 700 31.49 5.30 34.91
C ILE A 700 30.04 5.58 35.30
N ASP A 701 29.46 6.66 34.78
CA ASP A 701 28.00 6.94 34.85
C ASP A 701 27.32 6.17 33.71
N LEU A 702 26.76 4.99 34.00
CA LEU A 702 26.10 4.12 32.98
C LEU A 702 24.80 4.75 32.47
N SER A 703 24.28 5.81 33.09
CA SER A 703 23.12 6.59 32.59
C SER A 703 23.56 7.59 31.50
N ARG A 704 24.86 7.80 31.28
CA ARG A 704 25.40 8.79 30.30
C ARG A 704 26.55 8.16 29.51
N VAL A 705 26.22 7.17 28.68
CA VAL A 705 27.18 6.51 27.75
C VAL A 705 26.81 6.89 26.31
N ALA A 706 27.76 7.45 25.57
CA ALA A 706 27.72 7.63 24.10
C ALA A 706 28.47 6.47 23.46
N ILE A 707 28.00 6.00 22.29
CA ILE A 707 28.76 5.03 21.45
C ILE A 707 29.14 5.76 20.16
N HIS A 708 30.40 5.67 19.77
CA HIS A 708 30.96 6.40 18.61
C HIS A 708 31.97 5.53 17.88
N GLY A 709 31.86 5.46 16.57
CA GLY A 709 32.80 4.72 15.72
C GLY A 709 32.64 5.13 14.27
N TRP A 710 33.59 4.70 13.44
CA TRP A 710 33.67 5.01 12.00
C TRP A 710 33.69 3.70 11.22
N SER A 711 33.01 3.64 10.07
CA SER A 711 33.00 2.45 9.17
C SER A 711 32.27 1.32 9.89
N TYR A 712 32.92 0.21 10.25
CA TYR A 712 32.31 -0.87 11.05
C TYR A 712 31.87 -0.32 12.41
N GLY A 713 32.61 0.65 12.96
CA GLY A 713 32.29 1.34 14.21
C GLY A 713 31.03 2.19 14.10
N GLY A 714 30.76 2.76 12.92
CA GLY A 714 29.52 3.51 12.65
C GLY A 714 28.35 2.54 12.62
N PHE A 715 28.51 1.43 11.92
CA PHE A 715 27.55 0.30 11.88
C PHE A 715 27.21 -0.12 13.33
N LEU A 716 28.24 -0.38 14.15
CA LEU A 716 28.01 -0.89 15.52
C LEU A 716 27.43 0.20 16.42
N SER A 717 27.74 1.49 16.18
CA SER A 717 27.12 2.59 16.96
C SER A 717 25.60 2.55 16.78
N LEU A 718 25.14 2.38 15.54
CA LEU A 718 23.69 2.27 15.20
C LEU A 718 23.11 0.98 15.79
N MET A 719 23.83 -0.14 15.69
CA MET A 719 23.38 -1.45 16.24
C MET A 719 23.21 -1.35 17.76
N GLY A 720 24.13 -0.65 18.45
CA GLY A 720 24.05 -0.42 19.90
C GLY A 720 22.80 0.34 20.29
N LEU A 721 22.48 1.39 19.53
CA LEU A 721 21.29 2.24 19.78
C LEU A 721 20.01 1.42 19.53
N ILE A 722 20.03 0.54 18.53
CA ILE A 722 18.87 -0.33 18.15
C ILE A 722 18.67 -1.40 19.23
N HIS A 723 19.72 -2.16 19.57
CA HIS A 723 19.60 -3.38 20.44
C HIS A 723 19.73 -3.04 21.93
N LYS A 724 20.40 -1.96 22.28
CA LYS A 724 20.69 -1.61 23.70
C LYS A 724 20.36 -0.15 23.95
N PRO A 725 19.09 0.29 23.69
CA PRO A 725 18.73 1.70 23.81
C PRO A 725 18.78 2.21 25.27
N GLN A 726 18.70 1.31 26.25
CA GLN A 726 18.82 1.66 27.69
C GLN A 726 20.30 1.74 28.08
N VAL A 727 21.22 1.16 27.32
CA VAL A 727 22.69 1.24 27.59
C VAL A 727 23.25 2.54 27.00
N PHE A 728 22.91 2.86 25.75
CA PHE A 728 23.52 3.95 24.97
C PHE A 728 22.53 5.10 24.88
N LYS A 729 22.85 6.21 25.56
CA LYS A 729 22.05 7.46 25.55
C LYS A 729 22.10 8.06 24.13
N VAL A 730 23.28 8.10 23.51
CA VAL A 730 23.49 8.69 22.17
C VAL A 730 24.39 7.75 21.35
N ALA A 731 24.23 7.79 20.02
CA ALA A 731 25.16 7.21 19.03
C ALA A 731 25.66 8.32 18.11
N ILE A 732 26.97 8.32 17.82
CA ILE A 732 27.60 9.12 16.74
C ILE A 732 28.19 8.12 15.74
N ALA A 733 27.49 7.92 14.61
CA ALA A 733 27.82 6.89 13.60
C ALA A 733 28.52 7.56 12.42
N GLY A 734 29.81 7.29 12.25
CA GLY A 734 30.61 7.76 11.12
C GLY A 734 30.67 6.75 10.00
N ALA A 735 30.41 7.18 8.76
CA ALA A 735 30.48 6.36 7.53
C ALA A 735 29.98 4.94 7.80
N PRO A 736 28.73 4.77 8.27
CA PRO A 736 28.22 3.44 8.60
C PRO A 736 27.87 2.62 7.35
N VAL A 737 28.12 1.32 7.38
CA VAL A 737 27.39 0.35 6.51
C VAL A 737 26.00 0.21 7.13
N THR A 738 24.95 0.51 6.36
CA THR A 738 23.54 0.44 6.83
C THR A 738 22.78 -0.69 6.11
N VAL A 739 23.28 -1.17 4.97
CA VAL A 739 22.64 -2.26 4.19
C VAL A 739 23.76 -3.11 3.57
N TRP A 740 23.96 -4.32 4.12
CA TRP A 740 25.02 -5.26 3.66
C TRP A 740 24.79 -5.69 2.21
N MET A 741 23.54 -5.72 1.74
CA MET A 741 23.16 -6.07 0.33
C MET A 741 23.74 -5.03 -0.64
N ALA A 742 24.09 -3.81 -0.18
CA ALA A 742 24.69 -2.76 -1.04
C ALA A 742 26.23 -2.84 -1.00
N TYR A 743 26.83 -3.65 -0.11
CA TYR A 743 28.30 -3.70 0.05
C TYR A 743 28.87 -4.70 -0.96
N ASP A 744 30.20 -4.84 -1.02
CA ASP A 744 30.89 -5.52 -2.15
C ASP A 744 31.03 -7.03 -1.89
N THR A 745 31.44 -7.76 -2.91
CA THR A 745 31.61 -9.23 -2.91
C THR A 745 32.74 -9.63 -1.96
N GLY A 746 33.94 -9.08 -2.14
CA GLY A 746 35.16 -9.56 -1.46
C GLY A 746 35.02 -9.53 0.06
N TYR A 747 34.49 -8.44 0.63
CA TYR A 747 34.36 -8.28 2.09
C TYR A 747 33.12 -9.04 2.57
N THR A 748 31.95 -8.70 2.02
CA THR A 748 30.64 -9.12 2.59
C THR A 748 30.54 -10.65 2.52
N GLU A 749 30.85 -11.27 1.40
CA GLU A 749 30.66 -12.74 1.21
C GLU A 749 31.63 -13.51 2.13
N ARG A 750 32.83 -12.97 2.36
CA ARG A 750 33.85 -13.60 3.25
C ARG A 750 33.24 -13.85 4.62
N TYR A 751 32.56 -12.85 5.18
CA TYR A 751 32.06 -12.87 6.58
C TYR A 751 30.59 -13.29 6.64
N MET A 752 29.80 -13.11 5.57
CA MET A 752 28.31 -13.20 5.65
C MET A 752 27.71 -14.12 4.59
N ASP A 753 28.50 -14.74 3.71
CA ASP A 753 28.01 -15.55 2.57
C ASP A 753 27.29 -14.62 1.58
N VAL A 754 26.71 -15.18 0.51
CA VAL A 754 25.89 -14.38 -0.45
C VAL A 754 24.50 -14.16 0.17
N PRO A 755 23.78 -13.08 -0.20
CA PRO A 755 22.48 -12.78 0.39
C PRO A 755 21.46 -13.94 0.35
N GLU A 756 21.39 -14.67 -0.76
CA GLU A 756 20.41 -15.78 -0.96
C GLU A 756 20.66 -16.90 0.08
N ASN A 757 21.90 -17.10 0.52
CA ASN A 757 22.27 -18.14 1.52
C ASN A 757 22.17 -17.64 2.97
N ASN A 758 21.95 -16.35 3.20
CA ASN A 758 21.98 -15.78 4.57
C ASN A 758 21.03 -14.59 4.67
N GLN A 759 19.78 -14.78 4.24
CA GLN A 759 18.74 -13.72 4.29
C GLN A 759 18.59 -13.22 5.72
N HIS A 760 18.58 -14.13 6.72
CA HIS A 760 18.41 -13.77 8.15
C HIS A 760 19.57 -12.86 8.62
N GLY A 761 20.81 -13.27 8.36
CA GLY A 761 22.01 -12.54 8.80
C GLY A 761 22.09 -11.16 8.16
N TYR A 762 21.85 -11.08 6.85
CA TYR A 762 21.81 -9.80 6.08
C TYR A 762 20.73 -8.87 6.65
N GLU A 763 19.53 -9.39 6.90
CA GLU A 763 18.38 -8.62 7.44
C GLU A 763 18.71 -8.13 8.86
N ALA A 764 19.15 -9.01 9.74
CA ALA A 764 19.43 -8.72 11.17
C ALA A 764 20.59 -7.70 11.28
N GLY A 765 21.57 -7.76 10.36
CA GLY A 765 22.79 -6.95 10.41
C GLY A 765 22.68 -5.62 9.66
N SER A 766 21.56 -5.35 8.98
CA SER A 766 21.36 -4.14 8.14
C SER A 766 20.58 -3.08 8.92
N VAL A 767 21.29 -2.12 9.54
CA VAL A 767 20.68 -1.17 10.52
C VAL A 767 19.58 -0.33 9.85
N ALA A 768 19.69 -0.04 8.54
CA ALA A 768 18.69 0.78 7.81
C ALA A 768 17.34 0.04 7.74
N LEU A 769 17.32 -1.30 7.90
CA LEU A 769 16.07 -2.10 7.92
C LEU A 769 15.45 -2.16 9.32
N HIS A 770 16.06 -1.57 10.34
CA HIS A 770 15.60 -1.59 11.76
C HIS A 770 15.42 -0.18 12.31
N VAL A 771 15.16 0.80 11.43
CA VAL A 771 15.02 2.24 11.83
C VAL A 771 13.84 2.41 12.78
N GLU A 772 12.81 1.56 12.70
CA GLU A 772 11.65 1.58 13.64
C GLU A 772 12.13 1.46 15.09
N LYS A 773 13.26 0.79 15.34
CA LYS A 773 13.84 0.59 16.70
C LYS A 773 14.80 1.74 17.08
N LEU A 774 15.10 2.68 16.18
CA LEU A 774 15.95 3.86 16.54
C LEU A 774 15.09 4.84 17.34
N PRO A 775 15.70 5.78 18.10
CA PRO A 775 14.93 6.59 19.06
C PRO A 775 13.87 7.51 18.43
N ASN A 776 12.76 7.67 19.14
CA ASN A 776 11.69 8.66 18.85
C ASN A 776 12.01 9.99 19.54
N GLU A 777 13.11 10.07 20.30
CA GLU A 777 13.56 11.32 20.97
C GLU A 777 14.66 11.95 20.13
N PRO A 778 14.61 13.28 19.87
CA PRO A 778 15.69 13.97 19.17
C PRO A 778 17.02 13.95 19.95
N ASN A 779 18.13 14.19 19.23
CA ASN A 779 19.48 14.43 19.80
C ASN A 779 20.07 13.17 20.43
N ARG A 780 19.67 11.99 19.96
CA ARG A 780 20.27 10.70 20.39
C ARG A 780 21.06 10.08 19.23
N LEU A 781 21.01 10.68 18.03
CA LEU A 781 21.64 10.11 16.81
C LEU A 781 22.27 11.21 15.97
N LEU A 782 23.59 11.13 15.80
CA LEU A 782 24.37 11.98 14.88
C LEU A 782 25.03 11.08 13.84
N ILE A 783 24.77 11.35 12.56
CA ILE A 783 25.36 10.61 11.41
C ILE A 783 26.40 11.52 10.75
N LEU A 784 27.58 10.98 10.46
CA LEU A 784 28.70 11.68 9.80
C LEU A 784 29.10 10.87 8.58
N HIS A 785 29.33 11.50 7.43
CA HIS A 785 29.75 10.75 6.21
C HIS A 785 30.52 11.67 5.24
N GLY A 786 31.64 11.18 4.72
CA GLY A 786 32.36 11.79 3.59
C GLY A 786 31.57 11.59 2.31
N PHE A 787 31.26 12.68 1.61
CA PHE A 787 30.39 12.69 0.42
C PHE A 787 31.01 11.83 -0.70
N LEU A 788 32.34 11.83 -0.82
CA LEU A 788 33.09 11.19 -1.92
C LEU A 788 33.55 9.78 -1.56
N ASP A 789 33.09 9.20 -0.44
CA ASP A 789 33.49 7.85 0.02
C ASP A 789 33.24 6.84 -1.12
N GLU A 790 34.29 6.18 -1.60
CA GLU A 790 34.26 5.19 -2.71
C GLU A 790 34.18 3.77 -2.15
N ASN A 791 34.23 3.58 -0.82
CA ASN A 791 34.15 2.24 -0.17
C ASN A 791 32.79 2.10 0.50
N VAL A 792 32.55 2.89 1.56
CA VAL A 792 31.22 3.00 2.21
C VAL A 792 30.50 4.18 1.53
N HIS A 793 29.77 3.89 0.45
CA HIS A 793 29.14 4.95 -0.38
C HIS A 793 28.24 5.80 0.51
N PHE A 794 28.18 7.10 0.23
CA PHE A 794 27.21 8.03 0.87
C PHE A 794 25.79 7.43 0.80
N PHE A 795 25.51 6.62 -0.23
CA PHE A 795 24.24 5.86 -0.36
C PHE A 795 23.80 5.24 0.98
N HIS A 796 24.73 4.67 1.75
CA HIS A 796 24.41 4.00 3.05
C HIS A 796 23.72 5.00 3.98
N THR A 797 24.24 6.22 4.07
CA THR A 797 23.65 7.32 4.90
C THR A 797 22.36 7.81 4.25
N ASN A 798 22.38 8.04 2.94
CA ASN A 798 21.19 8.51 2.19
C ASN A 798 20.04 7.54 2.39
N PHE A 799 20.30 6.23 2.29
CA PHE A 799 19.27 5.18 2.45
C PHE A 799 18.78 5.18 3.90
N LEU A 800 19.70 5.23 4.87
CA LEU A 800 19.34 5.31 6.31
C LEU A 800 18.42 6.50 6.55
N VAL A 801 18.76 7.67 6.00
CA VAL A 801 17.93 8.91 6.16
C VAL A 801 16.55 8.68 5.54
N SER A 802 16.48 8.11 4.33
N SER A 802 16.48 8.11 4.33
CA SER A 802 15.23 7.79 3.61
CA SER A 802 15.21 7.80 3.61
C SER A 802 14.34 6.91 4.50
C SER A 802 14.34 6.91 4.50
N GLN A 803 14.93 5.92 5.18
CA GLN A 803 14.23 5.00 6.11
C GLN A 803 13.81 5.74 7.39
N LEU A 804 14.68 6.58 7.95
CA LEU A 804 14.37 7.39 9.16
C LEU A 804 13.15 8.29 8.88
N ILE A 805 13.08 8.91 7.70
CA ILE A 805 11.95 9.77 7.26
C ILE A 805 10.67 8.94 7.23
N ARG A 806 10.70 7.79 6.56
CA ARG A 806 9.52 6.89 6.42
C ARG A 806 9.03 6.40 7.78
N ALA A 807 9.94 6.18 8.74
CA ALA A 807 9.60 5.71 10.11
C ALA A 807 9.30 6.89 11.04
N GLY A 808 9.40 8.14 10.55
CA GLY A 808 9.14 9.37 11.31
C GLY A 808 10.09 9.56 12.48
N LYS A 809 11.37 9.24 12.31
CA LYS A 809 12.42 9.35 13.36
C LYS A 809 13.23 10.63 13.15
N PRO A 810 13.64 11.32 14.23
CA PRO A 810 14.57 12.45 14.13
C PRO A 810 16.00 11.93 13.92
N TYR A 811 16.85 12.75 13.33
CA TYR A 811 18.30 12.49 13.15
C TYR A 811 19.02 13.82 13.00
N GLN A 812 20.31 13.84 13.35
CA GLN A 812 21.26 14.92 13.01
C GLN A 812 22.26 14.37 12.00
N LEU A 813 22.73 15.22 11.09
CA LEU A 813 23.60 14.83 9.96
C LEU A 813 24.70 15.89 9.78
N GLN A 814 25.94 15.42 9.61
CA GLN A 814 27.05 16.24 9.08
C GLN A 814 27.62 15.52 7.87
N ILE A 815 27.92 16.27 6.80
N ILE A 815 27.93 16.27 6.81
CA ILE A 815 28.62 15.72 5.61
CA ILE A 815 28.60 15.77 5.57
C ILE A 815 29.98 16.42 5.49
C ILE A 815 29.99 16.42 5.51
N TYR A 816 30.97 15.70 4.98
CA TYR A 816 32.32 16.21 4.65
C TYR A 816 32.39 16.16 3.12
N PRO A 817 31.97 17.24 2.43
CA PRO A 817 31.86 17.25 0.96
C PRO A 817 33.17 16.92 0.22
N ASN A 818 34.33 17.25 0.81
CA ASN A 818 35.65 17.09 0.16
C ASN A 818 36.36 15.82 0.64
N GLU A 819 35.70 14.95 1.42
CA GLU A 819 36.35 13.74 1.97
C GLU A 819 35.78 12.48 1.31
N ARG A 820 36.66 11.52 1.05
CA ARG A 820 36.32 10.11 0.75
C ARG A 820 36.07 9.40 2.09
N HIS A 821 36.63 8.22 2.32
CA HIS A 821 36.26 7.42 3.54
C HIS A 821 36.76 8.12 4.80
N SER A 822 38.04 8.45 4.85
CA SER A 822 38.70 9.02 6.05
C SER A 822 38.84 10.54 5.88
N ILE A 823 38.77 11.28 6.99
CA ILE A 823 38.93 12.76 7.01
C ILE A 823 40.43 13.07 6.94
N ARG A 824 40.89 13.68 5.84
CA ARG A 824 42.32 14.01 5.57
C ARG A 824 42.57 15.52 5.72
N CSO A 825 41.63 16.38 5.35
CA CSO A 825 41.77 17.85 5.46
CB CSO A 825 40.71 18.58 4.67
SG CSO A 825 40.72 18.23 2.88
C CSO A 825 41.73 18.25 6.93
O CSO A 825 40.87 17.82 7.67
OD CSO A 825 42.13 18.88 2.31
N PRO A 826 42.71 19.07 7.42
CA PRO A 826 42.70 19.54 8.80
C PRO A 826 41.43 20.30 9.21
N GLU A 827 40.85 21.11 8.32
CA GLU A 827 39.63 21.90 8.60
C GLU A 827 38.47 20.95 8.90
N SER A 828 38.33 19.90 8.09
CA SER A 828 37.29 18.84 8.27
C SER A 828 37.51 18.09 9.59
N GLY A 829 38.75 17.69 9.87
CA GLY A 829 39.13 16.98 11.10
C GLY A 829 38.80 17.80 12.34
N GLU A 830 39.17 19.08 12.35
CA GLU A 830 38.86 20.02 13.46
C GLU A 830 37.35 20.15 13.61
N HIS A 831 36.63 20.35 12.51
CA HIS A 831 35.15 20.56 12.52
C HIS A 831 34.46 19.32 13.10
N TYR A 832 34.88 18.13 12.67
CA TYR A 832 34.39 16.83 13.21
C TYR A 832 34.58 16.82 14.73
N GLU A 833 35.78 17.12 15.22
CA GLU A 833 36.11 16.99 16.67
C GLU A 833 35.33 18.05 17.47
N VAL A 834 35.23 19.28 16.95
CA VAL A 834 34.44 20.36 17.60
C VAL A 834 32.99 19.90 17.68
N THR A 835 32.45 19.37 16.57
CA THR A 835 31.04 18.89 16.49
C THR A 835 30.83 17.77 17.51
N LEU A 836 31.77 16.84 17.61
CA LEU A 836 31.71 15.70 18.58
C LEU A 836 31.60 16.26 20.00
N LEU A 837 32.50 17.19 20.37
CA LEU A 837 32.52 17.78 21.74
C LEU A 837 31.21 18.53 22.00
N HIS A 838 30.70 19.29 21.02
CA HIS A 838 29.44 20.07 21.15
C HIS A 838 28.27 19.10 21.36
N PHE A 839 28.14 18.08 20.51
CA PHE A 839 27.03 17.10 20.59
C PHE A 839 27.03 16.44 21.98
N LEU A 840 28.19 15.97 22.46
CA LEU A 840 28.31 15.31 23.79
C LEU A 840 27.97 16.30 24.92
N GLN A 841 28.49 17.53 24.88
CA GLN A 841 28.27 18.52 25.97
C GLN A 841 26.78 18.85 26.03
N GLU A 842 26.09 18.94 24.89
CA GLU A 842 24.66 19.36 24.86
C GLU A 842 23.73 18.18 25.15
N TYR A 843 24.05 16.96 24.71
CA TYR A 843 23.05 15.87 24.57
C TYR A 843 23.37 14.61 25.37
N LEU A 844 24.60 14.42 25.87
CA LEU A 844 24.94 13.25 26.71
C LEU A 844 24.61 13.58 28.17
N HIS A 845 23.34 13.43 28.57
CA HIS A 845 22.79 13.78 29.92
C HIS A 845 21.68 12.81 30.37
N HIS A 846 21.22 12.94 31.62
CA HIS A 846 20.13 12.17 32.26
C HIS A 846 20.64 10.78 32.65
N PRO B 1 -18.05 23.30 48.19
CA PRO B 1 -18.75 22.91 46.97
C PRO B 1 -19.36 21.50 47.05
N ALA B 2 -19.94 21.05 45.94
CA ALA B 2 -20.85 19.89 45.90
C ALA B 2 -20.06 18.57 46.05
N ALA B 3 -20.64 17.62 46.79
CA ALA B 3 -20.19 16.21 46.90
C ALA B 3 -20.60 15.44 45.63
N ARG B 4 -19.90 14.35 45.36
CA ARG B 4 -20.13 13.53 44.14
C ARG B 4 -20.96 12.31 44.52
N PHE B 5 -22.20 12.23 44.01
CA PHE B 5 -23.13 11.11 44.29
C PHE B 5 -22.60 9.83 43.64
N GLN B 6 -22.63 8.74 44.38
CA GLN B 6 -22.21 7.39 43.93
C GLN B 6 -23.45 6.53 43.82
N VAL B 7 -23.74 6.04 42.62
CA VAL B 7 -24.83 5.04 42.38
C VAL B 7 -24.40 3.75 43.08
N GLN B 8 -25.35 3.11 43.77
N GLN B 8 -25.34 3.09 43.77
CA GLN B 8 -25.17 1.80 44.44
CA GLN B 8 -25.07 1.82 44.48
C GLN B 8 -24.82 0.75 43.38
C GLN B 8 -24.82 0.74 43.43
N LYS B 9 -23.72 0.00 43.60
CA LYS B 9 -23.38 -1.19 42.79
C LYS B 9 -24.34 -2.34 43.12
N HIS B 10 -24.85 -3.04 42.11
CA HIS B 10 -25.70 -4.25 42.25
C HIS B 10 -25.03 -5.41 41.50
N SER B 11 -25.30 -6.63 41.95
CA SER B 11 -24.99 -7.85 41.18
C SER B 11 -25.80 -7.80 39.88
N TRP B 12 -25.38 -8.56 38.89
CA TRP B 12 -26.10 -8.71 37.60
C TRP B 12 -27.54 -9.15 37.88
N ASP B 13 -27.76 -10.17 38.73
CA ASP B 13 -29.12 -10.65 39.10
C ASP B 13 -29.88 -9.54 39.85
N GLY B 14 -29.19 -8.72 40.65
CA GLY B 14 -29.76 -7.53 41.31
C GLY B 14 -30.28 -6.54 40.27
N LEU B 15 -29.51 -6.28 39.21
CA LEU B 15 -29.93 -5.38 38.11
C LEU B 15 -31.12 -5.99 37.37
N ARG B 16 -31.14 -7.32 37.15
CA ARG B 16 -32.29 -8.03 36.52
C ARG B 16 -33.57 -7.80 37.32
N SER B 17 -33.49 -7.91 38.65
N SER B 17 -33.50 -7.90 38.65
CA SER B 17 -34.60 -7.68 39.60
CA SER B 17 -34.65 -7.68 39.57
C SER B 17 -35.12 -6.24 39.49
C SER B 17 -35.14 -6.23 39.48
N ILE B 18 -34.23 -5.26 39.46
CA ILE B 18 -34.59 -3.80 39.30
C ILE B 18 -35.34 -3.62 37.96
N ILE B 19 -34.79 -4.15 36.85
CA ILE B 19 -35.42 -4.00 35.51
C ILE B 19 -36.77 -4.74 35.48
N HIS B 20 -36.80 -5.99 35.95
CA HIS B 20 -38.04 -6.80 35.95
C HIS B 20 -39.11 -6.09 36.80
N GLY B 21 -38.73 -5.59 37.97
CA GLY B 21 -39.60 -4.80 38.88
C GLY B 21 -40.14 -3.54 38.21
N SER B 22 -39.27 -2.77 37.55
CA SER B 22 -39.62 -1.50 36.86
C SER B 22 -40.77 -1.75 35.88
N ARG B 23 -40.73 -2.86 35.14
CA ARG B 23 -41.71 -3.16 34.07
C ARG B 23 -42.99 -3.82 34.64
N LYS B 24 -43.10 -4.02 35.95
CA LYS B 24 -44.37 -4.39 36.65
C LYS B 24 -45.38 -3.24 36.47
N LYS B 32 -52.84 0.00 24.58
CA LYS B 32 -54.17 -0.01 25.23
C LYS B 32 -55.12 1.03 24.62
N ALA B 33 -54.61 2.09 23.97
CA ALA B 33 -55.42 3.23 23.45
C ALA B 33 -56.22 2.81 22.22
N PRO B 34 -57.53 3.13 22.14
CA PRO B 34 -58.29 2.90 20.92
C PRO B 34 -57.83 3.88 19.83
N HIS B 35 -57.91 3.47 18.55
CA HIS B 35 -57.38 4.22 17.39
C HIS B 35 -58.10 3.81 16.10
N ASP B 36 -57.81 4.52 15.00
CA ASP B 36 -58.40 4.30 13.65
C ASP B 36 -59.92 4.44 13.75
N PHE B 37 -60.37 5.64 14.09
CA PHE B 37 -61.78 5.97 14.44
C PHE B 37 -62.60 6.19 13.18
N GLN B 38 -63.82 5.66 13.13
CA GLN B 38 -64.87 5.99 12.14
C GLN B 38 -66.15 6.35 12.89
N PHE B 39 -66.60 7.60 12.77
CA PHE B 39 -67.93 8.08 13.20
C PHE B 39 -68.95 7.77 12.11
N VAL B 40 -70.02 7.06 12.48
CA VAL B 40 -71.24 6.90 11.65
C VAL B 40 -72.42 7.46 12.45
N GLN B 41 -73.20 8.36 11.83
CA GLN B 41 -74.47 8.86 12.40
C GLN B 41 -75.51 7.72 12.40
N LYS B 42 -76.34 7.67 13.43
CA LYS B 42 -77.57 6.85 13.48
C LYS B 42 -78.74 7.76 13.09
N THR B 43 -79.64 7.23 12.26
CA THR B 43 -80.81 7.95 11.68
C THR B 43 -82.08 7.26 12.16
N ASP B 44 -82.21 7.10 13.48
CA ASP B 44 -83.42 6.61 14.18
C ASP B 44 -83.66 7.53 15.40
N GLU B 45 -84.67 8.39 15.30
CA GLU B 45 -85.02 9.42 16.32
C GLU B 45 -85.45 8.77 17.64
N SER B 46 -86.02 7.55 17.60
CA SER B 46 -86.51 6.78 18.78
C SER B 46 -85.35 6.30 19.65
N GLY B 47 -84.24 5.87 19.04
CA GLY B 47 -83.05 5.34 19.75
C GLY B 47 -82.31 6.43 20.53
N PRO B 48 -81.55 6.08 21.60
CA PRO B 48 -80.87 7.08 22.44
C PRO B 48 -79.49 7.56 21.94
N HIS B 49 -78.98 6.96 20.85
CA HIS B 49 -77.60 7.16 20.34
C HIS B 49 -77.59 7.98 19.05
N SER B 50 -76.77 9.03 19.00
CA SER B 50 -76.55 9.92 17.83
C SER B 50 -75.62 9.25 16.83
N HIS B 51 -74.61 8.53 17.32
CA HIS B 51 -73.55 7.90 16.49
C HIS B 51 -73.18 6.52 17.00
N ARG B 52 -72.65 5.68 16.10
CA ARG B 52 -71.76 4.54 16.44
C ARG B 52 -70.34 4.95 16.05
N LEU B 53 -69.39 4.73 16.95
CA LEU B 53 -67.96 5.02 16.77
C LEU B 53 -67.20 3.71 16.69
N TYR B 54 -66.65 3.40 15.52
CA TYR B 54 -65.83 2.18 15.26
C TYR B 54 -64.36 2.54 15.45
N TYR B 55 -63.55 1.57 15.89
CA TYR B 55 -62.10 1.74 16.15
C TYR B 55 -61.44 0.38 16.33
N LEU B 56 -60.11 0.38 16.33
CA LEU B 56 -59.26 -0.77 16.74
C LEU B 56 -58.84 -0.55 18.19
N GLY B 57 -58.78 -1.63 18.98
CA GLY B 57 -58.48 -1.55 20.41
C GLY B 57 -58.19 -2.92 20.98
N MET B 58 -57.34 -2.93 21.99
CA MET B 58 -57.10 -4.08 22.88
C MET B 58 -57.61 -3.66 24.26
N PRO B 59 -58.80 -4.11 24.71
CA PRO B 59 -59.19 -3.96 26.11
C PRO B 59 -58.29 -4.83 27.01
N TYR B 60 -58.32 -4.60 28.32
CA TYR B 60 -57.40 -5.20 29.31
C TYR B 60 -57.56 -6.74 29.35
N GLY B 61 -58.77 -7.29 29.15
CA GLY B 61 -59.02 -8.74 29.04
C GLY B 61 -58.40 -9.34 27.80
N SER B 62 -58.54 -8.66 26.65
CA SER B 62 -58.02 -9.07 25.32
C SER B 62 -56.50 -9.13 25.32
N ARG B 63 -55.93 -9.99 24.46
CA ARG B 63 -54.46 -10.12 24.23
C ARG B 63 -54.11 -9.73 22.79
N GLU B 64 -55.07 -9.26 21.97
CA GLU B 64 -54.80 -8.75 20.58
C GLU B 64 -55.77 -7.61 20.21
N ASN B 65 -55.30 -6.72 19.32
CA ASN B 65 -56.11 -5.66 18.66
C ASN B 65 -57.25 -6.30 17.87
N SER B 66 -58.48 -5.80 18.03
CA SER B 66 -59.65 -6.21 17.22
C SER B 66 -60.56 -5.02 16.91
N LEU B 67 -61.55 -5.25 16.04
CA LEU B 67 -62.56 -4.25 15.63
C LEU B 67 -63.58 -4.09 16.75
N LEU B 68 -63.74 -2.86 17.25
CA LEU B 68 -64.65 -2.51 18.37
C LEU B 68 -65.55 -1.36 17.92
N TYR B 69 -66.62 -1.13 18.65
CA TYR B 69 -67.50 0.06 18.54
C TYR B 69 -67.92 0.51 19.94
N SER B 70 -68.29 1.78 20.04
CA SER B 70 -68.95 2.39 21.22
C SER B 70 -70.14 3.23 20.74
N GLU B 71 -71.18 3.31 21.56
CA GLU B 71 -72.44 4.04 21.27
C GLU B 71 -72.31 5.45 21.86
N ILE B 72 -72.52 6.49 21.03
CA ILE B 72 -72.48 7.90 21.48
C ILE B 72 -73.91 8.33 21.77
N PRO B 73 -74.26 8.65 23.03
CA PRO B 73 -75.63 9.06 23.38
C PRO B 73 -75.99 10.48 22.88
N LYS B 74 -77.28 10.71 22.65
CA LYS B 74 -77.86 12.04 22.30
C LYS B 74 -77.77 12.98 23.51
N LYS B 75 -77.85 12.46 24.73
CA LYS B 75 -77.91 13.26 25.99
C LYS B 75 -76.98 12.63 27.04
N VAL B 76 -76.31 13.48 27.84
CA VAL B 76 -75.42 13.08 28.97
C VAL B 76 -75.77 13.92 30.20
N ARG B 77 -75.69 13.31 31.39
CA ARG B 77 -75.75 14.03 32.71
C ARG B 77 -74.54 14.96 32.79
N LYS B 78 -74.78 16.27 32.96
CA LYS B 78 -73.73 17.33 32.96
C LYS B 78 -72.74 17.12 34.11
N GLU B 79 -73.24 16.67 35.28
CA GLU B 79 -72.46 16.59 36.55
C GLU B 79 -71.96 15.16 36.79
N ALA B 80 -71.47 14.46 35.75
CA ALA B 80 -71.01 13.04 35.80
C ALA B 80 -70.24 12.66 34.53
N LEU B 81 -69.19 11.85 34.69
CA LEU B 81 -68.23 11.44 33.62
C LEU B 81 -68.66 10.10 33.04
N LEU B 82 -69.13 10.08 31.79
CA LEU B 82 -69.57 8.84 31.10
C LEU B 82 -68.34 8.14 30.50
N LEU B 83 -68.05 6.92 30.97
CA LEU B 83 -67.00 6.03 30.40
C LEU B 83 -67.70 5.07 29.44
N LEU B 84 -67.45 5.23 28.13
CA LEU B 84 -68.12 4.45 27.07
C LEU B 84 -67.65 3.00 27.15
N SER B 85 -68.58 2.08 27.01
CA SER B 85 -68.32 0.62 26.95
C SER B 85 -67.71 0.27 25.58
N TRP B 86 -66.67 -0.57 25.55
CA TRP B 86 -66.03 -1.10 24.31
C TRP B 86 -66.75 -2.38 23.92
N LYS B 87 -67.50 -2.36 22.82
CA LYS B 87 -68.28 -3.53 22.34
C LYS B 87 -67.49 -4.22 21.23
N GLN B 88 -67.41 -5.54 21.27
CA GLN B 88 -66.72 -6.39 20.26
C GLN B 88 -67.59 -6.46 19.00
N MET B 89 -66.97 -6.33 17.83
CA MET B 89 -67.62 -6.59 16.51
C MET B 89 -67.48 -8.06 16.14
N LEU B 90 -66.36 -8.70 16.50
CA LEU B 90 -65.99 -10.06 16.03
C LEU B 90 -66.07 -11.05 17.20
N ASP B 91 -66.76 -12.18 16.98
CA ASP B 91 -67.04 -13.23 18.00
C ASP B 91 -65.81 -14.14 18.13
N HIS B 92 -65.14 -14.09 19.31
CA HIS B 92 -64.01 -14.96 19.73
C HIS B 92 -63.18 -15.41 18.52
N PHE B 93 -62.38 -14.49 17.96
CA PHE B 93 -61.67 -14.63 16.67
C PHE B 93 -60.19 -14.30 16.88
N GLN B 94 -59.29 -15.22 16.51
CA GLN B 94 -57.80 -15.06 16.61
C GLN B 94 -57.28 -14.48 15.29
N ALA B 95 -57.17 -13.15 15.20
CA ALA B 95 -56.65 -12.38 14.04
C ALA B 95 -55.15 -12.63 13.85
N THR B 96 -54.41 -12.84 14.94
CA THR B 96 -52.94 -13.11 14.93
C THR B 96 -52.69 -14.50 14.36
N PRO B 97 -51.64 -14.72 13.53
CA PRO B 97 -51.21 -16.07 13.14
C PRO B 97 -50.46 -16.81 14.26
N HIS B 98 -50.19 -18.11 14.06
CA HIS B 98 -49.59 -19.03 15.06
C HIS B 98 -48.21 -18.53 15.49
N HIS B 99 -47.98 -18.41 16.81
CA HIS B 99 -46.72 -17.95 17.45
C HIS B 99 -46.37 -16.51 17.03
N GLY B 100 -47.37 -15.72 16.62
CA GLY B 100 -47.22 -14.34 16.11
C GLY B 100 -46.19 -14.22 14.99
N VAL B 101 -46.04 -15.26 14.16
CA VAL B 101 -45.09 -15.31 12.99
C VAL B 101 -45.90 -14.93 11.74
N TYR B 102 -45.70 -13.69 11.26
CA TYR B 102 -46.34 -13.15 10.03
C TYR B 102 -45.53 -13.59 8.80
N SER B 103 -46.15 -13.56 7.61
CA SER B 103 -45.47 -13.67 6.28
C SER B 103 -44.43 -12.55 6.16
N ARG B 104 -43.42 -12.71 5.30
CA ARG B 104 -42.35 -11.69 5.10
C ARG B 104 -42.97 -10.34 4.75
N GLU B 105 -44.00 -10.35 3.88
CA GLU B 105 -44.71 -9.14 3.40
C GLU B 105 -45.35 -8.43 4.61
N GLU B 106 -46.14 -9.15 5.41
CA GLU B 106 -46.89 -8.58 6.58
C GLU B 106 -45.92 -8.19 7.69
N GLU B 107 -44.85 -8.98 7.91
CA GLU B 107 -43.81 -8.73 8.94
C GLU B 107 -43.07 -7.42 8.63
N LEU B 108 -42.59 -7.25 7.40
CA LEU B 108 -41.82 -6.04 6.96
C LEU B 108 -42.73 -4.79 6.99
N LEU B 109 -44.02 -4.93 6.67
CA LEU B 109 -45.00 -3.81 6.68
C LEU B 109 -45.21 -3.31 8.12
N ARG B 110 -45.31 -4.23 9.09
CA ARG B 110 -45.43 -3.93 10.54
C ARG B 110 -44.15 -3.24 11.05
N GLU B 111 -42.99 -3.63 10.55
CA GLU B 111 -41.68 -2.99 10.88
C GLU B 111 -41.65 -1.55 10.37
N ARG B 112 -42.09 -1.32 9.13
CA ARG B 112 -42.02 0.00 8.45
C ARG B 112 -43.10 0.95 9.00
N LYS B 113 -44.26 0.43 9.40
CA LYS B 113 -45.39 1.22 9.98
C LYS B 113 -45.24 1.34 11.51
N ARG B 114 -44.16 0.80 12.11
CA ARG B 114 -43.85 0.85 13.56
C ARG B 114 -45.04 0.27 14.35
N LEU B 115 -45.59 -0.86 13.90
CA LEU B 115 -46.70 -1.58 14.58
C LEU B 115 -46.13 -2.65 15.52
N GLY B 116 -46.35 -2.49 16.83
CA GLY B 116 -45.94 -3.44 17.89
C GLY B 116 -47.02 -4.44 18.24
N VAL B 117 -48.29 -4.00 18.28
CA VAL B 117 -49.47 -4.81 18.71
C VAL B 117 -49.71 -5.95 17.71
N PHE B 118 -50.28 -7.05 18.19
CA PHE B 118 -50.73 -8.22 17.37
C PHE B 118 -52.24 -8.11 17.12
N GLY B 119 -52.71 -8.82 16.08
CA GLY B 119 -54.12 -8.83 15.64
C GLY B 119 -54.36 -7.85 14.50
N ILE B 120 -55.60 -7.39 14.34
CA ILE B 120 -56.02 -6.45 13.25
C ILE B 120 -55.39 -5.09 13.52
N THR B 121 -54.51 -4.61 12.62
CA THR B 121 -53.78 -3.33 12.76
C THR B 121 -54.30 -2.28 11.77
N SER B 122 -55.21 -2.63 10.86
CA SER B 122 -55.91 -1.68 9.95
C SER B 122 -57.16 -2.34 9.36
N TYR B 123 -58.13 -1.52 8.98
CA TYR B 123 -59.34 -1.94 8.24
C TYR B 123 -59.68 -0.87 7.20
N ASP B 124 -60.28 -1.27 6.08
CA ASP B 124 -60.96 -0.38 5.13
C ASP B 124 -62.47 -0.43 5.43
N PHE B 125 -63.14 0.71 5.36
CA PHE B 125 -64.57 0.88 5.70
C PHE B 125 -65.25 1.63 4.55
N HIS B 126 -66.38 1.12 4.08
CA HIS B 126 -67.30 1.77 3.10
C HIS B 126 -68.59 2.12 3.83
N SER B 127 -68.82 3.41 4.10
CA SER B 127 -69.87 3.90 5.03
C SER B 127 -71.27 3.59 4.48
N GLU B 128 -71.52 3.87 3.19
CA GLU B 128 -72.85 3.68 2.54
C GLU B 128 -73.33 2.23 2.72
N SER B 129 -72.46 1.25 2.47
CA SER B 129 -72.77 -0.20 2.53
C SER B 129 -72.51 -0.77 3.93
N GLY B 130 -71.67 -0.09 4.73
CA GLY B 130 -71.27 -0.57 6.07
C GLY B 130 -70.35 -1.78 5.99
N LEU B 131 -69.58 -1.90 4.90
CA LEU B 131 -68.63 -3.03 4.67
C LEU B 131 -67.29 -2.71 5.34
N PHE B 132 -66.78 -3.63 6.15
CA PHE B 132 -65.42 -3.61 6.74
C PHE B 132 -64.60 -4.69 6.05
N LEU B 133 -63.38 -4.36 5.65
CA LEU B 133 -62.45 -5.28 4.94
C LEU B 133 -61.10 -5.17 5.63
N PHE B 134 -60.49 -6.31 5.99
CA PHE B 134 -59.26 -6.33 6.81
C PHE B 134 -58.52 -7.66 6.66
N GLN B 135 -57.19 -7.59 6.83
CA GLN B 135 -56.28 -8.76 6.89
C GLN B 135 -56.38 -9.38 8.29
N ALA B 136 -56.32 -10.71 8.37
CA ALA B 136 -56.36 -11.51 9.61
C ALA B 136 -56.04 -12.97 9.29
N SER B 137 -55.28 -13.66 10.15
CA SER B 137 -55.02 -15.12 10.10
C SER B 137 -54.43 -15.51 8.73
N ASN B 138 -53.48 -14.71 8.24
CA ASN B 138 -52.77 -14.89 6.95
C ASN B 138 -53.77 -14.91 5.79
N SER B 139 -54.89 -14.17 5.88
CA SER B 139 -56.00 -14.18 4.89
C SER B 139 -56.72 -12.82 4.87
N LEU B 140 -57.83 -12.73 4.14
CA LEU B 140 -58.74 -11.56 4.10
C LEU B 140 -60.08 -11.97 4.68
N PHE B 141 -60.66 -11.09 5.50
CA PHE B 141 -61.98 -11.24 6.15
C PHE B 141 -62.78 -9.96 5.90
N HIS B 142 -64.10 -10.07 6.03
CA HIS B 142 -65.02 -8.92 5.97
C HIS B 142 -66.19 -9.14 6.94
N CYS B 143 -66.84 -8.05 7.33
CA CYS B 143 -68.12 -8.04 8.08
C CYS B 143 -68.89 -6.79 7.67
N ARG B 144 -70.19 -6.75 7.97
CA ARG B 144 -71.08 -5.61 7.64
C ARG B 144 -71.77 -5.13 8.91
N ASP B 145 -71.95 -3.81 9.04
CA ASP B 145 -72.67 -3.16 10.16
C ASP B 145 -73.11 -1.76 9.71
N GLY B 146 -74.32 -1.34 10.09
CA GLY B 146 -74.95 -0.11 9.60
C GLY B 146 -75.43 -0.26 8.16
N GLY B 147 -75.80 0.86 7.52
CA GLY B 147 -76.37 0.90 6.16
C GLY B 147 -77.69 0.14 6.08
N LYS B 148 -77.84 -0.71 5.06
CA LYS B 148 -79.04 -1.56 4.83
C LYS B 148 -79.12 -2.65 5.91
N ASN B 149 -77.98 -3.31 6.19
CA ASN B 149 -77.88 -4.49 7.09
C ASN B 149 -78.34 -4.16 8.52
N GLY B 150 -78.16 -2.91 8.97
CA GLY B 150 -78.53 -2.45 10.32
C GLY B 150 -77.45 -2.76 11.35
N PHE B 151 -77.56 -2.18 12.54
CA PHE B 151 -76.49 -2.16 13.60
C PHE B 151 -76.62 -3.38 14.51
N MET B 152 -75.56 -4.19 14.60
CA MET B 152 -75.49 -5.41 15.45
C MET B 152 -75.59 -5.00 16.93
N VAL B 153 -76.09 -5.92 17.76
CA VAL B 153 -76.16 -5.77 19.25
C VAL B 153 -75.25 -6.82 19.90
N SER B 154 -74.62 -7.73 19.13
CA SER B 154 -73.69 -8.77 19.65
C SER B 154 -72.66 -9.13 18.57
N PRO B 155 -71.46 -9.62 18.96
CA PRO B 155 -70.41 -9.88 17.98
C PRO B 155 -70.83 -10.95 16.95
N MET B 156 -70.76 -10.59 15.65
CA MET B 156 -70.92 -11.54 14.52
C MET B 156 -69.56 -12.19 14.20
N LYS B 157 -69.56 -13.26 13.42
CA LYS B 157 -68.32 -13.96 12.96
C LYS B 157 -67.88 -13.32 11.64
N PRO B 158 -66.58 -13.02 11.44
CA PRO B 158 -66.10 -12.46 10.18
C PRO B 158 -66.00 -13.54 9.09
N LEU B 159 -66.60 -13.27 7.92
CA LEU B 159 -66.58 -14.21 6.77
C LEU B 159 -65.24 -14.10 6.04
N GLU B 160 -64.47 -15.18 5.98
CA GLU B 160 -63.22 -15.27 5.18
C GLU B 160 -63.58 -15.12 3.70
N ILE B 161 -62.68 -14.50 2.92
CA ILE B 161 -62.83 -14.36 1.44
C ILE B 161 -61.91 -15.38 0.80
N LYS B 162 -62.49 -16.36 0.10
CA LYS B 162 -61.74 -17.47 -0.55
C LYS B 162 -60.98 -16.91 -1.75
N THR B 163 -59.85 -17.53 -2.10
CA THR B 163 -58.99 -17.16 -3.25
C THR B 163 -58.42 -18.43 -3.88
N GLN B 164 -58.11 -18.37 -5.18
CA GLN B 164 -57.30 -19.38 -5.90
C GLN B 164 -55.87 -18.85 -6.09
N CYS B 165 -55.56 -17.67 -5.57
CA CYS B 165 -54.18 -17.07 -5.62
C CYS B 165 -53.25 -17.85 -4.70
N SER B 166 -51.98 -17.95 -5.09
CA SER B 166 -50.85 -18.48 -4.26
C SER B 166 -50.11 -17.29 -3.63
N GLY B 167 -49.77 -17.36 -2.34
CA GLY B 167 -49.06 -16.30 -1.61
C GLY B 167 -50.00 -15.24 -1.08
N PRO B 168 -49.52 -14.26 -0.28
CA PRO B 168 -50.38 -13.29 0.39
C PRO B 168 -51.17 -12.36 -0.55
N ARG B 169 -52.38 -11.97 -0.14
CA ARG B 169 -53.19 -10.87 -0.72
C ARG B 169 -53.00 -9.62 0.13
N MET B 170 -52.17 -8.67 -0.33
CA MET B 170 -51.69 -7.51 0.46
C MET B 170 -52.46 -6.25 0.05
N ASP B 171 -52.52 -5.28 0.97
CA ASP B 171 -53.03 -3.90 0.72
C ASP B 171 -54.44 -3.95 0.12
N PRO B 172 -55.40 -4.66 0.78
CA PRO B 172 -56.76 -4.73 0.29
C PRO B 172 -57.53 -3.42 0.47
N LYS B 173 -58.34 -3.03 -0.51
CA LYS B 173 -59.16 -1.79 -0.47
C LYS B 173 -60.51 -2.04 -1.13
N ILE B 174 -61.58 -1.51 -0.53
CA ILE B 174 -62.94 -1.56 -1.10
C ILE B 174 -62.99 -0.54 -2.26
N CYS B 175 -63.62 -0.94 -3.37
CA CYS B 175 -63.95 -0.04 -4.50
C CYS B 175 -64.97 1.00 -4.04
N PRO B 176 -64.62 2.32 -3.98
CA PRO B 176 -65.54 3.34 -3.50
C PRO B 176 -66.85 3.47 -4.32
N ALA B 177 -66.76 3.31 -5.63
CA ALA B 177 -67.89 3.47 -6.59
C ALA B 177 -68.85 2.29 -6.46
N ASP B 178 -68.35 1.10 -6.12
CA ASP B 178 -69.16 -0.15 -6.09
C ASP B 178 -68.57 -1.11 -5.06
N PRO B 179 -69.13 -1.16 -3.83
CA PRO B 179 -68.54 -1.94 -2.74
C PRO B 179 -68.65 -3.48 -2.89
N ALA B 180 -69.28 -3.97 -3.96
CA ALA B 180 -69.23 -5.39 -4.38
C ALA B 180 -67.79 -5.78 -4.71
N PHE B 181 -66.96 -4.82 -5.15
CA PHE B 181 -65.55 -5.06 -5.58
C PHE B 181 -64.56 -4.56 -4.53
N PHE B 182 -63.46 -5.28 -4.41
CA PHE B 182 -62.25 -4.87 -3.66
C PHE B 182 -61.03 -5.22 -4.50
N SER B 183 -59.91 -4.55 -4.22
CA SER B 183 -58.60 -4.75 -4.88
C SER B 183 -57.61 -5.33 -3.88
N PHE B 184 -56.53 -5.92 -4.38
CA PHE B 184 -55.40 -6.40 -3.55
C PHE B 184 -54.19 -6.62 -4.45
N ILE B 185 -53.00 -6.67 -3.85
CA ILE B 185 -51.72 -7.04 -4.52
C ILE B 185 -51.45 -8.51 -4.22
N ASN B 186 -51.12 -9.28 -5.26
CA ASN B 186 -50.67 -10.68 -5.15
C ASN B 186 -49.47 -10.85 -6.09
N ASN B 187 -48.31 -11.26 -5.55
CA ASN B 187 -47.05 -11.49 -6.31
C ASN B 187 -46.79 -10.30 -7.23
N SER B 188 -46.80 -9.09 -6.65
CA SER B 188 -46.34 -7.83 -7.29
C SER B 188 -47.22 -7.42 -8.47
N ASP B 189 -48.49 -7.81 -8.46
CA ASP B 189 -49.48 -7.38 -9.47
C ASP B 189 -50.81 -7.08 -8.78
N LEU B 190 -51.58 -6.18 -9.40
CA LEU B 190 -52.89 -5.69 -8.92
C LEU B 190 -53.98 -6.65 -9.37
N TRP B 191 -54.82 -7.08 -8.44
CA TRP B 191 -56.02 -7.94 -8.67
C TRP B 191 -57.25 -7.17 -8.21
N VAL B 192 -58.40 -7.47 -8.79
CA VAL B 192 -59.73 -7.13 -8.21
C VAL B 192 -60.50 -8.44 -8.04
N ALA B 193 -61.47 -8.41 -7.13
CA ALA B 193 -62.38 -9.54 -6.85
C ALA B 193 -63.74 -8.96 -6.47
N ASN B 194 -64.78 -9.73 -6.76
CA ASN B 194 -66.18 -9.44 -6.38
C ASN B 194 -66.42 -10.22 -5.08
N ILE B 195 -66.71 -9.52 -3.99
CA ILE B 195 -66.84 -10.10 -2.63
C ILE B 195 -68.12 -10.94 -2.56
N GLU B 196 -69.15 -10.60 -3.34
CA GLU B 196 -70.48 -11.26 -3.36
C GLU B 196 -70.41 -12.53 -4.20
N THR B 197 -69.83 -12.49 -5.41
CA THR B 197 -69.81 -13.62 -6.39
C THR B 197 -68.57 -14.51 -6.16
N GLY B 198 -67.47 -13.95 -5.66
CA GLY B 198 -66.21 -14.67 -5.42
C GLY B 198 -65.31 -14.71 -6.64
N GLU B 199 -65.68 -14.05 -7.75
CA GLU B 199 -64.83 -13.93 -8.96
C GLU B 199 -63.58 -13.09 -8.62
N GLU B 200 -62.40 -13.57 -9.03
CA GLU B 200 -61.10 -12.84 -8.97
C GLU B 200 -60.63 -12.60 -10.40
N ARG B 201 -60.01 -11.45 -10.67
CA ARG B 201 -59.40 -11.14 -11.98
C ARG B 201 -58.11 -10.33 -11.77
N ARG B 202 -57.01 -10.83 -12.32
CA ARG B 202 -55.71 -10.11 -12.39
C ARG B 202 -55.83 -8.95 -13.39
N LEU B 203 -55.41 -7.74 -13.00
CA LEU B 203 -55.48 -6.53 -13.87
C LEU B 203 -54.12 -6.25 -14.52
N THR B 204 -53.01 -6.51 -13.81
CA THR B 204 -51.64 -6.18 -14.29
C THR B 204 -50.84 -7.48 -14.41
N PHE B 205 -49.89 -7.48 -15.36
CA PHE B 205 -49.09 -8.65 -15.80
C PHE B 205 -47.61 -8.24 -15.91
N CYS B 206 -47.13 -7.46 -14.93
N CYS B 206 -47.12 -7.46 -14.94
CA CYS B 206 -45.73 -6.97 -14.81
CA CYS B 206 -45.71 -6.98 -14.90
C CYS B 206 -44.83 -8.09 -14.31
C CYS B 206 -44.81 -8.07 -14.29
N HIS B 207 -45.32 -8.87 -13.35
CA HIS B 207 -44.58 -9.97 -12.69
C HIS B 207 -44.81 -11.26 -13.48
N GLN B 208 -43.77 -11.73 -14.19
CA GLN B 208 -43.81 -12.96 -15.04
C GLN B 208 -43.91 -14.20 -14.14
N GLY B 209 -43.40 -14.13 -12.91
CA GLY B 209 -43.35 -15.24 -11.94
C GLY B 209 -42.19 -16.18 -12.24
N LEU B 210 -41.10 -15.66 -12.84
CA LEU B 210 -39.89 -16.44 -13.23
C LEU B 210 -39.24 -17.02 -11.97
N SER B 211 -38.55 -18.16 -12.13
CA SER B 211 -37.88 -18.90 -11.05
C SER B 211 -36.73 -18.06 -10.47
N ASN B 212 -35.90 -17.45 -11.34
CA ASN B 212 -34.93 -16.39 -10.94
C ASN B 212 -35.67 -15.06 -10.75
N VAL B 213 -35.87 -14.67 -9.48
CA VAL B 213 -36.61 -13.44 -9.06
C VAL B 213 -35.90 -12.19 -9.60
N LEU B 214 -34.56 -12.21 -9.71
CA LEU B 214 -33.75 -11.03 -10.14
C LEU B 214 -33.90 -10.76 -11.64
N ASP B 215 -34.43 -11.73 -12.41
CA ASP B 215 -34.81 -11.56 -13.83
C ASP B 215 -36.27 -11.11 -13.95
N ASP B 216 -36.98 -10.93 -12.82
CA ASP B 216 -38.42 -10.59 -12.75
C ASP B 216 -38.62 -9.30 -11.97
N PRO B 217 -38.07 -8.15 -12.44
CA PRO B 217 -37.87 -6.96 -11.60
C PRO B 217 -38.97 -5.89 -11.64
N LYS B 218 -40.11 -6.17 -12.30
CA LYS B 218 -41.22 -5.19 -12.42
C LYS B 218 -42.31 -5.55 -11.42
N SER B 219 -42.94 -4.54 -10.81
N SER B 219 -42.95 -4.53 -10.83
CA SER B 219 -44.15 -4.68 -9.97
CA SER B 219 -44.13 -4.65 -9.94
C SER B 219 -45.16 -3.60 -10.34
C SER B 219 -45.17 -3.60 -10.37
N ALA B 220 -46.44 -3.86 -10.05
CA ALA B 220 -47.56 -2.90 -10.24
C ALA B 220 -48.32 -2.79 -8.91
N GLY B 221 -48.63 -1.55 -8.49
CA GLY B 221 -49.49 -1.30 -7.32
C GLY B 221 -48.72 -1.34 -6.01
N VAL B 222 -47.38 -1.44 -6.07
CA VAL B 222 -46.49 -1.69 -4.90
C VAL B 222 -45.62 -0.45 -4.65
N ALA B 223 -45.57 -0.01 -3.40
CA ALA B 223 -44.58 0.94 -2.86
C ALA B 223 -43.28 0.19 -2.60
N THR B 224 -42.18 0.61 -3.25
CA THR B 224 -40.85 -0.04 -3.11
C THR B 224 -40.20 0.39 -1.80
N PHE B 225 -39.03 -0.18 -1.50
CA PHE B 225 -38.31 -0.08 -0.21
C PHE B 225 -38.20 1.39 0.26
N VAL B 226 -37.58 2.25 -0.55
CA VAL B 226 -37.28 3.66 -0.17
C VAL B 226 -38.60 4.43 -0.01
N ILE B 227 -39.61 4.13 -0.81
CA ILE B 227 -40.93 4.82 -0.74
C ILE B 227 -41.58 4.51 0.61
N GLN B 228 -41.53 3.26 1.05
CA GLN B 228 -42.11 2.83 2.34
C GLN B 228 -41.26 3.38 3.49
N GLU B 229 -39.95 3.24 3.43
CA GLU B 229 -39.04 3.51 4.57
C GLU B 229 -38.78 5.02 4.69
N GLU B 230 -38.68 5.77 3.57
CA GLU B 230 -38.22 7.18 3.60
C GLU B 230 -39.31 8.18 3.19
N PHE B 231 -40.39 7.76 2.53
CA PHE B 231 -41.47 8.68 2.07
C PHE B 231 -42.82 8.36 2.72
N ASP B 232 -42.89 7.38 3.63
CA ASP B 232 -44.09 7.11 4.44
C ASP B 232 -45.29 6.79 3.52
N ARG B 233 -45.05 6.12 2.39
CA ARG B 233 -46.14 5.67 1.47
C ARG B 233 -46.08 4.15 1.39
N PHE B 234 -47.20 3.48 1.69
CA PHE B 234 -47.29 2.01 1.85
C PHE B 234 -48.23 1.41 0.80
N THR B 235 -48.67 2.20 -0.19
CA THR B 235 -49.51 1.71 -1.32
C THR B 235 -48.93 2.24 -2.62
N GLY B 236 -49.15 1.52 -3.72
CA GLY B 236 -48.78 1.97 -5.08
C GLY B 236 -49.98 2.00 -5.99
N TYR B 237 -51.20 2.14 -5.47
CA TYR B 237 -52.42 2.22 -6.30
C TYR B 237 -53.53 2.98 -5.56
N TRP B 238 -54.45 3.56 -6.33
CA TRP B 238 -55.51 4.49 -5.86
C TRP B 238 -56.76 4.27 -6.70
N TRP B 239 -57.83 3.81 -6.06
CA TRP B 239 -59.17 3.66 -6.69
C TRP B 239 -59.61 5.02 -7.22
N CYS B 240 -60.10 5.06 -8.44
CA CYS B 240 -60.94 6.18 -8.93
C CYS B 240 -62.22 6.14 -8.11
N PRO B 241 -62.67 7.26 -7.50
CA PRO B 241 -63.85 7.24 -6.63
C PRO B 241 -65.18 7.06 -7.36
N THR B 242 -65.21 7.24 -8.69
CA THR B 242 -66.44 7.19 -9.53
C THR B 242 -66.32 6.08 -10.58
N ALA B 243 -67.48 5.63 -11.08
CA ALA B 243 -67.63 4.75 -12.25
C ALA B 243 -67.78 5.61 -13.51
N SER B 244 -67.46 5.06 -14.67
CA SER B 244 -67.65 5.70 -16.00
C SER B 244 -68.30 4.70 -16.96
N TRP B 245 -68.83 5.20 -18.09
CA TRP B 245 -69.75 4.46 -19.00
C TRP B 245 -69.37 4.73 -20.47
N GLU B 246 -68.09 4.56 -20.82
CA GLU B 246 -67.53 4.77 -22.17
C GLU B 246 -67.80 3.54 -23.04
N GLY B 247 -67.90 3.70 -24.35
CA GLY B 247 -68.29 2.62 -25.28
C GLY B 247 -69.80 2.37 -25.26
N SER B 248 -70.34 1.84 -26.36
CA SER B 248 -71.80 1.75 -26.65
C SER B 248 -72.40 0.45 -26.10
N GLU B 249 -71.63 -0.35 -25.35
CA GLU B 249 -72.08 -1.66 -24.78
C GLU B 249 -72.79 -1.46 -23.42
N GLY B 250 -72.70 -0.26 -22.84
CA GLY B 250 -73.38 0.10 -21.57
C GLY B 250 -72.76 -0.56 -20.35
N LEU B 251 -71.49 -0.98 -20.43
CA LEU B 251 -70.75 -1.63 -19.32
C LEU B 251 -70.20 -0.55 -18.38
N LYS B 252 -70.24 -0.84 -17.08
CA LYS B 252 -69.72 0.07 -16.03
C LYS B 252 -68.22 -0.12 -15.96
N THR B 253 -67.45 0.94 -16.19
CA THR B 253 -65.97 0.96 -16.10
C THR B 253 -65.56 1.43 -14.70
N LEU B 254 -64.71 0.65 -14.04
CA LEU B 254 -64.05 1.00 -12.77
C LEU B 254 -62.55 1.13 -13.04
N ARG B 255 -61.93 2.15 -12.46
CA ARG B 255 -60.54 2.57 -12.73
C ARG B 255 -59.70 2.53 -11.46
N ILE B 256 -58.44 2.11 -11.61
CA ILE B 256 -57.38 2.19 -10.57
C ILE B 256 -56.16 2.86 -11.19
N LEU B 257 -55.70 3.97 -10.62
CA LEU B 257 -54.37 4.55 -10.88
C LEU B 257 -53.34 3.67 -10.15
N TYR B 258 -52.23 3.32 -10.79
CA TYR B 258 -51.17 2.53 -10.12
C TYR B 258 -49.79 2.97 -10.58
N GLU B 259 -48.80 2.80 -9.69
CA GLU B 259 -47.36 2.98 -9.98
C GLU B 259 -46.85 1.63 -10.48
N GLU B 260 -46.29 1.61 -11.69
CA GLU B 260 -45.47 0.49 -12.19
C GLU B 260 -44.01 0.84 -11.94
N VAL B 261 -43.22 -0.10 -11.39
CA VAL B 261 -41.78 0.13 -11.13
C VAL B 261 -40.99 -0.98 -11.82
N ASP B 262 -39.78 -0.64 -12.28
CA ASP B 262 -38.77 -1.59 -12.77
C ASP B 262 -37.50 -1.39 -11.93
N GLU B 263 -37.17 -2.40 -11.12
CA GLU B 263 -36.03 -2.38 -10.17
C GLU B 263 -34.80 -3.10 -10.72
N SER B 264 -34.77 -3.36 -12.04
N SER B 264 -34.75 -3.36 -12.05
CA SER B 264 -33.67 -4.04 -12.80
CA SER B 264 -33.66 -4.11 -12.72
C SER B 264 -32.30 -3.48 -12.40
C SER B 264 -32.29 -3.49 -12.40
N GLU B 265 -32.17 -2.15 -12.41
CA GLU B 265 -30.86 -1.45 -12.22
C GLU B 265 -30.58 -1.14 -10.75
N VAL B 266 -31.52 -1.42 -9.85
CA VAL B 266 -31.37 -1.14 -8.39
C VAL B 266 -30.51 -2.26 -7.79
N GLU B 267 -29.51 -1.86 -7.00
CA GLU B 267 -28.58 -2.78 -6.30
C GLU B 267 -29.36 -3.72 -5.37
N VAL B 268 -28.86 -4.95 -5.23
CA VAL B 268 -29.46 -6.03 -4.41
C VAL B 268 -28.57 -6.21 -3.18
N ILE B 269 -29.17 -6.23 -1.99
CA ILE B 269 -28.47 -6.59 -0.73
C ILE B 269 -29.26 -7.73 -0.07
N HIS B 270 -28.59 -8.48 0.79
CA HIS B 270 -29.18 -9.61 1.53
C HIS B 270 -29.22 -9.26 3.02
N VAL B 271 -30.37 -9.46 3.66
CA VAL B 271 -30.54 -9.22 5.12
C VAL B 271 -31.00 -10.54 5.73
N PRO B 272 -30.43 -10.99 6.86
CA PRO B 272 -30.90 -12.21 7.53
C PRO B 272 -32.41 -12.19 7.79
N SER B 273 -33.05 -13.33 7.59
CA SER B 273 -34.50 -13.57 7.82
C SER B 273 -34.70 -13.92 9.29
N PRO B 274 -35.87 -13.64 9.90
CA PRO B 274 -36.10 -13.92 11.32
C PRO B 274 -36.07 -15.40 11.75
N ALA B 275 -36.27 -16.36 10.85
CA ALA B 275 -36.12 -17.80 11.18
C ALA B 275 -34.62 -18.13 11.19
N LEU B 276 -33.93 -17.77 12.29
CA LEU B 276 -32.45 -17.85 12.41
C LEU B 276 -31.94 -19.25 12.06
N GLU B 277 -32.64 -20.29 12.53
CA GLU B 277 -32.24 -21.72 12.36
C GLU B 277 -32.20 -22.11 10.87
N GLU B 278 -32.90 -21.39 9.99
CA GLU B 278 -32.85 -21.66 8.52
C GLU B 278 -31.57 -21.07 7.90
N ARG B 279 -30.89 -20.13 8.56
CA ARG B 279 -29.63 -19.49 8.11
C ARG B 279 -29.78 -18.96 6.68
N LYS B 280 -30.90 -18.31 6.40
CA LYS B 280 -31.15 -17.67 5.08
C LYS B 280 -31.33 -16.17 5.28
N THR B 281 -31.23 -15.46 4.16
CA THR B 281 -31.44 -14.01 4.03
C THR B 281 -32.61 -13.79 3.09
N ASP B 282 -33.22 -12.59 3.13
CA ASP B 282 -34.14 -12.09 2.09
C ASP B 282 -33.36 -11.12 1.21
N SER B 283 -33.69 -11.06 -0.08
CA SER B 283 -33.12 -10.10 -1.05
C SER B 283 -33.94 -8.81 -1.05
N TYR B 284 -33.26 -7.68 -1.05
CA TYR B 284 -33.87 -6.33 -1.09
C TYR B 284 -33.27 -5.58 -2.27
N ARG B 285 -34.12 -4.90 -3.04
CA ARG B 285 -33.69 -3.84 -3.98
C ARG B 285 -33.45 -2.59 -3.14
N TYR B 286 -32.20 -2.37 -2.74
CA TYR B 286 -31.78 -1.31 -1.79
C TYR B 286 -31.02 -0.24 -2.57
N PRO B 287 -31.65 0.89 -2.92
CA PRO B 287 -30.97 1.98 -3.62
C PRO B 287 -30.04 2.70 -2.64
N ARG B 288 -28.74 2.39 -2.67
CA ARG B 288 -27.78 3.12 -1.82
C ARG B 288 -27.60 4.51 -2.42
N THR B 289 -27.37 5.49 -1.57
CA THR B 289 -27.14 6.91 -1.94
C THR B 289 -26.19 6.99 -3.14
N GLY B 290 -26.57 7.74 -4.17
CA GLY B 290 -25.76 7.96 -5.38
C GLY B 290 -25.99 6.91 -6.47
N SER B 291 -26.65 5.79 -6.17
CA SER B 291 -26.92 4.69 -7.12
C SER B 291 -28.35 4.82 -7.64
N LYS B 292 -28.79 3.90 -8.50
CA LYS B 292 -30.05 4.00 -9.27
C LYS B 292 -31.24 3.71 -8.37
N ASN B 293 -32.25 4.59 -8.42
CA ASN B 293 -33.61 4.33 -7.88
C ASN B 293 -34.38 3.53 -8.91
N PRO B 294 -35.53 2.92 -8.56
CA PRO B 294 -36.37 2.25 -9.55
C PRO B 294 -36.81 3.20 -10.67
N LYS B 295 -36.94 2.64 -11.88
CA LYS B 295 -37.61 3.32 -13.00
C LYS B 295 -39.12 3.22 -12.74
N ILE B 296 -39.85 4.34 -12.81
CA ILE B 296 -41.28 4.43 -12.38
C ILE B 296 -42.14 4.99 -13.53
N ALA B 297 -43.43 4.67 -13.50
CA ALA B 297 -44.47 5.29 -14.34
C ALA B 297 -45.81 5.18 -13.61
N LEU B 298 -46.71 6.14 -13.82
CA LEU B 298 -48.14 5.97 -13.46
C LEU B 298 -48.86 5.38 -14.67
N LYS B 299 -49.71 4.39 -14.40
CA LYS B 299 -50.56 3.73 -15.39
C LYS B 299 -51.98 3.70 -14.84
N LEU B 300 -52.90 3.23 -15.68
CA LEU B 300 -54.34 3.16 -15.35
C LEU B 300 -54.81 1.73 -15.66
N ALA B 301 -55.31 1.03 -14.65
CA ALA B 301 -55.97 -0.28 -14.75
C ALA B 301 -57.47 -0.03 -14.82
N GLU B 302 -58.14 -0.64 -15.81
CA GLU B 302 -59.59 -0.54 -16.02
C GLU B 302 -60.17 -1.95 -16.07
N PHE B 303 -61.39 -2.11 -15.59
CA PHE B 303 -62.20 -3.32 -15.83
C PHE B 303 -63.66 -2.89 -15.97
N GLN B 304 -64.42 -3.69 -16.70
CA GLN B 304 -65.84 -3.41 -17.04
C GLN B 304 -66.70 -4.48 -16.36
N THR B 305 -67.87 -4.07 -15.84
CA THR B 305 -68.81 -4.99 -15.14
C THR B 305 -70.19 -4.82 -15.76
N ASP B 306 -70.95 -5.92 -15.84
CA ASP B 306 -72.34 -5.94 -16.35
C ASP B 306 -73.30 -5.72 -15.16
N SER B 307 -74.60 -5.72 -15.43
CA SER B 307 -75.68 -5.50 -14.42
C SER B 307 -75.71 -6.62 -13.38
N GLN B 308 -75.20 -7.81 -13.70
CA GLN B 308 -75.10 -8.97 -12.78
C GLN B 308 -73.79 -8.94 -11.97
N GLY B 309 -72.90 -7.97 -12.21
CA GLY B 309 -71.65 -7.78 -11.44
C GLY B 309 -70.53 -8.69 -11.90
N LYS B 310 -70.64 -9.27 -13.09
CA LYS B 310 -69.56 -10.12 -13.69
C LYS B 310 -68.50 -9.19 -14.29
N ILE B 311 -67.22 -9.50 -14.12
CA ILE B 311 -66.09 -8.73 -14.74
C ILE B 311 -65.95 -9.22 -16.19
N VAL B 312 -66.40 -8.39 -17.14
CA VAL B 312 -66.49 -8.69 -18.60
C VAL B 312 -65.10 -8.56 -19.26
N SER B 313 -64.34 -7.53 -18.91
CA SER B 313 -63.02 -7.24 -19.52
C SER B 313 -62.12 -6.48 -18.54
N THR B 314 -60.81 -6.53 -18.79
CA THR B 314 -59.77 -5.75 -18.08
C THR B 314 -58.86 -5.11 -19.13
N GLN B 315 -58.16 -4.04 -18.76
CA GLN B 315 -57.24 -3.32 -19.68
C GLN B 315 -56.14 -2.62 -18.88
N GLU B 316 -54.87 -2.80 -19.25
CA GLU B 316 -53.75 -1.94 -18.84
C GLU B 316 -53.69 -0.75 -19.80
N LYS B 317 -53.74 0.48 -19.27
CA LYS B 317 -53.50 1.73 -20.04
C LYS B 317 -52.24 2.41 -19.51
N GLU B 318 -51.54 3.11 -20.41
CA GLU B 318 -50.29 3.82 -20.14
C GLU B 318 -50.38 5.23 -20.71
N LEU B 319 -49.53 6.13 -20.25
CA LEU B 319 -49.47 7.52 -20.77
C LEU B 319 -49.21 7.47 -22.28
N VAL B 320 -49.89 8.35 -23.01
CA VAL B 320 -49.85 8.44 -24.50
C VAL B 320 -48.40 8.66 -24.96
N GLN B 321 -47.60 9.43 -24.22
CA GLN B 321 -46.12 9.49 -24.38
C GLN B 321 -45.48 9.01 -23.07
N PRO B 322 -44.26 8.44 -23.09
CA PRO B 322 -43.68 7.84 -21.88
C PRO B 322 -43.58 8.83 -20.70
N PHE B 323 -43.83 8.33 -19.49
CA PHE B 323 -43.68 9.08 -18.21
C PHE B 323 -42.36 9.86 -18.22
N SER B 324 -41.26 9.21 -18.63
CA SER B 324 -39.88 9.79 -18.64
C SER B 324 -39.76 10.93 -19.66
N SER B 325 -40.57 10.94 -20.71
CA SER B 325 -40.62 12.03 -21.73
C SER B 325 -41.44 13.20 -21.20
N LEU B 326 -42.63 12.93 -20.67
CA LEU B 326 -43.58 13.97 -20.16
C LEU B 326 -42.98 14.67 -18.93
N PHE B 327 -42.33 13.91 -18.04
CA PHE B 327 -41.87 14.39 -16.71
C PHE B 327 -40.42 13.97 -16.51
N PRO B 328 -39.47 14.54 -17.30
CA PRO B 328 -38.11 14.02 -17.35
C PRO B 328 -37.26 14.24 -16.08
N LYS B 329 -37.62 15.19 -15.21
CA LYS B 329 -36.82 15.49 -13.99
C LYS B 329 -37.43 14.78 -12.77
N VAL B 330 -38.48 13.97 -12.93
CA VAL B 330 -39.16 13.26 -11.79
C VAL B 330 -38.35 12.02 -11.43
N GLU B 331 -37.93 11.92 -10.16
CA GLU B 331 -37.24 10.75 -9.57
C GLU B 331 -38.23 9.90 -8.77
N TYR B 332 -39.13 10.55 -8.01
CA TYR B 332 -40.06 9.87 -7.07
C TYR B 332 -41.49 10.37 -7.27
N ILE B 333 -42.45 9.47 -7.15
CA ILE B 333 -43.89 9.80 -6.90
C ILE B 333 -44.08 9.75 -5.39
N ALA B 334 -44.23 10.91 -4.75
CA ALA B 334 -44.42 11.01 -3.29
C ALA B 334 -45.81 10.48 -2.94
N ARG B 335 -46.82 11.01 -3.63
CA ARG B 335 -48.25 10.77 -3.33
C ARG B 335 -49.03 10.79 -4.64
N ALA B 336 -50.21 10.18 -4.65
CA ALA B 336 -51.16 10.24 -5.78
C ALA B 336 -52.58 10.04 -5.28
N GLY B 337 -53.56 10.24 -6.15
CA GLY B 337 -54.99 10.14 -5.83
C GLY B 337 -55.84 10.64 -6.98
N TRP B 338 -57.08 11.01 -6.68
CA TRP B 338 -58.09 11.49 -7.66
C TRP B 338 -58.79 12.71 -7.08
N THR B 339 -59.34 13.56 -7.95
CA THR B 339 -60.39 14.54 -7.58
C THR B 339 -61.65 13.74 -7.23
N ARG B 340 -62.54 14.28 -6.40
CA ARG B 340 -63.70 13.53 -5.82
C ARG B 340 -64.67 13.12 -6.93
N ASP B 341 -64.68 13.82 -8.06
CA ASP B 341 -65.53 13.52 -9.24
C ASP B 341 -64.86 12.51 -10.18
N GLY B 342 -63.60 12.13 -9.94
CA GLY B 342 -62.84 11.19 -10.81
C GLY B 342 -62.42 11.81 -12.12
N LYS B 343 -62.54 13.13 -12.27
CA LYS B 343 -62.24 13.84 -13.54
C LYS B 343 -60.74 13.83 -13.79
N TYR B 344 -59.94 13.97 -12.73
CA TYR B 344 -58.46 13.96 -12.81
C TYR B 344 -57.88 13.00 -11.78
N ALA B 345 -56.92 12.18 -12.20
CA ALA B 345 -55.89 11.61 -11.30
C ALA B 345 -54.93 12.74 -10.96
N TRP B 346 -54.29 12.69 -9.79
CA TRP B 346 -53.22 13.66 -9.46
C TRP B 346 -52.04 12.90 -8.86
N ALA B 347 -50.87 13.48 -9.00
CA ALA B 347 -49.61 12.96 -8.45
C ALA B 347 -48.75 14.12 -7.95
N MET B 348 -48.03 13.85 -6.88
CA MET B 348 -47.02 14.72 -6.28
C MET B 348 -45.66 14.14 -6.68
N PHE B 349 -44.90 14.87 -7.50
CA PHE B 349 -43.62 14.41 -8.11
C PHE B 349 -42.47 15.17 -7.45
N LEU B 350 -41.38 14.46 -7.14
CA LEU B 350 -40.12 15.04 -6.59
C LEU B 350 -38.97 14.79 -7.56
N ASP B 351 -38.07 15.77 -7.69
CA ASP B 351 -36.79 15.58 -8.40
C ASP B 351 -35.85 14.79 -7.48
N ARG B 352 -34.73 14.33 -8.02
CA ARG B 352 -33.76 13.50 -7.26
C ARG B 352 -33.16 14.30 -6.10
N PRO B 353 -32.72 15.57 -6.29
CA PRO B 353 -32.26 16.38 -5.16
C PRO B 353 -33.30 16.67 -4.06
N GLN B 354 -34.59 16.40 -4.32
CA GLN B 354 -35.72 16.63 -3.39
C GLN B 354 -35.79 18.13 -3.03
N GLN B 355 -35.56 19.00 -4.01
CA GLN B 355 -35.65 20.48 -3.87
C GLN B 355 -36.73 21.08 -4.78
N TRP B 356 -37.44 20.24 -5.52
CA TRP B 356 -38.43 20.67 -6.55
C TRP B 356 -39.58 19.66 -6.54
N LEU B 357 -40.77 20.11 -6.15
CA LEU B 357 -42.01 19.29 -6.12
C LEU B 357 -43.00 19.87 -7.12
N GLN B 358 -43.70 19.02 -7.87
CA GLN B 358 -44.86 19.40 -8.72
C GLN B 358 -46.09 18.60 -8.30
N LEU B 359 -47.24 19.27 -8.21
CA LEU B 359 -48.59 18.67 -8.16
C LEU B 359 -49.16 18.70 -9.58
N VAL B 360 -49.46 17.52 -10.13
CA VAL B 360 -49.83 17.35 -11.57
C VAL B 360 -51.19 16.64 -11.66
N LEU B 361 -52.14 17.22 -12.41
CA LEU B 361 -53.43 16.58 -12.77
C LEU B 361 -53.22 15.77 -14.04
N LEU B 362 -53.74 14.55 -14.07
CA LEU B 362 -53.64 13.62 -15.22
C LEU B 362 -55.06 13.16 -15.54
N PRO B 363 -55.71 13.68 -16.62
CA PRO B 363 -57.03 13.20 -17.01
C PRO B 363 -56.92 11.76 -17.53
N PRO B 364 -57.89 10.87 -17.23
CA PRO B 364 -57.89 9.51 -17.78
C PRO B 364 -57.71 9.40 -19.29
N ALA B 365 -58.18 10.39 -20.07
CA ALA B 365 -58.09 10.43 -21.56
C ALA B 365 -56.63 10.49 -22.03
N LEU B 366 -55.68 10.90 -21.16
CA LEU B 366 -54.24 10.95 -21.51
C LEU B 366 -53.63 9.54 -21.51
N PHE B 367 -54.31 8.55 -20.94
CA PHE B 367 -53.86 7.14 -20.88
C PHE B 367 -54.51 6.39 -22.03
N ILE B 368 -53.72 5.59 -22.76
CA ILE B 368 -54.23 4.78 -23.91
C ILE B 368 -53.94 3.32 -23.65
N PRO B 369 -54.71 2.37 -24.26
CA PRO B 369 -54.50 0.95 -24.03
C PRO B 369 -53.07 0.53 -24.41
N SER B 370 -52.40 -0.22 -23.53
CA SER B 370 -51.08 -0.83 -23.79
C SER B 370 -51.26 -1.91 -24.87
N THR B 371 -50.35 -1.96 -25.83
CA THR B 371 -50.41 -2.89 -26.99
C THR B 371 -49.01 -3.05 -27.61
N GLU B 372 -48.72 -4.25 -28.11
CA GLU B 372 -47.51 -4.55 -28.94
C GLU B 372 -47.73 -4.08 -30.38
N ASN B 373 -49.01 -3.98 -30.80
CA ASN B 373 -49.42 -3.53 -32.16
C ASN B 373 -49.19 -2.02 -32.30
N GLU B 374 -48.16 -1.62 -33.03
CA GLU B 374 -47.72 -0.21 -33.21
C GLU B 374 -48.81 0.61 -33.90
N GLU B 375 -49.59 0.01 -34.81
CA GLU B 375 -50.67 0.70 -35.56
C GLU B 375 -51.81 1.07 -34.61
N GLN B 376 -52.23 0.13 -33.75
CA GLN B 376 -53.29 0.35 -32.73
C GLN B 376 -52.85 1.44 -31.75
N ARG B 377 -51.58 1.42 -31.31
CA ARG B 377 -51.04 2.42 -30.33
C ARG B 377 -51.10 3.82 -30.97
N LEU B 378 -50.66 3.93 -32.23
CA LEU B 378 -50.64 5.23 -32.95
C LEU B 378 -52.07 5.74 -33.15
N ALA B 379 -53.00 4.87 -33.51
CA ALA B 379 -54.44 5.17 -33.65
C ALA B 379 -54.98 5.72 -32.33
N SER B 380 -54.69 5.05 -31.21
CA SER B 380 -55.10 5.49 -29.85
C SER B 380 -54.51 6.87 -29.55
N ALA B 381 -53.22 7.07 -29.79
CA ALA B 381 -52.50 8.34 -29.51
C ALA B 381 -53.12 9.48 -30.32
N ARG B 382 -53.40 9.23 -31.59
CA ARG B 382 -54.00 10.23 -32.52
C ARG B 382 -55.42 10.60 -32.05
N ALA B 383 -56.16 9.67 -31.45
CA ALA B 383 -57.56 9.86 -31.00
C ALA B 383 -57.63 10.62 -29.67
N VAL B 384 -56.51 10.84 -28.96
CA VAL B 384 -56.49 11.64 -27.70
C VAL B 384 -56.82 13.08 -28.08
N PRO B 385 -57.92 13.69 -27.56
CA PRO B 385 -58.25 15.07 -27.89
C PRO B 385 -57.08 16.03 -27.64
N ARG B 386 -56.95 17.03 -28.51
CA ARG B 386 -55.82 18.00 -28.48
C ARG B 386 -55.85 18.81 -27.18
N ASN B 387 -57.04 19.04 -26.61
CA ASN B 387 -57.27 19.84 -25.38
C ASN B 387 -56.99 19.04 -24.10
N VAL B 388 -56.61 17.76 -24.19
CA VAL B 388 -56.23 16.90 -23.05
C VAL B 388 -54.72 17.06 -22.82
N GLN B 389 -54.29 17.21 -21.56
CA GLN B 389 -52.84 17.31 -21.21
C GLN B 389 -52.67 17.13 -19.70
N PRO B 390 -51.43 16.94 -19.21
CA PRO B 390 -51.13 17.18 -17.80
C PRO B 390 -51.30 18.67 -17.47
N TYR B 391 -51.66 18.96 -16.21
CA TYR B 391 -51.67 20.33 -15.65
C TYR B 391 -50.84 20.34 -14.37
N VAL B 392 -49.72 21.07 -14.39
CA VAL B 392 -48.91 21.37 -13.18
C VAL B 392 -49.61 22.52 -12.46
N VAL B 393 -50.41 22.21 -11.44
CA VAL B 393 -51.29 23.19 -10.75
C VAL B 393 -50.53 23.83 -9.59
N TYR B 394 -49.39 23.27 -9.19
CA TYR B 394 -48.57 23.81 -8.08
C TYR B 394 -47.16 23.27 -8.16
N GLU B 395 -46.22 24.12 -7.79
CA GLU B 395 -44.77 23.83 -7.84
C GLU B 395 -44.14 24.43 -6.57
N GLU B 396 -43.38 23.64 -5.83
CA GLU B 396 -42.68 24.07 -4.58
C GLU B 396 -41.18 23.88 -4.82
N VAL B 397 -40.38 24.93 -4.61
CA VAL B 397 -38.90 24.92 -4.81
C VAL B 397 -38.23 25.49 -3.56
N THR B 398 -37.07 24.95 -3.19
CA THR B 398 -36.32 25.36 -1.99
C THR B 398 -34.81 25.14 -2.21
N ASN B 399 -33.98 25.85 -1.46
CA ASN B 399 -32.51 25.61 -1.35
C ASN B 399 -32.22 24.69 -0.15
N VAL B 400 -33.24 24.28 0.62
CA VAL B 400 -33.07 23.34 1.77
C VAL B 400 -33.48 21.95 1.27
N TRP B 401 -34.70 21.48 1.57
CA TRP B 401 -35.30 20.26 0.97
C TRP B 401 -36.83 20.33 1.08
N ILE B 402 -37.51 19.61 0.20
CA ILE B 402 -38.99 19.41 0.26
C ILE B 402 -39.25 18.30 1.28
N ASN B 403 -39.95 18.64 2.36
CA ASN B 403 -40.66 17.64 3.21
C ASN B 403 -41.99 17.35 2.53
N VAL B 404 -42.29 16.07 2.27
CA VAL B 404 -43.59 15.65 1.69
C VAL B 404 -44.68 15.90 2.74
N HIS B 405 -45.57 16.84 2.45
CA HIS B 405 -46.78 17.17 3.24
C HIS B 405 -47.96 16.50 2.56
N ASP B 406 -48.83 15.84 3.34
CA ASP B 406 -49.91 14.95 2.83
C ASP B 406 -51.16 15.78 2.48
N ILE B 407 -51.18 17.07 2.79
CA ILE B 407 -52.38 17.95 2.67
C ILE B 407 -52.47 18.50 1.24
N PHE B 408 -53.41 17.97 0.47
CA PHE B 408 -53.84 18.49 -0.85
C PHE B 408 -55.34 18.21 -0.99
N TYR B 409 -56.17 19.25 -0.99
CA TYR B 409 -57.64 19.12 -1.03
C TYR B 409 -58.17 19.89 -2.23
N PRO B 410 -58.41 19.23 -3.38
CA PRO B 410 -59.03 19.87 -4.54
C PRO B 410 -60.54 20.00 -4.33
N PHE B 411 -61.06 21.20 -4.52
CA PHE B 411 -62.52 21.50 -4.46
C PHE B 411 -63.17 21.06 -5.77
N PRO B 412 -64.46 20.63 -5.76
CA PRO B 412 -65.12 20.24 -7.01
C PRO B 412 -65.21 21.44 -7.96
N GLN B 413 -65.03 21.19 -9.25
CA GLN B 413 -65.21 22.19 -10.33
C GLN B 413 -66.67 22.19 -10.76
N SER B 414 -67.15 23.33 -11.25
CA SER B 414 -68.43 23.46 -12.00
C SER B 414 -68.19 23.08 -13.46
N GLU B 415 -69.25 22.65 -14.16
CA GLU B 415 -69.23 22.34 -15.62
C GLU B 415 -68.76 23.57 -16.40
N GLY B 416 -67.81 23.40 -17.31
CA GLY B 416 -67.28 24.47 -18.18
C GLY B 416 -66.41 25.48 -17.43
N GLU B 417 -65.88 25.10 -16.28
CA GLU B 417 -64.97 25.93 -15.47
C GLU B 417 -63.53 25.51 -15.78
N ASP B 418 -62.67 26.44 -16.19
CA ASP B 418 -61.28 26.19 -16.61
C ASP B 418 -60.32 26.55 -15.47
N GLU B 419 -60.72 26.29 -14.23
CA GLU B 419 -59.84 26.50 -13.04
C GLU B 419 -60.08 25.38 -12.03
N LEU B 420 -59.09 25.19 -11.15
CA LEU B 420 -59.14 24.26 -10.02
C LEU B 420 -58.74 25.04 -8.77
N CYS B 421 -59.59 25.01 -7.75
CA CYS B 421 -59.29 25.61 -6.43
C CYS B 421 -58.94 24.45 -5.50
N PHE B 422 -57.91 24.62 -4.67
CA PHE B 422 -57.42 23.57 -3.76
C PHE B 422 -56.76 24.18 -2.52
N LEU B 423 -56.83 23.45 -1.41
CA LEU B 423 -56.03 23.70 -0.20
C LEU B 423 -54.74 22.90 -0.31
N ARG B 424 -53.64 23.53 0.07
CA ARG B 424 -52.28 22.94 0.00
C ARG B 424 -51.51 23.38 1.25
N ALA B 425 -50.81 22.45 1.91
CA ALA B 425 -49.77 22.77 2.92
C ALA B 425 -48.48 23.10 2.16
N ASN B 426 -47.87 24.24 2.45
CA ASN B 426 -46.64 24.73 1.79
C ASN B 426 -45.72 25.24 2.90
N GLU B 427 -44.51 24.68 2.93
CA GLU B 427 -43.45 25.02 3.89
C GLU B 427 -42.38 25.93 3.27
N CYS B 428 -42.06 25.73 1.98
N CYS B 428 -42.07 25.72 1.98
CA CYS B 428 -40.92 26.40 1.32
CA CYS B 428 -40.96 26.38 1.26
C CYS B 428 -41.20 27.90 1.12
C CYS B 428 -41.19 27.89 1.14
N LYS B 429 -42.46 28.33 1.04
CA LYS B 429 -42.80 29.77 0.79
C LYS B 429 -42.27 30.65 1.93
N THR B 430 -42.61 30.36 3.19
CA THR B 430 -42.21 31.17 4.37
C THR B 430 -41.18 30.45 5.25
N GLY B 431 -40.91 29.16 5.02
CA GLY B 431 -40.02 28.34 5.86
C GLY B 431 -40.76 27.70 7.03
N PHE B 432 -42.07 27.90 7.07
CA PHE B 432 -42.99 27.27 8.05
C PHE B 432 -44.16 26.69 7.25
N CYS B 433 -44.54 25.46 7.56
CA CYS B 433 -45.68 24.77 6.92
C CYS B 433 -46.98 25.48 7.25
N HIS B 434 -47.66 26.02 6.23
CA HIS B 434 -48.94 26.77 6.36
C HIS B 434 -49.93 26.35 5.28
N LEU B 435 -51.22 26.62 5.54
CA LEU B 435 -52.33 26.28 4.62
C LEU B 435 -52.55 27.46 3.68
N TYR B 436 -52.63 27.15 2.39
CA TYR B 436 -52.91 28.11 1.30
C TYR B 436 -54.13 27.63 0.53
N LYS B 437 -55.03 28.54 0.19
CA LYS B 437 -56.11 28.30 -0.81
C LYS B 437 -55.59 28.83 -2.15
N VAL B 438 -55.44 27.93 -3.12
CA VAL B 438 -54.79 28.20 -4.43
C VAL B 438 -55.85 28.01 -5.51
N THR B 439 -55.90 28.93 -6.46
CA THR B 439 -56.71 28.77 -7.69
C THR B 439 -55.75 28.76 -8.89
N ALA B 440 -55.65 27.62 -9.56
CA ALA B 440 -54.86 27.42 -10.80
C ALA B 440 -55.80 27.53 -12.00
N VAL B 441 -55.29 28.09 -13.10
CA VAL B 441 -56.04 28.19 -14.39
C VAL B 441 -55.62 27.00 -15.25
N LEU B 442 -56.59 26.17 -15.67
CA LEU B 442 -56.35 24.97 -16.52
C LEU B 442 -56.68 25.34 -17.97
N LYS B 443 -55.70 25.87 -18.70
CA LYS B 443 -55.87 26.29 -20.11
C LYS B 443 -55.11 25.30 -20.99
N SER B 444 -55.82 24.73 -21.97
CA SER B 444 -55.28 23.75 -22.96
C SER B 444 -54.44 24.49 -23.99
N GLN B 445 -53.19 24.10 -24.15
CA GLN B 445 -52.26 24.65 -25.17
C GLN B 445 -52.58 24.05 -26.56
N GLY B 446 -53.14 22.84 -26.60
CA GLY B 446 -53.32 22.04 -27.82
C GLY B 446 -52.06 21.24 -28.11
N TYR B 447 -52.15 19.91 -28.11
CA TYR B 447 -51.03 18.97 -28.39
C TYR B 447 -51.49 17.91 -29.38
N ASP B 448 -50.61 17.56 -30.31
CA ASP B 448 -50.73 16.34 -31.16
C ASP B 448 -49.97 15.23 -30.45
N TRP B 449 -50.67 14.35 -29.73
CA TRP B 449 -50.06 13.32 -28.86
C TRP B 449 -49.48 12.17 -29.68
N SER B 450 -49.83 12.04 -30.96
CA SER B 450 -49.23 11.04 -31.91
C SER B 450 -47.82 11.47 -32.31
N GLU B 451 -47.48 12.77 -32.21
CA GLU B 451 -46.19 13.33 -32.64
C GLU B 451 -45.33 13.42 -31.38
N PRO B 452 -44.20 12.68 -31.29
CA PRO B 452 -43.37 12.71 -30.08
C PRO B 452 -42.75 14.10 -29.91
N PHE B 453 -42.64 14.57 -28.68
CA PHE B 453 -41.98 15.86 -28.29
C PHE B 453 -41.31 15.71 -26.92
N SER B 454 -40.19 16.41 -26.73
CA SER B 454 -39.55 16.68 -25.42
C SER B 454 -40.07 18.01 -24.89
N PRO B 455 -40.93 18.03 -23.85
CA PRO B 455 -41.48 19.28 -23.32
C PRO B 455 -40.39 20.16 -22.69
N GLY B 456 -40.45 21.46 -22.95
CA GLY B 456 -39.54 22.48 -22.40
C GLY B 456 -39.89 22.81 -20.96
N GLU B 457 -39.12 23.72 -20.35
CA GLU B 457 -39.28 24.12 -18.92
C GLU B 457 -40.69 24.70 -18.76
N ASP B 458 -41.42 24.25 -17.74
CA ASP B 458 -42.75 24.80 -17.34
C ASP B 458 -43.81 24.50 -18.42
N GLU B 459 -43.65 23.41 -19.18
CA GLU B 459 -44.53 23.11 -20.35
C GLU B 459 -46.01 23.07 -19.95
N PHE B 460 -46.36 22.34 -18.89
CA PHE B 460 -47.76 22.09 -18.46
C PHE B 460 -48.10 23.01 -17.28
N LYS B 461 -47.30 24.06 -17.06
CA LYS B 461 -47.39 24.92 -15.87
C LYS B 461 -48.65 25.79 -15.97
N CYS B 462 -49.53 25.69 -14.97
CA CYS B 462 -50.78 26.48 -14.87
C CYS B 462 -50.47 27.83 -14.24
N PRO B 463 -50.99 28.94 -14.82
CA PRO B 463 -51.03 30.22 -14.11
C PRO B 463 -51.79 30.09 -12.78
N ILE B 464 -51.35 30.79 -11.74
CA ILE B 464 -52.05 30.87 -10.42
C ILE B 464 -52.82 32.19 -10.38
N LYS B 465 -54.14 32.12 -10.45
CA LYS B 465 -55.08 33.27 -10.38
C LYS B 465 -55.08 33.86 -8.97
N GLU B 466 -54.99 33.02 -7.94
CA GLU B 466 -55.12 33.45 -6.52
C GLU B 466 -54.34 32.48 -5.62
N GLU B 467 -53.71 32.99 -4.57
CA GLU B 467 -53.02 32.17 -3.54
C GLU B 467 -53.12 32.91 -2.20
N ILE B 468 -54.07 32.49 -1.36
CA ILE B 468 -54.40 33.12 -0.04
C ILE B 468 -53.74 32.27 1.04
N ALA B 469 -52.93 32.89 1.91
CA ALA B 469 -52.46 32.28 3.18
C ALA B 469 -53.65 32.21 4.14
N LEU B 470 -54.07 31.01 4.52
CA LEU B 470 -55.13 30.83 5.57
C LEU B 470 -54.49 30.89 6.96
N THR B 471 -53.22 30.50 7.06
CA THR B 471 -52.42 30.51 8.31
C THR B 471 -51.05 31.13 8.00
N SER B 472 -50.38 31.70 9.00
CA SER B 472 -49.05 32.33 8.86
C SER B 472 -48.39 32.47 10.24
N GLY B 473 -47.09 32.72 10.26
CA GLY B 473 -46.33 32.99 11.49
C GLY B 473 -45.28 31.91 11.76
N GLU B 474 -44.58 32.03 12.88
CA GLU B 474 -43.41 31.17 13.22
C GLU B 474 -43.90 29.97 14.03
N TRP B 475 -44.77 29.19 13.41
CA TRP B 475 -45.33 27.92 13.91
C TRP B 475 -45.77 27.10 12.70
N GLU B 476 -46.20 25.86 12.89
CA GLU B 476 -46.44 24.92 11.76
C GLU B 476 -47.87 24.37 11.81
N VAL B 477 -48.47 24.22 10.64
CA VAL B 477 -49.57 23.25 10.43
C VAL B 477 -48.91 21.88 10.32
N LEU B 478 -49.45 20.89 11.02
CA LEU B 478 -48.95 19.49 11.01
C LEU B 478 -49.55 18.79 9.78
N ALA B 479 -48.68 18.26 8.92
CA ALA B 479 -49.06 17.74 7.57
C ALA B 479 -48.33 16.42 7.23
N ARG B 480 -47.69 15.77 8.21
CA ARG B 480 -46.84 14.58 8.00
C ARG B 480 -47.17 13.51 9.03
N HIS B 481 -46.81 12.27 8.72
CA HIS B 481 -46.73 11.15 9.69
C HIS B 481 -48.05 11.01 10.46
N GLY B 482 -49.18 11.00 9.75
CA GLY B 482 -50.53 10.79 10.32
C GLY B 482 -51.37 12.06 10.36
N SER B 483 -50.76 13.25 10.36
CA SER B 483 -51.49 14.54 10.45
C SER B 483 -52.24 14.78 9.14
N LYS B 484 -53.44 15.36 9.23
CA LYS B 484 -54.30 15.66 8.04
C LYS B 484 -55.17 16.88 8.35
N ILE B 485 -55.93 17.32 7.35
CA ILE B 485 -56.98 18.36 7.51
C ILE B 485 -58.33 17.71 7.27
N TRP B 486 -59.39 18.35 7.78
CA TRP B 486 -60.80 18.02 7.51
C TRP B 486 -61.50 19.29 7.04
N VAL B 487 -62.19 19.22 5.91
CA VAL B 487 -62.78 20.39 5.20
C VAL B 487 -64.29 20.23 5.19
N ASN B 488 -65.01 21.18 5.77
CA ASN B 488 -66.49 21.28 5.73
C ASN B 488 -66.85 22.30 4.65
N GLU B 489 -67.30 21.82 3.49
CA GLU B 489 -67.65 22.67 2.33
C GLU B 489 -68.98 23.40 2.56
N GLU B 490 -69.82 22.95 3.49
CA GLU B 490 -71.07 23.66 3.87
C GLU B 490 -70.70 24.98 4.58
N THR B 491 -69.83 24.91 5.60
CA THR B 491 -69.49 26.06 6.49
C THR B 491 -68.26 26.82 5.99
N LYS B 492 -67.57 26.28 4.98
CA LYS B 492 -66.32 26.85 4.40
C LYS B 492 -65.22 26.90 5.48
N LEU B 493 -65.15 25.86 6.32
CA LEU B 493 -64.15 25.77 7.42
C LEU B 493 -63.18 24.64 7.13
N VAL B 494 -61.91 24.85 7.47
CA VAL B 494 -60.87 23.78 7.46
C VAL B 494 -60.37 23.59 8.88
N TYR B 495 -60.45 22.36 9.37
CA TYR B 495 -59.92 21.89 10.67
C TYR B 495 -58.53 21.32 10.40
N PHE B 496 -57.55 21.68 11.24
CA PHE B 496 -56.14 21.27 11.09
C PHE B 496 -55.49 21.18 12.47
N GLN B 497 -54.34 20.49 12.54
CA GLN B 497 -53.51 20.44 13.76
C GLN B 497 -52.28 21.32 13.55
N GLY B 498 -51.73 21.87 14.64
CA GLY B 498 -50.61 22.82 14.57
C GLY B 498 -49.95 23.07 15.90
N THR B 499 -48.85 23.82 15.85
CA THR B 499 -48.01 24.20 17.01
C THR B 499 -48.19 25.70 17.29
N LYS B 500 -49.34 26.29 16.94
CA LYS B 500 -49.57 27.75 17.06
C LYS B 500 -49.40 28.21 18.52
N ASP B 501 -49.96 27.48 19.47
CA ASP B 501 -49.86 27.82 20.93
C ASP B 501 -48.43 27.62 21.46
N THR B 502 -47.73 26.58 20.99
CA THR B 502 -46.36 26.22 21.47
C THR B 502 -45.82 25.07 20.64
N PRO B 503 -44.52 25.04 20.32
CA PRO B 503 -43.93 23.87 19.66
C PRO B 503 -43.98 22.59 20.53
N LEU B 504 -44.29 22.71 21.82
CA LEU B 504 -44.35 21.58 22.79
C LEU B 504 -45.70 20.86 22.75
N GLU B 505 -46.72 21.40 22.08
CA GLU B 505 -48.08 20.80 22.07
C GLU B 505 -48.67 20.83 20.67
N HIS B 506 -49.26 19.72 20.24
CA HIS B 506 -50.17 19.61 19.07
C HIS B 506 -51.58 19.96 19.53
N HIS B 507 -52.24 20.87 18.83
CA HIS B 507 -53.64 21.28 19.10
C HIS B 507 -54.46 21.21 17.81
N LEU B 508 -55.77 21.04 17.94
CA LEU B 508 -56.76 21.11 16.84
C LEU B 508 -57.20 22.56 16.72
N TYR B 509 -57.21 23.08 15.49
CA TYR B 509 -57.63 24.46 15.17
C TYR B 509 -58.65 24.42 14.02
N VAL B 510 -59.40 25.51 13.88
CA VAL B 510 -60.33 25.70 12.73
C VAL B 510 -60.18 27.14 12.24
N VAL B 511 -60.20 27.31 10.92
CA VAL B 511 -60.14 28.63 10.21
C VAL B 511 -61.06 28.54 8.99
N SER B 512 -61.63 29.68 8.57
CA SER B 512 -62.44 29.79 7.34
C SER B 512 -61.47 29.80 6.16
N TYR B 513 -61.75 29.04 5.10
CA TYR B 513 -61.01 29.16 3.82
C TYR B 513 -61.69 30.17 2.88
N GLU B 514 -62.90 30.65 3.21
CA GLU B 514 -63.63 31.66 2.40
C GLU B 514 -63.19 33.05 2.84
N ALA B 515 -63.39 33.37 4.12
CA ALA B 515 -63.02 34.66 4.76
C ALA B 515 -61.92 34.39 5.80
N ALA B 516 -60.71 34.08 5.33
CA ALA B 516 -59.53 33.74 6.17
C ALA B 516 -59.28 34.85 7.19
N GLY B 517 -59.35 34.51 8.47
CA GLY B 517 -59.11 35.45 9.58
C GLY B 517 -58.80 34.73 10.87
N GLU B 518 -59.75 34.72 11.80
CA GLU B 518 -59.58 34.18 13.18
C GLU B 518 -59.38 32.67 13.12
N ILE B 519 -58.32 32.19 13.78
CA ILE B 519 -58.07 30.75 14.04
C ILE B 519 -58.57 30.45 15.45
N VAL B 520 -59.50 29.49 15.58
CA VAL B 520 -60.05 29.04 16.89
C VAL B 520 -59.37 27.72 17.27
N ARG B 521 -58.83 27.65 18.48
CA ARG B 521 -58.27 26.41 19.07
C ARG B 521 -59.42 25.61 19.69
N LEU B 522 -59.49 24.31 19.41
CA LEU B 522 -60.59 23.41 19.85
C LEU B 522 -60.13 22.44 20.94
N THR B 523 -58.84 22.37 21.24
CA THR B 523 -58.26 21.43 22.24
C THR B 523 -57.77 22.21 23.46
N THR B 524 -57.65 21.50 24.59
CA THR B 524 -57.30 22.03 25.93
C THR B 524 -55.79 22.29 26.01
N PRO B 525 -55.34 23.54 26.27
CA PRO B 525 -53.93 23.82 26.56
C PRO B 525 -53.40 22.99 27.75
N GLY B 526 -52.09 22.75 27.77
CA GLY B 526 -51.40 21.94 28.80
C GLY B 526 -51.32 20.47 28.44
N PHE B 527 -51.81 20.07 27.26
CA PHE B 527 -51.72 18.70 26.71
C PHE B 527 -51.35 18.76 25.24
N SER B 528 -50.72 17.70 24.72
CA SER B 528 -50.51 17.48 23.27
C SER B 528 -51.57 16.49 22.78
N HIS B 529 -52.28 16.86 21.71
CA HIS B 529 -53.51 16.19 21.23
C HIS B 529 -53.27 15.53 19.86
N SER B 530 -53.83 14.34 19.70
CA SER B 530 -53.95 13.62 18.41
C SER B 530 -55.44 13.40 18.14
N CYS B 531 -55.99 14.09 17.13
CA CYS B 531 -57.46 14.20 16.94
C CYS B 531 -57.92 13.48 15.68
N SER B 532 -59.16 12.99 15.75
CA SER B 532 -59.93 12.35 14.67
C SER B 532 -61.30 13.06 14.60
N MET B 533 -61.63 13.63 13.44
CA MET B 533 -62.84 14.48 13.25
C MET B 533 -63.88 13.66 12.49
N SER B 534 -65.13 13.70 12.93
CA SER B 534 -66.31 13.15 12.19
C SER B 534 -66.41 13.84 10.83
N GLN B 535 -66.71 13.08 9.78
CA GLN B 535 -66.95 13.60 8.40
C GLN B 535 -68.20 14.51 8.36
N ASN B 536 -69.04 14.50 9.41
CA ASN B 536 -70.22 15.40 9.57
C ASN B 536 -69.88 16.62 10.43
N PHE B 537 -68.67 16.70 11.00
CA PHE B 537 -68.15 17.87 11.75
C PHE B 537 -69.03 18.19 12.96
N ASP B 538 -69.66 17.16 13.54
CA ASP B 538 -70.54 17.28 14.74
C ASP B 538 -69.77 16.81 15.98
N MET B 539 -68.78 15.93 15.81
CA MET B 539 -68.02 15.28 16.92
C MET B 539 -66.56 15.08 16.52
N PHE B 540 -65.67 15.04 17.51
CA PHE B 540 -64.26 14.61 17.32
C PHE B 540 -63.77 13.90 18.58
N VAL B 541 -62.73 13.10 18.39
CA VAL B 541 -61.97 12.37 19.44
C VAL B 541 -60.62 13.08 19.57
N SER B 542 -60.12 13.21 20.80
CA SER B 542 -58.71 13.55 21.06
C SER B 542 -58.09 12.47 21.94
N HIS B 543 -56.99 11.88 21.46
CA HIS B 543 -56.00 11.12 22.24
C HIS B 543 -54.96 12.14 22.71
N TYR B 544 -54.88 12.42 24.02
CA TYR B 544 -53.97 13.46 24.55
C TYR B 544 -53.32 13.07 25.87
N SER B 545 -52.18 13.69 26.13
CA SER B 545 -51.34 13.47 27.33
C SER B 545 -50.50 14.71 27.63
N SER B 546 -49.86 14.72 28.79
CA SER B 546 -48.83 15.70 29.18
C SER B 546 -47.65 14.93 29.76
N VAL B 547 -46.52 15.62 30.02
N VAL B 547 -46.54 15.63 30.01
CA VAL B 547 -45.32 15.01 30.67
CA VAL B 547 -45.33 15.07 30.67
C VAL B 547 -45.73 14.37 32.01
C VAL B 547 -45.72 14.40 32.01
N SER B 548 -46.72 14.95 32.73
CA SER B 548 -47.13 14.45 34.08
C SER B 548 -48.27 13.43 34.01
N THR B 549 -49.05 13.38 32.93
CA THR B 549 -50.37 12.66 32.90
C THR B 549 -50.36 11.65 31.75
N PRO B 550 -50.54 10.34 32.03
CA PRO B 550 -50.69 9.35 30.98
C PRO B 550 -51.85 9.66 30.04
N PRO B 551 -51.87 9.05 28.82
CA PRO B 551 -52.85 9.42 27.82
C PRO B 551 -54.28 9.04 28.22
N CYS B 552 -55.22 9.91 27.84
CA CYS B 552 -56.66 9.64 27.82
C CYS B 552 -57.18 9.79 26.38
N VAL B 553 -58.33 9.19 26.09
CA VAL B 553 -59.09 9.40 24.83
C VAL B 553 -60.48 9.91 25.21
N HIS B 554 -60.76 11.16 24.84
CA HIS B 554 -62.03 11.90 25.14
C HIS B 554 -62.77 12.18 23.83
N VAL B 555 -64.10 12.12 23.88
CA VAL B 555 -65.01 12.45 22.75
C VAL B 555 -65.62 13.81 23.04
N TYR B 556 -65.66 14.69 22.03
CA TYR B 556 -66.15 16.09 22.12
C TYR B 556 -67.29 16.25 21.11
N LYS B 557 -68.35 16.96 21.50
CA LYS B 557 -69.46 17.38 20.61
C LYS B 557 -69.20 18.85 20.25
N LEU B 558 -69.21 19.19 18.97
CA LEU B 558 -69.18 20.59 18.47
C LEU B 558 -70.60 21.16 18.57
N SER B 559 -70.79 22.13 19.46
CA SER B 559 -72.11 22.61 19.96
C SER B 559 -72.17 24.14 19.81
N GLY B 560 -73.37 24.67 19.56
CA GLY B 560 -73.65 26.11 19.49
C GLY B 560 -74.48 26.47 18.26
N PRO B 561 -74.81 27.77 18.09
CA PRO B 561 -75.60 28.23 16.93
C PRO B 561 -74.98 27.84 15.58
N ASP B 562 -75.81 27.33 14.67
CA ASP B 562 -75.39 26.92 13.29
C ASP B 562 -75.00 28.13 12.46
N ASP B 563 -75.46 29.34 12.81
CA ASP B 563 -75.15 30.59 12.06
C ASP B 563 -73.75 31.11 12.43
N ASP B 564 -73.08 30.53 13.43
CA ASP B 564 -71.69 30.88 13.84
C ASP B 564 -70.82 29.62 13.92
N PRO B 565 -70.57 28.90 12.79
CA PRO B 565 -69.84 27.63 12.83
C PRO B 565 -68.38 27.74 13.32
N LEU B 566 -67.69 28.86 13.07
CA LEU B 566 -66.28 29.06 13.49
C LEU B 566 -66.15 29.00 15.01
N HIS B 567 -67.19 29.45 15.75
CA HIS B 567 -67.17 29.54 17.24
C HIS B 567 -68.03 28.45 17.88
N LYS B 568 -68.25 27.32 17.19
CA LYS B 568 -68.77 26.08 17.84
C LYS B 568 -67.89 25.75 19.06
N GLN B 569 -68.52 25.43 20.19
CA GLN B 569 -67.86 25.01 21.45
C GLN B 569 -67.47 23.54 21.33
N PRO B 570 -66.21 23.14 21.64
CA PRO B 570 -65.89 21.73 21.79
C PRO B 570 -66.38 21.31 23.19
N ARG B 571 -67.48 20.55 23.28
CA ARG B 571 -68.18 20.25 24.54
C ARG B 571 -67.77 18.83 24.95
N PHE B 572 -67.05 18.69 26.08
CA PHE B 572 -66.67 17.36 26.59
C PHE B 572 -67.94 16.51 26.70
N TRP B 573 -67.93 15.31 26.12
CA TRP B 573 -69.14 14.48 25.95
C TRP B 573 -69.00 13.18 26.73
N ALA B 574 -67.95 12.41 26.47
CA ALA B 574 -67.69 11.11 27.10
C ALA B 574 -66.20 10.76 26.98
N SER B 575 -65.77 9.79 27.78
CA SER B 575 -64.39 9.23 27.78
C SER B 575 -64.41 7.86 27.10
N MET B 576 -63.47 7.63 26.19
CA MET B 576 -63.16 6.30 25.60
C MET B 576 -62.14 5.60 26.51
N MET B 577 -61.30 6.35 27.22
CA MET B 577 -60.21 5.80 28.06
C MET B 577 -59.74 6.91 28.99
N GLU B 578 -59.81 6.68 30.31
CA GLU B 578 -59.29 7.62 31.34
C GLU B 578 -57.78 7.39 31.49
N ALA B 579 -57.05 8.44 31.89
CA ALA B 579 -55.60 8.38 32.19
C ALA B 579 -55.36 7.29 33.24
N ALA B 580 -54.44 6.35 32.95
CA ALA B 580 -53.94 5.35 33.92
C ALA B 580 -53.33 6.07 35.11
N SER B 581 -53.34 5.43 36.29
CA SER B 581 -52.67 5.94 37.52
C SER B 581 -51.18 6.07 37.21
N CYS B 582 -50.64 7.29 37.35
CA CYS B 582 -49.20 7.56 37.22
C CYS B 582 -48.52 6.88 38.41
N PRO B 583 -47.65 5.85 38.20
CA PRO B 583 -47.05 5.13 39.32
C PRO B 583 -46.34 6.05 40.34
N PRO B 584 -46.31 5.71 41.65
CA PRO B 584 -45.59 6.52 42.64
C PRO B 584 -44.08 6.61 42.37
N ASP B 585 -43.50 5.53 41.83
CA ASP B 585 -42.07 5.37 41.45
C ASP B 585 -41.75 6.11 40.14
N TYR B 586 -42.74 6.47 39.33
CA TYR B 586 -42.57 7.33 38.12
C TYR B 586 -42.61 8.81 38.53
N VAL B 587 -41.52 9.53 38.24
CA VAL B 587 -41.44 11.01 38.35
C VAL B 587 -41.32 11.56 36.93
N PRO B 588 -42.24 12.44 36.48
CA PRO B 588 -42.15 13.02 35.14
C PRO B 588 -40.85 13.79 34.97
N PRO B 589 -40.27 13.86 33.76
CA PRO B 589 -39.15 14.77 33.52
C PRO B 589 -39.65 16.22 33.54
N GLU B 590 -38.72 17.17 33.63
CA GLU B 590 -39.00 18.62 33.65
C GLU B 590 -38.52 19.21 32.31
N ILE B 591 -39.40 19.92 31.61
CA ILE B 591 -39.06 20.63 30.35
C ILE B 591 -38.44 21.99 30.72
N PHE B 592 -37.35 22.35 30.05
CA PHE B 592 -36.70 23.68 30.13
C PHE B 592 -36.42 24.18 28.71
N HIS B 593 -36.04 25.45 28.61
CA HIS B 593 -35.49 26.04 27.37
C HIS B 593 -34.35 26.99 27.73
N PHE B 594 -33.46 27.23 26.77
CA PHE B 594 -32.32 28.14 26.91
C PHE B 594 -32.02 28.71 25.51
N HIS B 595 -31.22 29.76 25.49
CA HIS B 595 -30.73 30.41 24.25
C HIS B 595 -29.26 30.04 24.08
N THR B 596 -28.91 29.55 22.89
CA THR B 596 -27.51 29.21 22.52
C THR B 596 -26.70 30.51 22.47
N ARG B 597 -25.36 30.41 22.37
CA ARG B 597 -24.46 31.56 22.14
C ARG B 597 -24.87 32.32 20.87
N SER B 598 -25.47 31.63 19.89
CA SER B 598 -26.03 32.22 18.63
C SER B 598 -27.47 32.73 18.82
N ASP B 599 -28.02 32.70 20.04
CA ASP B 599 -29.39 33.19 20.39
C ASP B 599 -30.48 32.39 19.66
N VAL B 600 -30.28 31.09 19.44
CA VAL B 600 -31.33 30.14 19.03
C VAL B 600 -31.96 29.55 20.31
N ARG B 601 -33.28 29.50 20.39
CA ARG B 601 -33.97 28.83 21.52
C ARG B 601 -33.97 27.32 21.31
N LEU B 602 -33.46 26.56 22.27
CA LEU B 602 -33.56 25.07 22.28
C LEU B 602 -34.35 24.63 23.52
N TYR B 603 -35.17 23.60 23.35
CA TYR B 603 -35.90 22.91 24.44
C TYR B 603 -35.15 21.65 24.83
N GLY B 604 -35.22 21.33 26.11
CA GLY B 604 -34.67 20.09 26.67
C GLY B 604 -35.59 19.56 27.73
N MET B 605 -35.33 18.36 28.21
CA MET B 605 -35.97 17.91 29.46
C MET B 605 -34.92 17.19 30.31
N ILE B 606 -35.15 17.24 31.62
CA ILE B 606 -34.26 16.64 32.63
C ILE B 606 -35.09 15.69 33.48
N TYR B 607 -34.61 14.45 33.61
CA TYR B 607 -35.02 13.50 34.67
C TYR B 607 -34.09 13.75 35.85
N LYS B 608 -34.62 14.36 36.89
CA LYS B 608 -33.87 14.65 38.12
C LYS B 608 -33.60 13.33 38.82
N PRO B 609 -32.41 13.13 39.41
CA PRO B 609 -32.19 11.98 40.28
C PRO B 609 -33.31 11.91 41.32
N HIS B 610 -33.91 10.74 41.53
CA HIS B 610 -35.00 10.53 42.51
C HIS B 610 -34.45 10.76 43.92
N ALA B 611 -35.28 11.27 44.83
CA ALA B 611 -34.90 11.59 46.22
C ALA B 611 -33.64 12.48 46.20
N LEU B 612 -33.66 13.52 45.36
CA LEU B 612 -32.52 14.45 45.16
C LEU B 612 -32.25 15.19 46.48
N GLN B 613 -30.98 15.27 46.85
CA GLN B 613 -30.47 16.04 48.01
C GLN B 613 -29.70 17.23 47.45
N PRO B 614 -29.76 18.42 48.09
CA PRO B 614 -28.95 19.56 47.65
C PRO B 614 -27.45 19.32 47.86
N GLY B 615 -26.61 20.05 47.12
CA GLY B 615 -25.13 20.03 47.24
C GLY B 615 -24.51 18.75 46.72
N LYS B 616 -25.19 18.04 45.83
CA LYS B 616 -24.71 16.74 45.29
C LYS B 616 -24.73 16.75 43.75
N LYS B 617 -23.61 16.39 43.12
CA LYS B 617 -23.49 16.26 41.64
C LYS B 617 -23.55 14.78 41.26
N HIS B 618 -24.45 14.47 40.33
CA HIS B 618 -24.83 13.08 39.96
C HIS B 618 -24.22 12.70 38.62
N PRO B 619 -23.89 11.41 38.40
CA PRO B 619 -23.48 10.94 37.08
C PRO B 619 -24.69 11.14 36.15
N THR B 620 -24.44 11.44 34.87
CA THR B 620 -25.46 11.97 33.94
C THR B 620 -25.45 11.15 32.65
N VAL B 621 -26.64 10.79 32.16
CA VAL B 621 -26.82 10.18 30.81
C VAL B 621 -27.45 11.25 29.91
N LEU B 622 -26.72 11.66 28.88
CA LEU B 622 -27.27 12.44 27.74
C LEU B 622 -27.92 11.43 26.80
N PHE B 623 -29.24 11.36 26.80
CA PHE B 623 -30.04 10.54 25.87
C PHE B 623 -30.29 11.37 24.60
N VAL B 624 -29.86 10.87 23.45
CA VAL B 624 -29.82 11.67 22.19
C VAL B 624 -30.49 10.91 21.06
N TYR B 625 -31.31 11.60 20.27
CA TYR B 625 -31.71 11.20 18.90
C TYR B 625 -31.02 12.17 17.93
N GLY B 626 -31.50 13.41 17.86
CA GLY B 626 -30.79 14.54 17.23
C GLY B 626 -30.92 14.61 15.72
N GLY B 627 -31.69 13.72 15.12
CA GLY B 627 -31.87 13.63 13.65
C GLY B 627 -33.07 14.43 13.17
N PRO B 628 -33.20 14.63 11.84
CA PRO B 628 -34.39 15.27 11.27
C PRO B 628 -35.65 14.41 11.43
N GLN B 629 -36.82 15.07 11.35
CA GLN B 629 -38.18 14.48 11.35
C GLN B 629 -38.60 14.02 12.75
N VAL B 630 -37.82 14.32 13.79
CA VAL B 630 -38.12 13.87 15.19
C VAL B 630 -37.97 15.06 16.13
N GLN B 631 -38.90 15.16 17.07
CA GLN B 631 -38.85 16.06 18.25
C GLN B 631 -39.03 15.17 19.49
N LEU B 632 -37.99 15.03 20.31
CA LEU B 632 -38.06 14.24 21.56
C LEU B 632 -38.75 15.05 22.66
N VAL B 633 -38.58 16.37 22.66
CA VAL B 633 -38.96 17.26 23.79
C VAL B 633 -40.28 17.94 23.44
N ASN B 634 -41.35 17.49 24.08
CA ASN B 634 -42.70 18.10 23.96
C ASN B 634 -43.51 17.72 25.21
N ASN B 635 -44.66 18.37 25.37
CA ASN B 635 -45.55 18.16 26.54
C ASN B 635 -46.49 16.98 26.24
N SER B 636 -45.94 15.77 26.25
CA SER B 636 -46.68 14.49 26.13
C SER B 636 -46.03 13.47 27.05
N PHE B 637 -46.76 12.41 27.38
CA PHE B 637 -46.34 11.43 28.41
C PHE B 637 -45.23 10.57 27.83
N LYS B 638 -44.08 10.50 28.53
CA LYS B 638 -42.86 9.80 28.07
C LYS B 638 -42.71 8.42 28.75
N GLY B 639 -43.54 8.12 29.75
CA GLY B 639 -43.36 6.95 30.64
C GLY B 639 -43.61 5.60 29.99
N ILE B 640 -44.33 5.54 28.87
CA ILE B 640 -44.64 4.25 28.18
C ILE B 640 -43.41 3.86 27.34
N LYS B 641 -42.96 4.77 26.47
CA LYS B 641 -41.86 4.52 25.51
C LYS B 641 -40.49 4.71 26.17
N TYR B 642 -40.37 5.55 27.20
CA TYR B 642 -39.05 5.94 27.78
C TYR B 642 -39.01 5.67 29.29
N LEU B 643 -39.67 4.62 29.76
CA LEU B 643 -39.67 4.16 31.16
C LEU B 643 -38.22 4.01 31.65
N ARG B 644 -37.31 3.46 30.82
CA ARG B 644 -35.90 3.20 31.22
C ARG B 644 -35.17 4.49 31.65
N LEU B 645 -35.60 5.67 31.18
CA LEU B 645 -34.99 6.96 31.61
C LEU B 645 -35.41 7.28 33.04
N ASN B 646 -36.67 7.02 33.41
CA ASN B 646 -37.16 7.08 34.82
C ASN B 646 -36.37 6.07 35.67
N THR B 647 -36.14 4.85 35.17
CA THR B 647 -35.38 3.78 35.90
C THR B 647 -33.97 4.28 36.20
N LEU B 648 -33.28 4.86 35.22
CA LEU B 648 -31.94 5.49 35.43
C LEU B 648 -32.03 6.55 36.54
N ALA B 649 -33.04 7.42 36.48
CA ALA B 649 -33.22 8.50 37.47
C ALA B 649 -33.48 7.90 38.87
N SER B 650 -34.19 6.76 38.96
CA SER B 650 -34.48 6.06 40.24
C SER B 650 -33.19 5.57 40.90
N LEU B 651 -32.14 5.26 40.13
CA LEU B 651 -30.83 4.79 40.65
C LEU B 651 -29.92 5.97 41.01
N GLY B 652 -30.26 7.19 40.57
CA GLY B 652 -29.52 8.41 40.91
C GLY B 652 -28.74 8.98 39.73
N TYR B 653 -28.99 8.51 38.51
CA TYR B 653 -28.49 9.19 37.28
C TYR B 653 -29.40 10.39 36.99
N ALA B 654 -28.80 11.51 36.61
CA ALA B 654 -29.52 12.59 35.89
C ALA B 654 -29.65 12.17 34.42
N VAL B 655 -30.80 12.39 33.79
CA VAL B 655 -30.97 12.10 32.34
C VAL B 655 -31.33 13.41 31.67
N VAL B 656 -30.52 13.81 30.69
CA VAL B 656 -30.67 15.06 29.90
C VAL B 656 -31.06 14.68 28.47
N VAL B 657 -32.04 15.38 27.91
CA VAL B 657 -32.48 15.27 26.48
C VAL B 657 -32.53 16.70 25.92
N ILE B 658 -31.86 16.95 24.79
CA ILE B 658 -31.80 18.28 24.10
C ILE B 658 -32.32 18.08 22.67
N ASP B 659 -33.32 18.87 22.25
CA ASP B 659 -33.74 18.98 20.83
C ASP B 659 -32.89 20.09 20.18
N GLY B 660 -31.74 19.71 19.64
CA GLY B 660 -30.83 20.65 18.95
C GLY B 660 -31.34 21.02 17.56
N ARG B 661 -30.64 21.95 16.90
CA ARG B 661 -30.91 22.28 15.48
C ARG B 661 -30.84 20.99 14.65
N GLY B 662 -31.73 20.87 13.67
CA GLY B 662 -31.92 19.65 12.87
C GLY B 662 -33.18 18.92 13.23
N SER B 663 -33.67 19.04 14.47
CA SER B 663 -34.94 18.43 14.94
C SER B 663 -36.13 19.19 14.34
N CYS B 664 -37.34 18.61 14.41
CA CYS B 664 -38.53 19.06 13.64
C CYS B 664 -39.47 19.88 14.54
N GLN B 665 -40.56 20.39 13.95
CA GLN B 665 -41.63 21.22 14.56
C GLN B 665 -41.11 22.63 14.93
N ARG B 666 -40.03 23.10 14.33
CA ARG B 666 -39.45 24.45 14.54
C ARG B 666 -39.18 25.17 13.20
N GLY B 667 -39.72 24.65 12.09
CA GLY B 667 -39.58 25.26 10.76
C GLY B 667 -38.37 24.75 10.00
N LEU B 668 -38.35 25.05 8.70
CA LEU B 668 -37.40 24.49 7.72
C LEU B 668 -35.98 25.01 7.97
N ARG B 669 -35.82 26.29 8.32
CA ARG B 669 -34.50 26.91 8.58
C ARG B 669 -33.82 26.20 9.76
N PHE B 670 -34.54 25.94 10.84
CA PHE B 670 -34.05 25.27 12.07
C PHE B 670 -33.59 23.84 11.73
N GLU B 671 -34.44 23.07 11.02
CA GLU B 671 -34.14 21.70 10.53
C GLU B 671 -32.96 21.75 9.56
N GLY B 672 -32.90 22.80 8.74
CA GLY B 672 -31.95 22.97 7.64
C GLY B 672 -30.52 23.22 8.09
N ALA B 673 -30.29 23.49 9.37
CA ALA B 673 -28.93 23.69 9.95
C ALA B 673 -27.99 22.52 9.64
N LEU B 674 -28.49 21.30 9.46
CA LEU B 674 -27.58 20.13 9.28
C LEU B 674 -27.38 19.81 7.79
N LYS B 675 -27.94 20.62 6.87
CA LYS B 675 -27.80 20.42 5.41
C LYS B 675 -26.34 20.17 5.04
N ASN B 676 -26.04 19.02 4.46
CA ASN B 676 -24.71 18.61 3.92
C ASN B 676 -23.64 18.44 5.01
N GLN B 677 -24.00 18.52 6.30
CA GLN B 677 -22.99 18.46 7.40
C GLN B 677 -23.55 17.69 8.60
N MET B 678 -24.28 16.59 8.37
CA MET B 678 -24.81 15.73 9.45
C MET B 678 -23.68 15.30 10.38
N GLY B 679 -23.92 15.43 11.69
CA GLY B 679 -22.95 15.17 12.77
C GLY B 679 -22.32 16.45 13.34
N GLN B 680 -22.14 17.47 12.51
CA GLN B 680 -21.15 18.56 12.76
C GLN B 680 -21.76 19.70 13.61
N VAL B 681 -23.08 19.93 13.56
CA VAL B 681 -23.77 20.99 14.36
C VAL B 681 -24.51 20.37 15.55
N GLU B 682 -24.93 19.10 15.45
CA GLU B 682 -25.84 18.46 16.43
C GLU B 682 -25.10 18.32 17.76
N ILE B 683 -23.82 17.94 17.72
CA ILE B 683 -22.99 17.73 18.94
C ILE B 683 -22.77 19.07 19.65
N GLU B 684 -22.56 20.14 18.89
CA GLU B 684 -22.36 21.50 19.46
C GLU B 684 -23.57 21.85 20.33
N ASP B 685 -24.79 21.65 19.84
CA ASP B 685 -26.05 21.98 20.56
C ASP B 685 -26.22 21.04 21.76
N GLN B 686 -25.88 19.76 21.64
CA GLN B 686 -25.97 18.77 22.76
C GLN B 686 -25.08 19.25 23.91
N VAL B 687 -23.84 19.64 23.59
CA VAL B 687 -22.84 20.11 24.60
C VAL B 687 -23.31 21.44 25.23
N GLU B 688 -23.86 22.38 24.46
CA GLU B 688 -24.39 23.65 25.01
C GLU B 688 -25.54 23.36 25.97
N GLY B 689 -26.44 22.43 25.60
CA GLY B 689 -27.58 22.03 26.45
C GLY B 689 -27.12 21.40 27.75
N LEU B 690 -26.13 20.53 27.69
CA LEU B 690 -25.57 19.81 28.86
C LEU B 690 -24.95 20.84 29.81
N GLN B 691 -24.20 21.79 29.26
CA GLN B 691 -23.50 22.82 30.06
C GLN B 691 -24.53 23.80 30.64
N PHE B 692 -25.59 24.13 29.91
CA PHE B 692 -26.72 24.96 30.42
C PHE B 692 -27.37 24.26 31.63
N VAL B 693 -27.72 22.98 31.47
CA VAL B 693 -28.37 22.16 32.52
C VAL B 693 -27.49 22.12 33.77
N ALA B 694 -26.18 21.94 33.59
CA ALA B 694 -25.21 21.89 34.70
C ALA B 694 -25.19 23.23 35.46
N GLU B 695 -25.19 24.34 34.75
CA GLU B 695 -25.20 25.72 35.33
C GLU B 695 -26.54 26.00 36.01
N LYS B 696 -27.67 25.69 35.37
CA LYS B 696 -29.03 26.01 35.89
C LYS B 696 -29.37 25.15 37.10
N TYR B 697 -29.13 23.83 37.05
CA TYR B 697 -29.67 22.85 38.03
C TYR B 697 -28.66 22.51 39.13
N GLY B 698 -27.36 22.50 38.81
CA GLY B 698 -26.27 22.34 39.79
C GLY B 698 -26.09 20.91 40.32
N PHE B 699 -26.84 19.90 39.84
CA PHE B 699 -26.70 18.49 40.29
C PHE B 699 -26.08 17.62 39.18
N ILE B 700 -25.48 18.22 38.14
CA ILE B 700 -24.82 17.49 37.03
C ILE B 700 -23.33 17.41 37.35
N ASP B 701 -22.80 16.18 37.44
CA ASP B 701 -21.34 15.92 37.43
C ASP B 701 -20.88 15.83 35.97
N LEU B 702 -20.31 16.93 35.45
CA LEU B 702 -19.80 16.98 34.05
C LEU B 702 -18.58 16.08 33.85
N SER B 703 -17.95 15.55 34.91
CA SER B 703 -16.84 14.57 34.81
C SER B 703 -17.36 13.15 34.57
N ARG B 704 -18.69 12.91 34.68
CA ARG B 704 -19.30 11.56 34.53
C ARG B 704 -20.57 11.66 33.67
N VAL B 705 -20.38 11.96 32.38
CA VAL B 705 -21.49 12.03 31.39
C VAL B 705 -21.33 10.87 30.40
N ALA B 706 -22.39 10.06 30.27
CA ALA B 706 -22.54 9.05 29.21
C ALA B 706 -23.41 9.65 28.11
N ILE B 707 -23.12 9.33 26.86
CA ILE B 707 -23.99 9.65 25.70
C ILE B 707 -24.55 8.32 25.17
N HIS B 708 -25.87 8.27 25.00
CA HIS B 708 -26.60 7.05 24.58
C HIS B 708 -27.72 7.43 23.63
N GLY B 709 -27.81 6.71 22.51
CA GLY B 709 -28.88 6.89 21.53
C GLY B 709 -28.96 5.72 20.60
N TRP B 710 -30.04 5.68 19.82
CA TRP B 710 -30.36 4.61 18.86
C TRP B 710 -30.52 5.22 17.46
N SER B 711 -29.99 4.57 16.43
CA SER B 711 -30.17 4.99 15.01
C SER B 711 -29.35 6.28 14.81
N TYR B 712 -29.98 7.43 14.53
CA TYR B 712 -29.28 8.74 14.45
C TYR B 712 -28.61 9.04 15.79
N GLY B 713 -29.23 8.62 16.90
CA GLY B 713 -28.70 8.75 18.27
C GLY B 713 -27.47 7.90 18.49
N GLY B 714 -27.40 6.73 17.85
CA GLY B 714 -26.21 5.87 17.87
C GLY B 714 -25.06 6.52 17.14
N PHE B 715 -25.36 7.07 15.96
CA PHE B 715 -24.44 7.89 15.14
C PHE B 715 -23.88 9.02 16.01
N LEU B 716 -24.75 9.80 16.67
CA LEU B 716 -24.32 10.99 17.45
C LEU B 716 -23.60 10.56 18.72
N SER B 717 -23.91 9.41 19.30
CA SER B 717 -23.15 8.89 20.48
C SER B 717 -21.69 8.71 20.10
N LEU B 718 -21.43 8.11 18.94
CA LEU B 718 -20.08 7.92 18.40
C LEU B 718 -19.45 9.27 18.05
N MET B 719 -20.19 10.19 17.42
CA MET B 719 -19.68 11.53 17.07
C MET B 719 -19.25 12.29 18.34
N GLY B 720 -20.02 12.18 19.41
CA GLY B 720 -19.72 12.80 20.72
C GLY B 720 -18.39 12.30 21.27
N LEU B 721 -18.16 10.99 21.22
CA LEU B 721 -16.93 10.36 21.72
C LEU B 721 -15.74 10.78 20.84
N ILE B 722 -15.95 10.90 19.52
CA ILE B 722 -14.88 11.28 18.55
C ILE B 722 -14.50 12.76 18.75
N HIS B 723 -15.48 13.66 18.77
CA HIS B 723 -15.23 15.13 18.73
C HIS B 723 -15.11 15.73 20.13
N LYS B 724 -15.74 15.13 21.15
CA LYS B 724 -15.80 15.72 22.52
C LYS B 724 -15.42 14.65 23.55
N PRO B 725 -14.22 14.02 23.44
CA PRO B 725 -13.85 12.93 24.33
C PRO B 725 -13.64 13.38 25.78
N GLN B 726 -13.40 14.68 26.02
CA GLN B 726 -13.29 15.26 27.38
C GLN B 726 -14.69 15.51 27.96
N VAL B 727 -15.74 15.62 27.14
CA VAL B 727 -17.14 15.82 27.63
C VAL B 727 -17.77 14.47 27.96
N PHE B 728 -17.61 13.48 27.08
CA PHE B 728 -18.32 12.18 27.14
C PHE B 728 -17.35 11.11 27.62
N LYS B 729 -17.55 10.64 28.84
CA LYS B 729 -16.72 9.57 29.45
C LYS B 729 -16.96 8.26 28.71
N VAL B 730 -18.23 7.93 28.43
CA VAL B 730 -18.61 6.67 27.72
C VAL B 730 -19.67 6.99 26.66
N ALA B 731 -19.69 6.20 25.58
CA ALA B 731 -20.76 6.20 24.56
C ALA B 731 -21.38 4.80 24.47
N ILE B 732 -22.72 4.74 24.46
CA ILE B 732 -23.51 3.52 24.17
C ILE B 732 -24.27 3.78 22.87
N ALA B 733 -23.77 3.27 21.76
CA ALA B 733 -24.26 3.52 20.39
C ALA B 733 -25.12 2.34 19.94
N GLY B 734 -26.44 2.56 19.87
CA GLY B 734 -27.42 1.58 19.37
C GLY B 734 -27.68 1.76 17.89
N ALA B 735 -27.61 0.68 17.13
CA ALA B 735 -27.91 0.63 15.67
C ALA B 735 -27.40 1.90 14.98
N PRO B 736 -26.10 2.23 15.09
CA PRO B 736 -25.59 3.47 14.53
C PRO B 736 -25.47 3.39 13.00
N VAL B 737 -25.76 4.50 12.31
CA VAL B 737 -25.24 4.73 10.94
C VAL B 737 -23.78 5.10 11.11
N THR B 738 -22.87 4.32 10.53
CA THR B 738 -21.40 4.50 10.66
C THR B 738 -20.78 4.95 9.35
N VAL B 739 -21.45 4.75 8.21
CA VAL B 739 -20.96 5.18 6.87
C VAL B 739 -22.18 5.55 6.02
N TRP B 740 -22.37 6.84 5.78
CA TRP B 740 -23.52 7.42 5.04
C TRP B 740 -23.57 6.91 3.60
N MET B 741 -22.43 6.57 2.99
CA MET B 741 -22.33 6.03 1.60
C MET B 741 -23.05 4.67 1.51
N ALA B 742 -23.27 3.98 2.63
CA ALA B 742 -23.97 2.68 2.67
C ALA B 742 -25.48 2.88 2.90
N TYR B 743 -25.94 4.09 3.22
CA TYR B 743 -27.37 4.36 3.52
C TYR B 743 -28.09 4.66 2.19
N ASP B 744 -29.42 4.84 2.26
CA ASP B 744 -30.29 4.82 1.06
C ASP B 744 -30.42 6.21 0.43
N THR B 745 -30.99 6.23 -0.77
CA THR B 745 -31.19 7.44 -1.61
C THR B 745 -32.16 8.41 -0.92
N GLY B 746 -33.35 7.94 -0.56
CA GLY B 746 -34.46 8.81 -0.11
C GLY B 746 -34.08 9.67 1.08
N TYR B 747 -33.44 9.07 2.08
CA TYR B 747 -33.06 9.80 3.31
C TYR B 747 -31.77 10.58 3.08
N THR B 748 -30.71 9.89 2.69
CA THR B 748 -29.33 10.46 2.71
C THR B 748 -29.25 11.64 1.75
N GLU B 749 -29.76 11.51 0.53
CA GLU B 749 -29.62 12.56 -0.51
C GLU B 749 -30.41 13.81 -0.12
N ARG B 750 -31.56 13.65 0.55
CA ARG B 750 -32.40 14.78 1.01
C ARG B 750 -31.55 15.72 1.87
N TYR B 751 -30.77 15.18 2.80
CA TYR B 751 -30.05 15.95 3.84
C TYR B 751 -28.58 16.20 3.44
N MET B 752 -28.00 15.34 2.59
CA MET B 752 -26.53 15.31 2.37
C MET B 752 -26.14 15.39 0.89
N ASP B 753 -27.09 15.43 -0.05
CA ASP B 753 -26.81 15.35 -1.51
C ASP B 753 -26.25 13.95 -1.82
N VAL B 754 -25.86 13.70 -3.08
CA VAL B 754 -25.16 12.45 -3.47
C VAL B 754 -23.70 12.54 -3.05
N PRO B 755 -23.02 11.41 -2.78
CA PRO B 755 -21.61 11.44 -2.36
C PRO B 755 -20.67 12.28 -3.25
N GLU B 756 -20.82 12.18 -4.58
CA GLU B 756 -19.97 12.89 -5.58
C GLU B 756 -20.08 14.42 -5.38
N ASN B 757 -21.23 14.94 -4.92
CA ASN B 757 -21.49 16.39 -4.72
C ASN B 757 -21.11 16.85 -3.30
N ASN B 758 -20.77 15.94 -2.38
CA ASN B 758 -20.54 16.32 -0.96
C ASN B 758 -19.55 15.33 -0.31
N GLN B 759 -18.40 15.14 -0.93
CA GLN B 759 -17.35 14.19 -0.45
C GLN B 759 -16.96 14.56 0.98
N HIS B 760 -16.77 15.85 1.27
CA HIS B 760 -16.32 16.34 2.58
C HIS B 760 -17.38 16.04 3.65
N GLY B 761 -18.65 16.33 3.38
CA GLY B 761 -19.77 16.09 4.31
C GLY B 761 -19.93 14.61 4.62
N TYR B 762 -19.90 13.75 3.60
CA TYR B 762 -19.99 12.27 3.76
C TYR B 762 -18.83 11.75 4.60
N GLU B 763 -17.60 12.20 4.31
CA GLU B 763 -16.37 11.77 5.03
C GLU B 763 -16.44 12.24 6.50
N ALA B 764 -16.73 13.51 6.73
CA ALA B 764 -16.80 14.12 8.09
C ALA B 764 -17.92 13.47 8.91
N GLY B 765 -19.04 13.06 8.28
CA GLY B 765 -20.24 12.53 8.94
C GLY B 765 -20.22 11.01 9.13
N SER B 766 -19.23 10.30 8.60
CA SER B 766 -19.14 8.82 8.62
C SER B 766 -18.19 8.40 9.75
N VAL B 767 -18.74 8.07 10.92
CA VAL B 767 -17.97 7.83 12.18
C VAL B 767 -16.97 6.67 11.99
N ALA B 768 -17.28 5.68 11.15
CA ALA B 768 -16.37 4.53 10.87
C ALA B 768 -15.07 5.00 10.20
N LEU B 769 -15.06 6.18 9.55
CA LEU B 769 -13.83 6.76 8.93
C LEU B 769 -13.00 7.58 9.93
N HIS B 770 -13.42 7.69 11.20
CA HIS B 770 -12.75 8.52 12.23
C HIS B 770 -12.39 7.68 13.46
N VAL B 771 -12.26 6.36 13.30
CA VAL B 771 -12.00 5.40 14.42
C VAL B 771 -10.66 5.72 15.10
N GLU B 772 -9.68 6.30 14.39
CA GLU B 772 -8.39 6.74 14.99
C GLU B 772 -8.64 7.70 16.16
N LYS B 773 -9.75 8.46 16.14
CA LYS B 773 -10.10 9.44 17.19
C LYS B 773 -10.96 8.81 18.30
N LEU B 774 -11.39 7.55 18.18
CA LEU B 774 -12.13 6.85 19.27
C LEU B 774 -11.13 6.47 20.37
N PRO B 775 -11.59 6.20 21.61
CA PRO B 775 -10.66 6.05 22.73
C PRO B 775 -9.70 4.86 22.62
N ASN B 776 -8.46 5.05 23.10
CA ASN B 776 -7.42 4.00 23.22
C ASN B 776 -7.54 3.32 24.61
N GLU B 777 -8.49 3.74 25.44
CA GLU B 777 -8.82 3.13 26.75
C GLU B 777 -10.01 2.19 26.56
N PRO B 778 -9.98 0.95 27.08
CA PRO B 778 -11.15 0.08 27.05
C PRO B 778 -12.32 0.61 27.89
N ASN B 779 -13.51 0.09 27.64
CA ASN B 779 -14.75 0.31 28.44
C ASN B 779 -15.25 1.76 28.32
N ARG B 780 -15.01 2.42 27.19
CA ARG B 780 -15.60 3.75 26.91
C ARG B 780 -16.61 3.66 25.76
N LEU B 781 -16.75 2.49 25.13
CA LEU B 781 -17.57 2.32 23.89
C LEU B 781 -18.29 0.97 23.94
N LEU B 782 -19.62 1.03 23.96
CA LEU B 782 -20.52 -0.15 23.83
C LEU B 782 -21.37 0.04 22.59
N ILE B 783 -21.31 -0.93 21.68
CA ILE B 783 -22.12 -0.97 20.43
C ILE B 783 -23.23 -2.00 20.63
N LEU B 784 -24.45 -1.63 20.30
CA LEU B 784 -25.65 -2.49 20.35
C LEU B 784 -26.28 -2.51 18.95
N HIS B 785 -26.70 -3.68 18.46
CA HIS B 785 -27.34 -3.74 17.12
C HIS B 785 -28.25 -4.96 17.02
N GLY B 786 -29.46 -4.78 16.47
CA GLY B 786 -30.34 -5.88 16.04
C GLY B 786 -29.78 -6.51 14.78
N PHE B 787 -29.58 -7.82 14.79
CA PHE B 787 -28.93 -8.56 13.68
C PHE B 787 -29.77 -8.48 12.39
N LEU B 788 -31.10 -8.41 12.54
CA LEU B 788 -32.07 -8.49 11.42
C LEU B 788 -32.48 -7.09 10.94
N ASP B 789 -31.81 -6.02 11.39
CA ASP B 789 -32.17 -4.62 11.04
C ASP B 789 -32.16 -4.47 9.52
N GLU B 790 -33.29 -4.12 8.91
CA GLU B 790 -33.43 -3.94 7.44
C GLU B 790 -33.39 -2.45 7.08
N ASN B 791 -33.21 -1.55 8.04
CA ASN B 791 -33.06 -0.09 7.78
C ASN B 791 -31.60 0.30 8.03
N VAL B 792 -31.14 0.24 9.27
CA VAL B 792 -29.70 0.42 9.62
C VAL B 792 -29.08 -0.98 9.64
N HIS B 793 -28.55 -1.42 8.50
CA HIS B 793 -28.05 -2.80 8.34
C HIS B 793 -27.00 -3.09 9.41
N PHE B 794 -26.96 -4.33 9.89
CA PHE B 794 -25.89 -4.82 10.78
C PHE B 794 -24.52 -4.48 10.18
N PHE B 795 -24.42 -4.42 8.85
CA PHE B 795 -23.22 -3.96 8.10
C PHE B 795 -22.58 -2.73 8.75
N HIS B 796 -23.38 -1.75 9.19
CA HIS B 796 -22.85 -0.49 9.80
C HIS B 796 -21.99 -0.82 11.03
N THR B 797 -22.44 -1.75 11.86
CA THR B 797 -21.68 -2.20 13.07
C THR B 797 -20.50 -3.08 12.63
N ASN B 798 -20.73 -4.00 11.70
CA ASN B 798 -19.64 -4.85 11.15
C ASN B 798 -18.52 -3.99 10.58
N PHE B 799 -18.88 -2.94 9.83
CA PHE B 799 -17.88 -2.06 9.20
C PHE B 799 -17.13 -1.27 10.28
N LEU B 800 -17.86 -0.72 11.23
CA LEU B 800 -17.25 0.01 12.37
C LEU B 800 -16.27 -0.92 13.11
N VAL B 801 -16.66 -2.17 13.37
CA VAL B 801 -15.77 -3.14 14.08
C VAL B 801 -14.52 -3.41 13.24
N SER B 802 -14.68 -3.62 11.92
N SER B 802 -14.68 -3.62 11.92
CA SER B 802 -13.55 -3.85 10.98
CA SER B 802 -13.56 -3.84 10.96
C SER B 802 -12.57 -2.66 11.06
C SER B 802 -12.57 -2.66 11.06
N GLN B 803 -13.09 -1.44 11.15
CA GLN B 803 -12.25 -0.21 11.27
C GLN B 803 -11.61 -0.11 12.65
N LEU B 804 -12.33 -0.46 13.73
CA LEU B 804 -11.78 -0.47 15.10
C LEU B 804 -10.59 -1.45 15.18
N ILE B 805 -10.72 -2.62 14.56
CA ILE B 805 -9.63 -3.65 14.49
C ILE B 805 -8.41 -3.05 13.78
N ARG B 806 -8.62 -2.45 12.61
N ARG B 806 -8.62 -2.45 12.60
CA ARG B 806 -7.53 -1.86 11.77
CA ARG B 806 -7.56 -1.84 11.75
C ARG B 806 -6.84 -0.73 12.54
C ARG B 806 -6.85 -0.73 12.53
N ALA B 807 -7.57 0.04 13.34
CA ALA B 807 -7.03 1.17 14.13
C ALA B 807 -6.50 0.69 15.50
N GLY B 808 -6.64 -0.60 15.83
CA GLY B 808 -6.21 -1.20 17.11
C GLY B 808 -6.94 -0.59 18.30
N LYS B 809 -8.25 -0.40 18.18
CA LYS B 809 -9.08 0.23 19.24
C LYS B 809 -9.92 -0.84 19.94
N PRO B 810 -10.09 -0.76 21.27
CA PRO B 810 -10.99 -1.67 21.98
C PRO B 810 -12.45 -1.27 21.77
N TYR B 811 -13.36 -2.25 21.90
CA TYR B 811 -14.82 -2.04 21.85
C TYR B 811 -15.52 -3.16 22.61
N GLN B 812 -16.72 -2.85 23.11
CA GLN B 812 -17.69 -3.86 23.61
C GLN B 812 -18.86 -3.92 22.62
N LEU B 813 -19.46 -5.10 22.48
CA LEU B 813 -20.52 -5.36 21.49
C LEU B 813 -21.61 -6.24 22.12
N GLN B 814 -22.86 -5.87 21.90
CA GLN B 814 -24.03 -6.72 22.18
C GLN B 814 -24.85 -6.79 20.90
N ILE B 815 -25.30 -7.99 20.54
N ILE B 815 -25.31 -7.98 20.54
CA ILE B 815 -26.18 -8.25 19.36
CA ILE B 815 -26.20 -8.18 19.37
C ILE B 815 -27.54 -8.72 19.89
C ILE B 815 -27.53 -8.73 19.87
N TYR B 816 -28.61 -8.39 19.16
CA TYR B 816 -29.99 -8.87 19.43
C TYR B 816 -30.33 -9.71 18.21
N PRO B 817 -30.00 -11.03 18.24
CA PRO B 817 -30.14 -11.88 17.05
C PRO B 817 -31.55 -11.94 16.45
N ASN B 818 -32.58 -11.79 17.28
CA ASN B 818 -34.00 -11.95 16.86
C ASN B 818 -34.65 -10.58 16.61
N GLU B 819 -33.90 -9.47 16.65
CA GLU B 819 -34.50 -8.11 16.55
C GLU B 819 -34.11 -7.47 15.23
N ARG B 820 -35.06 -6.75 14.62
CA ARG B 820 -34.82 -5.82 13.50
C ARG B 820 -34.34 -4.48 14.10
N HIS B 821 -34.86 -3.35 13.66
CA HIS B 821 -34.34 -2.03 14.07
C HIS B 821 -34.62 -1.80 15.56
N SER B 822 -35.87 -1.97 15.98
CA SER B 822 -36.30 -1.70 17.38
C SER B 822 -36.41 -3.03 18.13
N ILE B 823 -36.10 -3.02 19.42
CA ILE B 823 -36.19 -4.21 20.31
C ILE B 823 -37.65 -4.37 20.73
N ARG B 824 -38.31 -5.45 20.28
CA ARG B 824 -39.76 -5.73 20.51
C ARG B 824 -39.94 -6.84 21.55
N CYS B 825 -39.07 -7.85 21.58
CA CYS B 825 -39.19 -9.02 22.49
C CYS B 825 -38.84 -8.56 23.92
N PRO B 826 -39.66 -8.92 24.94
CA PRO B 826 -39.39 -8.50 26.32
C PRO B 826 -38.04 -8.96 26.88
N GLU B 827 -37.57 -10.16 26.53
CA GLU B 827 -36.28 -10.70 27.05
C GLU B 827 -35.12 -9.84 26.54
N SER B 828 -35.16 -9.46 25.27
CA SER B 828 -34.17 -8.57 24.63
C SER B 828 -34.21 -7.18 25.28
N GLY B 829 -35.40 -6.60 25.44
CA GLY B 829 -35.61 -5.29 26.09
C GLY B 829 -35.03 -5.26 27.50
N GLU B 830 -35.33 -6.27 28.31
CA GLU B 830 -34.82 -6.35 29.70
C GLU B 830 -33.30 -6.52 29.68
N HIS B 831 -32.77 -7.39 28.81
CA HIS B 831 -31.31 -7.67 28.74
C HIS B 831 -30.56 -6.39 28.34
N TYR B 832 -31.08 -5.64 27.36
CA TYR B 832 -30.57 -4.31 26.96
C TYR B 832 -30.48 -3.39 28.19
N GLU B 833 -31.56 -3.27 28.95
CA GLU B 833 -31.64 -2.32 30.10
C GLU B 833 -30.68 -2.78 31.20
N VAL B 834 -30.61 -4.08 31.47
CA VAL B 834 -29.67 -4.64 32.49
C VAL B 834 -28.24 -4.33 32.03
N THR B 835 -27.93 -4.56 30.75
CA THR B 835 -26.58 -4.32 30.18
C THR B 835 -26.23 -2.83 30.32
N LEU B 836 -27.17 -1.94 30.01
CA LEU B 836 -26.98 -0.47 30.12
C LEU B 836 -26.64 -0.13 31.58
N LEU B 837 -27.43 -0.61 32.55
CA LEU B 837 -27.21 -0.34 33.99
C LEU B 837 -25.83 -0.86 34.42
N HIS B 838 -25.46 -2.06 33.99
CA HIS B 838 -24.17 -2.70 34.34
C HIS B 838 -23.02 -1.86 33.77
N PHE B 839 -23.08 -1.51 32.49
CA PHE B 839 -22.03 -0.72 31.81
C PHE B 839 -21.84 0.61 32.55
N LEU B 840 -22.92 1.32 32.87
CA LEU B 840 -22.85 2.62 33.59
C LEU B 840 -22.27 2.43 35.01
N GLN B 841 -22.75 1.43 35.75
CA GLN B 841 -22.27 1.21 37.16
C GLN B 841 -20.77 0.91 37.15
N GLU B 842 -20.28 0.16 36.16
CA GLU B 842 -18.86 -0.30 36.14
C GLU B 842 -17.95 0.78 35.54
N TYR B 843 -18.41 1.56 34.55
CA TYR B 843 -17.51 2.35 33.66
C TYR B 843 -17.83 3.85 33.66
N LEU B 844 -18.99 4.32 34.12
CA LEU B 844 -19.27 5.79 34.22
C LEU B 844 -18.71 6.35 35.53
N HIS B 845 -18.55 5.49 36.55
CA HIS B 845 -17.91 5.80 37.85
C HIS B 845 -16.38 5.71 37.69
N HIS B 846 -15.64 6.46 38.52
CA HIS B 846 -14.18 6.74 38.36
C HIS B 846 -13.32 5.55 38.78
N ALA C 2 3.64 43.45 26.93
CA ALA C 2 4.66 43.46 28.02
C ALA C 2 5.34 42.08 28.16
N ALA C 3 4.57 41.00 28.34
CA ALA C 3 5.05 39.63 28.65
C ALA C 3 5.39 38.89 27.34
N ARG C 4 6.25 37.86 27.44
CA ARG C 4 6.63 36.96 26.31
C ARG C 4 5.76 35.72 26.34
N PHE C 5 5.04 35.44 25.26
CA PHE C 5 4.34 34.14 25.03
C PHE C 5 5.40 33.06 24.81
N GLN C 6 5.20 31.92 25.46
CA GLN C 6 6.02 30.70 25.30
C GLN C 6 5.18 29.64 24.59
N VAL C 7 5.67 29.15 23.46
CA VAL C 7 5.08 28.00 22.73
C VAL C 7 5.21 26.77 23.64
N GLN C 8 4.17 25.94 23.70
CA GLN C 8 4.19 24.64 24.42
C GLN C 8 5.25 23.76 23.75
N LYS C 9 6.20 23.23 24.53
CA LYS C 9 7.23 22.30 24.01
C LYS C 9 6.59 20.92 23.99
N HIS C 10 6.53 20.28 22.83
CA HIS C 10 5.97 18.92 22.62
C HIS C 10 7.12 17.93 22.42
N SER C 11 6.87 16.67 22.74
CA SER C 11 7.73 15.53 22.33
C SER C 11 7.74 15.48 20.80
N TRP C 12 8.74 14.83 20.22
CA TRP C 12 8.83 14.62 18.76
C TRP C 12 7.55 13.91 18.27
N ASP C 13 7.11 12.85 18.95
CA ASP C 13 5.87 12.12 18.59
C ASP C 13 4.64 13.02 18.79
N GLY C 14 4.67 13.92 19.78
CA GLY C 14 3.67 14.99 19.97
C GLY C 14 3.58 15.88 18.74
N LEU C 15 4.72 16.31 18.21
CA LEU C 15 4.79 17.15 16.98
C LEU C 15 4.28 16.34 15.77
N ARG C 16 4.62 15.06 15.69
CA ARG C 16 4.16 14.16 14.60
C ARG C 16 2.63 14.10 14.56
N SER C 17 1.99 13.96 15.73
N SER C 17 1.99 13.96 15.73
CA SER C 17 0.50 13.88 15.85
CA SER C 17 0.50 13.88 15.85
C SER C 17 -0.13 15.21 15.44
C SER C 17 -0.13 15.21 15.43
N ILE C 18 0.45 16.34 15.86
CA ILE C 18 -0.02 17.70 15.46
C ILE C 18 0.05 17.84 13.93
N ILE C 19 1.18 17.50 13.31
CA ILE C 19 1.36 17.63 11.85
C ILE C 19 0.44 16.64 11.13
N HIS C 20 0.43 15.37 11.54
CA HIS C 20 -0.41 14.33 10.90
C HIS C 20 -1.88 14.73 10.98
N GLY C 21 -2.33 15.17 12.15
CA GLY C 21 -3.70 15.67 12.39
C GLY C 21 -4.04 16.86 11.50
N SER C 22 -3.16 17.87 11.44
CA SER C 22 -3.35 19.10 10.63
C SER C 22 -3.67 18.74 9.18
N ARG C 23 -2.97 17.74 8.61
CA ARG C 23 -3.09 17.33 7.19
C ARG C 23 -4.27 16.35 7.05
N LYS C 24 -4.35 15.35 7.91
CA LYS C 24 -5.30 14.20 7.75
C LYS C 24 -6.72 14.72 7.96
N TYR C 25 -6.92 15.53 9.01
CA TYR C 25 -8.20 16.19 9.37
C TYR C 25 -8.17 17.67 8.93
N SER C 26 -7.71 17.91 7.70
CA SER C 26 -7.55 19.27 7.10
C SER C 26 -8.94 19.88 6.85
N GLY C 27 -9.89 19.07 6.35
CA GLY C 27 -11.16 19.56 5.77
C GLY C 27 -10.97 20.20 4.40
N LEU C 28 -9.82 19.92 3.74
CA LEU C 28 -9.49 20.34 2.35
C LEU C 28 -8.76 19.18 1.68
N ILE C 29 -8.99 18.97 0.38
CA ILE C 29 -8.34 17.91 -0.45
C ILE C 29 -7.44 18.60 -1.50
N VAL C 30 -6.20 18.12 -1.66
CA VAL C 30 -5.19 18.71 -2.60
C VAL C 30 -5.60 18.36 -4.05
N ASN C 31 -5.56 19.35 -4.94
CA ASN C 31 -5.65 19.22 -6.42
C ASN C 31 -6.94 18.48 -6.83
N LYS C 32 -8.08 18.94 -6.31
CA LYS C 32 -9.44 18.37 -6.61
C LYS C 32 -10.13 19.15 -7.75
N ALA C 33 -9.61 20.32 -8.16
CA ALA C 33 -10.26 21.24 -9.12
C ALA C 33 -10.19 20.67 -10.53
N PRO C 34 -11.31 20.65 -11.30
CA PRO C 34 -11.26 20.31 -12.72
C PRO C 34 -10.56 21.42 -13.50
N HIS C 35 -9.93 21.10 -14.64
CA HIS C 35 -9.06 22.03 -15.42
C HIS C 35 -8.97 21.59 -16.89
N ASP C 36 -8.33 22.41 -17.73
CA ASP C 36 -8.13 22.19 -19.18
C ASP C 36 -9.50 22.07 -19.85
N PHE C 37 -10.27 23.15 -19.81
CA PHE C 37 -11.70 23.20 -20.22
C PHE C 37 -11.80 23.41 -21.73
N GLN C 38 -12.68 22.65 -22.38
CA GLN C 38 -13.11 22.81 -23.80
C GLN C 38 -14.64 22.83 -23.84
N PHE C 39 -15.21 23.95 -24.27
CA PHE C 39 -16.66 24.08 -24.57
C PHE C 39 -16.92 23.64 -26.01
N VAL C 40 -17.89 22.76 -26.21
CA VAL C 40 -18.48 22.40 -27.54
C VAL C 40 -19.97 22.71 -27.48
N GLN C 41 -20.48 23.45 -28.46
CA GLN C 41 -21.94 23.70 -28.62
C GLN C 41 -22.61 22.40 -29.06
N LYS C 42 -23.80 22.14 -28.53
CA LYS C 42 -24.73 21.09 -29.02
C LYS C 42 -25.67 21.71 -30.07
N THR C 43 -25.99 20.95 -31.12
CA THR C 43 -26.85 21.39 -32.26
C THR C 43 -28.07 20.48 -32.38
N ASP C 44 -28.67 20.08 -31.24
CA ASP C 44 -29.99 19.42 -31.13
C ASP C 44 -30.94 20.41 -30.44
N GLU C 45 -31.85 21.04 -31.21
CA GLU C 45 -32.81 22.06 -30.73
C GLU C 45 -33.81 21.43 -29.74
N SER C 46 -34.11 20.13 -29.89
CA SER C 46 -35.07 19.38 -29.03
C SER C 46 -34.47 19.11 -27.64
N GLY C 47 -33.16 18.84 -27.57
CA GLY C 47 -32.45 18.40 -26.35
C GLY C 47 -32.34 19.50 -25.30
N PRO C 48 -32.11 19.15 -24.01
CA PRO C 48 -32.11 20.13 -22.93
C PRO C 48 -30.78 20.89 -22.69
N HIS C 49 -29.70 20.52 -23.39
CA HIS C 49 -28.31 21.00 -23.15
C HIS C 49 -27.86 21.91 -24.29
N SER C 50 -27.30 23.08 -23.96
CA SER C 50 -26.70 24.06 -24.91
C SER C 50 -25.29 23.60 -25.31
N HIS C 51 -24.51 23.07 -24.37
CA HIS C 51 -23.07 22.72 -24.56
C HIS C 51 -22.71 21.42 -23.86
N ARG C 52 -21.64 20.78 -24.32
CA ARG C 52 -20.84 19.81 -23.54
C ARG C 52 -19.52 20.49 -23.17
N LEU C 53 -19.10 20.35 -21.92
CA LEU C 53 -17.86 20.93 -21.35
C LEU C 53 -16.91 19.79 -21.00
N TYR C 54 -15.78 19.68 -21.71
CA TYR C 54 -14.74 18.65 -21.47
C TYR C 54 -13.65 19.24 -20.58
N TYR C 55 -13.01 18.41 -19.76
CA TYR C 55 -11.97 18.81 -18.79
C TYR C 55 -11.25 17.59 -18.21
N LEU C 56 -10.13 17.84 -17.53
CA LEU C 56 -9.40 16.83 -16.73
C LEU C 56 -9.79 17.03 -15.27
N GLY C 57 -9.98 15.93 -14.55
CA GLY C 57 -10.31 15.96 -13.12
C GLY C 57 -10.26 14.57 -12.52
N MET C 58 -10.23 14.52 -11.18
CA MET C 58 -10.25 13.26 -10.39
C MET C 58 -11.69 13.00 -9.96
N PRO C 59 -12.44 12.11 -10.66
CA PRO C 59 -13.84 11.88 -10.32
C PRO C 59 -13.94 11.15 -8.97
N TYR C 60 -15.15 11.10 -8.39
CA TYR C 60 -15.44 10.47 -7.08
C TYR C 60 -15.14 8.97 -7.17
N GLY C 61 -14.36 8.48 -6.23
CA GLY C 61 -13.87 7.08 -6.18
C GLY C 61 -12.83 6.82 -7.26
N SER C 62 -11.92 7.77 -7.49
CA SER C 62 -10.70 7.62 -8.33
C SER C 62 -9.53 8.34 -7.67
N ARG C 63 -8.32 7.82 -7.85
CA ARG C 63 -7.06 8.39 -7.30
C ARG C 63 -6.22 9.02 -8.43
N GLU C 64 -6.76 9.18 -9.64
CA GLU C 64 -6.02 9.68 -10.83
C GLU C 64 -6.92 10.54 -11.73
N ASN C 65 -6.30 11.53 -12.39
CA ASN C 65 -6.95 12.42 -13.39
C ASN C 65 -7.42 11.59 -14.59
N SER C 66 -8.64 11.83 -15.07
CA SER C 66 -9.16 11.28 -16.35
C SER C 66 -9.88 12.37 -17.16
N LEU C 67 -10.24 12.03 -18.39
CA LEU C 67 -11.03 12.89 -19.31
C LEU C 67 -12.48 12.81 -18.89
N LEU C 68 -13.09 13.95 -18.57
CA LEU C 68 -14.47 14.05 -18.06
C LEU C 68 -15.23 15.06 -18.92
N TYR C 69 -16.55 14.99 -18.88
CA TYR C 69 -17.45 16.00 -19.47
C TYR C 69 -18.60 16.27 -18.50
N SER C 70 -19.18 17.46 -18.64
CA SER C 70 -20.45 17.84 -18.01
C SER C 70 -21.38 18.42 -19.07
N GLU C 71 -22.68 18.23 -18.89
CA GLU C 71 -23.75 18.74 -19.77
C GLU C 71 -24.19 20.10 -19.23
N ILE C 72 -24.14 21.14 -20.07
CA ILE C 72 -24.57 22.52 -19.72
C ILE C 72 -26.01 22.69 -20.18
N PRO C 73 -26.99 22.82 -19.26
CA PRO C 73 -28.39 22.93 -19.66
C PRO C 73 -28.75 24.30 -20.27
N LYS C 74 -29.76 24.32 -21.14
CA LYS C 74 -30.27 25.54 -21.82
C LYS C 74 -30.95 26.48 -20.80
N LYS C 75 -31.54 25.93 -19.74
CA LYS C 75 -32.27 26.69 -18.68
C LYS C 75 -31.88 26.14 -17.31
N VAL C 76 -31.75 27.04 -16.33
CA VAL C 76 -31.49 26.71 -14.90
C VAL C 76 -32.49 27.49 -14.02
N ARG C 77 -32.97 26.87 -12.95
CA ARG C 77 -33.82 27.51 -11.90
C ARG C 77 -32.98 28.61 -11.23
N LYS C 78 -33.47 29.86 -11.24
CA LYS C 78 -32.75 31.05 -10.70
C LYS C 78 -32.56 30.90 -9.18
N GLU C 79 -33.53 30.31 -8.47
CA GLU C 79 -33.54 30.15 -6.99
C GLU C 79 -33.12 28.73 -6.62
N ALA C 80 -31.99 28.26 -7.16
CA ALA C 80 -31.40 26.92 -6.90
C ALA C 80 -29.97 26.84 -7.47
N LEU C 81 -29.07 26.16 -6.77
CA LEU C 81 -27.64 26.00 -7.14
C LEU C 81 -27.46 24.65 -7.85
N LEU C 82 -27.19 24.67 -9.15
CA LEU C 82 -26.96 23.44 -9.94
C LEU C 82 -25.48 23.05 -9.81
N LEU C 83 -25.21 21.86 -9.25
N LEU C 83 -25.23 21.86 -9.25
CA LEU C 83 -23.87 21.22 -9.21
CA LEU C 83 -23.90 21.19 -9.21
C LEU C 83 -23.82 20.22 -10.36
C LEU C 83 -23.86 20.22 -10.39
N LEU C 84 -23.03 20.49 -11.39
CA LEU C 84 -22.94 19.65 -12.61
C LEU C 84 -22.31 18.30 -12.22
N SER C 85 -22.92 17.21 -12.67
CA SER C 85 -22.38 15.84 -12.51
C SER C 85 -21.20 15.69 -13.47
N TRP C 86 -20.09 15.17 -12.94
CA TRP C 86 -18.87 14.81 -13.71
C TRP C 86 -19.08 13.43 -14.35
N LYS C 87 -19.23 13.38 -15.68
CA LYS C 87 -19.39 12.11 -16.45
C LYS C 87 -18.02 11.67 -16.96
N GLN C 88 -17.68 10.39 -16.80
CA GLN C 88 -16.43 9.80 -17.35
C GLN C 88 -16.59 9.60 -18.85
N MET C 89 -15.55 9.93 -19.61
CA MET C 89 -15.45 9.69 -21.08
C MET C 89 -14.92 8.27 -21.34
N LEU C 90 -14.05 7.76 -20.46
CA LEU C 90 -13.25 6.51 -20.65
C LEU C 90 -13.70 5.43 -19.67
N ASP C 91 -13.89 4.19 -20.14
CA ASP C 91 -14.45 3.05 -19.36
C ASP C 91 -13.36 2.42 -18.50
N HIS C 92 -13.49 2.52 -17.17
CA HIS C 92 -12.65 1.89 -16.11
C HIS C 92 -11.21 1.68 -16.62
N PHE C 93 -10.43 2.76 -16.68
CA PHE C 93 -9.14 2.84 -17.41
C PHE C 93 -8.06 3.42 -16.47
N GLN C 94 -6.95 2.71 -16.31
CA GLN C 94 -5.80 3.08 -15.42
C GLN C 94 -4.76 3.82 -16.27
N ALA C 95 -4.84 5.16 -16.28
CA ALA C 95 -3.94 6.07 -17.04
C ALA C 95 -2.52 6.05 -16.46
N THR C 96 -2.39 5.90 -15.13
CA THR C 96 -1.10 5.94 -14.40
C THR C 96 -0.33 4.65 -14.68
N PRO C 97 1.03 4.69 -14.81
CA PRO C 97 1.85 3.47 -14.82
C PRO C 97 1.98 2.82 -13.43
N HIS C 98 2.49 1.58 -13.38
CA HIS C 98 2.64 0.74 -12.16
C HIS C 98 3.51 1.46 -11.12
N HIS C 99 3.01 1.58 -9.88
CA HIS C 99 3.65 2.28 -8.74
C HIS C 99 3.84 3.77 -9.07
N TYR C 102 6.81 6.66 -13.73
CA TYR C 102 6.96 7.19 -15.12
C TYR C 102 8.43 7.05 -15.55
N SER C 103 8.67 7.00 -16.87
CA SER C 103 10.02 7.08 -17.51
C SER C 103 10.72 8.37 -17.09
N ARG C 104 12.04 8.45 -17.23
CA ARG C 104 12.86 9.67 -16.91
C ARG C 104 12.28 10.88 -17.66
N GLU C 105 11.92 10.70 -18.93
CA GLU C 105 11.37 11.76 -19.83
C GLU C 105 10.07 12.31 -19.20
N GLU C 106 9.10 11.43 -18.91
CA GLU C 106 7.77 11.81 -18.34
C GLU C 106 7.93 12.34 -16.90
N GLU C 107 8.84 11.76 -16.11
CA GLU C 107 9.13 12.17 -14.70
C GLU C 107 9.65 13.62 -14.68
N LEU C 108 10.67 13.92 -15.49
CA LEU C 108 11.30 15.26 -15.58
C LEU C 108 10.30 16.29 -16.10
N LEU C 109 9.40 15.91 -17.03
CA LEU C 109 8.39 16.80 -17.64
C LEU C 109 7.36 17.21 -16.57
N ARG C 110 6.95 16.28 -15.70
CA ARG C 110 6.02 16.51 -14.56
C ARG C 110 6.68 17.44 -13.53
N GLU C 111 7.99 17.29 -13.30
CA GLU C 111 8.78 18.18 -12.39
C GLU C 111 8.82 19.61 -12.95
N ARG C 112 9.06 19.76 -14.26
CA ARG C 112 9.19 21.06 -14.96
C ARG C 112 7.83 21.75 -15.11
N LYS C 113 6.74 21.00 -15.27
CA LYS C 113 5.36 21.53 -15.40
C LYS C 113 4.70 21.65 -14.00
N ARG C 114 5.43 21.35 -12.91
CA ARG C 114 4.97 21.43 -11.50
C ARG C 114 3.70 20.58 -11.32
N LEU C 115 3.67 19.38 -11.91
CA LEU C 115 2.50 18.45 -11.88
C LEU C 115 2.69 17.44 -10.76
N GLY C 116 1.78 17.43 -9.78
CA GLY C 116 1.74 16.49 -8.63
C GLY C 116 0.78 15.34 -8.84
N VAL C 117 -0.39 15.60 -9.45
CA VAL C 117 -1.48 14.59 -9.66
C VAL C 117 -1.01 13.50 -10.63
N PHE C 118 -1.60 12.30 -10.51
CA PHE C 118 -1.36 11.12 -11.37
C PHE C 118 -2.45 11.03 -12.46
N GLY C 119 -2.22 10.21 -13.49
CA GLY C 119 -3.16 9.96 -14.61
C GLY C 119 -2.93 10.91 -15.78
N ILE C 120 -3.95 11.12 -16.63
CA ILE C 120 -3.90 12.00 -17.84
C ILE C 120 -3.75 13.45 -17.36
N THR C 121 -2.63 14.11 -17.71
CA THR C 121 -2.28 15.49 -17.28
C THR C 121 -2.45 16.50 -18.42
N SER C 122 -2.67 16.06 -19.66
CA SER C 122 -3.00 16.94 -20.81
C SER C 122 -3.60 16.13 -21.94
N TYR C 123 -4.38 16.79 -22.80
CA TYR C 123 -4.95 16.21 -24.03
C TYR C 123 -4.90 17.24 -25.15
N ASP C 124 -4.76 16.76 -26.39
CA ASP C 124 -5.01 17.55 -27.61
C ASP C 124 -6.41 17.23 -28.12
N PHE C 125 -7.13 18.24 -28.59
CA PHE C 125 -8.54 18.18 -29.02
C PHE C 125 -8.68 18.88 -30.37
N HIS C 126 -9.32 18.24 -31.34
CA HIS C 126 -9.69 18.78 -32.67
C HIS C 126 -11.21 18.91 -32.72
N SER C 127 -11.72 20.15 -32.64
CA SER C 127 -13.15 20.47 -32.43
C SER C 127 -13.99 19.99 -33.61
N GLU C 128 -13.57 20.28 -34.85
CA GLU C 128 -14.33 19.95 -36.09
C GLU C 128 -14.60 18.44 -36.14
N SER C 129 -13.60 17.60 -35.86
CA SER C 129 -13.69 16.11 -35.95
C SER C 129 -14.12 15.52 -34.60
N GLY C 130 -13.94 16.24 -33.49
CA GLY C 130 -14.23 15.73 -32.13
C GLY C 130 -13.21 14.69 -31.69
N LEU C 131 -11.99 14.73 -32.21
CA LEU C 131 -10.87 13.80 -31.86
C LEU C 131 -10.16 14.29 -30.60
N PHE C 132 -9.94 13.40 -29.63
CA PHE C 132 -9.09 13.59 -28.43
C PHE C 132 -7.86 12.71 -28.58
N LEU C 133 -6.67 13.23 -28.24
CA LEU C 133 -5.38 12.50 -28.29
C LEU C 133 -4.62 12.79 -26.98
N PHE C 134 -4.05 11.76 -26.34
CA PHE C 134 -3.42 11.90 -25.01
C PHE C 134 -2.49 10.72 -24.73
N GLN C 135 -1.46 10.97 -23.91
CA GLN C 135 -0.58 9.96 -23.29
C GLN C 135 -1.32 9.30 -22.12
N ALA C 136 -1.15 7.99 -21.98
CA ALA C 136 -1.80 7.15 -20.93
C ALA C 136 -1.20 5.74 -20.96
N SER C 137 -0.94 5.17 -19.78
CA SER C 137 -0.40 3.80 -19.59
C SER C 137 0.91 3.62 -20.39
N ASN C 138 1.79 4.63 -20.38
CA ASN C 138 3.08 4.68 -21.12
C ASN C 138 2.88 4.38 -22.62
N SER C 139 1.77 4.84 -23.18
CA SER C 139 1.42 4.71 -24.62
C SER C 139 0.61 5.93 -25.06
N LEU C 140 0.07 5.90 -26.28
CA LEU C 140 -0.81 6.94 -26.86
C LEU C 140 -2.18 6.32 -27.05
N PHE C 141 -3.21 7.06 -26.66
CA PHE C 141 -4.64 6.67 -26.80
C PHE C 141 -5.38 7.83 -27.47
N HIS C 142 -6.53 7.52 -28.07
CA HIS C 142 -7.45 8.51 -28.67
C HIS C 142 -8.89 8.02 -28.50
N CYS C 143 -9.83 8.96 -28.61
CA CYS C 143 -11.30 8.71 -28.64
C CYS C 143 -11.95 9.86 -29.40
N ARG C 144 -13.22 9.70 -29.79
CA ARG C 144 -13.98 10.70 -30.57
C ARG C 144 -15.31 10.98 -29.86
N ASP C 145 -15.74 12.23 -29.84
CA ASP C 145 -17.02 12.67 -29.25
C ASP C 145 -17.40 14.02 -29.87
N GLY C 146 -18.68 14.18 -30.20
CA GLY C 146 -19.18 15.36 -30.94
C GLY C 146 -18.77 15.31 -32.41
N GLY C 147 -18.77 16.46 -33.07
CA GLY C 147 -18.53 16.58 -34.53
C GLY C 147 -19.58 15.82 -35.33
N LYS C 148 -19.15 15.09 -36.37
CA LYS C 148 -20.02 14.23 -37.21
C LYS C 148 -20.51 13.03 -36.38
N ASN C 149 -19.62 12.38 -35.62
CA ASN C 149 -19.84 11.12 -34.88
C ASN C 149 -21.00 11.25 -33.86
N GLY C 150 -21.23 12.44 -33.30
CA GLY C 150 -22.28 12.69 -32.28
C GLY C 150 -21.82 12.32 -30.88
N PHE C 151 -22.60 12.70 -29.88
CA PHE C 151 -22.21 12.72 -28.44
C PHE C 151 -22.55 11.41 -27.75
N MET C 152 -21.59 10.79 -27.06
CA MET C 152 -21.78 9.58 -26.20
C MET C 152 -22.75 9.91 -25.07
N VAL C 153 -23.44 8.89 -24.52
CA VAL C 153 -24.29 9.00 -23.30
C VAL C 153 -23.72 8.06 -22.20
N SER C 154 -22.63 7.35 -22.47
CA SER C 154 -21.96 6.43 -21.52
C SER C 154 -20.46 6.36 -21.84
N PRO C 155 -19.59 6.00 -20.88
CA PRO C 155 -18.16 5.91 -21.14
C PRO C 155 -17.82 4.92 -22.27
N MET C 156 -17.14 5.39 -23.32
CA MET C 156 -16.53 4.55 -24.39
C MET C 156 -15.14 4.08 -23.95
N LYS C 157 -14.56 3.09 -24.64
CA LYS C 157 -13.19 2.56 -24.38
C LYS C 157 -12.23 3.33 -25.29
N PRO C 158 -11.07 3.80 -24.77
CA PRO C 158 -10.10 4.53 -25.59
C PRO C 158 -9.28 3.56 -26.45
N LEU C 159 -9.16 3.83 -27.75
CA LEU C 159 -8.36 3.01 -28.70
C LEU C 159 -6.88 3.37 -28.55
N GLU C 160 -6.03 2.41 -28.17
CA GLU C 160 -4.55 2.55 -28.18
C GLU C 160 -4.09 2.76 -29.63
N ILE C 161 -3.01 3.52 -29.83
CA ILE C 161 -2.35 3.70 -31.15
C ILE C 161 -1.07 2.87 -31.12
N LYS C 162 -1.01 1.78 -31.88
CA LYS C 162 0.13 0.83 -31.89
C LYS C 162 1.31 1.52 -32.60
N THR C 163 2.54 1.14 -32.23
CA THR C 163 3.78 1.71 -32.80
C THR C 163 4.81 0.59 -33.00
N GLN C 164 5.71 0.77 -33.97
CA GLN C 164 6.94 -0.04 -34.12
C GLN C 164 8.15 0.74 -33.56
N CYS C 165 7.92 1.95 -33.03
CA CYS C 165 8.98 2.78 -32.39
C CYS C 165 9.45 2.14 -31.08
N SER C 166 10.73 2.30 -30.77
CA SER C 166 11.37 1.92 -29.49
C SER C 166 11.40 3.15 -28.58
N GLY C 167 10.96 3.00 -27.34
CA GLY C 167 10.97 4.06 -26.31
C GLY C 167 9.75 4.96 -26.39
N PRO C 168 9.61 5.95 -25.48
CA PRO C 168 8.39 6.74 -25.39
C PRO C 168 8.12 7.64 -26.61
N ARG C 169 6.84 7.80 -26.94
CA ARG C 169 6.33 8.78 -27.92
C ARG C 169 5.83 10.02 -27.16
N MET C 170 6.60 11.11 -27.21
CA MET C 170 6.39 12.32 -26.37
C MET C 170 5.71 13.43 -27.18
N ASP C 171 5.02 14.34 -26.48
CA ASP C 171 4.51 15.62 -27.03
C ASP C 171 3.63 15.36 -28.25
N PRO C 172 2.59 14.50 -28.13
CA PRO C 172 1.72 14.21 -29.27
C PRO C 172 0.76 15.37 -29.57
N LYS C 173 0.51 15.65 -30.87
CA LYS C 173 -0.35 16.75 -31.34
C LYS C 173 -1.09 16.35 -32.61
N ILE C 174 -2.37 16.68 -32.68
CA ILE C 174 -3.23 16.40 -33.87
C ILE C 174 -2.87 17.43 -34.94
N CYS C 175 -2.81 17.01 -36.20
CA CYS C 175 -2.63 17.92 -37.36
C CYS C 175 -3.90 18.75 -37.53
N PRO C 176 -3.84 20.10 -37.39
CA PRO C 176 -5.03 20.95 -37.51
C PRO C 176 -5.69 20.91 -38.89
N ALA C 177 -4.89 20.80 -39.96
CA ALA C 177 -5.34 20.80 -41.37
C ALA C 177 -6.04 19.47 -41.70
N ASP C 178 -5.63 18.36 -41.07
CA ASP C 178 -6.15 17.00 -41.38
C ASP C 178 -6.00 16.11 -40.16
N PRO C 179 -7.08 15.90 -39.37
CA PRO C 179 -6.98 15.15 -38.11
C PRO C 179 -6.77 13.63 -38.26
N ALA C 180 -6.66 13.11 -39.49
CA ALA C 180 -6.14 11.76 -39.79
C ALA C 180 -4.69 11.65 -39.30
N PHE C 181 -3.94 12.76 -39.27
CA PHE C 181 -2.50 12.78 -38.92
C PHE C 181 -2.29 13.38 -37.53
N PHE C 182 -1.29 12.85 -36.84
CA PHE C 182 -0.76 13.41 -35.59
C PHE C 182 0.77 13.31 -35.65
N SER C 183 1.42 14.07 -34.79
CA SER C 183 2.89 14.11 -34.65
C SER C 183 3.26 13.65 -33.25
N PHE C 184 4.52 13.26 -33.07
CA PHE C 184 5.12 12.95 -31.76
C PHE C 184 6.63 13.03 -31.90
N ILE C 185 7.32 13.11 -30.77
CA ILE C 185 8.80 13.01 -30.67
C ILE C 185 9.13 11.59 -30.20
N ASN C 186 10.05 10.94 -30.90
CA ASN C 186 10.63 9.64 -30.49
C ASN C 186 12.15 9.74 -30.62
N ASN C 187 12.89 9.47 -29.54
CA ASN C 187 14.38 9.49 -29.54
C ASN C 187 14.88 10.78 -30.22
N SER C 188 14.37 11.93 -29.75
CA SER C 188 14.87 13.29 -30.10
C SER C 188 14.66 13.62 -31.58
N ASP C 189 13.67 13.00 -32.23
CA ASP C 189 13.33 13.28 -33.65
C ASP C 189 11.80 13.32 -33.78
N LEU C 190 11.35 14.08 -34.77
CA LEU C 190 9.93 14.35 -35.07
C LEU C 190 9.41 13.23 -35.98
N TRP C 191 8.27 12.65 -35.62
CA TRP C 191 7.54 11.62 -36.39
C TRP C 191 6.15 12.14 -36.67
N VAL C 192 5.54 11.67 -37.75
CA VAL C 192 4.07 11.74 -37.97
C VAL C 192 3.55 10.32 -38.12
N ALA C 193 2.26 10.16 -37.88
CA ALA C 193 1.54 8.89 -38.10
C ALA C 193 0.13 9.26 -38.56
N ASN C 194 -0.47 8.36 -39.32
CA ASN C 194 -1.91 8.39 -39.70
C ASN C 194 -2.65 7.55 -38.67
N ILE C 195 -3.55 8.17 -37.92
CA ILE C 195 -4.27 7.56 -36.77
C ILE C 195 -5.30 6.55 -37.33
N GLU C 196 -5.79 6.76 -38.56
CA GLU C 196 -6.81 5.92 -39.23
C GLU C 196 -6.16 4.66 -39.80
N THR C 197 -5.05 4.80 -40.54
CA THR C 197 -4.36 3.68 -41.27
C THR C 197 -3.31 3.00 -40.40
N GLY C 198 -2.72 3.72 -39.44
CA GLY C 198 -1.66 3.21 -38.55
C GLY C 198 -0.25 3.35 -39.13
N GLU C 199 -0.11 3.95 -40.32
CA GLU C 199 1.20 4.24 -40.96
C GLU C 199 1.95 5.26 -40.09
N GLU C 200 3.22 4.98 -39.80
CA GLU C 200 4.16 5.85 -39.05
C GLU C 200 5.32 6.24 -39.96
N ARG C 201 5.85 7.46 -39.82
CA ARG C 201 6.94 7.98 -40.70
C ARG C 201 7.82 8.95 -39.91
N ARG C 202 9.12 8.66 -39.80
CA ARG C 202 10.13 9.56 -39.21
C ARG C 202 10.36 10.73 -40.19
N LEU C 203 10.31 11.98 -39.72
CA LEU C 203 10.52 13.19 -40.55
C LEU C 203 11.96 13.71 -40.42
N THR C 204 12.56 13.65 -39.24
CA THR C 204 13.89 14.25 -38.94
C THR C 204 14.87 13.16 -38.52
N PHE C 205 16.15 13.38 -38.84
CA PHE C 205 17.26 12.40 -38.74
C PHE C 205 18.46 13.03 -38.03
N CYS C 206 18.21 13.82 -36.98
CA CYS C 206 19.24 14.50 -36.15
C CYS C 206 19.92 13.53 -35.19
N HIS C 207 19.14 12.63 -34.62
CA HIS C 207 19.58 11.69 -33.56
C HIS C 207 20.02 10.38 -34.22
N GLN C 208 21.31 10.08 -34.18
CA GLN C 208 21.92 8.86 -34.77
C GLN C 208 21.53 7.63 -33.96
N GLY C 209 21.28 7.81 -32.65
CA GLY C 209 21.03 6.71 -31.69
C GLY C 209 22.31 6.01 -31.27
N LEU C 210 23.45 6.73 -31.27
CA LEU C 210 24.79 6.18 -30.94
C LEU C 210 24.80 5.69 -29.49
N SER C 211 25.70 4.73 -29.19
CA SER C 211 25.86 4.08 -27.86
C SER C 211 26.34 5.12 -26.84
N ASN C 212 27.34 5.92 -27.19
CA ASN C 212 27.74 7.13 -26.41
C ASN C 212 26.76 8.27 -26.71
N VAL C 213 25.85 8.57 -25.78
CA VAL C 213 24.77 9.60 -25.90
C VAL C 213 25.42 10.99 -26.06
N LEU C 214 26.57 11.22 -25.44
CA LEU C 214 27.27 12.53 -25.45
C LEU C 214 27.94 12.78 -26.81
N ASP C 215 28.05 11.76 -27.67
CA ASP C 215 28.49 11.90 -29.09
C ASP C 215 27.27 12.09 -30.00
N ASP C 216 26.06 12.14 -29.45
CA ASP C 216 24.77 12.20 -30.19
C ASP C 216 23.97 13.44 -29.73
N PRO C 217 24.49 14.66 -29.95
CA PRO C 217 24.02 15.85 -29.24
C PRO C 217 22.93 16.69 -29.93
N LYS C 218 22.40 16.25 -31.07
CA LYS C 218 21.38 17.00 -31.85
C LYS C 218 20.00 16.42 -31.56
N SER C 219 18.99 17.29 -31.51
CA SER C 219 17.55 16.94 -31.35
C SER C 219 16.74 17.80 -32.32
N ALA C 220 15.55 17.31 -32.67
CA ALA C 220 14.54 18.03 -33.46
C ALA C 220 13.22 17.97 -32.69
N GLY C 221 12.55 19.12 -32.53
CA GLY C 221 11.19 19.20 -32.01
C GLY C 221 11.16 19.24 -30.49
N VAL C 222 12.32 19.38 -29.84
CA VAL C 222 12.49 19.22 -28.37
C VAL C 222 12.90 20.58 -27.76
N ALA C 223 12.21 20.97 -26.68
CA ALA C 223 12.61 22.07 -25.78
C ALA C 223 13.67 21.55 -24.82
N THR C 224 14.85 22.18 -24.80
CA THR C 224 15.99 21.76 -23.94
C THR C 224 15.76 22.26 -22.50
N PHE C 225 16.68 21.89 -21.60
CA PHE C 225 16.58 22.15 -20.14
C PHE C 225 16.22 23.62 -19.84
N VAL C 226 17.04 24.58 -20.29
CA VAL C 226 16.84 26.02 -19.93
C VAL C 226 15.52 26.55 -20.53
N ILE C 227 15.13 26.08 -21.70
CA ILE C 227 13.88 26.52 -22.37
C ILE C 227 12.69 26.07 -21.52
N GLN C 228 12.72 24.83 -21.01
CA GLN C 228 11.63 24.27 -20.18
C GLN C 228 11.64 24.94 -18.81
N GLU C 229 12.79 25.01 -18.15
CA GLU C 229 12.91 25.44 -16.74
C GLU C 229 12.80 26.96 -16.61
N GLU C 230 13.35 27.73 -17.57
CA GLU C 230 13.48 29.20 -17.41
C GLU C 230 12.63 30.01 -18.39
N PHE C 231 12.08 29.39 -19.45
CA PHE C 231 11.25 30.12 -20.46
C PHE C 231 9.86 29.51 -20.60
N ASP C 232 9.52 28.48 -19.80
CA ASP C 232 8.14 27.93 -19.71
C ASP C 232 7.67 27.44 -21.10
N ARG C 233 8.57 26.91 -21.92
CA ARG C 233 8.22 26.29 -23.24
C ARG C 233 8.54 24.80 -23.17
N PHE C 234 7.56 23.94 -23.46
CA PHE C 234 7.65 22.46 -23.30
C PHE C 234 7.55 21.74 -24.64
N THR C 235 7.54 22.47 -25.76
CA THR C 235 7.46 21.90 -27.12
C THR C 235 8.53 22.57 -27.99
N GLY C 236 9.01 21.88 -29.02
CA GLY C 236 9.98 22.44 -29.98
C GLY C 236 9.51 22.27 -31.41
N TYR C 237 8.21 22.14 -31.63
CA TYR C 237 7.61 22.04 -32.99
C TYR C 237 6.17 22.54 -32.97
N TRP C 238 5.69 22.97 -34.13
CA TRP C 238 4.40 23.68 -34.34
C TRP C 238 3.83 23.29 -35.71
N TRP C 239 2.68 22.63 -35.73
CA TRP C 239 1.95 22.29 -36.97
C TRP C 239 1.61 23.57 -37.72
N CYS C 240 1.82 23.59 -39.03
CA CYS C 240 1.17 24.56 -39.92
C CYS C 240 -0.32 24.26 -39.90
N PRO C 241 -1.21 25.27 -39.68
CA PRO C 241 -2.64 25.00 -39.56
C PRO C 241 -3.36 24.64 -40.88
N THR C 242 -2.71 24.83 -42.03
CA THR C 242 -3.31 24.62 -43.37
C THR C 242 -2.48 23.62 -44.17
N ALA C 243 -3.12 23.01 -45.16
CA ALA C 243 -2.48 22.21 -46.22
C ALA C 243 -2.22 23.12 -47.42
N SER C 244 -1.26 22.76 -48.26
CA SER C 244 -1.06 23.38 -49.60
C SER C 244 -1.03 22.28 -50.67
N TRP C 245 -1.12 22.69 -51.94
CA TRP C 245 -1.37 21.81 -53.10
C TRP C 245 -0.41 22.18 -54.23
N GLU C 246 0.89 22.00 -53.99
CA GLU C 246 1.97 22.14 -54.99
C GLU C 246 2.03 20.90 -55.89
N GLY C 247 2.47 21.05 -57.14
CA GLY C 247 2.61 19.94 -58.10
C GLY C 247 1.27 19.54 -58.71
N SER C 248 1.30 19.03 -59.94
CA SER C 248 0.11 18.68 -60.76
C SER C 248 -0.28 17.21 -60.56
N GLU C 249 0.20 16.55 -59.49
CA GLU C 249 -0.08 15.13 -59.16
C GLU C 249 -1.30 15.01 -58.22
N GLY C 250 -1.84 16.14 -57.75
CA GLY C 250 -2.98 16.18 -56.81
C GLY C 250 -2.60 15.75 -55.40
N LEU C 251 -1.32 15.88 -55.02
CA LEU C 251 -0.81 15.59 -53.66
C LEU C 251 -1.06 16.79 -52.75
N LYS C 252 -1.31 16.54 -51.46
CA LYS C 252 -1.49 17.56 -50.40
C LYS C 252 -0.21 17.64 -49.58
N THR C 253 0.35 18.84 -49.37
CA THR C 253 1.55 19.07 -48.53
C THR C 253 1.12 19.56 -47.14
N LEU C 254 1.62 18.91 -46.08
CA LEU C 254 1.45 19.31 -44.67
C LEU C 254 2.82 19.68 -44.12
N ARG C 255 2.88 20.66 -43.22
CA ARG C 255 4.14 21.32 -42.77
C ARG C 255 4.20 21.35 -41.25
N ILE C 256 5.40 21.18 -40.70
CA ILE C 256 5.69 21.37 -39.25
C ILE C 256 6.95 22.25 -39.15
N LEU C 257 6.83 23.39 -38.48
CA LEU C 257 8.00 24.19 -38.03
C LEU C 257 8.60 23.47 -36.82
N TYR C 258 9.92 23.36 -36.73
CA TYR C 258 10.57 22.74 -35.55
C TYR C 258 11.89 23.45 -35.28
N GLU C 259 12.26 23.46 -34.01
CA GLU C 259 13.59 23.89 -33.53
C GLU C 259 14.52 22.67 -33.60
N GLU C 260 15.63 22.81 -34.29
CA GLU C 260 16.77 21.87 -34.23
C GLU C 260 17.79 22.45 -33.27
N VAL C 261 18.28 21.62 -32.35
CA VAL C 261 19.28 22.06 -31.33
C VAL C 261 20.49 21.15 -31.43
N ASP C 262 21.67 21.71 -31.18
CA ASP C 262 22.94 20.97 -31.05
C ASP C 262 23.51 21.34 -29.68
N GLU C 263 23.58 20.37 -28.76
CA GLU C 263 24.07 20.59 -27.37
C GLU C 263 25.54 20.20 -27.18
N SER C 264 26.28 20.04 -28.30
N SER C 264 26.27 20.05 -28.30
CA SER C 264 27.70 19.59 -28.37
CA SER C 264 27.69 19.60 -28.38
C SER C 264 28.57 20.36 -27.37
C SER C 264 28.57 20.36 -27.38
N GLU C 265 28.47 21.69 -27.36
CA GLU C 265 29.38 22.58 -26.60
C GLU C 265 28.83 22.90 -25.22
N VAL C 266 27.64 22.41 -24.86
CA VAL C 266 26.96 22.69 -23.57
C VAL C 266 27.59 21.77 -22.50
N GLU C 267 27.94 22.34 -21.35
CA GLU C 267 28.56 21.61 -20.21
C GLU C 267 27.62 20.51 -19.73
N VAL C 268 28.20 19.40 -19.29
CA VAL C 268 27.50 18.18 -18.79
C VAL C 268 27.65 18.16 -17.27
N ILE C 269 26.54 17.99 -16.55
CA ILE C 269 26.54 17.74 -15.08
C ILE C 269 25.82 16.42 -14.83
N HIS C 270 26.07 15.80 -13.69
CA HIS C 270 25.44 14.52 -13.28
C HIS C 270 24.56 14.80 -12.07
N VAL C 271 23.30 14.36 -12.12
CA VAL C 271 22.34 14.43 -10.98
C VAL C 271 21.96 13.01 -10.62
N PRO C 272 21.96 12.63 -9.32
CA PRO C 272 21.57 11.28 -8.94
C PRO C 272 20.16 10.95 -9.46
N SER C 273 19.98 9.71 -9.91
CA SER C 273 18.73 9.15 -10.44
C SER C 273 17.85 8.73 -9.25
N PRO C 274 16.50 8.79 -9.37
CA PRO C 274 15.61 8.46 -8.25
C PRO C 274 15.63 7.01 -7.77
N ALA C 275 16.10 6.05 -8.58
CA ALA C 275 16.36 4.66 -8.11
C ALA C 275 17.66 4.65 -7.31
N LEU C 276 17.59 5.10 -6.05
CA LEU C 276 18.78 5.34 -5.18
C LEU C 276 19.65 4.09 -5.08
N GLU C 277 19.02 2.92 -4.97
CA GLU C 277 19.70 1.59 -4.82
C GLU C 277 20.61 1.29 -6.03
N GLU C 278 20.36 1.89 -7.20
CA GLU C 278 21.22 1.69 -8.40
C GLU C 278 22.50 2.53 -8.33
N ARG C 279 22.55 3.55 -7.46
CA ARG C 279 23.75 4.39 -7.19
C ARG C 279 24.31 4.95 -8.51
N LYS C 280 23.43 5.44 -9.37
CA LYS C 280 23.79 6.05 -10.69
C LYS C 280 23.21 7.46 -10.77
N THR C 281 23.69 8.23 -11.75
CA THR C 281 23.25 9.60 -12.06
C THR C 281 22.72 9.62 -13.49
N ASP C 282 21.91 10.62 -13.82
CA ASP C 282 21.54 11.00 -15.20
C ASP C 282 22.42 12.16 -15.63
N SER C 283 22.82 12.21 -16.89
CA SER C 283 23.62 13.31 -17.49
C SER C 283 22.67 14.39 -18.02
N TYR C 284 22.96 15.65 -17.70
CA TYR C 284 22.19 16.84 -18.15
C TYR C 284 23.13 17.79 -18.92
N ARG C 285 22.66 18.32 -20.04
CA ARG C 285 23.27 19.48 -20.72
C ARG C 285 22.81 20.72 -19.96
N TYR C 286 23.62 21.16 -19.00
CA TYR C 286 23.28 22.25 -18.05
C TYR C 286 24.12 23.48 -18.39
N PRO C 287 23.54 24.49 -19.08
CA PRO C 287 24.27 25.72 -19.36
C PRO C 287 24.34 26.55 -18.07
N ARG C 288 25.47 26.50 -17.38
CA ARG C 288 25.71 27.38 -16.21
C ARG C 288 25.95 28.79 -16.75
N THR C 289 25.57 29.79 -15.96
CA THR C 289 25.67 31.24 -16.29
C THR C 289 27.06 31.54 -16.87
N GLY C 290 27.11 32.21 -18.03
CA GLY C 290 28.36 32.61 -18.69
C GLY C 290 28.87 31.58 -19.68
N SER C 291 28.34 30.35 -19.66
CA SER C 291 28.81 29.22 -20.52
C SER C 291 27.90 29.11 -21.75
N LYS C 292 28.19 28.16 -22.64
CA LYS C 292 27.51 28.01 -23.95
C LYS C 292 26.09 27.48 -23.75
N ASN C 293 25.11 28.16 -24.35
CA ASN C 293 23.73 27.63 -24.58
C ASN C 293 23.78 26.74 -25.82
N PRO C 294 22.75 25.89 -26.07
CA PRO C 294 22.70 25.11 -27.30
C PRO C 294 22.76 25.98 -28.58
N LYS C 295 23.32 25.41 -29.65
CA LYS C 295 23.20 25.98 -31.01
C LYS C 295 21.81 25.64 -31.53
N ILE C 296 21.05 26.64 -32.01
CA ILE C 296 19.62 26.48 -32.41
C ILE C 296 19.42 26.96 -33.84
N ALA C 297 18.38 26.42 -34.48
CA ALA C 297 17.87 26.89 -35.79
C ALA C 297 16.40 26.48 -35.88
N LEU C 298 15.60 27.26 -36.60
CA LEU C 298 14.24 26.82 -37.01
C LEU C 298 14.37 26.17 -38.39
N LYS C 299 13.67 25.05 -38.56
CA LYS C 299 13.63 24.25 -39.80
C LYS C 299 12.18 23.90 -40.08
N LEU C 300 11.93 23.34 -41.25
CA LEU C 300 10.57 23.02 -41.73
C LEU C 300 10.58 21.56 -42.19
N ALA C 301 9.73 20.73 -41.59
CA ALA C 301 9.43 19.35 -42.02
C ALA C 301 8.20 19.40 -42.89
N GLU C 302 8.28 18.82 -44.09
CA GLU C 302 7.14 18.74 -45.05
C GLU C 302 6.94 17.26 -45.37
N PHE C 303 5.69 16.88 -45.59
CA PHE C 303 5.35 15.56 -46.16
C PHE C 303 4.11 15.73 -47.02
N GLN C 304 4.01 14.86 -48.02
CA GLN C 304 2.92 14.87 -49.03
C GLN C 304 2.04 13.64 -48.79
N THR C 305 0.73 13.80 -48.99
CA THR C 305 -0.27 12.73 -48.78
C THR C 305 -1.17 12.65 -50.00
N ASP C 306 -1.66 11.43 -50.34
CA ASP C 306 -2.66 11.23 -51.43
C ASP C 306 -4.06 11.30 -50.81
N SER C 307 -5.11 11.15 -51.63
CA SER C 307 -6.54 11.21 -51.22
C SER C 307 -6.89 10.06 -50.27
N GLN C 308 -6.13 8.96 -50.28
CA GLN C 308 -6.31 7.80 -49.36
C GLN C 308 -5.51 7.97 -48.05
N GLY C 309 -4.77 9.07 -47.91
CA GLY C 309 -4.04 9.43 -46.66
C GLY C 309 -2.71 8.72 -46.53
N LYS C 310 -2.16 8.18 -47.63
CA LYS C 310 -0.82 7.52 -47.63
C LYS C 310 0.24 8.63 -47.64
N ILE C 311 1.27 8.50 -46.79
CA ILE C 311 2.43 9.45 -46.77
C ILE C 311 3.38 9.05 -47.90
N VAL C 312 3.36 9.83 -48.99
CA VAL C 312 4.06 9.54 -50.28
C VAL C 312 5.54 9.92 -50.17
N SER C 313 5.84 11.06 -49.56
CA SER C 313 7.20 11.63 -49.47
C SER C 313 7.31 12.55 -48.26
N THR C 314 8.53 12.72 -47.78
CA THR C 314 8.91 13.61 -46.64
C THR C 314 10.13 14.41 -47.06
N GLN C 315 10.37 15.56 -46.43
CA GLN C 315 11.53 16.45 -46.74
C GLN C 315 11.89 17.25 -45.50
N GLU C 316 13.17 17.25 -45.14
CA GLU C 316 13.79 18.21 -44.19
C GLU C 316 14.15 19.48 -44.98
N LYS C 317 13.62 20.63 -44.56
CA LYS C 317 13.96 21.95 -45.18
C LYS C 317 14.56 22.87 -44.13
N GLU C 318 15.46 23.76 -44.57
CA GLU C 318 16.23 24.67 -43.71
C GLU C 318 16.27 26.04 -44.39
N LEU C 319 16.54 27.09 -43.62
CA LEU C 319 16.62 28.48 -44.17
C LEU C 319 17.69 28.53 -45.28
N VAL C 320 17.40 29.28 -46.34
CA VAL C 320 18.27 29.38 -47.55
C VAL C 320 19.68 29.85 -47.17
N GLN C 321 19.79 30.75 -46.20
CA GLN C 321 21.07 31.05 -45.50
C GLN C 321 20.93 30.64 -44.04
N PRO C 322 22.02 30.22 -43.36
CA PRO C 322 21.91 29.68 -42.00
C PRO C 322 21.21 30.64 -41.02
N PHE C 323 20.45 30.07 -40.08
CA PHE C 323 19.80 30.80 -38.96
C PHE C 323 20.80 31.77 -38.33
N SER C 324 22.03 31.32 -38.09
CA SER C 324 23.11 32.10 -37.42
C SER C 324 23.54 33.30 -38.28
N SER C 325 23.42 33.23 -39.61
CA SER C 325 23.74 34.34 -40.55
C SER C 325 22.61 35.36 -40.57
N LEU C 326 21.37 34.89 -40.71
CA LEU C 326 20.16 35.77 -40.78
C LEU C 326 19.93 36.45 -39.43
N PHE C 327 20.13 35.72 -38.32
CA PHE C 327 19.73 36.17 -36.97
C PHE C 327 20.91 35.99 -36.01
N PRO C 328 22.02 36.74 -36.22
CA PRO C 328 23.27 36.49 -35.50
C PRO C 328 23.23 36.83 -34.00
N LYS C 329 22.32 37.70 -33.55
CA LYS C 329 22.24 38.13 -32.13
C LYS C 329 21.21 37.28 -31.36
N VAL C 330 20.53 36.32 -32.00
CA VAL C 330 19.49 35.49 -31.36
C VAL C 330 20.17 34.39 -30.53
N GLU C 331 19.97 34.39 -29.21
CA GLU C 331 20.45 33.35 -28.27
C GLU C 331 19.34 32.31 -28.02
N TYR C 332 18.10 32.75 -27.89
CA TYR C 332 16.94 31.89 -27.52
C TYR C 332 15.77 32.11 -28.47
N ILE C 333 15.05 31.04 -28.79
CA ILE C 333 13.68 31.07 -29.34
C ILE C 333 12.74 30.89 -28.15
N ALA C 334 12.05 31.96 -27.74
CA ALA C 334 11.09 31.94 -26.62
C ALA C 334 9.85 31.15 -27.06
N ARG C 335 9.29 31.51 -28.22
CA ARG C 335 7.96 31.06 -28.69
C ARG C 335 7.98 30.98 -30.22
N ALA C 336 7.09 30.17 -30.79
CA ALA C 336 6.90 30.09 -32.24
C ALA C 336 5.48 29.62 -32.52
N GLY C 337 5.09 29.76 -33.78
CA GLY C 337 3.76 29.37 -34.26
C GLY C 337 3.60 29.72 -35.72
N TRP C 338 2.34 29.84 -36.14
CA TRP C 338 1.94 30.18 -37.52
C TRP C 338 0.84 31.22 -37.46
N THR C 339 0.70 32.01 -38.52
CA THR C 339 -0.52 32.79 -38.83
C THR C 339 -1.61 31.77 -39.15
N ARG C 340 -2.88 32.12 -38.92
CA ARG C 340 -4.01 31.15 -38.95
C ARG C 340 -4.22 30.62 -40.38
N ASP C 341 -3.76 31.36 -41.40
CA ASP C 341 -3.84 30.98 -42.84
C ASP C 341 -2.64 30.13 -43.26
N GLY C 342 -1.64 29.94 -42.38
CA GLY C 342 -0.42 29.17 -42.69
C GLY C 342 0.53 29.92 -43.61
N LYS C 343 0.30 31.21 -43.85
CA LYS C 343 1.09 32.01 -44.83
C LYS C 343 2.50 32.23 -44.26
N TYR C 344 2.62 32.43 -42.95
CA TYR C 344 3.90 32.68 -42.25
C TYR C 344 4.01 31.80 -41.01
N ALA C 345 5.18 31.22 -40.80
CA ALA C 345 5.67 30.80 -39.49
C ALA C 345 6.08 32.08 -38.76
N TRP C 346 6.03 32.09 -37.43
CA TRP C 346 6.56 33.23 -36.66
C TRP C 346 7.37 32.69 -35.49
N ALA C 347 8.33 33.48 -35.04
CA ALA C 347 9.16 33.17 -33.87
C ALA C 347 9.39 34.45 -33.07
N MET C 348 9.45 34.26 -31.77
CA MET C 348 9.83 35.28 -30.77
C MET C 348 11.28 34.98 -30.39
N PHE C 349 12.20 35.85 -30.81
CA PHE C 349 13.67 35.70 -30.62
C PHE C 349 14.15 36.63 -29.51
N LEU C 350 15.06 36.15 -28.67
CA LEU C 350 15.71 36.92 -27.57
C LEU C 350 17.20 36.93 -27.79
N ASP C 351 17.84 38.07 -27.51
CA ASP C 351 19.32 38.15 -27.42
C ASP C 351 19.76 37.51 -26.10
N ARG C 352 21.06 37.28 -25.95
CA ARG C 352 21.61 36.59 -24.76
C ARG C 352 21.37 37.44 -23.50
N PRO C 353 21.61 38.78 -23.50
CA PRO C 353 21.26 39.61 -22.35
C PRO C 353 19.77 39.65 -21.98
N GLN C 354 18.88 39.19 -22.86
CA GLN C 354 17.40 39.19 -22.68
C GLN C 354 16.91 40.63 -22.45
N GLN C 355 17.46 41.56 -23.23
CA GLN C 355 17.07 43.00 -23.25
C GLN C 355 16.49 43.39 -24.60
N TRP C 356 16.42 42.46 -25.56
CA TRP C 356 16.04 42.72 -26.97
C TRP C 356 15.26 41.52 -27.49
N LEU C 357 13.97 41.73 -27.78
CA LEU C 357 13.05 40.71 -28.34
C LEU C 357 12.65 41.14 -29.75
N GLN C 358 12.58 40.19 -30.69
CA GLN C 358 12.03 40.38 -32.05
C GLN C 358 10.93 39.35 -32.31
N LEU C 359 9.79 39.80 -32.86
CA LEU C 359 8.76 38.94 -33.47
C LEU C 359 9.02 38.91 -34.98
N VAL C 360 9.33 37.75 -35.53
CA VAL C 360 9.80 37.58 -36.93
C VAL C 360 8.86 36.63 -37.67
N LEU C 361 8.35 37.06 -38.82
CA LEU C 361 7.61 36.19 -39.77
C LEU C 361 8.62 35.49 -40.68
N LEU C 362 8.39 34.21 -40.95
CA LEU C 362 9.23 33.37 -41.84
C LEU C 362 8.29 32.69 -42.85
N PRO C 363 8.29 33.13 -44.13
CA PRO C 363 7.49 32.43 -45.14
C PRO C 363 8.08 31.07 -45.43
N PRO C 364 7.27 30.02 -45.67
CA PRO C 364 7.80 28.71 -46.07
C PRO C 364 8.76 28.73 -47.27
N ALA C 365 8.58 29.68 -48.20
CA ALA C 365 9.40 29.86 -49.43
C ALA C 365 10.86 30.20 -49.08
N LEU C 366 11.15 30.68 -47.86
CA LEU C 366 12.52 30.98 -47.41
C LEU C 366 13.28 29.69 -47.06
N PHE C 367 12.58 28.56 -46.90
CA PHE C 367 13.18 27.25 -46.54
C PHE C 367 13.39 26.42 -47.81
N ILE C 368 14.54 25.75 -47.93
CA ILE C 368 14.92 24.92 -49.11
C ILE C 368 15.27 23.51 -48.63
N PRO C 369 15.24 22.48 -49.51
CA PRO C 369 15.62 21.12 -49.10
C PRO C 369 17.03 21.05 -48.50
N SER C 370 17.19 20.39 -47.36
CA SER C 370 18.51 20.08 -46.75
C SER C 370 19.21 19.07 -47.66
N THR C 371 20.50 19.27 -47.92
CA THR C 371 21.32 18.39 -48.81
C THR C 371 22.81 18.52 -48.46
N GLU C 372 23.56 17.43 -48.62
CA GLU C 372 25.05 17.39 -48.59
C GLU C 372 25.60 17.90 -49.93
N ASN C 373 24.82 17.80 -51.01
CA ASN C 373 25.22 18.17 -52.39
C ASN C 373 25.18 19.70 -52.52
N GLU C 374 26.36 20.34 -52.57
CA GLU C 374 26.50 21.82 -52.61
C GLU C 374 25.89 22.40 -53.90
N GLU C 375 25.95 21.66 -55.02
CA GLU C 375 25.40 22.09 -56.33
C GLU C 375 23.87 22.15 -56.26
N GLN C 376 23.24 21.10 -55.71
CA GLN C 376 21.76 21.04 -55.52
C GLN C 376 21.28 22.16 -54.58
N ARG C 377 22.05 22.44 -53.52
N ARG C 377 22.04 22.43 -53.52
CA ARG C 377 21.72 23.51 -52.55
CA ARG C 377 21.74 23.51 -52.53
C ARG C 377 21.75 24.88 -53.24
C ARG C 377 21.75 24.88 -53.24
N LEU C 378 22.78 25.14 -54.04
CA LEU C 378 22.92 26.40 -54.82
C LEU C 378 21.76 26.55 -55.81
N ALA C 379 21.35 25.49 -56.50
CA ALA C 379 20.17 25.49 -57.40
C ALA C 379 18.93 25.91 -56.61
N SER C 380 18.70 25.31 -55.44
CA SER C 380 17.56 25.64 -54.54
C SER C 380 17.63 27.13 -54.13
N ALA C 381 18.78 27.61 -53.70
CA ALA C 381 18.98 29.00 -53.23
C ALA C 381 18.74 29.99 -54.37
N ARG C 382 19.20 29.66 -55.58
CA ARG C 382 19.00 30.47 -56.82
C ARG C 382 17.49 30.59 -57.12
N ALA C 383 16.70 29.55 -56.83
CA ALA C 383 15.24 29.54 -57.10
C ALA C 383 14.44 30.31 -56.04
N VAL C 384 15.03 30.73 -54.91
CA VAL C 384 14.27 31.48 -53.86
C VAL C 384 14.04 32.90 -54.38
N PRO C 385 12.78 33.34 -54.59
CA PRO C 385 12.54 34.68 -55.14
C PRO C 385 13.18 35.80 -54.31
N ARG C 386 13.56 36.90 -54.99
CA ARG C 386 14.09 38.14 -54.36
C ARG C 386 13.08 38.75 -53.38
N ASN C 387 11.78 38.57 -53.60
CA ASN C 387 10.70 39.21 -52.78
C ASN C 387 10.41 38.37 -51.52
N VAL C 388 11.06 37.22 -51.33
CA VAL C 388 10.88 36.32 -50.16
C VAL C 388 11.89 36.74 -49.10
N GLN C 389 11.45 36.98 -47.87
CA GLN C 389 12.37 37.40 -46.77
C GLN C 389 11.72 37.22 -45.41
N PRO C 390 12.52 37.24 -44.32
CA PRO C 390 11.98 37.45 -42.98
C PRO C 390 11.39 38.85 -42.85
N TYR C 391 10.44 39.03 -41.92
CA TYR C 391 9.84 40.34 -41.54
C TYR C 391 9.89 40.45 -40.01
N VAL C 392 10.70 41.38 -39.47
CA VAL C 392 10.68 41.74 -38.01
C VAL C 392 9.50 42.70 -37.81
N VAL C 393 8.33 42.17 -37.40
CA VAL C 393 7.04 42.93 -37.30
C VAL C 393 6.95 43.63 -35.94
N TYR C 394 7.81 43.29 -34.99
CA TYR C 394 7.78 43.91 -33.64
C TYR C 394 9.12 43.70 -32.96
N GLU C 395 9.54 44.71 -32.21
CA GLU C 395 10.82 44.75 -31.49
C GLU C 395 10.57 45.39 -30.13
N GLU C 396 10.96 44.71 -29.05
CA GLU C 396 10.87 45.22 -27.66
C GLU C 396 12.30 45.33 -27.11
N VAL C 397 12.66 46.50 -26.58
CA VAL C 397 14.01 46.80 -26.04
C VAL C 397 13.84 47.43 -24.66
N THR C 398 14.72 47.10 -23.73
CA THR C 398 14.66 47.56 -22.31
C THR C 398 16.06 47.61 -21.72
N ASN C 399 16.26 48.45 -20.70
CA ASN C 399 17.48 48.46 -19.86
C ASN C 399 17.26 47.63 -18.59
N VAL C 400 16.07 47.04 -18.40
CA VAL C 400 15.78 46.11 -17.27
C VAL C 400 15.93 44.68 -17.82
N TRP C 401 14.84 43.99 -18.16
CA TRP C 401 14.88 42.69 -18.88
C TRP C 401 13.53 42.48 -19.56
N ILE C 402 13.54 41.69 -20.63
CA ILE C 402 12.31 41.20 -21.29
C ILE C 402 11.78 40.02 -20.46
N ASN C 403 10.56 40.16 -19.94
CA ASN C 403 9.72 39.00 -19.54
C ASN C 403 9.04 38.49 -20.81
N VAL C 404 9.16 37.20 -21.12
CA VAL C 404 8.45 36.59 -22.28
C VAL C 404 6.94 36.58 -21.96
N HIS C 405 6.18 37.34 -22.75
CA HIS C 405 4.69 37.41 -22.71
C HIS C 405 4.16 36.54 -23.85
N ASP C 406 3.15 35.73 -23.56
CA ASP C 406 2.63 34.69 -24.47
C ASP C 406 1.60 35.28 -25.44
N ILE C 407 1.23 36.55 -25.29
CA ILE C 407 0.13 37.21 -26.04
C ILE C 407 0.69 37.78 -27.36
N PHE C 408 0.39 37.11 -28.47
CA PHE C 408 0.63 37.57 -29.86
C PHE C 408 -0.50 37.01 -30.72
N TYR C 409 -1.41 37.86 -31.20
CA TYR C 409 -2.59 37.42 -31.98
C TYR C 409 -2.57 38.13 -33.33
N PRO C 410 -2.09 37.46 -34.40
CA PRO C 410 -2.12 38.04 -35.74
C PRO C 410 -3.50 37.90 -36.39
N PHE C 411 -4.03 39.00 -36.92
CA PHE C 411 -5.33 39.03 -37.64
C PHE C 411 -5.14 38.50 -39.06
N PRO C 412 -6.18 37.90 -39.69
CA PRO C 412 -6.11 37.53 -41.10
C PRO C 412 -5.83 38.76 -41.96
N GLN C 413 -5.01 38.58 -42.99
CA GLN C 413 -4.69 39.62 -44.00
C GLN C 413 -5.73 39.59 -45.11
N SER C 414 -5.88 40.69 -45.84
CA SER C 414 -6.58 40.76 -47.15
C SER C 414 -5.67 40.19 -48.25
N GLU C 415 -6.24 39.70 -49.35
CA GLU C 415 -5.47 39.30 -50.58
C GLU C 415 -4.71 40.53 -51.09
N GLY C 416 -3.40 40.41 -51.36
CA GLY C 416 -2.54 41.50 -51.86
C GLY C 416 -2.28 42.60 -50.83
N GLU C 417 -2.43 42.29 -49.54
CA GLU C 417 -2.19 43.22 -48.41
C GLU C 417 -0.74 43.04 -47.95
N ASP C 418 0.03 44.13 -47.91
CA ASP C 418 1.43 44.16 -47.41
C ASP C 418 1.44 44.68 -45.96
N GLU C 419 0.40 44.44 -45.18
CA GLU C 419 0.44 44.77 -43.74
C GLU C 419 -0.15 43.63 -42.94
N LEU C 420 0.35 43.53 -41.72
CA LEU C 420 -0.10 42.56 -40.70
C LEU C 420 -0.53 43.36 -39.49
N CYS C 421 -1.80 43.19 -39.11
CA CYS C 421 -2.37 43.75 -37.88
C CYS C 421 -2.36 42.63 -36.84
N PHE C 422 -1.97 42.96 -35.61
CA PHE C 422 -1.85 41.95 -34.52
C PHE C 422 -2.04 42.62 -33.15
N LEU C 423 -2.52 41.85 -32.18
CA LEU C 423 -2.54 42.23 -30.75
C LEU C 423 -1.27 41.71 -30.10
N ARG C 424 -0.66 42.53 -29.26
CA ARG C 424 0.63 42.22 -28.60
C ARG C 424 0.57 42.75 -27.17
N ALA C 425 0.97 41.93 -26.18
CA ALA C 425 1.26 42.40 -24.80
C ALA C 425 2.69 42.94 -24.80
N ASN C 426 2.87 44.15 -24.28
CA ASN C 426 4.16 44.88 -24.25
C ASN C 426 4.29 45.55 -22.88
N GLU C 427 5.38 45.25 -22.18
CA GLU C 427 5.71 45.78 -20.83
C GLU C 427 6.76 46.89 -20.91
N CYS C 428 7.73 46.79 -21.83
N CYS C 428 7.72 46.79 -21.83
CA CYS C 428 8.91 47.68 -21.87
CA CYS C 428 8.91 47.68 -21.92
C CYS C 428 8.50 49.10 -22.30
C CYS C 428 8.50 49.10 -22.31
N LYS C 429 7.41 49.28 -23.06
CA LYS C 429 6.94 50.60 -23.55
C LYS C 429 6.66 51.55 -22.36
N THR C 430 5.81 51.15 -21.41
CA THR C 430 5.38 52.00 -20.26
C THR C 430 5.93 51.47 -18.93
N GLY C 431 6.53 50.27 -18.89
CA GLY C 431 6.96 49.62 -17.64
C GLY C 431 5.85 48.83 -16.99
N PHE C 432 4.68 48.73 -17.62
CA PHE C 432 3.53 47.90 -17.20
C PHE C 432 3.03 47.13 -18.41
N CYS C 433 2.75 45.83 -18.25
CA CYS C 433 2.31 44.95 -19.36
C CYS C 433 0.92 45.37 -19.83
N HIS C 434 0.79 45.79 -21.09
CA HIS C 434 -0.47 46.31 -21.68
C HIS C 434 -0.69 45.75 -23.08
N LEU C 435 -1.96 45.76 -23.50
CA LEU C 435 -2.39 45.25 -24.83
C LEU C 435 -2.32 46.41 -25.84
N TYR C 436 -1.70 46.15 -26.98
CA TYR C 436 -1.57 47.10 -28.12
C TYR C 436 -2.11 46.43 -29.38
N LYS C 437 -2.84 47.18 -30.22
CA LYS C 437 -3.16 46.78 -31.60
C LYS C 437 -2.11 47.41 -32.51
N VAL C 438 -1.31 46.57 -33.17
CA VAL C 438 -0.13 47.00 -33.96
C VAL C 438 -0.42 46.70 -35.43
N THR C 439 -0.08 47.64 -36.33
CA THR C 439 -0.05 47.39 -37.79
C THR C 439 1.39 47.58 -38.26
N ALA C 440 2.02 46.47 -38.68
CA ALA C 440 3.35 46.47 -39.32
C ALA C 440 3.15 46.44 -40.84
N VAL C 441 4.02 47.14 -41.56
CA VAL C 441 4.06 47.09 -43.05
C VAL C 441 5.16 46.09 -43.43
N LEU C 442 4.81 45.06 -44.19
CA LEU C 442 5.77 44.00 -44.62
C LEU C 442 6.60 44.56 -45.76
N LYS C 443 7.67 45.28 -45.41
CA LYS C 443 8.57 46.03 -46.33
C LYS C 443 9.47 45.02 -47.05
N SER C 444 9.42 44.99 -48.38
CA SER C 444 10.30 44.18 -49.27
C SER C 444 11.54 45.01 -49.64
N GLN C 445 12.74 44.44 -49.46
CA GLN C 445 14.02 45.12 -49.81
C GLN C 445 14.59 44.52 -51.10
N GLY C 446 14.32 43.24 -51.36
CA GLY C 446 14.94 42.48 -52.46
C GLY C 446 16.26 41.86 -52.01
N TYR C 447 16.37 40.52 -52.05
CA TYR C 447 17.56 39.78 -51.54
C TYR C 447 18.03 38.76 -52.56
N ASP C 448 19.35 38.67 -52.72
CA ASP C 448 20.02 37.59 -53.51
C ASP C 448 20.41 36.49 -52.52
N TRP C 449 19.60 35.44 -52.43
CA TRP C 449 19.77 34.37 -51.41
C TRP C 449 20.89 33.40 -51.81
N SER C 450 21.41 33.47 -53.04
CA SER C 450 22.53 32.63 -53.53
C SER C 450 23.85 33.14 -52.96
N GLU C 451 23.92 34.40 -52.51
CA GLU C 451 25.16 35.01 -51.95
C GLU C 451 25.18 34.82 -50.44
N PRO C 452 26.37 34.68 -49.79
CA PRO C 452 26.47 34.64 -48.33
C PRO C 452 26.01 35.99 -47.75
N PHE C 453 25.32 35.93 -46.62
CA PHE C 453 24.47 37.01 -46.06
C PHE C 453 25.13 37.62 -44.83
N SER C 454 25.10 38.96 -44.71
CA SER C 454 25.55 39.70 -43.49
C SER C 454 24.56 40.82 -43.18
N PRO C 455 23.62 40.63 -42.23
CA PRO C 455 22.56 41.62 -42.00
C PRO C 455 23.13 42.90 -41.38
N GLY C 456 22.67 44.06 -41.86
CA GLY C 456 22.97 45.37 -41.25
C GLY C 456 22.11 45.60 -40.02
N GLU C 457 22.28 46.75 -39.36
CA GLU C 457 21.36 47.23 -38.29
C GLU C 457 19.97 47.40 -38.92
N ASP C 458 18.93 46.93 -38.24
CA ASP C 458 17.50 47.02 -38.67
C ASP C 458 17.25 46.21 -39.95
N GLU C 459 18.05 45.18 -40.24
CA GLU C 459 17.76 44.22 -41.34
C GLU C 459 16.40 43.58 -41.04
N PHE C 460 15.50 43.59 -42.01
CA PHE C 460 14.16 42.94 -42.00
C PHE C 460 13.14 43.75 -41.18
N LYS C 461 13.53 44.89 -40.62
CA LYS C 461 12.70 45.68 -39.68
C LYS C 461 11.53 46.31 -40.45
N CYS C 462 10.30 45.99 -40.04
CA CYS C 462 9.06 46.49 -40.65
C CYS C 462 8.67 47.81 -40.04
N PRO C 463 8.31 48.83 -40.86
CA PRO C 463 7.70 50.05 -40.34
C PRO C 463 6.41 49.72 -39.57
N ILE C 464 6.21 50.39 -38.45
CA ILE C 464 4.94 50.35 -37.66
C ILE C 464 4.09 51.56 -38.08
N LYS C 465 3.03 51.29 -38.85
CA LYS C 465 2.05 52.28 -39.34
C LYS C 465 1.19 52.78 -38.18
N GLU C 466 0.83 51.90 -37.24
CA GLU C 466 -0.13 52.21 -36.15
C GLU C 466 0.19 51.35 -34.93
N GLU C 467 0.07 51.92 -33.73
CA GLU C 467 0.24 51.17 -32.46
C GLU C 467 -0.68 51.79 -31.42
N ILE C 468 -1.87 51.21 -31.23
CA ILE C 468 -2.95 51.76 -30.37
C ILE C 468 -2.91 51.01 -29.04
N ALA C 469 -2.78 51.74 -27.93
CA ALA C 469 -2.91 51.20 -26.56
C ALA C 469 -4.38 50.86 -26.30
N LEU C 470 -4.69 49.58 -26.10
CA LEU C 470 -6.08 49.16 -25.74
C LEU C 470 -6.25 49.28 -24.22
N THR C 471 -5.15 49.14 -23.47
CA THR C 471 -5.10 49.27 -21.99
C THR C 471 -3.89 50.15 -21.63
N SER C 472 -3.95 50.79 -20.47
CA SER C 472 -2.87 51.64 -19.91
C SER C 472 -3.12 51.89 -18.42
N GLY C 473 -2.11 52.38 -17.70
CA GLY C 473 -2.17 52.67 -16.27
C GLY C 473 -1.16 51.87 -15.49
N GLU C 474 -1.12 52.07 -14.18
CA GLU C 474 -0.18 51.42 -13.24
C GLU C 474 -0.81 50.11 -12.75
N TRP C 475 -1.10 49.22 -13.69
CA TRP C 475 -1.59 47.84 -13.45
C TRP C 475 -1.18 47.01 -14.67
N GLU C 476 -1.39 45.71 -14.63
CA GLU C 476 -0.83 44.76 -15.64
C GLU C 476 -1.95 43.95 -16.28
N VAL C 477 -1.81 43.75 -17.59
CA VAL C 477 -2.43 42.60 -18.30
C VAL C 477 -1.58 41.37 -17.93
N LEU C 478 -2.23 40.27 -17.56
CA LEU C 478 -1.54 39.01 -17.24
C LEU C 478 -1.29 38.26 -18.54
N ALA C 479 -0.03 37.95 -18.84
CA ALA C 479 0.43 37.45 -20.15
C ALA C 479 1.44 36.30 -20.01
N ARG C 480 1.61 35.74 -18.81
CA ARG C 480 2.66 34.72 -18.51
C ARG C 480 2.06 33.55 -17.74
N HIS C 481 2.74 32.41 -17.75
CA HIS C 481 2.52 31.28 -16.81
C HIS C 481 1.05 30.86 -16.84
N GLY C 482 0.48 30.67 -18.04
CA GLY C 482 -0.90 30.17 -18.25
C GLY C 482 -1.89 31.26 -18.66
N SER C 483 -1.63 32.53 -18.35
CA SER C 483 -2.53 33.67 -18.70
C SER C 483 -2.53 33.84 -20.22
N LYS C 484 -3.70 34.13 -20.79
CA LYS C 484 -3.86 34.31 -22.25
C LYS C 484 -4.93 35.37 -22.51
N ILE C 485 -5.12 35.71 -23.78
CA ILE C 485 -6.27 36.53 -24.25
C ILE C 485 -7.17 35.63 -25.09
N TRP C 486 -8.42 36.03 -25.24
CA TRP C 486 -9.39 35.42 -26.19
C TRP C 486 -9.95 36.55 -27.06
N VAL C 487 -9.93 36.36 -28.38
CA VAL C 487 -10.30 37.43 -29.37
C VAL C 487 -11.53 36.96 -30.14
N ASN C 488 -12.61 37.74 -30.06
CA ASN C 488 -13.83 37.55 -30.87
C ASN C 488 -13.76 38.51 -32.07
N GLU C 489 -13.46 37.99 -33.26
CA GLU C 489 -13.32 38.79 -34.51
C GLU C 489 -14.69 39.24 -35.02
N GLU C 490 -15.79 38.59 -34.61
CA GLU C 490 -17.18 39.01 -34.99
C GLU C 490 -17.50 40.34 -34.30
N THR C 491 -17.28 40.44 -32.99
CA THR C 491 -17.68 41.59 -32.14
C THR C 491 -16.52 42.58 -31.97
N LYS C 492 -15.32 42.22 -32.43
CA LYS C 492 -14.09 43.06 -32.32
C LYS C 492 -13.74 43.28 -30.85
N LEU C 493 -13.92 42.26 -30.00
CA LEU C 493 -13.63 42.36 -28.54
C LEU C 493 -12.45 41.45 -28.20
N VAL C 494 -11.61 41.88 -27.26
CA VAL C 494 -10.51 41.05 -26.69
C VAL C 494 -10.79 40.92 -25.18
N TYR C 495 -10.89 39.67 -24.72
CA TYR C 495 -11.02 39.28 -23.30
C TYR C 495 -9.61 39.02 -22.77
N PHE C 496 -9.31 39.52 -21.57
CA PHE C 496 -7.98 39.41 -20.94
C PHE C 496 -8.14 39.40 -19.43
N GLN C 497 -7.07 38.97 -18.75
CA GLN C 497 -6.98 39.01 -17.28
C GLN C 497 -5.98 40.08 -16.89
N GLY C 498 -6.19 40.70 -15.73
CA GLY C 498 -5.36 41.81 -15.27
C GLY C 498 -5.57 42.15 -13.80
N THR C 499 -4.75 43.08 -13.32
CA THR C 499 -4.72 43.60 -11.93
C THR C 499 -5.29 45.02 -11.91
N LYS C 500 -6.22 45.35 -12.82
CA LYS C 500 -6.74 46.74 -12.98
C LYS C 500 -7.42 47.20 -11.69
N ASP C 501 -8.23 46.34 -11.07
CA ASP C 501 -8.97 46.67 -9.83
C ASP C 501 -8.01 46.71 -8.64
N THR C 502 -7.01 45.82 -8.60
CA THR C 502 -6.05 45.72 -7.45
C THR C 502 -4.95 44.74 -7.80
N PRO C 503 -3.68 44.99 -7.38
CA PRO C 503 -2.62 44.02 -7.57
C PRO C 503 -2.86 42.72 -6.77
N LEU C 504 -3.81 42.71 -5.82
CA LEU C 504 -4.13 41.53 -4.96
C LEU C 504 -5.09 40.55 -5.65
N GLU C 505 -5.71 40.90 -6.77
CA GLU C 505 -6.73 40.02 -7.42
C GLU C 505 -6.55 40.03 -8.95
N HIS C 506 -6.57 38.84 -9.54
CA HIS C 506 -6.73 38.61 -11.00
C HIS C 506 -8.22 38.68 -11.32
N HIS C 507 -8.59 39.47 -12.33
CA HIS C 507 -9.97 39.60 -12.83
C HIS C 507 -10.00 39.41 -14.34
N LEU C 508 -11.16 39.00 -14.85
CA LEU C 508 -11.44 38.90 -16.29
C LEU C 508 -12.00 40.26 -16.75
N TYR C 509 -11.49 40.78 -17.87
CA TYR C 509 -11.91 42.05 -18.47
C TYR C 509 -12.18 41.87 -19.95
N VAL C 510 -12.92 42.80 -20.54
CA VAL C 510 -13.13 42.84 -22.02
C VAL C 510 -13.04 44.30 -22.48
N VAL C 511 -12.40 44.52 -23.62
CA VAL C 511 -12.29 45.84 -24.31
C VAL C 511 -12.41 45.59 -25.81
N SER C 512 -12.88 46.60 -26.55
CA SER C 512 -12.89 46.63 -28.04
C SER C 512 -11.47 46.85 -28.53
N TYR C 513 -11.03 46.11 -29.55
CA TYR C 513 -9.77 46.44 -30.27
C TYR C 513 -10.07 47.32 -31.49
N GLU C 514 -11.34 47.55 -31.86
CA GLU C 514 -11.72 48.43 -33.00
C GLU C 514 -11.86 49.86 -32.47
N ALA C 515 -12.77 50.07 -31.51
CA ALA C 515 -13.06 51.35 -30.85
C ALA C 515 -12.58 51.27 -29.39
N ALA C 516 -11.25 51.25 -29.18
CA ALA C 516 -10.58 51.11 -27.87
C ALA C 516 -11.11 52.18 -26.91
N GLY C 517 -11.73 51.76 -25.80
CA GLY C 517 -12.34 52.70 -24.83
C GLY C 517 -12.60 52.04 -23.49
N GLU C 518 -13.88 51.78 -23.19
CA GLU C 518 -14.33 51.26 -21.87
C GLU C 518 -13.83 49.82 -21.70
N ILE C 519 -13.16 49.54 -20.57
CA ILE C 519 -12.82 48.18 -20.10
C ILE C 519 -13.93 47.73 -19.13
N VAL C 520 -14.60 46.62 -19.43
CA VAL C 520 -15.66 46.02 -18.57
C VAL C 520 -15.04 44.87 -17.77
N ARG C 521 -15.24 44.87 -16.45
CA ARG C 521 -14.86 43.75 -15.55
C ARG C 521 -15.97 42.68 -15.57
N LEU C 522 -15.61 41.40 -15.74
CA LEU C 522 -16.59 40.29 -15.86
C LEU C 522 -16.60 39.39 -14.62
N THR C 523 -15.64 39.55 -13.70
CA THR C 523 -15.50 38.72 -12.48
C THR C 523 -15.83 39.55 -11.23
N THR C 524 -16.22 38.87 -10.16
CA THR C 524 -16.70 39.47 -8.88
C THR C 524 -15.51 39.93 -8.05
N PRO C 525 -15.45 41.23 -7.63
CA PRO C 525 -14.45 41.70 -6.67
C PRO C 525 -14.46 40.92 -5.35
N GLY C 526 -13.34 40.92 -4.63
CA GLY C 526 -13.15 40.19 -3.35
C GLY C 526 -12.62 38.78 -3.54
N PHE C 527 -12.38 38.34 -4.78
CA PHE C 527 -11.77 37.03 -5.13
C PHE C 527 -10.75 37.24 -6.25
N SER C 528 -9.74 36.37 -6.31
CA SER C 528 -8.78 36.27 -7.44
C SER C 528 -9.23 35.12 -8.35
N HIS C 529 -9.32 35.39 -9.65
CA HIS C 529 -9.99 34.53 -10.65
C HIS C 529 -8.99 34.01 -11.68
N SER C 530 -9.15 32.74 -12.07
CA SER C 530 -8.44 32.09 -13.19
C SER C 530 -9.49 31.59 -14.18
N CYS C 531 -9.61 32.21 -15.36
CA CYS C 531 -10.78 32.02 -16.26
C CYS C 531 -10.40 31.26 -17.53
N SER C 532 -11.39 30.53 -18.07
CA SER C 532 -11.35 29.82 -19.36
C SER C 532 -12.60 30.24 -20.14
N MET C 533 -12.41 30.83 -21.32
CA MET C 533 -13.48 31.39 -22.17
C MET C 533 -13.80 30.38 -23.28
N SER C 534 -15.09 30.12 -23.53
CA SER C 534 -15.60 29.36 -24.70
C SER C 534 -15.13 30.04 -26.00
N GLN C 535 -14.77 29.27 -27.02
CA GLN C 535 -14.37 29.81 -28.36
C GLN C 535 -15.59 30.44 -29.06
N ASN C 536 -16.81 30.23 -28.55
CA ASN C 536 -18.05 30.92 -29.04
C ASN C 536 -18.40 32.15 -28.20
N PHE C 537 -17.63 32.43 -27.14
CA PHE C 537 -17.73 33.66 -26.29
C PHE C 537 -19.12 33.77 -25.63
N ASP C 538 -19.78 32.63 -25.41
CA ASP C 538 -21.15 32.58 -24.82
C ASP C 538 -21.05 32.19 -23.33
N MET C 539 -19.97 31.51 -22.94
CA MET C 539 -19.79 30.97 -21.57
C MET C 539 -18.32 31.06 -21.17
N PHE C 540 -18.07 31.19 -19.88
CA PHE C 540 -16.71 31.06 -19.31
C PHE C 540 -16.78 30.35 -17.96
N VAL C 541 -15.65 29.77 -17.59
CA VAL C 541 -15.38 29.13 -16.28
C VAL C 541 -14.49 30.08 -15.50
N SER C 542 -14.74 30.23 -14.19
CA SER C 542 -13.80 30.90 -13.28
C SER C 542 -13.45 29.97 -12.12
N HIS C 543 -12.15 29.69 -11.97
CA HIS C 543 -11.54 29.07 -10.78
C HIS C 543 -11.10 30.21 -9.87
N TYR C 544 -11.76 30.41 -8.73
CA TYR C 544 -11.52 31.58 -7.87
C TYR C 544 -11.58 31.22 -6.39
N SER C 545 -10.90 32.06 -5.61
CA SER C 545 -10.74 31.93 -4.15
C SER C 545 -10.43 33.30 -3.55
N SER C 546 -10.49 33.38 -2.23
CA SER C 546 -9.98 34.50 -1.41
C SER C 546 -9.15 33.91 -0.28
N VAL C 547 -8.43 34.75 0.48
CA VAL C 547 -7.66 34.30 1.67
C VAL C 547 -8.59 33.54 2.65
N SER C 548 -9.87 33.92 2.73
CA SER C 548 -10.84 33.37 3.71
C SER C 548 -11.71 32.24 3.13
N THR C 549 -11.75 32.05 1.80
CA THR C 549 -12.66 31.09 1.12
C THR C 549 -11.86 30.16 0.21
N PRO C 550 -11.86 28.83 0.47
CA PRO C 550 -11.26 27.86 -0.46
C PRO C 550 -11.78 27.96 -1.89
N PRO C 551 -11.03 27.44 -2.88
CA PRO C 551 -11.38 27.66 -4.28
C PRO C 551 -12.69 26.96 -4.67
N CYS C 552 -13.44 27.59 -5.57
CA CYS C 552 -14.58 26.99 -6.29
C CYS C 552 -14.34 27.16 -7.79
N VAL C 553 -15.06 26.39 -8.60
CA VAL C 553 -15.07 26.48 -10.09
C VAL C 553 -16.53 26.66 -10.52
N HIS C 554 -16.86 27.84 -11.04
CA HIS C 554 -18.23 28.21 -11.47
C HIS C 554 -18.25 28.46 -12.99
N VAL C 555 -19.35 28.06 -13.64
CA VAL C 555 -19.64 28.32 -15.08
C VAL C 555 -20.56 29.54 -15.13
N TYR C 556 -20.22 30.51 -15.98
CA TYR C 556 -20.97 31.77 -16.20
C TYR C 556 -21.45 31.81 -17.64
N LYS C 557 -22.68 32.28 -17.83
CA LYS C 557 -23.28 32.59 -19.15
C LYS C 557 -23.08 34.09 -19.39
N LEU C 558 -22.55 34.46 -20.55
CA LEU C 558 -22.52 35.86 -21.05
C LEU C 558 -23.83 36.10 -21.80
N SER C 559 -24.70 36.96 -21.25
CA SER C 559 -26.10 37.13 -21.68
C SER C 559 -26.38 38.61 -21.99
N GLY C 560 -27.30 38.87 -22.93
CA GLY C 560 -27.77 40.22 -23.28
C GLY C 560 -27.86 40.42 -24.79
N PRO C 561 -28.31 41.61 -25.26
CA PRO C 561 -28.42 41.91 -26.69
C PRO C 561 -27.10 41.70 -27.46
N ASP C 562 -27.16 41.02 -28.61
CA ASP C 562 -26.00 40.76 -29.50
C ASP C 562 -25.46 42.05 -30.11
N ASP C 563 -26.28 43.12 -30.18
CA ASP C 563 -25.89 44.42 -30.78
C ASP C 563 -25.08 45.25 -29.78
N ASP C 564 -24.97 44.85 -28.51
CA ASP C 564 -24.11 45.51 -27.49
C ASP C 564 -23.22 44.45 -26.84
N PRO C 565 -22.29 43.82 -27.58
CA PRO C 565 -21.49 42.71 -27.06
C PRO C 565 -20.55 43.09 -25.90
N LEU C 566 -20.05 44.33 -25.85
CA LEU C 566 -19.12 44.78 -24.78
C LEU C 566 -19.80 44.68 -23.41
N HIS C 567 -21.13 44.90 -23.33
CA HIS C 567 -21.91 44.96 -22.08
C HIS C 567 -22.72 43.67 -21.83
N LYS C 568 -22.38 42.56 -22.49
CA LYS C 568 -22.87 41.20 -22.11
C LYS C 568 -22.66 40.98 -20.60
N GLN C 569 -23.68 40.50 -19.90
CA GLN C 569 -23.68 40.34 -18.42
C GLN C 569 -23.22 38.94 -18.06
N PRO C 570 -22.24 38.76 -17.15
CA PRO C 570 -21.89 37.43 -16.63
C PRO C 570 -22.98 37.01 -15.64
N ARG C 571 -23.67 35.91 -15.96
CA ARG C 571 -24.74 35.32 -15.12
C ARG C 571 -24.23 33.98 -14.59
N PHE C 572 -24.18 33.80 -13.27
CA PHE C 572 -23.90 32.49 -12.63
C PHE C 572 -24.85 31.46 -13.23
N TRP C 573 -24.32 30.35 -13.73
CA TRP C 573 -25.09 29.33 -14.46
C TRP C 573 -25.12 28.01 -13.69
N ALA C 574 -23.94 27.46 -13.37
CA ALA C 574 -23.78 26.19 -12.63
C ALA C 574 -22.40 26.12 -11.97
N SER C 575 -22.23 25.18 -11.04
CA SER C 575 -20.96 24.94 -10.31
C SER C 575 -20.33 23.64 -10.81
N MET C 576 -19.04 23.68 -11.10
CA MET C 576 -18.18 22.50 -11.39
C MET C 576 -17.63 21.97 -10.06
N MET C 577 -17.49 22.83 -9.05
CA MET C 577 -16.90 22.48 -7.73
C MET C 577 -17.22 23.61 -6.75
N GLU C 578 -17.92 23.28 -5.66
CA GLU C 578 -18.22 24.24 -4.57
C GLU C 578 -17.00 24.39 -3.66
N ALA C 579 -16.81 25.59 -3.12
CA ALA C 579 -15.79 25.89 -2.09
C ALA C 579 -16.00 24.91 -0.92
N ALA C 580 -14.93 24.23 -0.51
CA ALA C 580 -14.87 23.49 0.78
C ALA C 580 -15.15 24.46 1.92
N SER C 581 -15.69 23.95 3.04
CA SER C 581 -15.81 24.70 4.31
C SER C 581 -14.40 25.11 4.76
N CYS C 582 -14.19 26.39 5.08
CA CYS C 582 -12.99 26.91 5.77
C CYS C 582 -12.92 26.23 7.14
N PRO C 583 -11.93 25.34 7.41
CA PRO C 583 -11.91 24.55 8.64
C PRO C 583 -12.01 25.39 9.92
N PRO C 584 -12.56 24.85 11.05
CA PRO C 584 -12.62 25.61 12.30
C PRO C 584 -11.24 25.97 12.87
N ASP C 585 -10.26 25.07 12.67
CA ASP C 585 -8.84 25.19 13.08
C ASP C 585 -8.05 26.13 12.16
N TYR C 586 -8.55 26.40 10.96
CA TYR C 586 -7.90 27.31 9.98
C TYR C 586 -8.43 28.73 10.19
N VAL C 587 -7.52 29.66 10.48
CA VAL C 587 -7.81 31.12 10.59
C VAL C 587 -7.09 31.81 9.44
N PRO C 588 -7.83 32.47 8.51
CA PRO C 588 -7.21 33.11 7.35
C PRO C 588 -6.17 34.14 7.76
N PRO C 589 -5.11 34.34 6.95
CA PRO C 589 -4.21 35.46 7.17
C PRO C 589 -4.93 36.76 6.84
N GLU C 590 -4.40 37.87 7.36
CA GLU C 590 -4.91 39.23 7.10
C GLU C 590 -3.89 39.94 6.20
N ILE C 591 -4.36 40.47 5.07
CA ILE C 591 -3.53 41.27 4.15
C ILE C 591 -3.53 42.71 4.67
N PHE C 592 -2.35 43.33 4.66
CA PHE C 592 -2.14 44.76 4.99
C PHE C 592 -1.20 45.36 3.92
N HIS C 593 -1.06 46.68 3.96
CA HIS C 593 -0.03 47.40 3.16
C HIS C 593 0.58 48.50 4.03
N PHE C 594 1.77 48.93 3.64
CA PHE C 594 2.52 50.02 4.30
C PHE C 594 3.37 50.70 3.23
N HIS C 595 3.94 51.83 3.57
CA HIS C 595 4.86 52.61 2.70
C HIS C 595 6.25 52.51 3.31
N THR C 596 7.25 52.18 2.49
CA THR C 596 8.67 52.16 2.88
C THR C 596 9.12 53.59 3.21
N ARG C 597 10.30 53.75 3.79
CA ARG C 597 10.93 55.08 4.06
C ARG C 597 11.09 55.85 2.73
N SER C 598 11.21 55.16 1.60
CA SER C 598 11.26 55.74 0.22
C SER C 598 9.86 55.94 -0.38
N ASP C 599 8.79 55.69 0.40
CA ASP C 599 7.36 55.87 0.00
C ASP C 599 6.98 54.94 -1.17
N VAL C 600 7.55 53.73 -1.21
CA VAL C 600 7.05 52.62 -2.08
C VAL C 600 6.01 51.84 -1.28
N ARG C 601 4.86 51.53 -1.88
CA ARG C 601 3.81 50.71 -1.21
C ARG C 601 4.19 49.23 -1.30
N LEU C 602 4.26 48.55 -0.15
CA LEU C 602 4.44 47.07 -0.10
C LEU C 602 3.21 46.43 0.54
N TYR C 603 2.81 45.26 0.04
CA TYR C 603 1.76 44.41 0.63
C TYR C 603 2.42 43.31 1.46
N GLY C 604 1.74 42.91 2.53
CA GLY C 604 2.15 41.79 3.38
C GLY C 604 0.93 41.06 3.88
N MET C 605 1.11 39.90 4.49
CA MET C 605 0.02 39.30 5.28
C MET C 605 0.56 38.79 6.61
N ILE C 606 -0.33 38.71 7.58
CA ILE C 606 -0.03 38.25 8.96
C ILE C 606 -0.97 37.09 9.28
N TYR C 607 -0.40 35.98 9.74
CA TYR C 607 -1.13 34.93 10.49
C TYR C 607 -0.97 35.27 11.96
N LYS C 608 -2.04 35.78 12.58
CA LYS C 608 -2.03 36.17 14.01
C LYS C 608 -1.93 34.89 14.83
N PRO C 609 -1.16 34.88 15.95
CA PRO C 609 -1.20 33.75 16.88
C PRO C 609 -2.67 33.46 17.23
N HIS C 610 -3.09 32.19 17.18
CA HIS C 610 -4.48 31.77 17.47
C HIS C 610 -4.77 32.06 18.95
N ALA C 611 -6.02 32.37 19.29
CA ALA C 611 -6.49 32.61 20.67
C ALA C 611 -5.56 33.65 21.34
N LEU C 612 -5.32 34.77 20.64
CA LEU C 612 -4.37 35.81 21.06
C LEU C 612 -4.88 36.47 22.35
N GLN C 613 -3.99 36.69 23.32
CA GLN C 613 -4.27 37.43 24.57
C GLN C 613 -3.49 38.75 24.51
N PRO C 614 -4.07 39.88 24.98
CA PRO C 614 -3.38 41.17 24.94
C PRO C 614 -2.18 41.21 25.91
N GLY C 615 -1.20 42.07 25.65
CA GLY C 615 0.02 42.24 26.46
C GLY C 615 1.00 41.07 26.29
N LYS C 616 0.87 40.29 25.21
CA LYS C 616 1.75 39.14 24.89
C LYS C 616 2.54 39.50 23.62
N LYS C 617 3.87 39.36 23.66
CA LYS C 617 4.78 39.37 22.49
C LYS C 617 5.07 37.91 22.10
N HIS C 618 4.78 37.54 20.85
CA HIS C 618 4.86 36.15 20.33
C HIS C 618 6.11 35.97 19.48
N PRO C 619 6.74 34.76 19.52
CA PRO C 619 7.85 34.46 18.63
C PRO C 619 7.29 34.50 17.20
N THR C 620 8.10 34.97 16.27
CA THR C 620 7.64 35.32 14.89
C THR C 620 8.45 34.52 13.87
N VAL C 621 7.76 33.99 12.85
CA VAL C 621 8.40 33.37 11.65
C VAL C 621 8.14 34.31 10.47
N LEU C 622 9.20 34.88 9.90
CA LEU C 622 9.14 35.59 8.60
C LEU C 622 9.27 34.52 7.51
N PHE C 623 8.18 34.24 6.81
CA PHE C 623 8.17 33.32 5.64
C PHE C 623 8.47 34.15 4.40
N VAL C 624 9.51 33.78 3.67
CA VAL C 624 10.09 34.62 2.59
C VAL C 624 10.23 33.76 1.33
N TYR C 625 9.86 34.34 0.18
CA TYR C 625 10.34 33.93 -1.15
C TYR C 625 11.26 35.04 -1.65
N GLY C 626 10.67 36.18 -2.06
CA GLY C 626 11.39 37.45 -2.27
C GLY C 626 12.06 37.57 -3.63
N GLY C 627 11.90 36.57 -4.50
CA GLY C 627 12.54 36.51 -5.82
C GLY C 627 11.61 36.99 -6.93
N PRO C 628 12.14 37.16 -8.16
CA PRO C 628 11.32 37.58 -9.29
C PRO C 628 10.33 36.50 -9.73
N GLN C 629 9.30 36.92 -10.47
CA GLN C 629 8.28 36.09 -11.15
C GLN C 629 7.26 35.55 -10.15
N VAL C 630 7.31 35.96 -8.88
CA VAL C 630 6.43 35.42 -7.81
C VAL C 630 5.85 36.59 -7.00
N GLN C 631 4.57 36.49 -6.70
CA GLN C 631 3.83 37.34 -5.74
C GLN C 631 3.23 36.43 -4.68
N LEU C 632 3.72 36.48 -3.43
CA LEU C 632 3.18 35.65 -2.31
C LEU C 632 1.89 36.26 -1.79
N VAL C 633 1.78 37.58 -1.80
CA VAL C 633 0.68 38.32 -1.10
C VAL C 633 -0.37 38.73 -2.12
N ASN C 634 -1.48 37.99 -2.14
CA ASN C 634 -2.67 38.31 -2.96
C ASN C 634 -3.90 37.69 -2.29
N ASN C 635 -5.07 38.08 -2.77
CA ASN C 635 -6.36 37.64 -2.17
C ASN C 635 -6.79 36.33 -2.82
N SER C 636 -6.08 35.26 -2.51
CA SER C 636 -6.39 33.87 -2.93
C SER C 636 -6.14 32.95 -1.74
N PHE C 637 -6.71 31.75 -1.78
CA PHE C 637 -6.67 30.82 -0.63
C PHE C 637 -5.27 30.23 -0.51
N LYS C 638 -4.65 30.37 0.66
CA LYS C 638 -3.26 29.95 0.94
C LYS C 638 -3.23 28.62 1.72
N GLY C 639 -4.38 28.10 2.17
CA GLY C 639 -4.47 26.94 3.07
C GLY C 639 -4.12 25.60 2.41
N ILE C 640 -4.12 25.50 1.08
CA ILE C 640 -3.77 24.24 0.38
C ILE C 640 -2.24 24.11 0.34
N LYS C 641 -1.55 25.13 -0.19
CA LYS C 641 -0.08 25.12 -0.39
C LYS C 641 0.64 25.50 0.91
N TYR C 642 0.05 26.34 1.77
CA TYR C 642 0.76 26.95 2.94
C TYR C 642 0.03 26.64 4.25
N LEU C 643 -0.56 25.46 4.37
CA LEU C 643 -1.26 24.99 5.59
C LEU C 643 -0.33 25.13 6.81
N ARG C 644 0.95 24.80 6.65
CA ARG C 644 1.96 24.84 7.75
C ARG C 644 2.08 26.23 8.37
N LEU C 645 1.73 27.31 7.66
CA LEU C 645 1.76 28.69 8.24
C LEU C 645 0.61 28.86 9.25
N ASN C 646 -0.57 28.32 8.94
CA ASN C 646 -1.71 28.23 9.89
C ASN C 646 -1.31 27.37 11.09
N THR C 647 -0.65 26.23 10.87
CA THR C 647 -0.17 25.32 11.93
C THR C 647 0.75 26.08 12.90
N LEU C 648 1.73 26.82 12.37
CA LEU C 648 2.63 27.68 13.19
C LEU C 648 1.78 28.66 14.03
N ALA C 649 0.80 29.33 13.41
CA ALA C 649 -0.06 30.31 14.12
C ALA C 649 -0.88 29.61 15.21
N SER C 650 -1.30 28.36 15.00
CA SER C 650 -2.11 27.58 15.96
C SER C 650 -1.29 27.27 17.23
N LEU C 651 0.04 27.19 17.13
CA LEU C 651 0.96 26.93 18.27
C LEU C 651 1.39 28.23 18.95
N GLY C 652 1.07 29.38 18.36
CA GLY C 652 1.31 30.71 18.95
C GLY C 652 2.45 31.47 18.31
N TYR C 653 2.97 31.03 17.15
CA TYR C 653 3.88 31.86 16.32
C TYR C 653 3.04 32.90 15.57
N ALA C 654 3.53 34.13 15.48
CA ALA C 654 3.09 35.11 14.45
C ALA C 654 3.84 34.74 13.17
N VAL C 655 3.14 34.72 12.03
CA VAL C 655 3.76 34.43 10.71
C VAL C 655 3.58 35.67 9.84
N VAL C 656 4.68 36.22 9.34
CA VAL C 656 4.70 37.45 8.51
C VAL C 656 5.22 37.09 7.11
N VAL C 657 4.54 37.62 6.08
CA VAL C 657 4.91 37.49 4.65
C VAL C 657 4.93 38.90 4.07
N ILE C 658 6.02 39.30 3.43
CA ILE C 658 6.22 40.63 2.80
C ILE C 658 6.57 40.41 1.32
N ASP C 659 5.81 41.03 0.41
CA ASP C 659 6.21 41.15 -1.02
C ASP C 659 7.07 42.41 -1.17
N GLY C 660 8.39 42.25 -1.03
CA GLY C 660 9.34 43.35 -1.23
C GLY C 660 9.57 43.64 -2.70
N ARG C 661 10.31 44.71 -3.00
CA ARG C 661 10.78 45.04 -4.37
C ARG C 661 11.50 43.81 -4.93
N GLY C 662 11.30 43.53 -6.23
CA GLY C 662 11.77 42.31 -6.90
C GLY C 662 10.61 41.36 -7.19
N SER C 663 9.54 41.40 -6.40
CA SER C 663 8.33 40.54 -6.61
C SER C 663 7.52 41.08 -7.80
N CYS C 664 6.58 40.29 -8.31
CA CYS C 664 5.92 40.55 -9.62
C CYS C 664 4.50 41.11 -9.42
N GLN C 665 3.81 41.44 -10.52
CA GLN C 665 2.44 42.02 -10.60
C GLN C 665 2.43 43.48 -10.09
N ARG C 666 3.57 44.17 -10.12
CA ARG C 666 3.69 45.60 -9.73
C ARG C 666 4.46 46.41 -10.79
N GLY C 667 4.65 45.86 -11.99
CA GLY C 667 5.37 46.55 -13.09
C GLY C 667 6.86 46.26 -13.09
N LEU C 668 7.51 46.59 -14.22
CA LEU C 668 8.93 46.25 -14.51
C LEU C 668 9.88 47.01 -13.58
N ARG C 669 9.59 48.28 -13.28
CA ARG C 669 10.45 49.12 -12.39
C ARG C 669 10.56 48.48 -11.00
N PHE C 670 9.44 48.04 -10.43
CA PHE C 670 9.33 47.40 -9.09
C PHE C 670 10.14 46.10 -9.08
N GLU C 671 9.94 45.24 -10.08
CA GLU C 671 10.69 43.96 -10.25
C GLU C 671 12.17 44.26 -10.46
N GLY C 672 12.47 45.34 -11.21
CA GLY C 672 13.84 45.70 -11.66
C GLY C 672 14.74 46.24 -10.56
N ALA C 673 14.22 46.51 -9.35
CA ALA C 673 15.05 46.94 -8.19
C ALA C 673 16.18 45.96 -7.89
N LEU C 674 16.07 44.67 -8.23
CA LEU C 674 17.13 43.69 -7.87
C LEU C 674 18.13 43.50 -9.01
N LYS C 675 17.99 44.23 -10.13
CA LYS C 675 18.90 44.08 -11.31
C LYS C 675 20.36 44.15 -10.86
N ASN C 676 21.13 43.08 -11.12
CA ASN C 676 22.60 42.96 -10.88
C ASN C 676 22.96 42.98 -9.39
N GLN C 677 21.99 42.93 -8.48
CA GLN C 677 22.24 43.05 -7.02
C GLN C 677 21.29 42.15 -6.23
N MET C 678 21.00 40.94 -6.71
CA MET C 678 20.20 39.94 -5.97
C MET C 678 20.84 39.72 -4.59
N GLY C 679 20.03 39.74 -3.54
CA GLY C 679 20.48 39.63 -2.13
C GLY C 679 20.59 40.96 -1.41
N GLN C 680 20.82 42.07 -2.14
CA GLN C 680 21.33 43.35 -1.57
C GLN C 680 20.19 44.26 -1.10
N VAL C 681 18.97 44.10 -1.62
CA VAL C 681 17.82 45.04 -1.39
C VAL C 681 16.61 44.32 -0.76
N GLU C 682 16.46 43.00 -0.98
CA GLU C 682 15.24 42.23 -0.62
C GLU C 682 15.11 42.20 0.90
N ILE C 683 16.23 42.02 1.61
CA ILE C 683 16.24 41.91 3.10
C ILE C 683 15.82 43.24 3.72
N GLU C 684 16.23 44.37 3.14
CA GLU C 684 15.86 45.71 3.65
C GLU C 684 14.35 45.83 3.68
N ASP C 685 13.65 45.44 2.60
CA ASP C 685 12.16 45.51 2.53
C ASP C 685 11.52 44.53 3.52
N GLN C 686 12.09 43.33 3.67
CA GLN C 686 11.59 42.30 4.62
C GLN C 686 11.62 42.87 6.05
N VAL C 687 12.73 43.50 6.43
CA VAL C 687 12.94 44.08 7.80
C VAL C 687 12.00 45.27 8.01
N GLU C 688 11.77 46.12 7.00
CA GLU C 688 10.81 47.27 7.12
C GLU C 688 9.40 46.70 7.35
N GLY C 689 9.02 45.64 6.63
CA GLY C 689 7.73 44.94 6.82
C GLY C 689 7.57 44.40 8.21
N LEU C 690 8.61 43.76 8.73
CA LEU C 690 8.63 43.15 10.08
C LEU C 690 8.43 44.25 11.13
N GLN C 691 9.15 45.36 10.97
CA GLN C 691 9.09 46.52 11.90
C GLN C 691 7.72 47.19 11.81
N PHE C 692 7.14 47.30 10.61
CA PHE C 692 5.77 47.86 10.43
C PHE C 692 4.76 46.97 11.17
N VAL C 693 4.82 45.66 10.95
CA VAL C 693 3.88 44.67 11.58
C VAL C 693 4.01 44.78 13.11
N ALA C 694 5.23 44.88 13.63
CA ALA C 694 5.50 45.01 15.08
C ALA C 694 4.83 46.28 15.64
N GLU C 695 4.94 47.40 14.93
CA GLU C 695 4.36 48.71 15.34
C GLU C 695 2.83 48.66 15.20
N LYS C 696 2.28 48.15 14.09
CA LYS C 696 0.82 48.15 13.81
C LYS C 696 0.09 47.18 14.76
N TYR C 697 0.60 45.96 14.93
CA TYR C 697 -0.16 44.83 15.56
C TYR C 697 0.22 44.64 17.04
N GLY C 698 1.46 44.93 17.43
CA GLY C 698 1.87 45.00 18.84
C GLY C 698 2.16 43.65 19.50
N PHE C 699 1.93 42.50 18.84
CA PHE C 699 2.10 41.14 19.45
C PHE C 699 3.37 40.45 18.91
N ILE C 700 4.26 41.18 18.23
CA ILE C 700 5.52 40.62 17.64
C ILE C 700 6.64 40.80 18.67
N ASP C 701 7.28 39.70 19.05
CA ASP C 701 8.54 39.70 19.83
C ASP C 701 9.71 39.78 18.84
N LEU C 702 10.25 40.99 18.63
CA LEU C 702 11.38 41.23 17.68
C LEU C 702 12.69 40.60 18.18
N SER C 703 12.76 40.14 19.44
CA SER C 703 13.92 39.38 19.99
C SER C 703 13.86 37.89 19.60
N ARG C 704 12.76 37.42 19.00
CA ARG C 704 12.57 35.99 18.61
C ARG C 704 11.93 35.91 17.23
N VAL C 705 12.70 36.26 16.20
CA VAL C 705 12.27 36.19 14.77
C VAL C 705 13.09 35.11 14.07
N ALA C 706 12.42 34.12 13.49
CA ALA C 706 12.99 33.12 12.56
C ALA C 706 12.72 33.59 11.13
N ILE C 707 13.64 33.30 10.22
CA ILE C 707 13.47 33.52 8.75
C ILE C 707 13.49 32.14 8.10
N HIS C 708 12.51 31.87 7.23
CA HIS C 708 12.35 30.56 6.57
C HIS C 708 11.86 30.77 5.14
N GLY C 709 12.51 30.10 4.19
CA GLY C 709 12.08 30.11 2.80
C GLY C 709 12.70 28.97 2.03
N TRP C 710 12.22 28.76 0.81
CA TRP C 710 12.65 27.68 -0.10
C TRP C 710 13.14 28.31 -1.42
N SER C 711 14.25 27.80 -1.97
CA SER C 711 14.78 28.25 -3.29
C SER C 711 15.31 29.68 -3.13
N TYR C 712 14.72 30.70 -3.76
CA TYR C 712 15.10 32.12 -3.54
C TYR C 712 14.91 32.48 -2.06
N GLY C 713 13.89 31.91 -1.42
CA GLY C 713 13.59 32.09 0.01
C GLY C 713 14.66 31.46 0.90
N GLY C 714 15.26 30.35 0.45
CA GLY C 714 16.41 29.74 1.14
C GLY C 714 17.62 30.64 1.06
N PHE C 715 17.88 31.15 -0.14
CA PHE C 715 18.94 32.16 -0.42
C PHE C 715 18.76 33.36 0.53
N LEU C 716 17.56 33.93 0.59
CA LEU C 716 17.30 35.14 1.42
C LEU C 716 17.34 34.80 2.91
N SER C 717 16.98 33.59 3.32
CA SER C 717 17.09 33.16 4.74
C SER C 717 18.54 33.26 5.20
N LEU C 718 19.47 32.78 4.37
CA LEU C 718 20.93 32.87 4.65
C LEU C 718 21.40 34.32 4.60
N MET C 719 20.94 35.10 3.60
CA MET C 719 21.30 36.54 3.47
C MET C 719 20.81 37.31 4.71
N GLY C 720 19.62 37.00 5.23
CA GLY C 720 19.07 37.64 6.43
C GLY C 720 19.97 37.42 7.64
N LEU C 721 20.44 36.18 7.82
CA LEU C 721 21.35 35.82 8.93
C LEU C 721 22.71 36.53 8.74
N ILE C 722 23.17 36.69 7.51
CA ILE C 722 24.46 37.36 7.17
C ILE C 722 24.34 38.89 7.39
N HIS C 723 23.34 39.56 6.83
CA HIS C 723 23.18 41.04 6.82
C HIS C 723 22.48 41.55 8.09
N LYS C 724 21.59 40.76 8.71
CA LYS C 724 20.76 41.21 9.85
C LYS C 724 20.82 40.17 10.98
N PRO C 725 22.02 39.81 11.48
CA PRO C 725 22.15 38.79 12.52
C PRO C 725 21.49 39.18 13.85
N GLN C 726 21.30 40.49 14.11
CA GLN C 726 20.61 41.00 15.33
C GLN C 726 19.08 40.95 15.13
N VAL C 727 18.60 40.86 13.88
CA VAL C 727 17.14 40.81 13.58
C VAL C 727 16.68 39.35 13.64
N PHE C 728 17.40 38.44 12.98
CA PHE C 728 17.00 37.03 12.76
C PHE C 728 17.80 36.14 13.72
N LYS C 729 17.11 35.60 14.72
CA LYS C 729 17.71 34.66 15.71
C LYS C 729 18.08 33.36 15.00
N VAL C 730 17.18 32.84 14.15
CA VAL C 730 17.43 31.55 13.42
C VAL C 730 17.03 31.71 11.95
N ALA C 731 17.68 30.94 11.09
CA ALA C 731 17.36 30.79 9.64
C ALA C 731 17.14 29.30 9.35
N ILE C 732 16.05 29.00 8.64
CA ILE C 732 15.80 27.66 8.04
C ILE C 732 15.79 27.86 6.52
N ALA C 733 16.87 27.46 5.86
CA ALA C 733 17.11 27.69 4.42
C ALA C 733 16.84 26.38 3.67
N GLY C 734 15.74 26.34 2.91
CA GLY C 734 15.39 25.21 2.05
C GLY C 734 15.90 25.39 0.63
N ALA C 735 16.59 24.39 0.10
CA ALA C 735 17.10 24.35 -1.30
C ALA C 735 17.67 25.70 -1.71
N PRO C 736 18.62 26.29 -0.94
CA PRO C 736 19.11 27.63 -1.24
C PRO C 736 20.05 27.64 -2.46
N VAL C 737 19.95 28.68 -3.29
CA VAL C 737 21.05 29.07 -4.21
C VAL C 737 22.10 29.74 -3.33
N THR C 738 23.32 29.19 -3.30
CA THR C 738 24.44 29.65 -2.46
C THR C 738 25.59 30.22 -3.30
N VAL C 739 25.63 29.92 -4.60
CA VAL C 739 26.68 30.42 -5.53
C VAL C 739 26.02 30.63 -6.91
N TRP C 740 25.81 31.88 -7.31
CA TRP C 740 25.09 32.24 -8.56
C TRP C 740 25.86 31.76 -9.80
N MET C 741 27.19 31.65 -9.73
CA MET C 741 28.06 31.10 -10.82
C MET C 741 27.70 29.65 -11.14
N ALA C 742 27.07 28.91 -10.23
CA ALA C 742 26.66 27.49 -10.46
C ALA C 742 25.24 27.42 -11.04
N TYR C 743 24.48 28.53 -11.07
CA TYR C 743 23.09 28.53 -11.58
C TYR C 743 23.12 28.72 -13.11
N ASP C 744 21.97 28.60 -13.76
CA ASP C 744 21.86 28.45 -15.23
C ASP C 744 21.84 29.82 -15.95
N THR C 745 21.96 29.77 -17.28
CA THR C 745 22.01 30.96 -18.16
C THR C 745 20.68 31.71 -18.13
N GLY C 746 19.57 31.02 -18.40
CA GLY C 746 18.26 31.64 -18.65
C GLY C 746 17.81 32.54 -17.51
N TYR C 747 17.92 32.04 -16.28
CA TYR C 747 17.46 32.78 -15.06
C TYR C 747 18.52 33.78 -14.66
N THR C 748 19.74 33.32 -14.40
CA THR C 748 20.78 34.13 -13.72
C THR C 748 21.14 35.35 -14.58
N GLU C 749 21.35 35.16 -15.88
CA GLU C 749 21.83 36.25 -16.76
C GLU C 749 20.74 37.32 -16.91
N ARG C 750 19.46 36.94 -16.91
CA ARG C 750 18.30 37.85 -17.00
C ARG C 750 18.41 38.91 -15.89
N TYR C 751 18.71 38.50 -14.66
CA TYR C 751 18.66 39.37 -13.46
C TYR C 751 20.04 39.89 -13.08
N MET C 752 21.12 39.19 -13.45
CA MET C 752 22.48 39.44 -12.87
C MET C 752 23.56 39.62 -13.94
N ASP C 753 23.24 39.48 -15.24
CA ASP C 753 24.26 39.47 -16.33
C ASP C 753 25.14 38.22 -16.16
N VAL C 754 26.21 38.10 -16.96
CA VAL C 754 27.19 36.98 -16.86
C VAL C 754 28.17 37.32 -15.74
N PRO C 755 28.82 36.32 -15.10
CA PRO C 755 29.75 36.58 -14.01
C PRO C 755 30.85 37.60 -14.31
N GLU C 756 31.45 37.51 -15.51
CA GLU C 756 32.58 38.39 -15.94
C GLU C 756 32.13 39.85 -16.00
N ASN C 757 30.85 40.13 -16.27
CA ASN C 757 30.29 41.50 -16.41
C ASN C 757 29.75 42.04 -15.07
N ASN C 758 29.67 41.23 -14.01
CA ASN C 758 29.04 41.64 -12.73
C ASN C 758 29.71 40.88 -11.58
N GLN C 759 31.04 40.91 -11.51
CA GLN C 759 31.83 40.24 -10.47
C GLN C 759 31.36 40.70 -9.08
N HIS C 760 31.11 42.01 -8.89
CA HIS C 760 30.67 42.59 -7.61
C HIS C 760 29.32 42.00 -7.17
N GLY C 761 28.33 41.98 -8.07
CA GLY C 761 26.97 41.46 -7.80
C GLY C 761 27.01 39.98 -7.48
N TYR C 762 27.72 39.19 -8.28
CA TYR C 762 27.87 37.72 -8.10
C TYR C 762 28.51 37.41 -6.74
N GLU C 763 29.59 38.12 -6.40
CA GLU C 763 30.31 37.98 -5.10
C GLU C 763 29.36 38.35 -3.96
N ALA C 764 28.75 39.53 -4.01
CA ALA C 764 27.86 40.06 -2.94
C ALA C 764 26.64 39.16 -2.74
N GLY C 765 26.14 38.53 -3.79
CA GLY C 765 24.88 37.75 -3.79
C GLY C 765 25.08 36.28 -3.53
N SER C 766 26.32 35.78 -3.44
CA SER C 766 26.62 34.33 -3.28
C SER C 766 26.90 34.04 -1.81
N VAL C 767 25.90 33.55 -1.07
CA VAL C 767 25.97 33.41 0.42
C VAL C 767 27.13 32.49 0.83
N ALA C 768 27.50 31.50 0.01
CA ALA C 768 28.60 30.54 0.33
C ALA C 768 29.96 31.27 0.39
N LEU C 769 30.08 32.45 -0.24
CA LEU C 769 31.34 33.26 -0.21
C LEU C 769 31.38 34.18 1.02
N HIS C 770 30.33 34.20 1.86
CA HIS C 770 30.22 35.08 3.06
C HIS C 770 29.96 34.26 4.33
N VAL C 771 30.36 32.98 4.36
CA VAL C 771 30.17 32.06 5.52
C VAL C 771 30.85 32.61 6.78
N GLU C 772 31.94 33.38 6.66
CA GLU C 772 32.62 34.02 7.83
C GLU C 772 31.63 34.93 8.59
N LYS C 773 30.60 35.45 7.91
CA LYS C 773 29.57 36.34 8.52
C LYS C 773 28.38 35.53 9.09
N LEU C 774 28.31 34.22 8.84
CA LEU C 774 27.24 33.36 9.43
C LEU C 774 27.55 33.11 10.90
N PRO C 775 26.57 32.72 11.73
CA PRO C 775 26.76 32.71 13.18
C PRO C 775 27.81 31.71 13.69
N ASN C 776 28.55 32.12 14.72
CA ASN C 776 29.51 31.24 15.44
C ASN C 776 28.79 30.52 16.58
N GLU C 777 27.50 30.79 16.82
CA GLU C 777 26.66 30.07 17.82
C GLU C 777 25.92 28.92 17.13
N PRO C 778 25.91 27.70 17.69
CA PRO C 778 25.16 26.60 17.10
C PRO C 778 23.65 26.83 17.16
N ASN C 779 22.89 26.09 16.34
CA ASN C 779 21.41 26.02 16.37
C ASN C 779 20.77 27.33 15.91
N ARG C 780 21.46 28.11 15.08
CA ARG C 780 20.88 29.31 14.43
C ARG C 780 20.69 29.06 12.92
N LEU C 781 21.18 27.93 12.39
CA LEU C 781 21.11 27.65 10.93
C LEU C 781 20.75 26.17 10.71
N LEU C 782 19.60 25.95 10.08
CA LEU C 782 19.15 24.63 9.56
C LEU C 782 19.06 24.73 8.03
N ILE C 783 19.78 23.84 7.34
CA ILE C 783 19.77 23.71 5.85
C ILE C 783 18.97 22.47 5.49
N LEU C 784 18.03 22.60 4.54
CA LEU C 784 17.16 21.52 4.03
C LEU C 784 17.35 21.43 2.51
N HIS C 785 17.45 20.23 1.94
CA HIS C 785 17.66 20.09 0.47
C HIS C 785 17.22 18.69 0.00
N GLY C 786 16.45 18.65 -1.08
CA GLY C 786 16.15 17.41 -1.82
C GLY C 786 17.39 16.94 -2.58
N PHE C 787 17.78 15.70 -2.39
CA PHE C 787 19.03 15.14 -2.93
C PHE C 787 18.99 15.13 -4.47
N LEU C 788 17.82 14.92 -5.05
CA LEU C 788 17.61 14.73 -6.52
C LEU C 788 17.24 16.05 -7.20
N ASP C 789 17.37 17.20 -6.54
CA ASP C 789 16.98 18.52 -7.08
C ASP C 789 17.72 18.75 -8.40
N GLU C 790 16.99 18.90 -9.52
CA GLU C 790 17.56 19.12 -10.87
C GLU C 790 17.56 20.62 -11.22
N ASN C 791 16.99 21.48 -10.36
CA ASN C 791 16.96 22.96 -10.56
C ASN C 791 18.03 23.60 -9.66
N VAL C 792 17.83 23.57 -8.34
CA VAL C 792 18.85 24.01 -7.35
C VAL C 792 19.61 22.76 -6.91
N HIS C 793 20.70 22.45 -7.61
CA HIS C 793 21.47 21.21 -7.39
C HIS C 793 21.88 21.13 -5.93
N PHE C 794 21.87 19.93 -5.38
CA PHE C 794 22.38 19.63 -4.02
C PHE C 794 23.76 20.26 -3.83
N PHE C 795 24.56 20.36 -4.91
CA PHE C 795 25.87 21.05 -4.94
C PHE C 795 25.82 22.37 -4.15
N HIS C 796 24.77 23.17 -4.27
CA HIS C 796 24.64 24.47 -3.56
C HIS C 796 24.79 24.27 -2.05
N THR C 797 24.13 23.25 -1.50
CA THR C 797 24.19 22.90 -0.06
C THR C 797 25.56 22.26 0.25
N ASN C 798 26.02 21.36 -0.59
CA ASN C 798 27.33 20.71 -0.44
C ASN C 798 28.43 21.77 -0.39
N PHE C 799 28.39 22.74 -1.28
CA PHE C 799 29.42 23.81 -1.37
C PHE C 799 29.31 24.71 -0.14
N LEU C 800 28.09 25.09 0.26
CA LEU C 800 27.85 25.89 1.49
C LEU C 800 28.46 25.16 2.68
N VAL C 801 28.23 23.85 2.81
CA VAL C 801 28.76 23.04 3.95
C VAL C 801 30.28 23.05 3.91
N SER C 802 30.88 22.83 2.73
N SER C 802 30.88 22.83 2.72
CA SER C 802 32.35 22.84 2.50
CA SER C 802 32.36 22.84 2.52
C SER C 802 32.93 24.17 3.01
C SER C 802 32.93 24.18 3.03
N GLN C 803 32.26 25.28 2.73
CA GLN C 803 32.68 26.64 3.16
C GLN C 803 32.47 26.83 4.67
N LEU C 804 31.35 26.34 5.22
CA LEU C 804 31.05 26.41 6.67
C LEU C 804 32.14 25.66 7.45
N ILE C 805 32.59 24.50 6.96
CA ILE C 805 33.68 23.70 7.57
C ILE C 805 34.98 24.54 7.59
N ARG C 806 35.35 25.11 6.45
CA ARG C 806 36.55 25.96 6.25
C ARG C 806 36.53 27.15 7.22
N ALA C 807 35.37 27.76 7.46
CA ALA C 807 35.21 28.95 8.33
C ALA C 807 35.00 28.54 9.79
N GLY C 808 34.91 27.22 10.08
CA GLY C 808 34.69 26.67 11.44
C GLY C 808 33.33 27.07 12.00
N LYS C 809 32.28 27.10 11.16
CA LYS C 809 30.90 27.48 11.57
C LYS C 809 30.07 26.23 11.81
N PRO C 810 29.19 26.22 12.84
CA PRO C 810 28.25 25.11 13.03
C PRO C 810 27.08 25.21 12.04
N TYR C 811 26.45 24.08 11.76
CA TYR C 811 25.21 23.99 10.94
C TYR C 811 24.45 22.71 11.32
N GLN C 812 23.14 22.74 11.10
CA GLN C 812 22.28 21.53 11.09
C GLN C 812 21.82 21.29 9.65
N LEU C 813 21.71 20.03 9.27
CA LEU C 813 21.37 19.62 7.89
C LEU C 813 20.29 18.54 7.92
N GLN C 814 19.29 18.68 7.05
CA GLN C 814 18.33 17.60 6.72
C GLN C 814 18.35 17.44 5.20
N ILE C 815 18.40 16.20 4.74
N ILE C 815 18.41 16.19 4.74
CA ILE C 815 18.30 15.86 3.29
CA ILE C 815 18.34 15.80 3.30
C ILE C 815 17.04 15.04 3.08
C ILE C 815 17.02 15.06 3.09
N TYR C 816 16.42 15.22 1.92
CA TYR C 816 15.24 14.43 1.46
C TYR C 816 15.75 13.59 0.29
N PRO C 817 16.28 12.38 0.56
CA PRO C 817 16.96 11.58 -0.46
C PRO C 817 16.15 11.29 -1.73
N ASN C 818 14.82 11.17 -1.60
CA ASN C 818 13.89 10.76 -2.68
C ASN C 818 13.20 11.97 -3.31
N GLU C 819 13.60 13.20 -2.98
CA GLU C 819 12.89 14.42 -3.44
C GLU C 819 13.75 15.21 -4.40
N ARG C 820 13.11 15.78 -5.42
CA ARG C 820 13.70 16.79 -6.33
C ARG C 820 13.51 18.16 -5.65
N HIS C 821 13.13 19.21 -6.39
CA HIS C 821 13.10 20.59 -5.85
C HIS C 821 12.05 20.71 -4.74
N SER C 822 10.82 20.29 -5.01
CA SER C 822 9.72 20.38 -4.02
C SER C 822 9.46 18.99 -3.43
N ILE C 823 9.07 18.97 -2.15
CA ILE C 823 8.73 17.72 -1.41
C ILE C 823 7.32 17.28 -1.84
N ARG C 824 7.21 16.13 -2.50
CA ARG C 824 5.94 15.55 -3.02
C ARG C 824 5.46 14.38 -2.15
N CSO C 825 6.36 13.57 -1.60
CA CSO C 825 6.00 12.37 -0.80
CB CSO C 825 7.16 11.43 -0.61
SG CSO C 825 7.79 10.74 -2.16
C CSO C 825 5.43 12.82 0.54
O CSO C 825 6.01 13.69 1.19
OD CSO C 825 6.73 9.49 -2.36
N PRO C 826 4.27 12.27 1.00
CA PRO C 826 3.69 12.67 2.28
C PRO C 826 4.61 12.47 3.50
N GLU C 827 5.41 11.39 3.52
CA GLU C 827 6.30 11.08 4.68
C GLU C 827 7.36 12.17 4.79
N SER C 828 7.95 12.58 3.67
CA SER C 828 8.98 13.66 3.58
C SER C 828 8.36 15.01 4.00
N GLY C 829 7.17 15.32 3.48
CA GLY C 829 6.43 16.56 3.81
C GLY C 829 6.15 16.66 5.30
N GLU C 830 5.66 15.58 5.90
CA GLU C 830 5.37 15.53 7.36
C GLU C 830 6.68 15.68 8.15
N HIS C 831 7.75 14.99 7.73
CA HIS C 831 9.05 15.01 8.44
C HIS C 831 9.63 16.43 8.41
N TYR C 832 9.57 17.10 7.26
CA TYR C 832 9.96 18.52 7.08
C TYR C 832 9.22 19.38 8.11
N GLU C 833 7.89 19.25 8.18
CA GLU C 833 7.05 20.12 9.04
C GLU C 833 7.34 19.82 10.51
N VAL C 834 7.50 18.55 10.88
CA VAL C 834 7.83 18.16 12.28
C VAL C 834 9.20 18.75 12.63
N THR C 835 10.18 18.64 11.72
CA THR C 835 11.55 19.16 11.93
C THR C 835 11.50 20.68 12.13
N LEU C 836 10.70 21.38 11.31
CA LEU C 836 10.52 22.84 11.41
C LEU C 836 9.98 23.19 12.81
N LEU C 837 8.92 22.52 13.26
CA LEU C 837 8.27 22.77 14.57
C LEU C 837 9.27 22.51 15.70
N HIS C 838 10.02 21.42 15.62
CA HIS C 838 11.03 21.02 16.65
C HIS C 838 12.14 22.08 16.71
N PHE C 839 12.69 22.46 15.56
CA PHE C 839 13.79 23.46 15.47
C PHE C 839 13.35 24.77 16.13
N LEU C 840 12.15 25.26 15.78
CA LEU C 840 11.60 26.53 16.31
C LEU C 840 11.36 26.40 17.83
N GLN C 841 10.76 25.32 18.29
CA GLN C 841 10.42 25.16 19.73
C GLN C 841 11.71 25.11 20.55
N GLU C 842 12.79 24.49 20.04
CA GLU C 842 14.05 24.30 20.80
C GLU C 842 14.92 25.57 20.71
N TYR C 843 14.94 26.26 19.57
CA TYR C 843 16.05 27.20 19.25
C TYR C 843 15.58 28.63 18.96
N LEU C 844 14.27 28.91 18.79
CA LEU C 844 13.76 30.30 18.64
C LEU C 844 13.51 30.87 20.04
N HIS C 845 14.56 31.41 20.67
N HIS C 845 14.56 31.39 20.68
CA HIS C 845 14.57 31.98 22.04
CA HIS C 845 14.53 32.00 22.04
C HIS C 845 15.41 33.27 22.03
C HIS C 845 15.41 33.26 22.05
N HIS C 846 15.14 34.18 22.99
CA HIS C 846 15.78 35.52 23.10
C HIS C 846 17.19 35.43 23.69
N ALA D 3 2.57 -15.50 47.98
CA ALA D 3 2.16 -16.82 47.39
C ALA D 3 1.61 -16.63 45.97
N ARG D 4 0.70 -15.66 45.74
CA ARG D 4 0.01 -15.45 44.44
C ARG D 4 0.80 -14.45 43.58
N PHE D 5 1.28 -14.87 42.41
CA PHE D 5 1.90 -13.99 41.40
C PHE D 5 0.79 -13.13 40.77
N GLN D 6 1.07 -11.84 40.60
CA GLN D 6 0.20 -10.85 39.91
C GLN D 6 0.90 -10.45 38.62
N VAL D 7 0.25 -10.69 37.49
CA VAL D 7 0.69 -10.20 36.16
C VAL D 7 0.63 -8.67 36.19
N GLN D 8 1.67 -8.01 35.70
CA GLN D 8 1.75 -6.53 35.61
C GLN D 8 0.64 -6.05 34.66
N LYS D 9 -0.21 -5.14 35.12
CA LYS D 9 -1.29 -4.54 34.29
C LYS D 9 -0.66 -3.53 33.33
N HIS D 10 -1.03 -3.61 32.05
CA HIS D 10 -0.60 -2.69 30.99
C HIS D 10 -1.82 -1.92 30.51
N SER D 11 -1.58 -0.71 30.01
CA SER D 11 -2.57 0.04 29.21
C SER D 11 -2.86 -0.79 27.95
N TRP D 12 -3.98 -0.51 27.29
CA TRP D 12 -4.34 -1.14 26.00
C TRP D 12 -3.21 -0.91 24.99
N ASP D 13 -2.69 0.31 24.88
CA ASP D 13 -1.58 0.62 23.93
C ASP D 13 -0.30 -0.11 24.38
N GLY D 14 -0.11 -0.29 25.69
CA GLY D 14 0.98 -1.12 26.25
C GLY D 14 0.90 -2.55 25.75
N LEU D 15 -0.30 -3.14 25.79
CA LEU D 15 -0.54 -4.52 25.31
C LEU D 15 -0.31 -4.59 23.80
N ARG D 16 -0.73 -3.55 23.05
CA ARG D 16 -0.52 -3.50 21.58
C ARG D 16 0.97 -3.55 21.24
N SER D 17 1.80 -2.81 21.97
N SER D 17 1.79 -2.79 21.98
CA SER D 17 3.27 -2.77 21.82
CA SER D 17 3.27 -2.76 21.86
C SER D 17 3.88 -4.16 22.08
C SER D 17 3.85 -4.15 22.08
N ILE D 18 3.45 -4.82 23.17
CA ILE D 18 3.91 -6.20 23.52
C ILE D 18 3.55 -7.16 22.37
N ILE D 19 2.32 -7.15 21.88
CA ILE D 19 1.86 -8.10 20.82
C ILE D 19 2.57 -7.75 19.51
N HIS D 20 2.58 -6.48 19.11
CA HIS D 20 3.24 -6.04 17.84
C HIS D 20 4.73 -6.43 17.86
N GLY D 21 5.41 -6.18 18.99
CA GLY D 21 6.81 -6.56 19.21
C GLY D 21 7.03 -8.06 19.11
N SER D 22 6.19 -8.86 19.79
CA SER D 22 6.27 -10.35 19.79
C SER D 22 6.30 -10.89 18.36
N ARG D 23 5.45 -10.33 17.48
CA ARG D 23 5.20 -10.88 16.12
C ARG D 23 6.23 -10.28 15.15
N LYS D 24 6.44 -8.96 15.22
CA LYS D 24 7.48 -8.26 14.42
C LYS D 24 8.87 -8.75 14.88
N ASN D 31 5.44 -19.23 6.66
CA ASN D 31 5.27 -20.11 5.47
C ASN D 31 6.45 -19.90 4.50
N LYS D 32 7.67 -20.10 5.01
CA LYS D 32 8.94 -19.90 4.28
C LYS D 32 9.40 -21.20 3.58
N ALA D 33 8.87 -22.37 3.97
CA ALA D 33 9.41 -23.69 3.59
C ALA D 33 9.07 -24.01 2.14
N PRO D 34 10.03 -24.51 1.31
CA PRO D 34 9.70 -25.04 0.00
C PRO D 34 8.92 -26.35 0.15
N HIS D 35 8.05 -26.67 -0.82
CA HIS D 35 7.09 -27.81 -0.72
C HIS D 35 6.68 -28.29 -2.11
N ASP D 36 5.96 -29.41 -2.16
CA ASP D 36 5.43 -30.04 -3.40
C ASP D 36 6.63 -30.43 -4.28
N PHE D 37 7.43 -31.37 -3.78
CA PHE D 37 8.75 -31.77 -4.36
C PHE D 37 8.53 -32.82 -5.45
N GLN D 38 9.23 -32.65 -6.58
CA GLN D 38 9.35 -33.64 -7.69
C GLN D 38 10.83 -33.79 -8.04
N PHE D 39 11.38 -34.99 -7.84
CA PHE D 39 12.75 -35.37 -8.27
C PHE D 39 12.70 -35.88 -9.72
N VAL D 40 13.58 -35.39 -10.58
CA VAL D 40 13.86 -35.92 -11.94
C VAL D 40 15.34 -36.24 -12.01
N GLN D 41 15.71 -37.44 -12.46
CA GLN D 41 17.12 -37.83 -12.73
C GLN D 41 17.61 -37.04 -13.96
N LYS D 42 18.88 -36.64 -13.93
CA LYS D 42 19.59 -36.06 -15.10
C LYS D 42 20.26 -37.19 -15.90
N THR D 43 20.29 -37.07 -17.22
CA THR D 43 20.72 -38.12 -18.18
C THR D 43 22.03 -37.72 -18.88
N ASP D 44 22.98 -37.15 -18.11
CA ASP D 44 24.29 -36.65 -18.61
C ASP D 44 25.38 -37.14 -17.65
N GLU D 45 26.12 -38.19 -18.03
CA GLU D 45 27.21 -38.81 -17.22
C GLU D 45 28.36 -37.81 -17.01
N SER D 46 28.58 -36.89 -17.95
CA SER D 46 29.66 -35.87 -17.91
C SER D 46 29.34 -34.78 -16.87
N GLY D 47 28.06 -34.39 -16.73
CA GLY D 47 27.60 -33.24 -15.93
C GLY D 47 27.72 -33.49 -14.42
N PRO D 48 27.73 -32.43 -13.59
CA PRO D 48 28.00 -32.57 -12.15
C PRO D 48 26.78 -32.94 -11.27
N HIS D 49 25.57 -32.94 -11.83
CA HIS D 49 24.28 -33.11 -11.10
C HIS D 49 23.66 -34.49 -11.37
N SER D 50 23.19 -35.19 -10.32
CA SER D 50 22.44 -36.45 -10.39
C SER D 50 20.96 -36.18 -10.72
N HIS D 51 20.37 -35.12 -10.14
CA HIS D 51 18.93 -34.82 -10.24
C HIS D 51 18.68 -33.32 -10.38
N ARG D 52 17.52 -32.97 -10.93
CA ARG D 52 16.82 -31.68 -10.70
C ARG D 52 15.67 -31.93 -9.73
N LEU D 53 15.51 -31.05 -8.73
CA LEU D 53 14.43 -31.09 -7.72
C LEU D 53 13.53 -29.88 -7.95
N TYR D 54 12.28 -30.11 -8.37
CA TYR D 54 11.26 -29.05 -8.59
C TYR D 54 10.40 -28.92 -7.33
N TYR D 55 9.93 -27.72 -7.04
CA TYR D 55 9.12 -27.43 -5.82
C TYR D 55 8.47 -26.05 -5.96
N LEU D 56 7.53 -25.76 -5.07
CA LEU D 56 6.93 -24.42 -4.88
C LEU D 56 7.64 -23.76 -3.70
N GLY D 57 7.91 -22.46 -3.84
CA GLY D 57 8.46 -21.66 -2.73
C GLY D 57 8.54 -20.19 -3.10
N MET D 58 8.87 -19.36 -2.11
CA MET D 58 9.00 -17.88 -2.24
C MET D 58 10.46 -17.55 -2.53
N PRO D 59 10.84 -17.29 -3.80
CA PRO D 59 12.25 -17.06 -4.12
C PRO D 59 12.74 -15.73 -3.52
N TYR D 60 14.05 -15.57 -3.44
CA TYR D 60 14.70 -14.50 -2.64
C TYR D 60 14.40 -13.16 -3.33
N GLY D 61 13.86 -12.20 -2.59
CA GLY D 61 13.38 -10.91 -3.13
C GLY D 61 12.12 -11.07 -3.97
N SER D 62 11.17 -11.88 -3.49
CA SER D 62 9.80 -12.03 -4.07
C SER D 62 8.76 -12.22 -2.96
N ARG D 63 7.51 -11.82 -3.19
CA ARG D 63 6.40 -11.79 -2.20
C ARG D 63 5.49 -13.00 -2.34
N GLU D 64 5.71 -13.88 -3.32
CA GLU D 64 4.73 -14.92 -3.73
C GLU D 64 5.43 -16.24 -4.14
N ASN D 65 4.72 -17.35 -3.94
CA ASN D 65 5.11 -18.71 -4.40
C ASN D 65 5.25 -18.75 -5.92
N SER D 66 6.34 -19.31 -6.42
CA SER D 66 6.51 -19.69 -7.84
C SER D 66 7.07 -21.11 -7.94
N LEU D 67 7.12 -21.61 -9.18
CA LEU D 67 7.77 -22.88 -9.54
C LEU D 67 9.28 -22.65 -9.54
N LEU D 68 9.98 -23.43 -8.72
CA LEU D 68 11.44 -23.34 -8.53
C LEU D 68 12.06 -24.71 -8.79
N TYR D 69 13.37 -24.74 -9.02
CA TYR D 69 14.16 -25.98 -9.05
C TYR D 69 15.49 -25.74 -8.33
N SER D 70 16.11 -26.82 -7.88
CA SER D 70 17.50 -26.87 -7.38
C SER D 70 18.23 -28.04 -8.05
N GLU D 71 19.53 -27.87 -8.27
CA GLU D 71 20.43 -28.89 -8.86
C GLU D 71 21.02 -29.72 -7.73
N ILE D 72 20.88 -31.04 -7.80
CA ILE D 72 21.41 -32.00 -6.80
C ILE D 72 22.73 -32.52 -7.35
N PRO D 73 23.89 -32.17 -6.73
CA PRO D 73 25.19 -32.63 -7.23
C PRO D 73 25.44 -34.13 -6.98
N LYS D 74 26.25 -34.74 -7.84
CA LYS D 74 26.69 -36.16 -7.74
C LYS D 74 27.59 -36.36 -6.52
N LYS D 75 28.37 -35.34 -6.12
CA LYS D 75 29.28 -35.39 -4.96
C LYS D 75 29.16 -34.11 -4.14
N VAL D 76 29.26 -34.23 -2.81
CA VAL D 76 29.28 -33.12 -1.81
C VAL D 76 30.43 -33.37 -0.82
N ARG D 77 31.08 -32.29 -0.34
CA ARG D 77 32.07 -32.32 0.75
C ARG D 77 31.38 -32.81 2.04
N LYS D 78 31.87 -33.91 2.64
CA LYS D 78 31.27 -34.55 3.84
C LYS D 78 31.33 -33.59 5.04
N GLU D 79 32.42 -32.81 5.17
CA GLU D 79 32.66 -31.87 6.29
C GLU D 79 32.33 -30.44 5.83
N ALA D 80 31.13 -30.22 5.28
CA ALA D 80 30.62 -28.92 4.79
C ALA D 80 29.12 -29.01 4.48
N LEU D 81 28.38 -27.93 4.76
CA LEU D 81 26.91 -27.82 4.60
C LEU D 81 26.61 -27.15 3.25
N LEU D 82 26.12 -27.90 2.26
CA LEU D 82 25.68 -27.33 0.96
C LEU D 82 24.25 -26.76 1.11
N LEU D 83 24.10 -25.45 0.95
CA LEU D 83 22.80 -24.73 0.83
C LEU D 83 22.46 -24.64 -0.65
N LEU D 84 21.45 -25.37 -1.11
CA LEU D 84 21.07 -25.44 -2.55
C LEU D 84 20.55 -24.06 -2.99
N SER D 85 21.00 -23.60 -4.16
N SER D 85 20.98 -23.61 -4.16
CA SER D 85 20.48 -22.36 -4.78
CA SER D 85 20.50 -22.35 -4.80
C SER D 85 19.07 -22.65 -5.31
C SER D 85 19.11 -22.58 -5.39
N TRP D 86 18.11 -21.81 -4.93
CA TRP D 86 16.72 -21.82 -5.47
C TRP D 86 16.72 -21.08 -6.81
N LYS D 87 16.55 -21.80 -7.92
CA LYS D 87 16.49 -21.22 -9.29
C LYS D 87 15.01 -21.03 -9.67
N GLN D 88 14.68 -19.90 -10.31
CA GLN D 88 13.33 -19.66 -10.88
C GLN D 88 13.19 -20.46 -12.17
N MET D 89 12.03 -21.11 -12.33
CA MET D 89 11.59 -21.72 -13.61
C MET D 89 10.96 -20.65 -14.50
N LEU D 90 10.26 -19.67 -13.92
CA LEU D 90 9.40 -18.68 -14.64
C LEU D 90 10.05 -17.29 -14.62
N ASP D 91 10.16 -16.66 -15.80
CA ASP D 91 10.75 -15.31 -16.01
C ASP D 91 9.72 -14.24 -15.64
N HIS D 92 10.04 -13.42 -14.63
CA HIS D 92 9.27 -12.23 -14.17
C HIS D 92 7.77 -12.39 -14.46
N PHE D 93 7.11 -13.21 -13.64
CA PHE D 93 5.67 -13.58 -13.78
C PHE D 93 4.95 -13.38 -12.43
N GLN D 94 3.86 -12.58 -12.41
CA GLN D 94 3.06 -12.28 -11.19
C GLN D 94 1.84 -13.22 -11.15
N ALA D 95 1.98 -14.34 -10.44
CA ALA D 95 0.99 -15.44 -10.35
C ALA D 95 -0.25 -15.00 -9.57
N THR D 96 -0.08 -14.12 -8.58
CA THR D 96 -1.17 -13.59 -7.71
C THR D 96 -2.04 -12.63 -8.54
N PRO D 97 -3.39 -12.64 -8.38
CA PRO D 97 -4.24 -11.62 -8.98
C PRO D 97 -4.18 -10.26 -8.24
N HIS D 98 -4.77 -9.23 -8.85
CA HIS D 98 -4.75 -7.81 -8.37
C HIS D 98 -5.38 -7.72 -6.98
N HIS D 99 -4.67 -7.10 -6.03
CA HIS D 99 -5.10 -6.86 -4.62
C HIS D 99 -5.34 -8.19 -3.88
N GLY D 100 -4.72 -9.30 -4.34
CA GLY D 100 -4.89 -10.66 -3.81
C GLY D 100 -6.34 -11.09 -3.67
N VAL D 101 -7.23 -10.63 -4.57
CA VAL D 101 -8.68 -10.95 -4.58
C VAL D 101 -8.91 -12.11 -5.56
N TYR D 102 -9.02 -13.34 -5.04
CA TYR D 102 -9.30 -14.58 -5.82
C TYR D 102 -10.81 -14.70 -6.06
N SER D 103 -11.20 -15.44 -7.11
CA SER D 103 -12.61 -15.81 -7.42
C SER D 103 -13.19 -16.61 -6.24
N ARG D 104 -14.52 -16.67 -6.12
CA ARG D 104 -15.21 -17.43 -5.03
C ARG D 104 -14.73 -18.88 -5.01
N GLU D 105 -14.57 -19.48 -6.20
CA GLU D 105 -14.15 -20.90 -6.39
C GLU D 105 -12.74 -21.06 -5.79
N GLU D 106 -11.78 -20.24 -6.21
CA GLU D 106 -10.35 -20.29 -5.78
C GLU D 106 -10.22 -19.90 -4.30
N GLU D 107 -11.01 -18.92 -3.83
CA GLU D 107 -10.98 -18.41 -2.43
C GLU D 107 -11.45 -19.52 -1.48
N LEU D 108 -12.60 -20.14 -1.77
CA LEU D 108 -13.17 -21.24 -0.93
C LEU D 108 -12.25 -22.46 -0.92
N LEU D 109 -11.57 -22.76 -2.05
CA LEU D 109 -10.64 -23.92 -2.17
C LEU D 109 -9.41 -23.69 -1.30
N ARG D 110 -8.87 -22.47 -1.26
CA ARG D 110 -7.72 -22.07 -0.40
C ARG D 110 -8.11 -22.16 1.09
N GLU D 111 -9.35 -21.81 1.44
CA GLU D 111 -9.89 -21.91 2.82
C GLU D 111 -9.97 -23.38 3.24
N ARG D 112 -10.48 -24.24 2.36
CA ARG D 112 -10.71 -25.69 2.65
C ARG D 112 -9.39 -26.47 2.66
N LYS D 113 -8.40 -26.06 1.85
CA LYS D 113 -7.03 -26.65 1.80
C LYS D 113 -6.12 -26.01 2.86
N ARG D 114 -6.62 -25.05 3.64
CA ARG D 114 -5.90 -24.31 4.73
C ARG D 114 -4.62 -23.67 4.14
N LEU D 115 -4.73 -23.06 2.97
CA LEU D 115 -3.60 -22.38 2.25
C LEU D 115 -3.61 -20.90 2.58
N GLY D 116 -2.51 -20.39 3.15
CA GLY D 116 -2.28 -18.98 3.50
C GLY D 116 -1.51 -18.22 2.42
N VAL D 117 -0.50 -18.86 1.81
CA VAL D 117 0.47 -18.21 0.88
C VAL D 117 -0.24 -17.77 -0.41
N PHE D 118 0.31 -16.74 -1.08
CA PHE D 118 -0.14 -16.22 -2.38
C PHE D 118 0.81 -16.71 -3.49
N GLY D 119 0.34 -16.65 -4.75
CA GLY D 119 1.05 -17.16 -5.95
C GLY D 119 0.62 -18.58 -6.29
N ILE D 120 1.45 -19.32 -7.03
CA ILE D 120 1.18 -20.72 -7.47
C ILE D 120 1.18 -21.63 -6.24
N THR D 121 0.03 -22.28 -5.97
CA THR D 121 -0.20 -23.12 -4.77
C THR D 121 -0.20 -24.62 -5.12
N SER D 122 -0.26 -24.98 -6.39
CA SER D 122 -0.14 -26.40 -6.86
C SER D 122 0.24 -26.41 -8.33
N TYR D 123 0.84 -27.51 -8.77
CA TYR D 123 1.14 -27.81 -10.19
C TYR D 123 0.91 -29.30 -10.42
N ASP D 124 0.50 -29.62 -11.64
CA ASP D 124 0.51 -31.00 -12.17
C ASP D 124 1.75 -31.15 -13.04
N PHE D 125 2.40 -32.30 -12.95
CA PHE D 125 3.70 -32.60 -13.62
C PHE D 125 3.56 -33.95 -14.31
N HIS D 126 3.98 -34.04 -15.57
CA HIS D 126 4.08 -35.30 -16.36
C HIS D 126 5.57 -35.55 -16.64
N SER D 127 6.20 -36.49 -15.93
CA SER D 127 7.68 -36.66 -15.90
C SER D 127 8.22 -37.07 -17.27
N GLU D 128 7.58 -38.03 -17.93
CA GLU D 128 7.98 -38.54 -19.27
C GLU D 128 8.13 -37.37 -20.26
N SER D 129 7.16 -36.45 -20.34
CA SER D 129 7.17 -35.31 -21.30
C SER D 129 7.83 -34.08 -20.67
N GLY D 130 7.92 -34.00 -19.35
CA GLY D 130 8.44 -32.83 -18.63
C GLY D 130 7.49 -31.64 -18.70
N LEU D 131 6.18 -31.90 -18.81
CA LEU D 131 5.14 -30.84 -18.88
C LEU D 131 4.70 -30.46 -17.46
N PHE D 132 4.68 -29.16 -17.16
CA PHE D 132 4.11 -28.55 -15.94
C PHE D 132 2.83 -27.84 -16.34
N LEU D 133 1.76 -28.02 -15.56
CA LEU D 133 0.45 -27.38 -15.77
C LEU D 133 -0.01 -26.80 -14.44
N PHE D 134 -0.40 -25.53 -14.42
CA PHE D 134 -0.73 -24.82 -13.16
C PHE D 134 -1.65 -23.63 -13.44
N GLN D 135 -2.48 -23.32 -12.45
CA GLN D 135 -3.29 -22.08 -12.36
C GLN D 135 -2.38 -20.93 -11.93
N ALA D 136 -2.58 -19.76 -12.54
CA ALA D 136 -1.90 -18.49 -12.20
C ALA D 136 -2.62 -17.33 -12.90
N SER D 137 -2.74 -16.19 -12.21
CA SER D 137 -3.29 -14.91 -12.75
C SER D 137 -4.69 -15.13 -13.32
N ASN D 138 -5.53 -15.89 -12.59
CA ASN D 138 -6.94 -16.23 -12.94
C ASN D 138 -7.00 -16.91 -14.32
N SER D 139 -5.98 -17.69 -14.68
CA SER D 139 -5.89 -18.42 -15.97
C SER D 139 -5.09 -19.72 -15.79
N LEU D 140 -4.81 -20.43 -16.89
CA LEU D 140 -4.00 -21.66 -16.92
C LEU D 140 -2.74 -21.37 -17.72
N PHE D 141 -1.60 -21.85 -17.23
CA PHE D 141 -0.26 -21.71 -17.85
C PHE D 141 0.39 -23.08 -17.87
N HIS D 142 1.37 -23.24 -18.74
CA HIS D 142 2.22 -24.44 -18.82
C HIS D 142 3.65 -24.04 -19.20
N CYS D 143 4.59 -24.90 -18.86
CA CYS D 143 5.99 -24.84 -19.34
C CYS D 143 6.54 -26.27 -19.40
N ARG D 144 7.65 -26.46 -20.10
CA ARG D 144 8.28 -27.79 -20.29
C ARG D 144 9.74 -27.70 -19.84
N ASP D 145 10.23 -28.75 -19.18
CA ASP D 145 11.64 -28.87 -18.72
C ASP D 145 11.97 -30.36 -18.56
N GLY D 146 13.20 -30.76 -18.90
CA GLY D 146 13.62 -32.16 -18.94
C GLY D 146 13.03 -32.88 -20.14
N GLY D 147 13.09 -34.22 -20.13
CA GLY D 147 12.67 -35.10 -21.23
C GLY D 147 13.42 -34.79 -22.52
N LYS D 148 12.69 -34.73 -23.64
CA LYS D 148 13.23 -34.43 -24.99
C LYS D 148 13.70 -32.97 -25.05
N ASN D 149 12.92 -32.03 -24.49
CA ASN D 149 13.17 -30.56 -24.50
C ASN D 149 14.53 -30.21 -23.88
N GLY D 150 15.01 -30.99 -22.90
CA GLY D 150 16.27 -30.73 -22.18
C GLY D 150 16.07 -29.73 -21.05
N PHE D 151 17.07 -29.61 -20.17
CA PHE D 151 17.02 -28.85 -18.89
C PHE D 151 17.42 -27.40 -19.12
N MET D 152 16.53 -26.46 -18.77
CA MET D 152 16.78 -24.99 -18.88
C MET D 152 17.93 -24.59 -17.95
N VAL D 153 18.63 -23.50 -18.29
CA VAL D 153 19.73 -22.89 -17.46
C VAL D 153 19.30 -21.51 -16.95
N SER D 154 18.17 -20.97 -17.44
CA SER D 154 17.64 -19.65 -17.04
C SER D 154 16.10 -19.69 -17.04
N PRO D 155 15.41 -18.79 -16.31
CA PRO D 155 13.94 -18.78 -16.30
C PRO D 155 13.34 -18.60 -17.70
N MET D 156 12.52 -19.55 -18.16
CA MET D 156 11.73 -19.45 -19.42
C MET D 156 10.39 -18.77 -19.10
N LYS D 157 9.70 -18.28 -20.14
CA LYS D 157 8.38 -17.61 -20.01
C LYS D 157 7.30 -18.68 -20.06
N PRO D 158 6.32 -18.67 -19.14
CA PRO D 158 5.23 -19.64 -19.17
C PRO D 158 4.20 -19.26 -20.25
N LEU D 159 3.84 -20.21 -21.11
CA LEU D 159 2.80 -20.01 -22.17
C LEU D 159 1.41 -20.13 -21.54
N GLU D 160 0.61 -19.07 -21.61
CA GLU D 160 -0.84 -19.10 -21.23
C GLU D 160 -1.57 -20.05 -22.17
N ILE D 161 -2.61 -20.72 -21.67
CA ILE D 161 -3.48 -21.63 -22.47
C ILE D 161 -4.76 -20.86 -22.75
N LYS D 162 -5.01 -20.54 -24.02
CA LYS D 162 -6.18 -19.73 -24.46
C LYS D 162 -7.43 -20.59 -24.32
N THR D 163 -8.56 -19.94 -24.04
CA THR D 163 -9.89 -20.60 -23.88
C THR D 163 -10.98 -19.70 -24.49
N GLN D 164 -12.05 -20.32 -24.96
CA GLN D 164 -13.32 -19.65 -25.32
C GLN D 164 -14.36 -19.97 -24.24
N CYS D 165 -13.96 -20.58 -23.12
CA CYS D 165 -14.87 -20.81 -21.96
C CYS D 165 -15.16 -19.49 -21.26
N SER D 166 -16.36 -19.39 -20.68
CA SER D 166 -16.78 -18.31 -19.77
C SER D 166 -16.55 -18.78 -18.33
N GLY D 167 -15.85 -17.97 -17.54
CA GLY D 167 -15.59 -18.24 -16.11
C GLY D 167 -14.36 -19.12 -15.92
N PRO D 168 -14.00 -19.44 -14.65
CA PRO D 168 -12.75 -20.13 -14.35
C PRO D 168 -12.69 -21.57 -14.87
N ARG D 169 -11.49 -22.01 -15.25
CA ARG D 169 -11.13 -23.42 -15.53
C ARG D 169 -10.46 -24.01 -14.28
N MET D 170 -11.20 -24.83 -13.53
CA MET D 170 -10.84 -25.29 -12.16
C MET D 170 -10.34 -26.73 -12.21
N ASP D 171 -9.49 -27.10 -11.26
CA ASP D 171 -9.01 -28.48 -11.01
C ASP D 171 -8.40 -29.07 -12.28
N PRO D 172 -7.41 -28.37 -12.90
CA PRO D 172 -6.80 -28.86 -14.13
C PRO D 172 -5.87 -30.05 -13.88
N LYS D 173 -5.86 -31.03 -14.80
CA LYS D 173 -5.02 -32.25 -14.70
C LYS D 173 -4.55 -32.66 -16.08
N ILE D 174 -3.28 -33.06 -16.19
CA ILE D 174 -2.67 -33.59 -17.44
C ILE D 174 -3.20 -35.02 -17.62
N CYS D 175 -3.54 -35.38 -18.85
CA CYS D 175 -3.91 -36.77 -19.23
C CYS D 175 -2.67 -37.65 -19.13
N PRO D 176 -2.64 -38.66 -18.22
CA PRO D 176 -1.47 -39.54 -18.06
C PRO D 176 -1.08 -40.32 -19.32
N ALA D 177 -2.08 -40.79 -20.09
CA ALA D 177 -1.91 -41.62 -21.31
C ALA D 177 -1.36 -40.80 -22.47
N ASP D 178 -1.65 -39.50 -22.51
CA ASP D 178 -1.31 -38.60 -23.64
C ASP D 178 -1.23 -37.16 -23.14
N PRO D 179 -0.03 -36.63 -22.83
CA PRO D 179 0.10 -35.28 -22.26
C PRO D 179 -0.18 -34.13 -23.23
N ALA D 180 -0.57 -34.41 -24.48
CA ALA D 180 -1.19 -33.42 -25.40
C ALA D 180 -2.53 -32.95 -24.81
N PHE D 181 -3.18 -33.77 -23.99
CA PHE D 181 -4.53 -33.50 -23.42
C PHE D 181 -4.45 -33.19 -21.93
N PHE D 182 -5.33 -32.30 -21.51
CA PHE D 182 -5.59 -31.99 -20.08
C PHE D 182 -7.09 -31.81 -19.92
N SER D 183 -7.55 -31.91 -18.68
CA SER D 183 -8.96 -31.77 -18.28
C SER D 183 -9.10 -30.55 -17.37
N PHE D 184 -10.31 -30.06 -17.22
CA PHE D 184 -10.67 -29.04 -16.22
C PHE D 184 -12.17 -29.08 -16.00
N ILE D 185 -12.63 -28.45 -14.93
CA ILE D 185 -14.05 -28.18 -14.64
C ILE D 185 -14.33 -26.73 -15.03
N ASN D 186 -15.40 -26.52 -15.79
CA ASN D 186 -15.92 -25.17 -16.13
C ASN D 186 -17.43 -25.20 -15.90
N ASN D 187 -17.94 -24.32 -15.02
CA ASN D 187 -19.38 -24.20 -14.72
C ASN D 187 -19.94 -25.61 -14.39
N SER D 188 -19.26 -26.35 -13.51
CA SER D 188 -19.74 -27.61 -12.89
C SER D 188 -19.91 -28.73 -13.92
N ASP D 189 -19.13 -28.69 -15.01
CA ASP D 189 -19.06 -29.77 -16.01
C ASP D 189 -17.59 -30.00 -16.39
N LEU D 190 -17.31 -31.22 -16.84
CA LEU D 190 -15.95 -31.71 -17.20
C LEU D 190 -15.66 -31.33 -18.65
N TRP D 191 -14.50 -30.73 -18.88
CA TRP D 191 -13.97 -30.37 -20.22
C TRP D 191 -12.63 -31.06 -20.40
N VAL D 192 -12.26 -31.29 -21.65
CA VAL D 192 -10.88 -31.63 -22.04
C VAL D 192 -10.44 -30.63 -23.11
N ALA D 193 -9.14 -30.49 -23.27
CA ALA D 193 -8.51 -29.59 -24.26
C ALA D 193 -7.20 -30.22 -24.69
N ASN D 194 -6.79 -29.91 -25.91
CA ASN D 194 -5.48 -30.27 -26.49
C ASN D 194 -4.59 -29.04 -26.30
N ILE D 195 -3.50 -29.21 -25.55
CA ILE D 195 -2.58 -28.10 -25.13
C ILE D 195 -1.77 -27.63 -26.35
N GLU D 196 -1.54 -28.50 -27.32
CA GLU D 196 -0.72 -28.25 -28.54
C GLU D 196 -1.55 -27.49 -29.58
N THR D 197 -2.77 -27.94 -29.87
CA THR D 197 -3.68 -27.41 -30.92
C THR D 197 -4.56 -26.28 -30.36
N GLY D 198 -4.87 -26.30 -29.05
CA GLY D 198 -5.75 -25.31 -28.41
C GLY D 198 -7.22 -25.70 -28.45
N GLU D 199 -7.59 -26.81 -29.07
CA GLU D 199 -8.98 -27.31 -29.18
C GLU D 199 -9.54 -27.65 -27.78
N GLU D 200 -10.78 -27.26 -27.50
CA GLU D 200 -11.50 -27.50 -26.23
C GLU D 200 -12.79 -28.26 -26.54
N ARG D 201 -13.22 -29.14 -25.65
CA ARG D 201 -14.46 -29.94 -25.82
C ARG D 201 -15.10 -30.22 -24.47
N ARG D 202 -16.37 -29.86 -24.34
CA ARG D 202 -17.20 -30.21 -23.16
C ARG D 202 -17.55 -31.70 -23.23
N LEU D 203 -17.35 -32.45 -22.14
CA LEU D 203 -17.65 -33.91 -22.07
C LEU D 203 -18.99 -34.14 -21.36
N THR D 204 -19.32 -33.37 -20.31
CA THR D 204 -20.56 -33.57 -19.51
C THR D 204 -21.48 -32.36 -19.67
N PHE D 205 -22.78 -32.62 -19.57
CA PHE D 205 -23.88 -31.68 -19.87
C PHE D 205 -24.91 -31.71 -18.72
N CYS D 206 -24.45 -31.84 -17.47
N CYS D 206 -24.48 -31.84 -17.47
CA CYS D 206 -25.26 -31.89 -16.23
CA CYS D 206 -25.40 -31.93 -16.30
C CYS D 206 -25.76 -30.50 -15.85
C CYS D 206 -25.72 -30.53 -15.75
N HIS D 207 -24.89 -29.50 -15.99
CA HIS D 207 -25.13 -28.10 -15.57
C HIS D 207 -25.72 -27.35 -16.76
N GLN D 208 -27.00 -27.01 -16.67
CA GLN D 208 -27.77 -26.34 -17.75
C GLN D 208 -27.30 -24.89 -17.90
N GLY D 209 -26.81 -24.28 -16.81
CA GLY D 209 -26.47 -22.84 -16.74
C GLY D 209 -27.70 -21.97 -16.61
N LEU D 210 -28.78 -22.49 -15.97
CA LEU D 210 -30.07 -21.78 -15.76
C LEU D 210 -29.83 -20.53 -14.92
N SER D 211 -30.69 -19.51 -15.11
CA SER D 211 -30.62 -18.19 -14.45
C SER D 211 -30.85 -18.36 -12.93
N ASN D 212 -31.87 -19.13 -12.54
CA ASN D 212 -32.05 -19.61 -11.15
C ASN D 212 -31.11 -20.81 -10.91
N VAL D 213 -30.01 -20.58 -10.16
CA VAL D 213 -28.95 -21.59 -9.87
C VAL D 213 -29.55 -22.74 -9.05
N LEU D 214 -30.56 -22.46 -8.21
CA LEU D 214 -31.18 -23.48 -7.31
C LEU D 214 -32.09 -24.42 -8.10
N ASP D 215 -32.44 -24.07 -9.35
CA ASP D 215 -33.12 -24.99 -10.31
C ASP D 215 -32.08 -25.67 -11.22
N ASP D 216 -30.78 -25.49 -10.97
CA ASP D 216 -29.66 -26.09 -11.74
C ASP D 216 -28.77 -26.91 -10.80
N PRO D 217 -29.31 -27.98 -10.17
CA PRO D 217 -28.67 -28.60 -9.01
C PRO D 217 -27.71 -29.78 -9.26
N LYS D 218 -27.43 -30.09 -10.53
CA LYS D 218 -26.51 -31.20 -10.91
C LYS D 218 -25.14 -30.62 -11.27
N SER D 219 -24.07 -31.34 -10.90
N SER D 219 -24.08 -31.38 -10.94
CA SER D 219 -22.66 -31.07 -11.33
CA SER D 219 -22.67 -31.10 -11.28
C SER D 219 -21.96 -32.39 -11.64
C SER D 219 -21.98 -32.41 -11.66
N ALA D 220 -20.88 -32.31 -12.42
CA ALA D 220 -20.03 -33.46 -12.81
C ALA D 220 -18.58 -33.07 -12.54
N GLY D 221 -17.83 -33.96 -11.88
CA GLY D 221 -16.38 -33.80 -11.68
C GLY D 221 -16.04 -32.94 -10.47
N VAL D 222 -17.04 -32.62 -9.64
CA VAL D 222 -16.93 -31.63 -8.52
C VAL D 222 -17.13 -32.36 -7.19
N ALA D 223 -16.25 -32.09 -6.23
CA ALA D 223 -16.41 -32.45 -4.81
C ALA D 223 -17.33 -31.41 -4.15
N THR D 224 -18.43 -31.85 -3.55
CA THR D 224 -19.42 -30.97 -2.88
C THR D 224 -18.89 -30.57 -1.49
N PHE D 225 -19.64 -29.69 -0.83
CA PHE D 225 -19.24 -29.02 0.44
C PHE D 225 -18.72 -30.05 1.47
N VAL D 226 -19.55 -31.02 1.86
CA VAL D 226 -19.22 -32.00 2.94
C VAL D 226 -18.01 -32.86 2.51
N ILE D 227 -17.90 -33.19 1.24
CA ILE D 227 -16.78 -34.03 0.71
C ILE D 227 -15.47 -33.26 0.90
N GLN D 228 -15.45 -31.97 0.59
CA GLN D 228 -14.23 -31.13 0.72
C GLN D 228 -13.93 -30.87 2.20
N GLU D 229 -14.93 -30.47 2.96
CA GLU D 229 -14.75 -29.99 4.36
C GLU D 229 -14.56 -31.17 5.32
N GLU D 230 -15.24 -32.29 5.11
CA GLU D 230 -15.26 -33.38 6.13
C GLU D 230 -14.57 -34.65 5.63
N PHE D 231 -14.32 -34.83 4.32
CA PHE D 231 -13.67 -36.05 3.78
C PHE D 231 -12.35 -35.75 3.08
N ASP D 232 -11.89 -34.50 3.05
CA ASP D 232 -10.55 -34.12 2.56
C ASP D 232 -10.39 -34.54 1.08
N ARG D 233 -11.46 -34.48 0.28
CA ARG D 233 -11.40 -34.77 -1.18
C ARG D 233 -11.79 -33.50 -1.94
N PHE D 234 -10.94 -33.02 -2.84
CA PHE D 234 -11.07 -31.71 -3.54
C PHE D 234 -11.23 -31.91 -5.05
N THR D 235 -11.46 -33.14 -5.51
CA THR D 235 -11.70 -33.46 -6.94
C THR D 235 -12.87 -34.43 -7.04
N GLY D 236 -13.59 -34.42 -8.17
CA GLY D 236 -14.68 -35.37 -8.45
C GLY D 236 -14.48 -36.11 -9.76
N TYR D 237 -13.25 -36.17 -10.27
CA TYR D 237 -12.94 -36.92 -11.52
C TYR D 237 -11.51 -37.44 -11.48
N TRP D 238 -11.27 -38.50 -12.26
CA TRP D 238 -10.02 -39.32 -12.27
C TRP D 238 -9.76 -39.81 -13.69
N TRP D 239 -8.65 -39.36 -14.28
CA TRP D 239 -8.17 -39.85 -15.60
C TRP D 239 -7.95 -41.35 -15.52
N CYS D 240 -8.42 -42.08 -16.53
CA CYS D 240 -7.93 -43.45 -16.82
C CYS D 240 -6.48 -43.29 -17.27
N PRO D 241 -5.51 -44.03 -16.67
CA PRO D 241 -4.10 -43.87 -17.03
C PRO D 241 -3.69 -44.40 -18.41
N THR D 242 -4.56 -45.16 -19.08
CA THR D 242 -4.27 -45.84 -20.37
C THR D 242 -5.27 -45.42 -21.45
N ALA D 243 -4.83 -45.57 -22.70
CA ALA D 243 -5.65 -45.41 -23.91
C ALA D 243 -6.14 -46.78 -24.34
N SER D 244 -7.24 -46.84 -25.11
CA SER D 244 -7.72 -48.07 -25.79
C SER D 244 -8.08 -47.75 -27.24
N TRP D 245 -8.31 -48.78 -28.06
CA TRP D 245 -8.48 -48.68 -29.54
C TRP D 245 -9.67 -49.52 -30.01
N GLU D 246 -10.82 -49.44 -29.34
CA GLU D 246 -12.03 -50.26 -29.68
C GLU D 246 -12.83 -49.56 -30.80
N GLY D 247 -12.50 -48.31 -31.17
CA GLY D 247 -13.11 -47.60 -32.30
C GLY D 247 -12.58 -48.13 -33.63
N SER D 248 -13.46 -48.33 -34.62
CA SER D 248 -13.17 -49.05 -35.89
C SER D 248 -12.79 -48.08 -37.01
N GLU D 249 -12.25 -46.91 -36.65
CA GLU D 249 -11.70 -45.89 -37.58
C GLU D 249 -10.20 -45.66 -37.29
N GLY D 250 -9.56 -46.46 -36.43
CA GLY D 250 -8.19 -46.21 -35.94
C GLY D 250 -8.10 -44.97 -35.05
N LEU D 251 -9.16 -44.74 -34.27
CA LEU D 251 -9.23 -43.66 -33.25
C LEU D 251 -8.74 -44.22 -31.91
N LYS D 252 -8.11 -43.37 -31.10
CA LYS D 252 -7.66 -43.69 -29.71
C LYS D 252 -8.72 -43.20 -28.72
N THR D 253 -9.17 -44.06 -27.79
CA THR D 253 -10.17 -43.73 -26.76
C THR D 253 -9.46 -43.38 -25.45
N LEU D 254 -9.77 -42.20 -24.91
CA LEU D 254 -9.33 -41.75 -23.56
C LEU D 254 -10.57 -41.64 -22.67
N ARG D 255 -10.42 -41.91 -21.36
CA ARG D 255 -11.55 -42.13 -20.42
C ARG D 255 -11.30 -41.33 -19.13
N ILE D 256 -12.39 -40.77 -18.57
CA ILE D 256 -12.39 -40.10 -17.24
C ILE D 256 -13.55 -40.66 -16.43
N LEU D 257 -13.26 -41.21 -15.25
CA LEU D 257 -14.26 -41.53 -14.22
C LEU D 257 -14.64 -40.21 -13.54
N TYR D 258 -15.92 -39.98 -13.28
CA TYR D 258 -16.36 -38.75 -12.58
C TYR D 258 -17.56 -39.05 -11.70
N GLU D 259 -17.68 -38.29 -10.62
CA GLU D 259 -18.85 -38.27 -9.72
C GLU D 259 -19.84 -37.24 -10.28
N GLU D 260 -21.05 -37.70 -10.58
CA GLU D 260 -22.20 -36.81 -10.87
C GLU D 260 -23.01 -36.68 -9.59
N VAL D 261 -23.35 -35.45 -9.20
CA VAL D 261 -24.12 -35.16 -7.97
C VAL D 261 -25.37 -34.39 -8.35
N ASP D 262 -26.46 -34.66 -7.63
CA ASP D 262 -27.72 -33.89 -7.69
C ASP D 262 -28.00 -33.38 -6.28
N GLU D 263 -27.92 -32.07 -6.07
CA GLU D 263 -28.07 -31.40 -4.76
C GLU D 263 -29.49 -30.83 -4.60
N SER D 264 -30.46 -31.25 -5.42
CA SER D 264 -31.88 -30.80 -5.44
C SER D 264 -32.48 -30.77 -4.03
N GLU D 265 -32.32 -31.85 -3.28
CA GLU D 265 -32.99 -32.08 -1.98
C GLU D 265 -32.10 -31.63 -0.81
N VAL D 266 -30.90 -31.11 -1.07
CA VAL D 266 -29.95 -30.64 -0.02
C VAL D 266 -30.41 -29.25 0.43
N GLU D 267 -30.47 -29.02 1.73
CA GLU D 267 -30.87 -27.73 2.33
C GLU D 267 -29.90 -26.63 1.89
N VAL D 268 -30.42 -25.42 1.72
CA VAL D 268 -29.68 -24.21 1.25
C VAL D 268 -29.52 -23.28 2.45
N ILE D 269 -28.30 -22.81 2.68
CA ILE D 269 -28.00 -21.76 3.69
C ILE D 269 -27.26 -20.64 2.97
N HIS D 270 -27.29 -19.44 3.55
CA HIS D 270 -26.60 -18.24 3.02
C HIS D 270 -25.48 -17.88 3.99
N VAL D 271 -24.28 -17.65 3.48
CA VAL D 271 -23.09 -17.19 4.26
C VAL D 271 -22.63 -15.88 3.66
N PRO D 272 -22.39 -14.83 4.49
CA PRO D 272 -21.93 -13.54 3.96
C PRO D 272 -20.66 -13.70 3.11
N SER D 273 -20.59 -12.94 2.02
N SER D 273 -20.60 -12.95 2.00
CA SER D 273 -19.45 -12.87 1.07
CA SER D 273 -19.44 -12.90 1.08
C SER D 273 -18.39 -11.94 1.64
C SER D 273 -18.39 -11.96 1.66
N PRO D 274 -17.08 -12.14 1.34
CA PRO D 274 -16.01 -11.30 1.87
C PRO D 274 -16.01 -9.82 1.44
N ALA D 275 -16.65 -9.47 0.33
CA ALA D 275 -16.87 -8.06 -0.05
C ALA D 275 -18.00 -7.49 0.82
N LEU D 276 -17.69 -7.14 2.09
CA LEU D 276 -18.69 -6.73 3.11
C LEU D 276 -19.56 -5.58 2.59
N GLU D 277 -18.95 -4.61 1.89
CA GLU D 277 -19.62 -3.39 1.37
C GLU D 277 -20.74 -3.76 0.35
N GLU D 278 -20.68 -4.94 -0.26
CA GLU D 278 -21.73 -5.40 -1.21
C GLU D 278 -22.95 -5.97 -0.45
N ARG D 279 -22.80 -6.31 0.83
CA ARG D 279 -23.89 -6.80 1.73
C ARG D 279 -24.64 -7.97 1.07
N LYS D 280 -23.89 -8.90 0.50
CA LYS D 280 -24.44 -10.11 -0.16
C LYS D 280 -23.92 -11.36 0.56
N THR D 281 -24.57 -12.48 0.28
CA THR D 281 -24.21 -13.83 0.76
C THR D 281 -24.01 -14.74 -0.45
N ASP D 282 -23.29 -15.83 -0.25
CA ASP D 282 -23.18 -16.97 -1.20
C ASP D 282 -24.13 -18.06 -0.71
N SER D 283 -24.76 -18.78 -1.63
CA SER D 283 -25.64 -19.93 -1.34
C SER D 283 -24.81 -21.20 -1.27
N TYR D 284 -25.02 -21.99 -0.22
CA TYR D 284 -24.36 -23.28 0.02
C TYR D 284 -25.43 -24.36 0.09
N ARG D 285 -25.19 -25.47 -0.57
CA ARG D 285 -25.90 -26.75 -0.34
C ARG D 285 -25.27 -27.38 0.90
N TYR D 286 -25.85 -27.13 2.07
CA TYR D 286 -25.30 -27.50 3.39
C TYR D 286 -26.14 -28.63 3.96
N PRO D 287 -25.68 -29.90 3.89
CA PRO D 287 -26.37 -31.01 4.55
C PRO D 287 -26.15 -30.89 6.07
N ARG D 288 -27.13 -30.35 6.79
CA ARG D 288 -27.10 -30.38 8.27
C ARG D 288 -27.38 -31.83 8.71
N THR D 289 -26.81 -32.23 9.84
CA THR D 289 -26.95 -33.60 10.41
C THR D 289 -28.42 -34.04 10.37
N GLY D 290 -28.69 -35.23 9.87
CA GLY D 290 -30.04 -35.83 9.80
C GLY D 290 -30.78 -35.49 8.52
N SER D 291 -30.32 -34.50 7.74
CA SER D 291 -30.96 -34.05 6.47
C SER D 291 -30.31 -34.77 5.28
N LYS D 292 -30.78 -34.49 4.07
CA LYS D 292 -30.37 -35.21 2.84
C LYS D 292 -28.96 -34.77 2.44
N ASN D 293 -28.10 -35.76 2.17
CA ASN D 293 -26.83 -35.58 1.42
C ASN D 293 -27.16 -35.52 -0.07
N PRO D 294 -26.22 -35.06 -0.94
CA PRO D 294 -26.44 -35.12 -2.38
C PRO D 294 -26.70 -36.56 -2.86
N LYS D 295 -27.52 -36.68 -3.91
CA LYS D 295 -27.67 -37.94 -4.68
C LYS D 295 -26.45 -38.04 -5.60
N ILE D 296 -25.74 -39.17 -5.56
CA ILE D 296 -24.41 -39.35 -6.21
C ILE D 296 -24.45 -40.58 -7.14
N ALA D 297 -23.60 -40.56 -8.15
CA ALA D 297 -23.33 -41.70 -9.04
C ALA D 297 -21.93 -41.54 -9.61
N LEU D 298 -21.25 -42.65 -9.88
CA LEU D 298 -20.04 -42.65 -10.72
C LEU D 298 -20.46 -42.89 -12.15
N LYS D 299 -19.88 -42.12 -13.06
CA LYS D 299 -20.12 -42.20 -14.51
C LYS D 299 -18.75 -42.19 -15.20
N LEU D 300 -18.78 -42.41 -16.51
CA LEU D 300 -17.57 -42.51 -17.35
C LEU D 300 -17.77 -41.59 -18.55
N ALA D 301 -16.86 -40.61 -18.71
CA ALA D 301 -16.75 -39.77 -19.91
C ALA D 301 -15.66 -40.39 -20.79
N GLU D 302 -15.96 -40.60 -22.07
CA GLU D 302 -15.02 -41.17 -23.07
C GLU D 302 -14.97 -40.20 -24.24
N PHE D 303 -13.80 -40.07 -24.87
CA PHE D 303 -13.64 -39.31 -26.14
C PHE D 303 -12.59 -40.00 -27.01
N GLN D 304 -12.72 -39.83 -28.32
CA GLN D 304 -11.80 -40.43 -29.33
C GLN D 304 -10.97 -39.31 -29.93
N THR D 305 -9.68 -39.57 -30.14
CA THR D 305 -8.73 -38.62 -30.80
C THR D 305 -8.16 -39.31 -32.05
N ASP D 306 -7.90 -38.54 -33.11
CA ASP D 306 -7.25 -39.03 -34.36
C ASP D 306 -5.74 -38.83 -34.21
N SER D 307 -4.98 -39.21 -35.24
CA SER D 307 -3.49 -39.12 -35.28
C SER D 307 -3.00 -37.66 -35.20
N GLN D 308 -3.83 -36.68 -35.56
CA GLN D 308 -3.52 -35.23 -35.48
C GLN D 308 -3.91 -34.65 -34.10
N GLY D 309 -4.52 -35.45 -33.21
CA GLY D 309 -4.91 -35.03 -31.85
C GLY D 309 -6.21 -34.25 -31.82
N LYS D 310 -7.02 -34.34 -32.88
CA LYS D 310 -8.37 -33.73 -32.98
C LYS D 310 -9.33 -34.57 -32.17
N ILE D 311 -10.15 -33.94 -31.34
CA ILE D 311 -11.20 -34.61 -30.51
C ILE D 311 -12.41 -34.86 -31.41
N VAL D 312 -12.57 -36.10 -31.87
CA VAL D 312 -13.51 -36.49 -32.97
C VAL D 312 -14.92 -36.68 -32.38
N SER D 313 -15.04 -37.33 -31.22
CA SER D 313 -16.34 -37.71 -30.62
C SER D 313 -16.19 -37.89 -29.12
N THR D 314 -17.31 -37.75 -28.41
CA THR D 314 -17.43 -37.85 -26.94
C THR D 314 -18.67 -38.68 -26.60
N GLN D 315 -18.69 -39.28 -25.41
CA GLN D 315 -19.82 -40.08 -24.91
C GLN D 315 -19.90 -39.98 -23.38
N GLU D 316 -21.09 -39.74 -22.85
CA GLU D 316 -21.42 -39.91 -21.42
C GLU D 316 -21.92 -41.35 -21.23
N LYS D 317 -21.25 -42.13 -20.38
CA LYS D 317 -21.66 -43.50 -20.02
C LYS D 317 -22.02 -43.53 -18.53
N GLU D 318 -22.97 -44.40 -18.18
CA GLU D 318 -23.51 -44.57 -16.81
C GLU D 318 -23.61 -46.06 -16.52
N LEU D 319 -23.68 -46.42 -15.25
CA LEU D 319 -23.78 -47.84 -14.81
C LEU D 319 -25.02 -48.46 -15.46
N VAL D 320 -24.90 -49.71 -15.89
CA VAL D 320 -25.95 -50.46 -16.64
C VAL D 320 -27.24 -50.52 -15.80
N GLN D 321 -27.12 -50.69 -14.48
CA GLN D 321 -28.22 -50.47 -13.50
C GLN D 321 -27.86 -49.25 -12.65
N PRO D 322 -28.83 -48.46 -12.16
CA PRO D 322 -28.52 -47.26 -11.38
C PRO D 322 -27.61 -47.54 -10.18
N PHE D 323 -26.71 -46.59 -9.90
CA PHE D 323 -25.82 -46.58 -8.72
C PHE D 323 -26.61 -46.95 -7.46
N SER D 324 -27.81 -46.38 -7.28
CA SER D 324 -28.69 -46.60 -6.11
C SER D 324 -29.20 -48.05 -6.03
N SER D 325 -29.34 -48.74 -7.17
CA SER D 325 -29.77 -50.16 -7.26
C SER D 325 -28.60 -51.08 -6.92
N LEU D 326 -27.43 -50.84 -7.52
CA LEU D 326 -26.23 -51.69 -7.33
C LEU D 326 -25.69 -51.52 -5.91
N PHE D 327 -25.72 -50.30 -5.38
CA PHE D 327 -25.02 -49.92 -4.12
C PHE D 327 -26.00 -49.17 -3.22
N PRO D 328 -27.06 -49.85 -2.74
CA PRO D 328 -28.17 -49.17 -2.07
C PRO D 328 -27.84 -48.60 -0.68
N LYS D 329 -26.80 -49.08 -0.02
CA LYS D 329 -26.41 -48.62 1.35
C LYS D 329 -25.33 -47.52 1.28
N VAL D 330 -24.89 -47.12 0.09
CA VAL D 330 -23.77 -46.15 -0.09
C VAL D 330 -24.33 -44.73 0.06
N GLU D 331 -23.81 -43.98 1.03
CA GLU D 331 -24.13 -42.53 1.25
C GLU D 331 -23.06 -41.65 0.62
N TYR D 332 -21.79 -42.04 0.73
CA TYR D 332 -20.63 -41.23 0.28
C TYR D 332 -19.68 -42.05 -0.58
N ILE D 333 -19.13 -41.38 -1.60
CA ILE D 333 -17.88 -41.81 -2.30
C ILE D 333 -16.73 -41.09 -1.62
N ALA D 334 -15.96 -41.79 -0.82
CA ALA D 334 -14.82 -41.22 -0.06
C ALA D 334 -13.71 -40.90 -1.04
N ARG D 335 -13.35 -41.89 -1.88
CA ARG D 335 -12.19 -41.85 -2.79
C ARG D 335 -12.52 -42.62 -4.06
N ALA D 336 -11.83 -42.33 -5.15
CA ALA D 336 -11.91 -43.12 -6.39
C ALA D 336 -10.61 -43.00 -7.18
N GLY D 337 -10.47 -43.84 -8.20
CA GLY D 337 -9.31 -43.86 -9.10
C GLY D 337 -9.41 -45.00 -10.09
N TRP D 338 -8.26 -45.41 -10.60
CA TRP D 338 -8.11 -46.54 -11.56
C TRP D 338 -6.97 -47.43 -11.09
N THR D 339 -6.98 -48.68 -11.50
CA THR D 339 -5.80 -49.58 -11.50
C THR D 339 -4.81 -49.00 -12.52
N ARG D 340 -3.51 -49.25 -12.34
CA ARG D 340 -2.43 -48.59 -13.13
C ARG D 340 -2.50 -49.06 -14.60
N ASP D 341 -3.13 -50.20 -14.88
CA ASP D 341 -3.34 -50.75 -16.25
C ASP D 341 -4.66 -50.22 -16.85
N GLY D 342 -5.49 -49.49 -16.10
CA GLY D 342 -6.78 -48.96 -16.59
C GLY D 342 -7.85 -50.02 -16.75
N LYS D 343 -7.62 -51.24 -16.25
CA LYS D 343 -8.56 -52.38 -16.43
C LYS D 343 -9.81 -52.15 -15.57
N TYR D 344 -9.65 -51.57 -14.38
CA TYR D 344 -10.79 -51.25 -13.47
C TYR D 344 -10.69 -49.81 -12.98
N ALA D 345 -11.83 -49.13 -12.94
CA ALA D 345 -12.07 -47.99 -12.02
C ALA D 345 -12.24 -48.58 -10.61
N TRP D 346 -11.93 -47.83 -9.56
CA TRP D 346 -12.24 -48.26 -8.18
C TRP D 346 -12.83 -47.09 -7.43
N ALA D 347 -13.61 -47.41 -6.39
CA ALA D 347 -14.18 -46.43 -5.46
C ALA D 347 -14.17 -47.00 -4.05
N MET D 348 -13.97 -46.11 -3.08
CA MET D 348 -14.14 -46.38 -1.64
C MET D 348 -15.51 -45.81 -1.26
N PHE D 349 -16.46 -46.69 -0.91
CA PHE D 349 -17.86 -46.34 -0.56
C PHE D 349 -18.05 -46.41 0.95
N LEU D 350 -18.79 -45.45 1.52
CA LEU D 350 -19.15 -45.39 2.96
C LEU D 350 -20.66 -45.40 3.08
N ASP D 351 -21.18 -46.12 4.08
CA ASP D 351 -22.59 -46.04 4.49
C ASP D 351 -22.79 -44.73 5.26
N ARG D 352 -24.05 -44.35 5.50
CA ARG D 352 -24.37 -43.08 6.19
C ARG D 352 -23.84 -43.10 7.63
N PRO D 353 -23.98 -44.18 8.43
CA PRO D 353 -23.35 -44.25 9.75
C PRO D 353 -21.81 -44.18 9.77
N GLN D 354 -21.15 -44.32 8.61
CA GLN D 354 -19.68 -44.28 8.43
C GLN D 354 -19.01 -45.37 9.30
N GLN D 355 -19.63 -46.55 9.33
CA GLN D 355 -19.14 -47.73 10.08
C GLN D 355 -18.90 -48.91 9.13
N TRP D 356 -19.13 -48.72 7.83
CA TRP D 356 -19.02 -49.78 6.79
C TRP D 356 -18.41 -49.15 5.54
N LEU D 357 -17.20 -49.59 5.18
CA LEU D 357 -16.47 -49.14 3.96
C LEU D 357 -16.35 -50.34 3.01
N GLN D 358 -16.56 -50.11 1.72
CA GLN D 358 -16.29 -51.11 0.64
C GLN D 358 -15.34 -50.48 -0.37
N LEU D 359 -14.29 -51.21 -0.73
CA LEU D 359 -13.44 -50.99 -1.93
C LEU D 359 -14.03 -51.82 -3.08
N VAL D 360 -14.53 -51.14 -4.11
CA VAL D 360 -15.25 -51.77 -5.24
C VAL D 360 -14.50 -51.46 -6.54
N LEU D 361 -14.20 -52.51 -7.31
CA LEU D 361 -13.71 -52.37 -8.71
C LEU D 361 -14.91 -52.26 -9.64
N LEU D 362 -14.83 -51.38 -10.63
CA LEU D 362 -15.89 -51.14 -11.65
C LEU D 362 -15.23 -51.22 -13.02
N PRO D 363 -15.45 -52.31 -13.80
CA PRO D 363 -14.89 -52.38 -15.15
C PRO D 363 -15.59 -51.38 -16.07
N PRO D 364 -14.89 -50.73 -17.02
CA PRO D 364 -15.54 -49.84 -17.99
C PRO D 364 -16.73 -50.46 -18.75
N ALA D 365 -16.70 -51.77 -18.98
CA ALA D 365 -17.75 -52.55 -19.69
C ALA D 365 -19.09 -52.51 -18.93
N LEU D 366 -19.08 -52.18 -17.63
CA LEU D 366 -20.31 -52.06 -16.80
C LEU D 366 -21.04 -50.75 -17.10
N PHE D 367 -20.38 -49.80 -17.78
CA PHE D 367 -20.96 -48.48 -18.12
C PHE D 367 -21.48 -48.54 -19.56
N ILE D 368 -22.70 -48.04 -19.79
CA ILE D 368 -23.34 -48.02 -21.13
C ILE D 368 -23.67 -46.57 -21.49
N PRO D 369 -23.80 -46.23 -22.80
CA PRO D 369 -24.15 -44.87 -23.21
C PRO D 369 -25.46 -44.39 -22.56
N SER D 370 -25.44 -43.17 -22.02
CA SER D 370 -26.66 -42.49 -21.50
C SER D 370 -27.59 -42.19 -22.67
N THR D 371 -28.90 -42.42 -22.52
CA THR D 371 -29.93 -42.20 -23.55
C THR D 371 -31.31 -42.02 -22.91
N GLU D 372 -32.16 -41.18 -23.52
CA GLU D 372 -33.60 -41.05 -23.18
C GLU D 372 -34.38 -42.19 -23.83
N ASN D 373 -33.85 -42.76 -24.93
CA ASN D 373 -34.47 -43.86 -25.73
C ASN D 373 -34.36 -45.18 -24.94
N GLU D 374 -35.49 -45.64 -24.36
CA GLU D 374 -35.55 -46.85 -23.50
C GLU D 374 -35.19 -48.11 -24.31
N GLU D 375 -35.50 -48.16 -25.61
CA GLU D 375 -35.20 -49.32 -26.50
C GLU D 375 -33.69 -49.43 -26.71
N GLN D 376 -33.02 -48.31 -27.01
CA GLN D 376 -31.54 -48.23 -27.18
C GLN D 376 -30.84 -48.65 -25.88
N ARG D 377 -31.35 -48.19 -24.73
CA ARG D 377 -30.79 -48.51 -23.38
C ARG D 377 -30.88 -50.02 -23.13
N LEU D 378 -32.02 -50.63 -23.42
CA LEU D 378 -32.28 -52.09 -23.25
C LEU D 378 -31.31 -52.89 -24.12
N ALA D 379 -31.12 -52.48 -25.38
CA ALA D 379 -30.13 -53.10 -26.30
C ALA D 379 -28.73 -53.03 -25.68
N SER D 380 -28.33 -51.86 -25.18
CA SER D 380 -27.01 -51.64 -24.51
C SER D 380 -26.87 -52.58 -23.31
N ALA D 381 -27.88 -52.64 -22.44
CA ALA D 381 -27.83 -53.42 -21.18
C ALA D 381 -27.74 -54.92 -21.52
N ARG D 382 -28.48 -55.36 -22.54
CA ARG D 382 -28.48 -56.77 -23.01
C ARG D 382 -27.08 -57.16 -23.53
N ALA D 383 -26.35 -56.21 -24.13
CA ALA D 383 -25.01 -56.43 -24.73
C ALA D 383 -23.90 -56.49 -23.68
N VAL D 384 -24.16 -56.12 -22.41
CA VAL D 384 -23.12 -56.19 -21.34
C VAL D 384 -22.83 -57.66 -21.07
N PRO D 385 -21.57 -58.15 -21.25
CA PRO D 385 -21.25 -59.55 -20.99
C PRO D 385 -21.64 -60.02 -19.58
N ARG D 386 -22.05 -61.29 -19.46
CA ARG D 386 -22.50 -61.91 -18.18
C ARG D 386 -21.40 -61.86 -17.12
N ASN D 387 -20.11 -61.95 -17.50
CA ASN D 387 -19.00 -62.05 -16.52
C ASN D 387 -18.51 -60.66 -16.08
N VAL D 388 -19.14 -59.59 -16.56
CA VAL D 388 -18.81 -58.18 -16.18
C VAL D 388 -19.61 -57.84 -14.93
N GLN D 389 -18.95 -57.35 -13.88
CA GLN D 389 -19.64 -57.00 -12.61
C GLN D 389 -18.74 -56.12 -11.76
N PRO D 390 -19.32 -55.44 -10.74
CA PRO D 390 -18.53 -54.91 -9.64
C PRO D 390 -17.88 -56.04 -8.84
N TYR D 391 -16.71 -55.76 -8.27
CA TYR D 391 -16.00 -56.65 -7.32
C TYR D 391 -15.70 -55.88 -6.03
N VAL D 392 -16.32 -56.28 -4.93
CA VAL D 392 -16.00 -55.77 -3.56
C VAL D 392 -14.76 -56.54 -3.10
N VAL D 393 -13.59 -55.92 -3.22
CA VAL D 393 -12.26 -56.58 -3.00
C VAL D 393 -11.83 -56.40 -1.54
N TYR D 394 -12.49 -55.53 -0.80
CA TYR D 394 -12.16 -55.25 0.62
C TYR D 394 -13.31 -54.53 1.29
N GLU D 395 -13.53 -54.89 2.54
CA GLU D 395 -14.65 -54.40 3.37
C GLU D 395 -14.11 -54.12 4.77
N GLU D 396 -14.30 -52.92 5.30
CA GLU D 396 -13.90 -52.51 6.67
C GLU D 396 -15.19 -52.20 7.44
N VAL D 397 -15.38 -52.83 8.59
CA VAL D 397 -16.58 -52.70 9.47
C VAL D 397 -16.10 -52.44 10.89
N THR D 398 -16.81 -51.58 11.62
CA THR D 398 -16.43 -51.11 12.98
C THR D 398 -17.68 -50.73 13.78
N ASN D 399 -17.59 -50.79 15.10
CA ASN D 399 -18.61 -50.22 16.02
C ASN D 399 -18.18 -48.81 16.47
N VAL D 400 -17.02 -48.31 16.02
CA VAL D 400 -16.53 -46.94 16.32
C VAL D 400 -16.89 -46.08 15.09
N TRP D 401 -15.95 -45.80 14.18
CA TRP D 401 -16.21 -45.14 12.87
C TRP D 401 -15.05 -45.44 11.93
N ILE D 402 -15.30 -45.36 10.63
CA ILE D 402 -14.27 -45.42 9.56
C ILE D 402 -13.63 -44.04 9.46
N ASN D 403 -12.33 -43.95 9.72
CA ASN D 403 -11.48 -42.83 9.24
C ASN D 403 -11.07 -43.19 7.80
N VAL D 404 -11.35 -42.30 6.85
CA VAL D 404 -10.96 -42.50 5.43
C VAL D 404 -9.43 -42.40 5.34
N HIS D 405 -8.78 -43.51 5.00
CA HIS D 405 -7.33 -43.63 4.77
C HIS D 405 -7.09 -43.61 3.26
N ASP D 406 -6.07 -42.87 2.82
CA ASP D 406 -5.82 -42.54 1.40
C ASP D 406 -5.01 -43.66 0.74
N ILE D 407 -4.49 -44.60 1.51
CA ILE D 407 -3.51 -45.62 1.06
C ILE D 407 -4.27 -46.82 0.49
N PHE D 408 -4.25 -46.94 -0.84
CA PHE D 408 -4.71 -48.11 -1.61
C PHE D 408 -3.82 -48.22 -2.84
N TYR D 409 -3.02 -49.28 -2.94
CA TYR D 409 -2.05 -49.48 -4.05
C TYR D 409 -2.32 -50.82 -4.71
N PRO D 410 -3.10 -50.85 -5.82
CA PRO D 410 -3.30 -52.09 -6.57
C PRO D 410 -2.10 -52.41 -7.46
N PHE D 411 -1.62 -53.66 -7.39
CA PHE D 411 -0.55 -54.16 -8.28
C PHE D 411 -1.19 -54.50 -9.62
N PRO D 412 -0.58 -54.15 -10.76
CA PRO D 412 -1.15 -54.47 -12.07
C PRO D 412 -1.31 -55.98 -12.21
N GLN D 413 -2.40 -56.40 -12.82
CA GLN D 413 -2.75 -57.82 -13.01
C GLN D 413 -2.02 -58.34 -14.25
N SER D 414 -1.76 -59.64 -14.27
CA SER D 414 -1.41 -60.43 -15.48
C SER D 414 -2.68 -60.62 -16.32
N GLU D 415 -2.52 -60.75 -17.62
CA GLU D 415 -3.61 -61.08 -18.58
C GLU D 415 -4.19 -62.46 -18.19
N GLY D 416 -5.51 -62.57 -18.08
CA GLY D 416 -6.21 -63.83 -17.72
C GLY D 416 -6.05 -64.21 -16.25
N GLU D 417 -5.63 -63.28 -15.38
CA GLU D 417 -5.48 -63.47 -13.91
C GLU D 417 -6.81 -63.12 -13.26
N ASP D 418 -7.39 -64.04 -12.49
CA ASP D 418 -8.68 -63.85 -11.77
C ASP D 418 -8.39 -63.55 -10.30
N GLU D 419 -7.31 -62.85 -10.02
CA GLU D 419 -7.06 -62.25 -8.68
C GLU D 419 -6.44 -60.87 -8.83
N LEU D 420 -6.52 -60.07 -7.75
CA LEU D 420 -5.94 -58.72 -7.65
C LEU D 420 -5.20 -58.63 -6.32
N CYS D 421 -3.93 -58.25 -6.36
CA CYS D 421 -3.12 -58.00 -5.15
C CYS D 421 -3.04 -56.49 -4.93
N PHE D 422 -3.11 -56.03 -3.68
CA PHE D 422 -3.08 -54.58 -3.35
C PHE D 422 -2.58 -54.37 -1.92
N LEU D 423 -1.93 -53.22 -1.71
CA LEU D 423 -1.61 -52.69 -0.37
C LEU D 423 -2.77 -51.81 0.08
N ARG D 424 -3.13 -51.91 1.35
CA ARG D 424 -4.26 -51.18 1.96
C ARG D 424 -3.88 -50.85 3.39
N ALA D 425 -4.06 -49.59 3.80
CA ALA D 425 -4.02 -49.16 5.21
C ALA D 425 -5.39 -49.47 5.81
N ASN D 426 -5.42 -50.17 6.93
CA ASN D 426 -6.66 -50.63 7.61
C ASN D 426 -6.46 -50.41 9.11
N GLU D 427 -7.38 -49.67 9.72
CA GLU D 427 -7.40 -49.34 11.17
C GLU D 427 -8.39 -50.21 11.93
N CYS D 428 -9.54 -50.54 11.33
N CYS D 428 -9.54 -50.50 11.32
CA CYS D 428 -10.66 -51.21 12.04
CA CYS D 428 -10.68 -51.25 11.92
C CYS D 428 -10.32 -52.67 12.37
C CYS D 428 -10.24 -52.62 12.41
N LYS D 429 -9.40 -53.30 11.63
CA LYS D 429 -9.00 -54.73 11.88
C LYS D 429 -8.44 -54.89 13.30
N THR D 430 -7.45 -54.08 13.70
CA THR D 430 -6.76 -54.19 15.01
C THR D 430 -7.03 -52.96 15.91
N GLY D 431 -7.65 -51.90 15.39
CA GLY D 431 -7.85 -50.64 16.13
C GLY D 431 -6.66 -49.68 16.02
N PHE D 432 -5.64 -50.06 15.24
CA PHE D 432 -4.47 -49.22 14.89
C PHE D 432 -4.26 -49.30 13.37
N CYS D 433 -3.99 -48.16 12.73
CA CYS D 433 -3.83 -48.08 11.26
C CYS D 433 -2.55 -48.79 10.84
N HIS D 434 -2.66 -49.87 10.05
CA HIS D 434 -1.51 -50.71 9.61
C HIS D 434 -1.61 -51.05 8.12
N LEU D 435 -0.49 -51.43 7.53
CA LEU D 435 -0.38 -51.79 6.09
C LEU D 435 -0.59 -53.29 5.95
N TYR D 436 -1.45 -53.68 5.00
CA TYR D 436 -1.76 -55.08 4.66
C TYR D 436 -1.53 -55.30 3.16
N LYS D 437 -0.93 -56.42 2.80
CA LYS D 437 -0.88 -56.90 1.40
C LYS D 437 -2.00 -57.93 1.24
N VAL D 438 -3.01 -57.60 0.43
CA VAL D 438 -4.27 -58.38 0.29
C VAL D 438 -4.30 -58.95 -1.13
N THR D 439 -4.70 -60.22 -1.25
CA THR D 439 -5.02 -60.85 -2.55
C THR D 439 -6.50 -61.25 -2.53
N ALA D 440 -7.29 -60.68 -3.43
CA ALA D 440 -8.72 -61.00 -3.59
C ALA D 440 -8.91 -61.85 -4.85
N VAL D 441 -9.90 -62.75 -4.84
CA VAL D 441 -10.28 -63.59 -6.01
C VAL D 441 -11.41 -62.90 -6.74
N LEU D 442 -11.23 -62.64 -8.03
CA LEU D 442 -12.21 -61.97 -8.92
C LEU D 442 -12.81 -63.02 -9.86
N LYS D 443 -13.90 -63.67 -9.46
CA LYS D 443 -14.63 -64.66 -10.29
C LYS D 443 -16.10 -64.26 -10.42
N SER D 444 -16.64 -64.30 -11.64
CA SER D 444 -18.06 -63.99 -11.92
C SER D 444 -18.90 -65.27 -11.94
N GLN D 445 -20.00 -65.31 -11.19
CA GLN D 445 -21.08 -66.35 -11.33
C GLN D 445 -22.20 -65.85 -12.26
N GLY D 446 -22.00 -64.72 -12.96
CA GLY D 446 -22.83 -64.33 -14.11
C GLY D 446 -24.04 -63.49 -13.70
N TYR D 447 -24.32 -62.45 -14.46
CA TYR D 447 -25.46 -61.51 -14.29
C TYR D 447 -26.11 -61.23 -15.64
N ASP D 448 -27.43 -61.16 -15.67
CA ASP D 448 -28.23 -60.60 -16.78
C ASP D 448 -28.55 -59.14 -16.43
N TRP D 449 -27.80 -58.20 -17.00
CA TRP D 449 -27.89 -56.76 -16.63
C TRP D 449 -29.14 -56.09 -17.23
N SER D 450 -29.82 -56.74 -18.18
CA SER D 450 -31.10 -56.25 -18.77
C SER D 450 -32.24 -56.47 -17.77
N GLU D 451 -32.11 -57.42 -16.84
CA GLU D 451 -33.17 -57.73 -15.83
C GLU D 451 -32.97 -56.87 -14.59
N PRO D 452 -34.06 -56.37 -13.96
CA PRO D 452 -33.95 -55.43 -12.85
C PRO D 452 -33.29 -56.11 -11.65
N PHE D 453 -32.50 -55.34 -10.90
CA PHE D 453 -31.46 -55.84 -9.97
C PHE D 453 -31.78 -55.42 -8.54
N SER D 454 -31.60 -56.33 -7.58
CA SER D 454 -31.58 -56.06 -6.12
C SER D 454 -30.50 -56.93 -5.48
N PRO D 455 -29.36 -56.38 -5.03
CA PRO D 455 -28.28 -57.21 -4.50
C PRO D 455 -28.66 -57.85 -3.16
N GLY D 456 -28.27 -59.11 -2.95
CA GLY D 456 -28.35 -59.80 -1.65
C GLY D 456 -27.25 -59.33 -0.72
N GLU D 457 -27.23 -59.85 0.51
CA GLU D 457 -26.10 -59.65 1.46
C GLU D 457 -24.84 -60.26 0.82
N ASP D 458 -23.72 -59.54 0.86
CA ASP D 458 -22.41 -59.98 0.30
C ASP D 458 -22.46 -60.16 -1.23
N GLU D 459 -23.37 -59.47 -1.92
CA GLU D 459 -23.34 -59.36 -3.40
C GLU D 459 -22.01 -58.72 -3.79
N PHE D 460 -21.31 -59.32 -4.75
CA PHE D 460 -20.05 -58.82 -5.36
C PHE D 460 -18.84 -59.08 -4.45
N LYS D 461 -19.04 -59.68 -3.28
CA LYS D 461 -17.97 -59.84 -2.25
C LYS D 461 -16.97 -60.89 -2.74
N CYS D 462 -15.69 -60.51 -2.82
CA CYS D 462 -14.58 -61.38 -3.28
C CYS D 462 -14.02 -62.18 -2.11
N PRO D 463 -13.77 -63.50 -2.28
CA PRO D 463 -12.96 -64.25 -1.32
C PRO D 463 -11.57 -63.61 -1.22
N ILE D 464 -11.04 -63.55 0.00
CA ILE D 464 -9.65 -63.10 0.30
C ILE D 464 -8.78 -64.35 0.42
N LYS D 465 -7.92 -64.57 -0.58
CA LYS D 465 -6.97 -65.69 -0.64
C LYS D 465 -5.86 -65.50 0.41
N GLU D 466 -5.42 -64.26 0.63
CA GLU D 466 -4.23 -63.95 1.47
C GLU D 466 -4.36 -62.51 1.99
N GLU D 467 -3.96 -62.29 3.23
CA GLU D 467 -3.88 -60.94 3.85
C GLU D 467 -2.70 -60.93 4.81
N ILE D 468 -1.57 -60.37 4.38
CA ILE D 468 -0.31 -60.26 5.18
C ILE D 468 -0.30 -58.91 5.87
N ALA D 469 -0.15 -58.88 7.20
CA ALA D 469 0.16 -57.65 7.95
C ALA D 469 1.63 -57.30 7.69
N LEU D 470 1.91 -56.18 7.03
CA LEU D 470 3.30 -55.69 6.81
C LEU D 470 3.79 -54.96 8.06
N THR D 471 2.87 -54.36 8.81
CA THR D 471 3.15 -53.61 10.07
C THR D 471 2.12 -54.04 11.11
N SER D 472 2.47 -53.90 12.39
CA SER D 472 1.58 -54.24 13.53
C SER D 472 2.13 -53.61 14.81
N GLY D 473 1.27 -53.51 15.83
CA GLY D 473 1.62 -52.96 17.14
C GLY D 473 0.70 -51.83 17.55
N GLU D 474 0.94 -51.28 18.74
CA GLU D 474 0.16 -50.17 19.33
C GLU D 474 0.78 -48.84 18.88
N TRP D 475 0.83 -48.65 17.57
CA TRP D 475 1.27 -47.41 16.89
C TRP D 475 0.60 -47.38 15.53
N GLU D 476 0.72 -46.28 14.79
CA GLU D 476 -0.05 -46.04 13.55
C GLU D 476 0.89 -45.83 12.37
N VAL D 477 0.52 -46.39 11.23
CA VAL D 477 0.94 -45.89 9.89
C VAL D 477 0.10 -44.63 9.63
N LEU D 478 0.73 -43.55 9.20
CA LEU D 478 0.03 -42.27 8.87
C LEU D 478 -0.51 -42.39 7.45
N ALA D 479 -1.82 -42.23 7.28
CA ALA D 479 -2.54 -42.56 6.04
C ALA D 479 -3.56 -41.49 5.63
N ARG D 480 -3.59 -40.35 6.32
CA ARG D 480 -4.61 -39.28 6.15
C ARG D 480 -3.92 -37.92 6.01
N HIS D 481 -4.64 -36.93 5.49
CA HIS D 481 -4.30 -35.49 5.60
C HIS D 481 -2.87 -35.25 5.08
N GLY D 482 -2.55 -35.79 3.90
CA GLY D 482 -1.26 -35.58 3.21
C GLY D 482 -0.36 -36.80 3.24
N SER D 483 -0.46 -37.65 4.27
CA SER D 483 0.44 -38.81 4.45
C SER D 483 0.15 -39.85 3.36
N LYS D 484 1.20 -40.47 2.83
CA LYS D 484 1.11 -41.43 1.72
C LYS D 484 2.16 -42.52 1.90
N ILE D 485 2.14 -43.52 1.02
CA ILE D 485 3.20 -44.54 0.90
C ILE D 485 3.85 -44.37 -0.47
N TRP D 486 5.08 -44.83 -0.56
CA TRP D 486 5.83 -44.93 -1.83
C TRP D 486 6.25 -46.39 -1.98
N VAL D 487 5.91 -47.00 -3.10
CA VAL D 487 6.11 -48.45 -3.37
C VAL D 487 7.16 -48.58 -4.48
N ASN D 488 8.28 -49.23 -4.18
CA ASN D 488 9.33 -49.59 -5.17
C ASN D 488 9.10 -51.05 -5.57
N GLU D 489 8.57 -51.27 -6.78
CA GLU D 489 8.23 -52.64 -7.26
C GLU D 489 9.50 -53.41 -7.66
N GLU D 490 10.62 -52.74 -7.91
CA GLU D 490 11.92 -53.39 -8.22
C GLU D 490 12.45 -54.09 -6.97
N THR D 491 12.46 -53.40 -5.83
CA THR D 491 13.05 -53.89 -4.55
C THR D 491 11.98 -54.55 -3.68
N LYS D 492 10.69 -54.46 -4.05
CA LYS D 492 9.53 -54.98 -3.27
C LYS D 492 9.50 -54.32 -1.88
N LEU D 493 9.77 -53.03 -1.83
CA LEU D 493 9.81 -52.25 -0.55
C LEU D 493 8.69 -51.23 -0.57
N VAL D 494 8.07 -51.02 0.59
CA VAL D 494 7.07 -49.94 0.79
C VAL D 494 7.63 -48.99 1.86
N TYR D 495 7.76 -47.72 1.49
CA TYR D 495 8.16 -46.60 2.38
C TYR D 495 6.87 -45.97 2.91
N PHE D 496 6.83 -45.70 4.21
CA PHE D 496 5.65 -45.13 4.90
C PHE D 496 6.10 -44.29 6.08
N GLN D 497 5.19 -43.46 6.60
CA GLN D 497 5.40 -42.67 7.83
C GLN D 497 4.55 -43.28 8.94
N GLY D 498 5.03 -43.19 10.17
CA GLY D 498 4.32 -43.75 11.33
C GLY D 498 4.84 -43.23 12.66
N THR D 499 4.17 -43.68 13.71
CA THR D 499 4.42 -43.30 15.12
C THR D 499 5.04 -44.51 15.86
N LYS D 500 5.76 -45.38 15.15
CA LYS D 500 6.33 -46.63 15.73
C LYS D 500 7.27 -46.29 16.89
N ASP D 501 8.14 -45.29 16.73
CA ASP D 501 9.13 -44.88 17.76
C ASP D 501 8.44 -44.20 18.94
N THR D 502 7.40 -43.41 18.70
CA THR D 502 6.71 -42.59 19.73
C THR D 502 5.50 -41.90 19.08
N PRO D 503 4.37 -41.76 19.80
CA PRO D 503 3.26 -40.97 19.30
C PRO D 503 3.59 -39.48 19.14
N LEU D 504 4.72 -39.02 19.70
CA LEU D 504 5.14 -37.58 19.69
C LEU D 504 5.90 -37.23 18.41
N GLU D 505 6.29 -38.20 17.56
CA GLU D 505 7.12 -37.93 16.37
C GLU D 505 6.63 -38.75 15.17
N HIS D 506 6.53 -38.10 14.00
CA HIS D 506 6.39 -38.77 12.69
C HIS D 506 7.78 -39.13 12.18
N HIS D 507 7.98 -40.40 11.79
CA HIS D 507 9.24 -40.89 11.19
C HIS D 507 8.94 -41.58 9.87
N LEU D 508 9.94 -41.65 8.99
CA LEU D 508 9.88 -42.41 7.72
C LEU D 508 10.44 -43.80 8.00
N TYR D 509 9.74 -44.82 7.53
CA TYR D 509 10.11 -46.24 7.69
C TYR D 509 10.09 -46.92 6.34
N VAL D 510 10.73 -48.08 6.25
CA VAL D 510 10.62 -48.99 5.07
C VAL D 510 10.50 -50.43 5.58
N VAL D 511 9.66 -51.21 4.91
CA VAL D 511 9.43 -52.66 5.14
C VAL D 511 9.28 -53.32 3.76
N SER D 512 9.63 -54.60 3.64
CA SER D 512 9.39 -55.43 2.45
C SER D 512 7.90 -55.80 2.40
N TYR D 513 7.24 -55.75 1.24
CA TYR D 513 5.91 -56.36 1.06
C TYR D 513 6.02 -57.79 0.50
N GLU D 514 7.22 -58.24 0.15
CA GLU D 514 7.50 -59.61 -0.36
C GLU D 514 7.72 -60.54 0.84
N ALA D 515 8.71 -60.21 1.68
CA ALA D 515 9.10 -60.97 2.89
C ALA D 515 8.97 -60.04 4.10
N ALA D 516 7.74 -59.76 4.52
CA ALA D 516 7.40 -58.81 5.61
C ALA D 516 8.15 -59.21 6.87
N GLY D 517 9.02 -58.34 7.38
CA GLY D 517 9.78 -58.59 8.63
C GLY D 517 10.26 -57.30 9.25
N GLU D 518 11.57 -57.04 9.18
CA GLU D 518 12.24 -55.89 9.85
C GLU D 518 11.75 -54.57 9.23
N ILE D 519 11.32 -53.64 10.10
CA ILE D 519 10.99 -52.24 9.71
C ILE D 519 12.20 -51.38 10.04
N VAL D 520 12.75 -50.68 9.05
CA VAL D 520 13.94 -49.80 9.19
C VAL D 520 13.46 -48.34 9.24
N ARG D 521 13.91 -47.58 10.25
CA ARG D 521 13.64 -46.13 10.38
C ARG D 521 14.71 -45.37 9.59
N LEU D 522 14.31 -44.42 8.75
CA LEU D 522 15.22 -43.64 7.86
C LEU D 522 15.43 -42.21 8.38
N THR D 523 14.66 -41.77 9.39
CA THR D 523 14.71 -40.38 9.94
C THR D 523 15.29 -40.40 11.36
N THR D 524 15.86 -39.27 11.76
CA THR D 524 16.61 -39.07 13.02
C THR D 524 15.63 -38.85 14.17
N PRO D 525 15.70 -39.69 15.24
CA PRO D 525 14.92 -39.45 16.46
C PRO D 525 15.16 -38.06 17.08
N GLY D 526 14.19 -37.58 17.85
CA GLY D 526 14.22 -36.26 18.53
C GLY D 526 13.61 -35.15 17.69
N PHE D 527 13.09 -35.47 16.50
CA PHE D 527 12.35 -34.53 15.61
C PHE D 527 11.13 -35.26 15.03
N SER D 528 10.09 -34.50 14.64
CA SER D 528 8.95 -34.99 13.84
C SER D 528 9.16 -34.60 12.37
N HIS D 529 8.99 -35.55 11.44
CA HIS D 529 9.42 -35.44 10.03
C HIS D 529 8.21 -35.52 9.09
N SER D 530 8.21 -34.68 8.07
CA SER D 530 7.28 -34.74 6.90
C SER D 530 8.13 -34.96 5.65
N CYS D 531 8.05 -36.15 5.06
CA CYS D 531 9.01 -36.60 4.00
C CYS D 531 8.35 -36.68 2.63
N SER D 532 9.16 -36.47 1.60
CA SER D 532 8.85 -36.62 0.17
C SER D 532 9.92 -37.53 -0.44
N MET D 533 9.49 -38.63 -1.04
CA MET D 533 10.40 -39.69 -1.57
C MET D 533 10.52 -39.51 -3.09
N SER D 534 11.74 -39.58 -3.63
CA SER D 534 12.01 -39.66 -5.10
C SER D 534 11.31 -40.90 -5.66
N GLN D 535 10.70 -40.81 -6.86
CA GLN D 535 10.05 -41.98 -7.51
C GLN D 535 11.11 -42.98 -8.00
N ASN D 536 12.41 -42.66 -7.93
CA ASN D 536 13.53 -43.59 -8.18
C ASN D 536 14.12 -44.12 -6.87
N PHE D 537 13.60 -43.69 -5.72
CA PHE D 537 13.91 -44.25 -4.37
C PHE D 537 15.39 -44.10 -4.02
N ASP D 538 16.06 -43.10 -4.61
CA ASP D 538 17.52 -42.83 -4.45
C ASP D 538 17.70 -41.66 -3.48
N MET D 539 16.69 -40.80 -3.34
CA MET D 539 16.74 -39.56 -2.51
C MET D 539 15.39 -39.33 -1.83
N PHE D 540 15.40 -38.64 -0.69
CA PHE D 540 14.18 -38.07 -0.07
C PHE D 540 14.48 -36.72 0.56
N VAL D 541 13.43 -35.94 0.72
CA VAL D 541 13.40 -34.64 1.44
C VAL D 541 12.72 -34.90 2.78
N SER D 542 13.23 -34.31 3.86
CA SER D 542 12.50 -34.25 5.15
C SER D 542 12.35 -32.80 5.60
N HIS D 543 11.11 -32.38 5.79
CA HIS D 543 10.70 -31.15 6.52
C HIS D 543 10.52 -31.56 7.98
N TYR D 544 11.39 -31.10 8.89
CA TYR D 544 11.35 -31.57 10.30
C TYR D 544 11.67 -30.45 11.28
N SER D 545 11.17 -30.64 12.49
CA SER D 545 11.30 -29.69 13.63
C SER D 545 11.18 -30.46 14.94
N SER D 546 11.49 -29.79 16.06
CA SER D 546 11.21 -30.25 17.44
C SER D 546 10.59 -29.06 18.20
N VAL D 547 10.10 -29.28 19.43
CA VAL D 547 9.58 -28.16 20.28
C VAL D 547 10.63 -27.06 20.42
N SER D 548 11.92 -27.40 20.45
CA SER D 548 13.03 -26.45 20.74
C SER D 548 13.66 -25.89 19.45
N THR D 549 13.42 -26.51 18.28
CA THR D 549 14.13 -26.15 17.01
C THR D 549 13.11 -25.84 15.93
N PRO D 550 13.09 -24.61 15.36
CA PRO D 550 12.26 -24.31 14.19
C PRO D 550 12.53 -25.23 13.01
N PRO D 551 11.58 -25.35 12.04
CA PRO D 551 11.69 -26.32 10.96
C PRO D 551 12.89 -26.08 10.04
N CYS D 552 13.46 -27.16 9.49
CA CYS D 552 14.42 -27.14 8.37
C CYS D 552 13.93 -28.12 7.29
N VAL D 553 14.45 -27.97 6.07
CA VAL D 553 14.19 -28.90 4.93
C VAL D 553 15.54 -29.40 4.42
N HIS D 554 15.80 -30.69 4.61
CA HIS D 554 17.06 -31.37 4.24
C HIS D 554 16.81 -32.41 3.15
N VAL D 555 17.76 -32.55 2.23
CA VAL D 555 17.77 -33.60 1.16
C VAL D 555 18.70 -34.71 1.66
N TYR D 556 18.24 -35.96 1.58
CA TYR D 556 19.00 -37.17 2.00
C TYR D 556 19.19 -38.08 0.78
N LYS D 557 20.38 -38.67 0.66
CA LYS D 557 20.71 -39.72 -0.32
C LYS D 557 20.53 -41.07 0.39
N LEU D 558 19.79 -42.00 -0.22
CA LEU D 558 19.76 -43.43 0.18
C LEU D 558 20.90 -44.14 -0.54
N SER D 559 21.91 -44.60 0.21
CA SER D 559 23.18 -45.18 -0.32
C SER D 559 23.42 -46.55 0.30
N GLY D 560 24.06 -47.43 -0.47
CA GLY D 560 24.55 -48.75 -0.02
C GLY D 560 24.46 -49.78 -1.13
N PRO D 561 24.92 -51.03 -0.88
CA PRO D 561 24.81 -52.11 -1.87
C PRO D 561 23.36 -52.34 -2.35
N ASP D 562 23.17 -52.49 -3.66
CA ASP D 562 21.84 -52.69 -4.30
C ASP D 562 21.25 -54.06 -3.92
N ASP D 563 22.09 -55.02 -3.48
CA ASP D 563 21.65 -56.40 -3.10
C ASP D 563 21.05 -56.40 -1.69
N ASP D 564 21.15 -55.31 -0.92
CA ASP D 564 20.52 -55.16 0.42
C ASP D 564 19.71 -53.86 0.46
N PRO D 565 18.64 -53.72 -0.36
CA PRO D 565 17.92 -52.45 -0.48
C PRO D 565 17.21 -52.00 0.81
N LEU D 566 16.75 -52.93 1.65
CA LEU D 566 16.06 -52.62 2.93
C LEU D 566 16.99 -51.80 3.86
N HIS D 567 18.30 -52.03 3.81
CA HIS D 567 19.30 -51.42 4.72
C HIS D 567 20.12 -50.32 4.02
N LYS D 568 19.61 -49.73 2.94
CA LYS D 568 20.18 -48.47 2.37
C LYS D 568 20.27 -47.42 3.48
N GLN D 569 21.41 -46.71 3.57
CA GLN D 569 21.72 -45.71 4.63
C GLN D 569 21.23 -44.33 4.16
N PRO D 570 20.43 -43.61 4.96
CA PRO D 570 20.12 -42.20 4.69
C PRO D 570 21.35 -41.35 5.05
N ARG D 571 21.91 -40.67 4.05
CA ARG D 571 23.08 -39.76 4.23
C ARG D 571 22.59 -38.33 3.96
N PHE D 572 22.78 -37.42 4.92
CA PHE D 572 22.58 -35.97 4.71
C PHE D 572 23.33 -35.55 3.45
N TRP D 573 22.67 -34.84 2.53
CA TRP D 573 23.25 -34.46 1.23
C TRP D 573 23.35 -32.94 1.11
N ALA D 574 22.23 -32.23 1.24
CA ALA D 574 22.16 -30.76 1.12
C ALA D 574 20.94 -30.22 1.88
N SER D 575 20.93 -28.91 2.11
CA SER D 575 19.85 -28.18 2.78
C SER D 575 19.08 -27.37 1.75
N MET D 576 17.75 -27.47 1.80
CA MET D 576 16.79 -26.60 1.05
C MET D 576 16.47 -25.37 1.92
N MET D 577 16.55 -25.52 3.25
CA MET D 577 16.18 -24.45 4.21
C MET D 577 16.78 -24.82 5.57
N GLU D 578 17.66 -23.96 6.09
CA GLU D 578 18.23 -24.11 7.45
C GLU D 578 17.22 -23.57 8.46
N ALA D 579 17.18 -24.22 9.63
CA ALA D 579 16.36 -23.81 10.78
C ALA D 579 16.73 -22.37 11.15
N ALA D 580 15.73 -21.48 11.24
CA ALA D 580 15.87 -20.13 11.84
C ALA D 580 16.36 -20.29 13.28
N SER D 581 17.06 -19.27 13.79
CA SER D 581 17.44 -19.17 15.22
C SER D 581 16.16 -19.18 16.07
N CYS D 582 16.11 -20.05 17.09
CA CYS D 582 15.08 -20.05 18.17
C CYS D 582 15.20 -18.71 18.89
N PRO D 583 14.19 -17.81 18.81
CA PRO D 583 14.32 -16.45 19.37
C PRO D 583 14.74 -16.45 20.85
N PRO D 584 15.52 -15.45 21.32
CA PRO D 584 15.93 -15.40 22.74
C PRO D 584 14.74 -15.28 23.72
N ASP D 585 13.69 -14.56 23.30
CA ASP D 585 12.42 -14.31 24.02
C ASP D 585 11.50 -15.55 24.03
N TYR D 586 11.70 -16.47 23.09
CA TYR D 586 10.93 -17.73 22.98
C TYR D 586 11.59 -18.80 23.85
N VAL D 587 10.84 -19.34 24.81
CA VAL D 587 11.21 -20.51 25.64
C VAL D 587 10.30 -21.67 25.22
N PRO D 588 10.87 -22.79 24.70
CA PRO D 588 10.04 -23.89 24.23
C PRO D 588 9.19 -24.46 25.36
N PRO D 589 7.98 -25.00 25.06
CA PRO D 589 7.21 -25.70 26.08
C PRO D 589 7.91 -27.02 26.40
N GLU D 590 7.53 -27.59 27.55
CA GLU D 590 8.06 -28.89 28.03
C GLU D 590 6.94 -29.93 27.87
N ILE D 591 7.22 -31.02 27.16
CA ILE D 591 6.28 -32.16 27.03
C ILE D 591 6.42 -33.03 28.27
N PHE D 592 5.30 -33.49 28.82
CA PHE D 592 5.21 -34.46 29.94
C PHE D 592 4.14 -35.50 29.58
N HIS D 593 4.07 -36.56 30.36
CA HIS D 593 2.93 -37.51 30.35
C HIS D 593 2.57 -37.89 31.79
N PHE D 594 1.35 -38.38 31.97
CA PHE D 594 0.84 -38.90 33.26
C PHE D 594 -0.17 -40.00 32.94
N HIS D 595 -0.57 -40.76 33.96
CA HIS D 595 -1.62 -41.80 33.87
C HIS D 595 -2.86 -41.28 34.58
N THR D 596 -4.03 -41.37 33.93
CA THR D 596 -5.34 -41.00 34.51
C THR D 596 -5.66 -41.99 35.64
N ARG D 597 -6.70 -41.71 36.44
CA ARG D 597 -7.20 -42.62 37.49
C ARG D 597 -7.63 -43.97 36.86
N SER D 598 -8.00 -43.98 35.58
CA SER D 598 -8.31 -45.19 34.77
C SER D 598 -7.04 -45.81 34.13
N ASP D 599 -5.84 -45.28 34.43
CA ASP D 599 -4.53 -45.77 33.94
C ASP D 599 -4.42 -45.66 32.41
N VAL D 600 -5.02 -44.63 31.79
CA VAL D 600 -4.74 -44.24 30.39
C VAL D 600 -3.59 -43.22 30.43
N ARG D 601 -2.56 -43.41 29.60
CA ARG D 601 -1.45 -42.44 29.47
C ARG D 601 -1.92 -41.24 28.62
N LEU D 602 -1.82 -40.02 29.15
CA LEU D 602 -2.09 -38.77 28.39
C LEU D 602 -0.80 -37.95 28.33
N TYR D 603 -0.56 -37.32 27.18
CA TYR D 603 0.57 -36.38 26.98
C TYR D 603 0.02 -34.95 27.10
N GLY D 604 0.87 -34.07 27.59
CA GLY D 604 0.57 -32.64 27.76
C GLY D 604 1.83 -31.82 27.52
N MET D 605 1.71 -30.51 27.40
CA MET D 605 2.89 -29.65 27.48
C MET D 605 2.59 -28.44 28.36
N ILE D 606 3.66 -27.86 28.90
CA ILE D 606 3.59 -26.70 29.84
C ILE D 606 4.53 -25.62 29.30
N TYR D 607 4.00 -24.41 29.14
CA TYR D 607 4.80 -23.16 29.03
C TYR D 607 4.91 -22.62 30.46
N LYS D 608 6.09 -22.76 31.06
CA LYS D 608 6.35 -22.24 32.44
C LYS D 608 6.34 -20.72 32.38
N PRO D 609 5.81 -20.02 33.41
CA PRO D 609 5.98 -18.57 33.53
C PRO D 609 7.47 -18.26 33.37
N HIS D 610 7.82 -17.27 32.54
CA HIS D 610 9.24 -16.87 32.32
C HIS D 610 9.80 -16.31 33.64
N ALA D 611 11.08 -16.52 33.90
CA ALA D 611 11.79 -16.04 35.12
C ALA D 611 10.98 -16.44 36.36
N LEU D 612 10.62 -17.72 36.44
CA LEU D 612 9.81 -18.28 37.56
C LEU D 612 10.60 -18.15 38.87
N GLN D 613 9.94 -17.73 39.95
CA GLN D 613 10.51 -17.65 41.32
C GLN D 613 9.85 -18.73 42.16
N PRO D 614 10.57 -19.39 43.11
CA PRO D 614 9.99 -20.48 43.89
C PRO D 614 8.92 -19.96 44.87
N GLY D 615 7.96 -20.84 45.19
CA GLY D 615 6.86 -20.54 46.12
C GLY D 615 5.76 -19.67 45.52
N LYS D 616 5.78 -19.38 44.21
CA LYS D 616 4.81 -18.47 43.54
C LYS D 616 3.81 -19.30 42.74
N LYS D 617 2.51 -19.06 42.99
CA LYS D 617 1.36 -19.65 42.26
C LYS D 617 0.91 -18.67 41.17
N HIS D 618 0.93 -19.09 39.91
CA HIS D 618 0.70 -18.21 38.73
C HIS D 618 -0.69 -18.46 38.15
N PRO D 619 -1.36 -17.40 37.63
CA PRO D 619 -2.62 -17.58 36.93
C PRO D 619 -2.33 -18.45 35.69
N THR D 620 -3.27 -19.31 35.32
CA THR D 620 -3.03 -20.41 34.34
C THR D 620 -4.05 -20.29 33.21
N VAL D 621 -3.58 -20.43 31.97
CA VAL D 621 -4.45 -20.61 30.77
C VAL D 621 -4.34 -22.09 30.35
N LEU D 622 -5.46 -22.81 30.43
CA LEU D 622 -5.64 -24.12 29.79
C LEU D 622 -6.02 -23.86 28.32
N PHE D 623 -5.09 -24.06 27.41
CA PHE D 623 -5.31 -23.93 25.95
C PHE D 623 -5.79 -25.29 25.43
N VAL D 624 -6.98 -25.34 24.83
CA VAL D 624 -7.71 -26.60 24.55
C VAL D 624 -8.15 -26.64 23.07
N TYR D 625 -7.98 -27.80 22.45
CA TYR D 625 -8.70 -28.21 21.22
C TYR D 625 -9.63 -29.36 21.60
N GLY D 626 -9.08 -30.56 21.83
CA GLY D 626 -9.78 -31.68 22.49
C GLY D 626 -10.68 -32.51 21.57
N GLY D 627 -10.75 -32.17 20.28
CA GLY D 627 -11.65 -32.82 19.32
C GLY D 627 -10.94 -33.94 18.54
N PRO D 628 -11.71 -34.74 17.76
CA PRO D 628 -11.11 -35.79 16.94
C PRO D 628 -10.27 -35.22 15.80
N GLN D 629 -9.37 -36.06 15.28
CA GLN D 629 -8.53 -35.87 14.08
C GLN D 629 -7.37 -34.91 14.36
N VAL D 630 -7.16 -34.50 15.61
CA VAL D 630 -6.08 -33.53 15.97
C VAL D 630 -5.31 -34.07 17.17
N GLN D 631 -3.98 -33.87 17.14
CA GLN D 631 -3.05 -34.06 18.27
C GLN D 631 -2.29 -32.76 18.45
N LEU D 632 -2.51 -32.03 19.54
CA LEU D 632 -1.80 -30.76 19.83
C LEU D 632 -0.40 -31.03 20.36
N VAL D 633 -0.23 -32.12 21.12
CA VAL D 633 1.02 -32.40 21.89
C VAL D 633 1.86 -33.42 21.09
N ASN D 634 2.93 -32.93 20.50
CA ASN D 634 3.94 -33.74 19.80
C ASN D 634 5.25 -32.94 19.75
N ASN D 635 6.33 -33.59 19.35
CA ASN D 635 7.67 -32.98 19.34
C ASN D 635 7.89 -32.30 17.99
N SER D 636 7.19 -31.21 17.76
CA SER D 636 7.36 -30.32 16.58
C SER D 636 7.28 -28.87 17.06
N PHE D 637 7.79 -27.95 16.25
CA PHE D 637 7.94 -26.53 16.65
C PHE D 637 6.56 -25.88 16.70
N LYS D 638 6.21 -25.28 17.85
CA LYS D 638 4.89 -24.67 18.11
C LYS D 638 4.93 -23.15 17.97
N GLY D 639 6.11 -22.55 17.80
CA GLY D 639 6.32 -21.09 17.86
C GLY D 639 5.77 -20.34 16.67
N ILE D 640 5.51 -21.00 15.53
CA ILE D 640 4.95 -20.33 14.31
C ILE D 640 3.44 -20.17 14.52
N LYS D 641 2.75 -21.25 14.86
CA LYS D 641 1.28 -21.30 14.99
C LYS D 641 0.83 -20.82 16.38
N TYR D 642 1.62 -21.05 17.44
CA TYR D 642 1.18 -20.84 18.85
C TYR D 642 2.14 -19.89 19.59
N LEU D 643 2.67 -18.88 18.89
CA LEU D 643 3.58 -17.86 19.50
C LEU D 643 2.89 -17.21 20.70
N ARG D 644 1.59 -16.95 20.62
CA ARG D 644 0.80 -16.28 21.70
C ARG D 644 0.87 -17.05 23.02
N LEU D 645 1.12 -18.37 23.01
CA LEU D 645 1.25 -19.16 24.26
C LEU D 645 2.58 -18.81 24.95
N ASN D 646 3.66 -18.64 24.19
CA ASN D 646 4.95 -18.09 24.70
C ASN D 646 4.74 -16.66 25.25
N THR D 647 3.99 -15.82 24.53
CA THR D 647 3.71 -14.42 24.95
C THR D 647 3.00 -14.42 26.30
N LEU D 648 1.97 -15.24 26.47
CA LEU D 648 1.27 -15.42 27.78
C LEU D 648 2.28 -15.82 28.85
N ALA D 649 3.16 -16.78 28.57
CA ALA D 649 4.17 -17.27 29.54
C ALA D 649 5.14 -16.13 29.90
N SER D 650 5.48 -15.25 28.95
CA SER D 650 6.41 -14.10 29.15
C SER D 650 5.81 -13.09 30.14
N LEU D 651 4.49 -12.98 30.22
CA LEU D 651 3.78 -12.06 31.16
C LEU D 651 3.56 -12.71 32.53
N GLY D 652 3.80 -14.02 32.66
CA GLY D 652 3.73 -14.74 33.94
C GLY D 652 2.51 -15.63 34.05
N TYR D 653 1.79 -15.90 32.96
CA TYR D 653 0.77 -16.97 32.92
C TYR D 653 1.48 -18.30 32.74
N ALA D 654 1.03 -19.35 33.42
CA ALA D 654 1.33 -20.75 33.06
C ALA D 654 0.37 -21.12 31.93
N VAL D 655 0.85 -21.81 30.90
CA VAL D 655 0.00 -22.32 29.80
C VAL D 655 0.10 -23.85 29.80
N VAL D 656 -1.05 -24.51 29.94
CA VAL D 656 -1.17 -25.99 29.97
C VAL D 656 -1.96 -26.44 28.72
N VAL D 657 -1.48 -27.49 28.06
CA VAL D 657 -2.14 -28.15 26.91
C VAL D 657 -2.19 -29.66 27.21
N ILE D 658 -3.37 -30.27 27.08
CA ILE D 658 -3.61 -31.72 27.35
C ILE D 658 -4.25 -32.35 26.11
N ASP D 659 -3.64 -33.43 25.58
CA ASP D 659 -4.29 -34.31 24.58
C ASP D 659 -5.07 -35.39 25.33
N GLY D 660 -6.34 -35.11 25.60
CA GLY D 660 -7.25 -36.05 26.26
C GLY D 660 -7.73 -37.14 25.32
N ARG D 661 -8.48 -38.10 25.84
CA ARG D 661 -9.16 -39.13 25.01
C ARG D 661 -10.05 -38.39 23.99
N GLY D 662 -10.12 -38.91 22.77
CA GLY D 662 -10.78 -38.24 21.62
C GLY D 662 -9.78 -37.70 20.63
N SER D 663 -8.58 -37.35 21.07
CA SER D 663 -7.48 -36.87 20.19
C SER D 663 -6.90 -38.05 19.39
N CYS D 664 -6.14 -37.76 18.35
CA CYS D 664 -5.72 -38.76 17.32
C CYS D 664 -4.26 -39.17 17.56
N GLN D 665 -3.75 -40.08 16.72
CA GLN D 665 -2.39 -40.67 16.73
C GLN D 665 -2.19 -41.60 17.94
N ARG D 666 -3.27 -42.13 18.52
CA ARG D 666 -3.26 -43.08 19.67
C ARG D 666 -4.21 -44.26 19.41
N GLY D 667 -4.70 -44.44 18.17
CA GLY D 667 -5.56 -45.58 17.79
C GLY D 667 -7.04 -45.26 17.91
N LEU D 668 -7.87 -46.13 17.32
CA LEU D 668 -9.34 -45.96 17.19
C LEU D 668 -10.03 -46.02 18.56
N ARG D 669 -9.58 -46.89 19.46
CA ARG D 669 -10.20 -47.03 20.82
C ARG D 669 -10.08 -45.69 21.57
N PHE D 670 -8.89 -45.09 21.57
CA PHE D 670 -8.56 -43.84 22.29
C PHE D 670 -9.42 -42.69 21.74
N GLU D 671 -9.47 -42.51 20.41
CA GLU D 671 -10.31 -41.42 19.83
C GLU D 671 -11.80 -41.80 19.99
N GLY D 672 -12.14 -43.10 20.02
CA GLY D 672 -13.53 -43.60 20.12
C GLY D 672 -14.21 -43.34 21.46
N ALA D 673 -13.46 -42.91 22.49
CA ALA D 673 -14.02 -42.58 23.83
C ALA D 673 -15.14 -41.53 23.74
N LEU D 674 -15.17 -40.67 22.72
CA LEU D 674 -16.20 -39.60 22.67
C LEU D 674 -17.41 -40.02 21.83
N LYS D 675 -17.44 -41.25 21.32
CA LYS D 675 -18.54 -41.73 20.45
C LYS D 675 -19.90 -41.46 21.13
N ASN D 676 -20.76 -40.69 20.46
CA ASN D 676 -22.16 -40.38 20.86
C ASN D 676 -22.22 -39.51 22.12
N GLN D 677 -21.11 -39.00 22.65
CA GLN D 677 -21.10 -38.24 23.93
C GLN D 677 -20.06 -37.11 23.88
N MET D 678 -19.94 -36.42 22.73
CA MET D 678 -19.06 -35.24 22.60
C MET D 678 -19.41 -34.21 23.69
N GLY D 679 -18.39 -33.71 24.39
CA GLY D 679 -18.53 -32.74 25.50
C GLY D 679 -18.41 -33.40 26.87
N GLN D 680 -18.73 -34.68 27.00
CA GLN D 680 -19.01 -35.34 28.31
C GLN D 680 -17.75 -35.88 28.97
N VAL D 681 -16.72 -36.24 28.19
CA VAL D 681 -15.50 -36.98 28.68
C VAL D 681 -14.23 -36.11 28.54
N GLU D 682 -14.21 -35.16 27.60
CA GLU D 682 -13.01 -34.38 27.22
C GLU D 682 -12.62 -33.50 28.41
N ILE D 683 -13.59 -32.92 29.10
CA ILE D 683 -13.35 -31.98 30.23
C ILE D 683 -12.76 -32.75 31.41
N GLU D 684 -13.20 -34.00 31.65
CA GLU D 684 -12.66 -34.83 32.75
C GLU D 684 -11.15 -34.98 32.57
N ASP D 685 -10.69 -35.29 31.35
CA ASP D 685 -9.23 -35.48 31.06
C ASP D 685 -8.49 -34.14 31.17
N GLN D 686 -9.10 -33.03 30.71
CA GLN D 686 -8.49 -31.68 30.82
C GLN D 686 -8.25 -31.35 32.31
N VAL D 687 -9.25 -31.58 33.15
CA VAL D 687 -9.18 -31.28 34.62
C VAL D 687 -8.16 -32.20 35.31
N GLU D 688 -8.07 -33.49 34.94
CA GLU D 688 -7.06 -34.41 35.51
C GLU D 688 -5.66 -33.92 35.15
N GLY D 689 -5.46 -33.50 33.90
CA GLY D 689 -4.16 -32.96 33.43
C GLY D 689 -3.77 -31.70 34.19
N LEU D 690 -4.72 -30.80 34.39
CA LEU D 690 -4.52 -29.51 35.11
C LEU D 690 -4.10 -29.82 36.55
N GLN D 691 -4.81 -30.75 37.20
CA GLN D 691 -4.55 -31.15 38.60
C GLN D 691 -3.20 -31.87 38.70
N PHE D 692 -2.85 -32.70 37.71
CA PHE D 692 -1.52 -33.35 37.66
C PHE D 692 -0.43 -32.29 37.58
N VAL D 693 -0.56 -31.34 36.66
CA VAL D 693 0.45 -30.25 36.43
C VAL D 693 0.60 -29.43 37.73
N ALA D 694 -0.51 -29.11 38.39
CA ALA D 694 -0.53 -28.33 39.65
C ALA D 694 0.25 -29.08 40.74
N GLU D 695 0.06 -30.40 40.87
CA GLU D 695 0.75 -31.25 41.89
C GLU D 695 2.23 -31.40 41.51
N LYS D 696 2.55 -31.70 40.25
CA LYS D 696 3.93 -32.04 39.84
C LYS D 696 4.82 -30.79 39.82
N TYR D 697 4.33 -29.66 39.28
CA TYR D 697 5.17 -28.45 39.02
C TYR D 697 5.03 -27.41 40.15
N GLY D 698 3.89 -27.33 40.82
CA GLY D 698 3.73 -26.52 42.05
C GLY D 698 3.57 -25.01 41.82
N PHE D 699 3.58 -24.49 40.57
CA PHE D 699 3.47 -23.03 40.31
C PHE D 699 2.09 -22.68 39.70
N ILE D 700 1.10 -23.56 39.84
CA ILE D 700 -0.27 -23.37 39.26
C ILE D 700 -1.17 -22.84 40.36
N ASP D 701 -1.76 -21.67 40.15
CA ASP D 701 -2.86 -21.13 40.99
C ASP D 701 -4.19 -21.69 40.46
N LEU D 702 -4.71 -22.77 41.06
CA LEU D 702 -5.98 -23.41 40.64
C LEU D 702 -7.19 -22.51 40.89
N SER D 703 -7.05 -21.42 41.66
CA SER D 703 -8.12 -20.42 41.86
C SER D 703 -8.21 -19.43 40.70
N ARG D 704 -7.24 -19.42 39.77
CA ARG D 704 -7.19 -18.47 38.61
C ARG D 704 -6.81 -19.22 37.33
N VAL D 705 -7.72 -20.07 36.85
CA VAL D 705 -7.56 -20.85 35.59
C VAL D 705 -8.55 -20.32 34.55
N ALA D 706 -8.04 -19.92 33.39
CA ALA D 706 -8.83 -19.59 32.19
C ALA D 706 -8.79 -20.81 31.27
N ILE D 707 -9.91 -21.07 30.59
CA ILE D 707 -9.98 -22.08 29.49
C ILE D 707 -10.20 -21.32 28.18
N HIS D 708 -9.38 -21.62 27.17
CA HIS D 708 -9.43 -20.94 25.85
C HIS D 708 -9.19 -21.97 24.74
N GLY D 709 -10.02 -21.92 23.71
CA GLY D 709 -9.83 -22.71 22.49
C GLY D 709 -10.66 -22.17 21.35
N TRP D 710 -10.44 -22.73 20.17
CA TRP D 710 -11.10 -22.34 18.91
C TRP D 710 -11.78 -23.57 18.31
N SER D 711 -12.99 -23.41 17.76
CA SER D 711 -13.73 -24.49 17.04
C SER D 711 -14.16 -25.54 18.08
N TYR D 712 -13.64 -26.77 18.08
CA TYR D 712 -13.92 -27.78 19.13
C TYR D 712 -13.44 -27.24 20.49
N GLY D 713 -12.34 -26.48 20.48
CA GLY D 713 -11.76 -25.82 21.66
C GLY D 713 -12.66 -24.73 22.22
N GLY D 714 -13.40 -24.04 21.35
CA GLY D 714 -14.43 -23.06 21.76
C GLY D 714 -15.59 -23.77 22.42
N PHE D 715 -16.06 -24.85 21.79
CA PHE D 715 -17.10 -25.77 22.31
C PHE D 715 -16.70 -26.23 23.73
N LEU D 716 -15.49 -26.74 23.89
CA LEU D 716 -15.03 -27.29 25.19
C LEU D 716 -14.80 -26.16 26.20
N SER D 717 -14.39 -24.96 25.77
CA SER D 717 -14.25 -23.81 26.71
C SER D 717 -15.60 -23.54 27.39
N LEU D 718 -16.69 -23.54 26.61
CA LEU D 718 -18.07 -23.36 27.13
C LEU D 718 -18.47 -24.56 28.01
N MET D 719 -18.15 -25.78 27.60
CA MET D 719 -18.51 -26.99 28.38
C MET D 719 -17.79 -26.97 29.72
N GLY D 720 -16.53 -26.53 29.75
CA GLY D 720 -15.73 -26.36 30.97
C GLY D 720 -16.40 -25.43 31.97
N LEU D 721 -16.87 -24.30 31.48
CA LEU D 721 -17.55 -23.27 32.32
C LEU D 721 -18.91 -23.82 32.79
N ILE D 722 -19.59 -24.62 31.97
CA ILE D 722 -20.91 -25.23 32.31
C ILE D 722 -20.72 -26.31 33.39
N HIS D 723 -19.82 -27.27 33.18
CA HIS D 723 -19.69 -28.49 34.02
C HIS D 723 -18.70 -28.29 35.18
N LYS D 724 -17.72 -27.39 35.06
CA LYS D 724 -16.66 -27.19 36.08
C LYS D 724 -16.54 -25.69 36.38
N PRO D 725 -17.62 -25.01 36.80
CA PRO D 725 -17.58 -23.56 37.04
C PRO D 725 -16.67 -23.18 38.22
N GLN D 726 -16.39 -24.11 39.15
CA GLN D 726 -15.44 -23.89 40.27
C GLN D 726 -13.99 -24.09 39.80
N VAL D 727 -13.76 -24.78 38.69
CA VAL D 727 -12.39 -25.04 38.15
C VAL D 727 -11.97 -23.87 37.25
N PHE D 728 -12.86 -23.42 36.37
CA PHE D 728 -12.57 -22.40 35.34
C PHE D 728 -13.19 -21.07 35.75
N LYS D 729 -12.34 -20.11 36.09
CA LYS D 729 -12.75 -18.74 36.46
C LYS D 729 -13.34 -18.04 35.25
N VAL D 730 -12.69 -18.15 34.09
CA VAL D 730 -13.14 -17.50 32.82
C VAL D 730 -13.01 -18.51 31.66
N ALA D 731 -13.85 -18.34 30.63
CA ALA D 731 -13.77 -19.03 29.33
C ALA D 731 -13.66 -18.00 28.22
N ILE D 732 -12.75 -18.24 27.26
CA ILE D 732 -12.69 -17.52 25.97
C ILE D 732 -12.96 -18.54 24.88
N ALA D 733 -14.18 -18.52 24.33
CA ALA D 733 -14.67 -19.48 23.34
C ALA D 733 -14.60 -18.86 21.94
N GLY D 734 -13.65 -19.32 21.12
CA GLY D 734 -13.51 -18.93 19.70
C GLY D 734 -14.30 -19.86 18.79
N ALA D 735 -15.10 -19.29 17.88
CA ALA D 735 -15.87 -20.03 16.86
C ALA D 735 -16.42 -21.35 17.42
N PRO D 736 -17.20 -21.31 18.52
CA PRO D 736 -17.71 -22.54 19.12
C PRO D 736 -18.82 -23.18 18.29
N VAL D 737 -18.84 -24.51 18.22
CA VAL D 737 -20.08 -25.27 17.87
C VAL D 737 -20.94 -25.24 19.13
N THR D 738 -22.16 -24.70 19.04
CA THR D 738 -23.09 -24.51 20.18
C THR D 738 -24.34 -25.38 20.03
N VAL D 739 -24.64 -25.86 18.83
CA VAL D 739 -25.79 -26.78 18.57
C VAL D 739 -25.40 -27.77 17.49
N TRP D 740 -25.23 -29.03 17.87
CA TRP D 740 -24.76 -30.11 16.96
C TRP D 740 -25.77 -30.35 15.82
N MET D 741 -27.07 -30.10 16.07
CA MET D 741 -28.14 -30.22 15.05
C MET D 741 -27.95 -29.20 13.92
N ALA D 742 -27.17 -28.13 14.12
CA ALA D 742 -26.88 -27.13 13.06
C ALA D 742 -25.63 -27.50 12.28
N TYR D 743 -24.82 -28.46 12.74
CA TYR D 743 -23.55 -28.85 12.09
C TYR D 743 -23.85 -29.89 11.01
N ASP D 744 -22.85 -30.28 10.23
CA ASP D 744 -23.04 -31.01 8.95
C ASP D 744 -23.09 -32.54 9.16
N THR D 745 -23.49 -33.25 8.11
CA THR D 745 -23.66 -34.72 8.07
C THR D 745 -22.31 -35.40 8.26
N GLY D 746 -21.31 -35.05 7.46
CA GLY D 746 -20.03 -35.79 7.39
C GLY D 746 -19.34 -35.88 8.74
N TYR D 747 -19.24 -34.76 9.45
CA TYR D 747 -18.53 -34.68 10.75
C TYR D 747 -19.44 -35.22 11.85
N THR D 748 -20.61 -34.62 12.03
CA THR D 748 -21.45 -34.82 13.23
C THR D 748 -21.88 -36.30 13.31
N GLU D 749 -22.37 -36.86 12.21
CA GLU D 749 -22.94 -38.24 12.21
C GLU D 749 -21.83 -39.26 12.47
N ARG D 750 -20.59 -39.00 12.03
CA ARG D 750 -19.43 -39.91 12.26
C ARG D 750 -19.28 -40.14 13.77
N TYR D 751 -19.33 -39.07 14.56
CA TYR D 751 -18.98 -39.09 16.01
C TYR D 751 -20.24 -39.22 16.88
N MET D 752 -21.40 -38.81 16.40
CA MET D 752 -22.62 -38.64 17.24
C MET D 752 -23.86 -39.36 16.68
N ASP D 753 -23.78 -40.03 15.51
CA ASP D 753 -24.98 -40.64 14.84
C ASP D 753 -25.93 -39.51 14.40
N VAL D 754 -27.11 -39.84 13.86
CA VAL D 754 -28.14 -38.82 13.48
C VAL D 754 -28.88 -38.40 14.73
N PRO D 755 -29.49 -37.18 14.78
CA PRO D 755 -30.26 -36.73 15.95
C PRO D 755 -31.33 -37.73 16.45
N GLU D 756 -32.05 -38.36 15.52
CA GLU D 756 -33.16 -39.33 15.78
C GLU D 756 -32.63 -40.54 16.58
N ASN D 757 -31.36 -40.93 16.40
CA ASN D 757 -30.77 -42.13 17.06
C ASN D 757 -30.01 -41.74 18.33
N ASN D 758 -29.84 -40.45 18.65
CA ASN D 758 -28.96 -40.02 19.77
C ASN D 758 -29.45 -38.66 20.30
N GLN D 759 -30.74 -38.55 20.60
CA GLN D 759 -31.36 -37.29 21.08
C GLN D 759 -30.64 -36.84 22.35
N HIS D 760 -30.35 -37.75 23.27
CA HIS D 760 -29.71 -37.45 24.58
C HIS D 760 -28.29 -36.91 24.37
N GLY D 761 -27.49 -37.56 23.52
CA GLY D 761 -26.11 -37.13 23.21
C GLY D 761 -26.07 -35.74 22.57
N TYR D 762 -26.93 -35.51 21.58
CA TYR D 762 -27.08 -34.19 20.91
C TYR D 762 -27.47 -33.10 21.91
N GLU D 763 -28.46 -33.38 22.77
CA GLU D 763 -28.96 -32.45 23.80
C GLU D 763 -27.83 -32.12 24.80
N ALA D 764 -27.19 -33.14 25.36
CA ALA D 764 -26.12 -32.99 26.38
C ALA D 764 -24.90 -32.26 25.79
N GLY D 765 -24.61 -32.44 24.50
CA GLY D 765 -23.39 -31.90 23.84
C GLY D 765 -23.59 -30.52 23.22
N SER D 766 -24.82 -29.98 23.22
CA SER D 766 -25.19 -28.68 22.60
C SER D 766 -25.18 -27.58 23.66
N VAL D 767 -24.08 -26.83 23.80
CA VAL D 767 -23.87 -25.85 24.92
C VAL D 767 -24.97 -24.78 24.90
N ALA D 768 -25.51 -24.40 23.74
CA ALA D 768 -26.58 -23.38 23.61
C ALA D 768 -27.86 -23.84 24.31
N LEU D 769 -28.04 -25.14 24.53
CA LEU D 769 -29.23 -25.70 25.23
C LEU D 769 -29.02 -25.77 26.74
N HIS D 770 -27.85 -25.36 27.27
CA HIS D 770 -27.52 -25.41 28.73
C HIS D 770 -27.05 -24.02 29.22
N VAL D 771 -27.54 -22.93 28.60
CA VAL D 771 -27.14 -21.53 28.95
C VAL D 771 -27.51 -21.21 30.41
N GLU D 772 -28.56 -21.83 30.96
CA GLU D 772 -28.95 -21.64 32.39
C GLU D 772 -27.80 -22.02 33.32
N LYS D 773 -26.87 -22.89 32.88
CA LYS D 773 -25.69 -23.33 33.69
C LYS D 773 -24.49 -22.39 33.47
N LEU D 774 -24.54 -21.44 32.52
CA LEU D 774 -23.42 -20.48 32.31
C LEU D 774 -23.48 -19.43 33.41
N PRO D 775 -22.39 -18.68 33.68
CA PRO D 775 -22.33 -17.82 34.86
C PRO D 775 -23.33 -16.66 34.87
N ASN D 776 -23.85 -16.36 36.06
CA ASN D 776 -24.73 -15.17 36.31
C ASN D 776 -23.86 -13.97 36.70
N GLU D 777 -22.52 -14.13 36.77
CA GLU D 777 -21.56 -13.04 37.05
C GLU D 777 -20.97 -12.54 35.74
N PRO D 778 -20.84 -11.22 35.51
CA PRO D 778 -20.21 -10.70 34.29
C PRO D 778 -18.71 -11.03 34.24
N ASN D 779 -18.13 -10.94 33.03
CA ASN D 779 -16.67 -11.00 32.78
C ASN D 779 -16.11 -12.41 33.04
N ARG D 780 -16.93 -13.45 32.90
CA ARG D 780 -16.44 -14.86 32.96
C ARG D 780 -16.51 -15.52 31.57
N LEU D 781 -17.09 -14.84 30.57
CA LEU D 781 -17.35 -15.44 29.23
C LEU D 781 -17.07 -14.41 28.14
N LEU D 782 -16.06 -14.69 27.31
CA LEU D 782 -15.76 -13.95 26.06
C LEU D 782 -15.98 -14.89 24.87
N ILE D 783 -16.87 -14.51 23.95
CA ILE D 783 -17.14 -15.23 22.67
C ILE D 783 -16.45 -14.46 21.54
N LEU D 784 -15.67 -15.17 20.71
CA LEU D 784 -14.98 -14.65 19.52
C LEU D 784 -15.47 -15.43 18.30
N HIS D 785 -15.73 -14.78 17.17
CA HIS D 785 -16.19 -15.49 15.95
C HIS D 785 -15.87 -14.66 14.70
N GLY D 786 -15.32 -15.31 13.67
CA GLY D 786 -15.22 -14.77 12.30
C GLY D 786 -16.58 -14.72 11.65
N PHE D 787 -16.99 -13.55 11.18
CA PHE D 787 -18.35 -13.31 10.62
C PHE D 787 -18.57 -14.19 9.37
N LEU D 788 -17.50 -14.43 8.58
CA LEU D 788 -17.59 -15.12 7.25
C LEU D 788 -17.35 -16.63 7.38
N ASP D 789 -17.27 -17.18 8.60
CA ASP D 789 -16.95 -18.60 8.84
C ASP D 789 -17.94 -19.48 8.06
N GLU D 790 -17.42 -20.30 7.13
CA GLU D 790 -18.25 -21.20 6.29
C GLU D 790 -18.26 -22.63 6.87
N ASN D 791 -17.48 -22.89 7.93
CA ASN D 791 -17.43 -24.21 8.62
C ASN D 791 -18.29 -24.14 9.90
N VAL D 792 -17.85 -23.36 10.88
CA VAL D 792 -18.64 -23.07 12.12
C VAL D 792 -19.37 -21.76 11.84
N HIS D 793 -20.58 -21.83 11.30
CA HIS D 793 -21.37 -20.64 10.91
C HIS D 793 -21.47 -19.69 12.10
N PHE D 794 -21.42 -18.39 11.83
CA PHE D 794 -21.66 -17.32 12.85
C PHE D 794 -22.98 -17.61 13.59
N PHE D 795 -23.93 -18.27 12.93
CA PHE D 795 -25.20 -18.76 13.52
C PHE D 795 -24.96 -19.38 14.91
N HIS D 796 -23.91 -20.19 15.09
CA HIS D 796 -23.64 -20.88 16.38
C HIS D 796 -23.50 -19.85 17.51
N THR D 797 -22.78 -18.76 17.27
CA THR D 797 -22.58 -17.66 18.25
C THR D 797 -23.88 -16.85 18.37
N ASN D 798 -24.51 -16.52 17.24
CA ASN D 798 -25.79 -15.78 17.22
C ASN D 798 -26.83 -16.53 18.04
N PHE D 799 -26.93 -17.85 17.87
CA PHE D 799 -27.93 -18.69 18.57
C PHE D 799 -27.58 -18.74 20.06
N LEU D 800 -26.30 -18.95 20.40
CA LEU D 800 -25.82 -18.91 21.80
C LEU D 800 -26.22 -17.58 22.44
N VAL D 801 -26.01 -16.46 21.76
CA VAL D 801 -26.36 -15.11 22.28
C VAL D 801 -27.88 -15.02 22.50
N SER D 802 -28.68 -15.48 21.53
N SER D 802 -28.67 -15.49 21.53
CA SER D 802 -30.16 -15.51 21.62
CA SER D 802 -30.16 -15.53 21.59
C SER D 802 -30.59 -16.26 22.89
C SER D 802 -30.62 -16.29 22.83
N GLN D 803 -29.93 -17.38 23.19
CA GLN D 803 -30.22 -18.21 24.39
C GLN D 803 -29.73 -17.50 25.67
N LEU D 804 -28.55 -16.88 25.63
CA LEU D 804 -28.00 -16.08 26.76
C LEU D 804 -28.99 -14.96 27.14
N ILE D 805 -29.55 -14.28 26.14
CA ILE D 805 -30.56 -13.19 26.33
C ILE D 805 -31.79 -13.77 27.04
N ARG D 806 -32.34 -14.87 26.52
CA ARG D 806 -33.57 -15.52 27.07
C ARG D 806 -33.32 -15.99 28.51
N ALA D 807 -32.11 -16.44 28.84
CA ALA D 807 -31.72 -16.92 30.19
C ALA D 807 -31.26 -15.76 31.10
N GLY D 808 -31.21 -14.54 30.57
CA GLY D 808 -30.79 -13.31 31.29
C GLY D 808 -29.34 -13.39 31.75
N LYS D 809 -28.44 -13.95 30.93
CA LYS D 809 -27.01 -14.12 31.26
C LYS D 809 -26.17 -13.05 30.58
N PRO D 810 -25.11 -12.53 31.24
CA PRO D 810 -24.19 -11.60 30.59
C PRO D 810 -23.22 -12.36 29.66
N TYR D 811 -22.64 -11.65 28.71
CA TYR D 811 -21.60 -12.17 27.80
C TYR D 811 -20.80 -10.98 27.25
N GLN D 812 -19.54 -11.24 26.90
CA GLN D 812 -18.72 -10.35 26.07
C GLN D 812 -18.56 -10.99 24.69
N LEU D 813 -18.51 -10.15 23.65
CA LEU D 813 -18.50 -10.62 22.24
C LEU D 813 -17.49 -9.79 21.45
N GLN D 814 -16.67 -10.48 20.66
CA GLN D 814 -15.83 -9.85 19.60
C GLN D 814 -16.15 -10.58 18.29
N ILE D 815 -16.31 -9.83 17.20
N ILE D 815 -16.31 -9.82 17.21
CA ILE D 815 -16.46 -10.38 15.84
CA ILE D 815 -16.50 -10.29 15.80
C ILE D 815 -15.26 -9.94 15.01
C ILE D 815 -15.23 -9.95 15.02
N TYR D 816 -14.86 -10.79 14.05
CA TYR D 816 -13.81 -10.50 13.04
C TYR D 816 -14.56 -10.46 11.71
N PRO D 817 -15.10 -9.28 11.32
CA PRO D 817 -15.96 -9.16 10.15
C PRO D 817 -15.35 -9.68 8.83
N ASN D 818 -14.03 -9.59 8.67
CA ASN D 818 -13.32 -9.96 7.42
C ASN D 818 -12.72 -11.38 7.51
N GLU D 819 -13.04 -12.16 8.54
CA GLU D 819 -12.38 -13.48 8.74
C GLU D 819 -13.40 -14.61 8.55
N ARG D 820 -12.94 -15.68 7.92
CA ARG D 820 -13.63 -16.99 7.86
C ARG D 820 -13.31 -17.75 9.16
N HIS D 821 -13.00 -19.04 9.12
CA HIS D 821 -12.87 -19.84 10.35
C HIS D 821 -11.66 -19.37 11.17
N SER D 822 -10.51 -19.29 10.54
CA SER D 822 -9.24 -18.93 11.22
C SER D 822 -8.88 -17.47 10.87
N ILE D 823 -8.24 -16.75 11.79
CA ILE D 823 -7.83 -15.33 11.61
C ILE D 823 -6.55 -15.30 10.76
N ARG D 824 -6.63 -14.73 9.56
CA ARG D 824 -5.54 -14.66 8.56
C ARG D 824 -4.93 -13.25 8.49
N CYS D 825 -5.73 -12.20 8.62
CA CYS D 825 -5.22 -10.79 8.53
C CYS D 825 -4.42 -10.46 9.78
N PRO D 826 -3.21 -9.85 9.65
CA PRO D 826 -2.39 -9.50 10.81
C PRO D 826 -3.07 -8.55 11.81
N GLU D 827 -3.87 -7.59 11.35
CA GLU D 827 -4.53 -6.59 12.23
C GLU D 827 -5.53 -7.31 13.15
N SER D 828 -6.30 -8.23 12.58
CA SER D 828 -7.28 -9.09 13.30
C SER D 828 -6.57 -10.00 14.30
N GLY D 829 -5.48 -10.65 13.87
CA GLY D 829 -4.65 -11.52 14.73
C GLY D 829 -4.11 -10.77 15.92
N GLU D 830 -3.55 -9.58 15.70
CA GLU D 830 -3.00 -8.73 16.80
C GLU D 830 -4.14 -8.30 17.73
N HIS D 831 -5.29 -7.89 17.18
CA HIS D 831 -6.43 -7.39 17.98
C HIS D 831 -6.96 -8.52 18.88
N TYR D 832 -7.09 -9.73 18.33
CA TYR D 832 -7.45 -10.95 19.08
C TYR D 832 -6.50 -11.13 20.27
N GLU D 833 -5.20 -11.07 20.03
CA GLU D 833 -4.16 -11.34 21.07
C GLU D 833 -4.20 -10.23 22.12
N VAL D 834 -4.34 -8.97 21.70
CA VAL D 834 -4.45 -7.81 22.63
C VAL D 834 -5.68 -8.02 23.50
N THR D 835 -6.82 -8.37 22.89
CA THR D 835 -8.11 -8.57 23.59
C THR D 835 -7.96 -9.70 24.61
N LEU D 836 -7.30 -10.79 24.23
CA LEU D 836 -7.06 -11.95 25.13
C LEU D 836 -6.25 -11.48 26.34
N LEU D 837 -5.15 -10.77 26.12
CA LEU D 837 -4.27 -10.26 27.21
C LEU D 837 -5.05 -9.33 28.14
N HIS D 838 -5.86 -8.44 27.57
CA HIS D 838 -6.68 -7.48 28.35
C HIS D 838 -7.71 -8.23 29.21
N PHE D 839 -8.44 -9.16 28.60
CA PHE D 839 -9.49 -9.95 29.29
C PHE D 839 -8.87 -10.71 30.46
N LEU D 840 -7.73 -11.37 30.26
CA LEU D 840 -7.03 -12.13 31.34
C LEU D 840 -6.53 -11.16 32.42
N GLN D 841 -5.90 -10.04 32.05
CA GLN D 841 -5.32 -9.10 33.05
C GLN D 841 -6.44 -8.53 33.92
N GLU D 842 -7.61 -8.25 33.36
CA GLU D 842 -8.73 -7.59 34.09
C GLU D 842 -9.55 -8.64 34.88
N TYR D 843 -9.75 -9.85 34.35
CA TYR D 843 -10.84 -10.74 34.82
C TYR D 843 -10.35 -12.11 35.30
N LEU D 844 -9.12 -12.54 35.03
CA LEU D 844 -8.55 -13.78 35.62
C LEU D 844 -7.96 -13.48 37.00
N HIS D 845 -7.56 -12.23 37.24
CA HIS D 845 -7.08 -11.72 38.57
C HIS D 845 -8.28 -11.40 39.47
N HIS D 846 -8.07 -11.45 40.78
CA HIS D 846 -9.11 -11.26 41.83
C HIS D 846 -9.36 -9.76 42.04
C1 KBO E . 36.86 -1.25 6.53
C2 KBO E . 35.40 -0.77 6.44
C3 KBO E . 35.22 0.09 5.21
C4 KBO E . 36.27 1.15 4.94
C5 KBO E . 34.48 -1.99 6.48
C6 KBO E . 33.00 -1.69 6.64
C7 KBO E . 38.57 -2.72 5.62
C8 KBO E . 39.50 -2.76 6.70
C11 KBO E . 44.07 -3.14 8.36
C12 KBO E . 45.33 -2.27 8.29
C15 KBO E . 46.25 -0.07 8.72
C16 KBO E . 46.76 -0.05 10.11
C17 KBO E . 46.02 0.64 11.07
C18 KBO E . 46.45 0.70 12.39
C19 KBO E . 47.62 0.04 12.76
C21 KBO E . 49.51 -1.31 12.20
C23 KBO E . 49.79 -2.05 9.94
C24 KBO E . 47.93 -0.71 10.49
C27 KBO E . 38.99 -3.33 4.42
O1 KBO E . 37.53 -0.86 7.48
C KBO E . 35.13 0.05 7.68
O KBO E . 35.33 -0.45 8.76
N KBO E . 37.35 -2.09 5.61
C26 KBO E . 40.24 -3.94 4.28
C25 KBO E . 41.12 -3.96 5.35
C9 KBO E . 40.75 -3.37 6.56
C10 KBO E . 41.74 -3.43 7.71
N1 KBO E . 42.98 -2.63 7.49
C14 KBO E . 42.73 -1.19 7.78
C13 KBO E . 44.03 -0.37 7.66
N2 KBO E . 45.01 -0.87 8.64
N3 KBO E . 48.66 -1.41 9.59
C22 KBO E . 50.24 -2.01 11.25
C20 KBO E . 48.35 -0.66 11.82
C1 EDO F . 36.43 -15.51 -12.64
O1 EDO F . 36.75 -15.47 -14.01
C2 EDO F . 34.98 -15.56 -12.38
O2 EDO F . 34.31 -14.30 -12.44
C1 EDO G . 39.59 -23.28 -6.33
O1 EDO G . 40.44 -24.30 -6.80
C2 EDO G . 40.13 -22.63 -5.13
O2 EDO G . 41.35 -21.95 -5.38
C1 EDO H . 47.41 -6.33 30.16
O1 EDO H . 46.41 -7.31 29.95
C2 EDO H . 47.07 -5.34 31.21
O2 EDO H . 46.19 -5.84 32.22
C1 EDO I . 42.70 2.51 20.13
O1 EDO I . 42.61 1.61 21.22
C2 EDO I . 42.17 3.84 20.51
O2 EDO I . 42.70 4.33 21.74
C1 EDO J . 38.99 -12.13 -19.53
O1 EDO J . 39.33 -11.25 -20.59
C2 EDO J . 39.38 -13.54 -19.78
O2 EDO J . 40.63 -13.69 -20.45
C1 EDO K . 56.92 -13.08 2.65
O1 EDO K . 57.72 -11.96 2.88
C2 EDO K . 57.59 -14.13 1.82
O2 EDO K . 57.10 -14.21 0.50
C1 EDO L . 37.45 10.50 11.51
O1 EDO L . 38.47 9.96 12.34
C2 EDO L . 37.27 9.73 10.26
O2 EDO L . 38.42 9.73 9.45
C1 KBO M . -34.59 6.86 11.30
C2 KBO M . -33.19 6.24 11.35
C3 KBO M . -33.26 4.81 10.82
C4 KBO M . -34.37 3.98 11.45
C5 KBO M . -32.29 7.15 10.49
C6 KBO M . -30.83 6.77 10.58
C7 KBO M . -36.44 7.73 9.97
C8 KBO M . -37.12 8.49 10.96
C11 KBO M . -41.33 10.25 12.73
C12 KBO M . -42.57 9.62 13.38
C15 KBO M . -43.37 8.10 15.13
C16 KBO M . -43.77 9.15 16.16
C17 KBO M . -42.90 9.50 17.19
C18 KBO M . -43.27 10.44 18.13
C19 KBO M . -44.51 11.08 18.03
C21 KBO M . -46.60 11.37 16.90
C23 KBO M . -47.07 10.08 14.94
C24 KBO M . -45.01 9.78 16.06
C27 KBO M . -37.12 7.54 8.74
O1 KBO M . -35.09 7.14 12.39
C KBO M . -32.66 6.24 12.78
O KBO M . -32.67 7.26 13.43
N KBO M . -35.22 7.07 10.13
C26 KBO M . -38.40 8.07 8.48
C25 KBO M . -39.03 8.81 9.45
C9 KBO M . -38.40 9.02 10.69
C10 KBO M . -39.15 9.85 11.73
N1 KBO M . -40.40 9.22 12.19
C14 KBO M . -40.09 8.17 13.22
C13 KBO M . -41.37 7.57 13.81
N2 KBO M . -42.19 8.64 14.42
N3 KBO M . -45.88 9.48 15.05
C22 KBO M . -47.46 11.04 15.86
C20 KBO M . -45.37 10.74 17.00
C1 EDO N . -33.83 -12.14 38.41
O1 EDO N . -33.09 -11.61 39.50
C2 EDO N . -35.27 -11.78 38.47
O2 EDO N . -35.89 -11.54 37.21
C1 EDO O . -41.69 0.84 -15.04
O1 EDO O . -41.54 -0.32 -15.84
C2 EDO O . -41.50 2.07 -15.83
O2 EDO O . -42.31 2.12 -16.99
C1 EDO P . -36.33 7.45 -11.73
O1 EDO P . -35.38 6.62 -12.36
C2 EDO P . -37.52 7.74 -12.55
O2 EDO P . -38.01 6.64 -13.29
C1 EDO Q . -27.15 -3.44 -10.14
O1 EDO Q . -26.09 -3.88 -9.31
C2 EDO Q . -28.06 -4.54 -10.56
O2 EDO Q . -28.70 -5.19 -9.47
C1 EDO R . -25.01 -9.69 4.08
O1 EDO R . -24.53 -8.44 4.56
C2 EDO R . -25.78 -10.47 5.08
O2 EDO R . -25.18 -10.54 6.37
C1 EDO S . -26.90 -15.10 7.11
O1 EDO S . -26.18 -14.11 7.85
C2 EDO S . -27.96 -15.78 7.91
O2 EDO S . -27.57 -16.96 8.59
C1 EDO T . -56.50 16.17 2.55
O1 EDO T . -55.30 16.26 1.80
C2 EDO T . -56.30 15.43 3.83
O2 EDO T . -55.43 16.10 4.72
C1 EDO U . -31.54 8.12 43.80
O1 EDO U . -30.91 9.37 44.02
C2 EDO U . -30.95 6.97 44.52
O2 EDO U . -31.49 6.69 45.81
C1 EDO V . -37.91 11.90 25.27
O1 EDO V . -37.76 13.30 25.44
C2 EDO V . -37.77 11.18 26.55
O2 EDO V . -38.00 12.00 27.68
C1 EDO W . -34.86 0.01 20.53
O1 EDO W . -34.87 1.27 19.87
C2 EDO W . -34.15 0.02 21.82
O2 EDO W . -34.57 1.07 22.69
C1 EDO X . -39.90 17.90 -10.21
O1 EDO X . -41.10 17.32 -9.77
C2 EDO X . -40.06 18.41 -11.58
O2 EDO X . -40.68 17.51 -12.45
C1 PEG Y . -30.78 -25.07 16.12
O1 PEG Y . -31.91 -24.44 16.71
C2 PEG Y . -31.15 -26.17 15.18
O2 PEG Y . -31.35 -25.64 13.88
C3 PEG Y . -31.31 -26.62 12.85
C4 PEG Y . -32.11 -26.16 11.67
O4 PEG Y . -33.43 -26.72 11.63
C1 EDO Z . -12.31 -5.74 24.45
O1 EDO Z . -13.03 -4.67 25.03
C2 EDO Z . -11.37 -5.31 23.39
O2 EDO Z . -11.94 -5.03 22.11
C1 KBO AA . 12.72 29.45 -8.85
C2 KBO AA . 14.00 29.04 -8.09
C3 KBO AA . 14.39 27.62 -8.53
C4 KBO AA . 13.26 26.61 -8.53
C5 KBO AA . 15.07 30.11 -8.44
C6 KBO AA . 16.28 30.22 -7.52
C7 KBO AA . 11.64 29.95 -11.01
C8 KBO AA . 10.42 30.53 -10.57
C11 KBO AA . 5.66 31.33 -11.25
C12 KBO AA . 4.44 30.41 -11.42
C15 KBO AA . 3.13 28.64 -10.40
C16 KBO AA . 1.98 29.33 -9.60
C17 KBO AA . 2.17 29.58 -8.24
C18 KBO AA . 1.16 30.19 -7.49
C19 KBO AA . -0.03 30.55 -8.09
C21 KBO AA . -1.41 30.68 -10.04
C23 KBO AA . -0.59 29.83 -12.13
C24 KBO AA . 0.78 29.70 -10.20
C27 KBO AA . 11.73 29.67 -12.39
O1 KBO AA . 11.71 29.61 -8.18
C KBO AA . 13.72 29.06 -6.59
O KBO AA . 13.15 30.02 -6.12
N KBO AA . 12.73 29.58 -10.20
C26 KBO AA . 10.67 29.93 -13.28
C25 KBO AA . 9.49 30.48 -12.82
C9 KBO AA . 9.36 30.78 -11.45
C10 KBO AA . 8.07 31.40 -10.95
N1 KBO AA . 6.90 30.51 -11.10
C14 KBO AA . 6.79 29.57 -9.96
C13 KBO AA . 5.57 28.66 -10.13
N2 KBO AA . 4.33 29.48 -10.27
N3 KBO AA . 0.56 29.47 -11.52
C22 KBO AA . -1.61 30.43 -11.40
C20 KBO AA . -0.22 30.31 -9.45
C1 EDO BA . 24.10 17.40 -8.87
O1 EDO BA . 25.42 17.79 -9.18
C2 EDO BA . 23.71 17.76 -7.48
O2 EDO BA . 24.69 18.56 -6.85
C1 EDO CA . 21.72 24.16 -35.96
O1 EDO CA . 20.89 23.90 -37.09
C2 EDO CA . 21.65 23.06 -34.97
O2 EDO CA . 22.00 21.78 -35.47
C1 EDO DA . 23.25 30.22 -29.75
O1 EDO DA . 24.14 31.12 -30.38
C2 EDO DA . 22.04 30.00 -30.56
O2 EDO DA . 22.22 29.16 -31.70
C1 EDO EA . 17.45 39.58 -30.80
O1 EDO EA . 16.05 39.38 -30.69
C2 EDO EA . 17.82 40.24 -32.07
O2 EDO EA . 17.48 39.51 -33.25
C1 EDO FA . -2.92 34.83 -28.03
O1 EDO FA . -1.51 34.99 -27.96
C2 EDO FA . -3.47 34.10 -26.86
O2 EDO FA . -2.97 34.59 -25.62
C1 EDO GA . 1.78 32.99 0.95
O1 EDO GA . 1.58 34.40 0.99
C2 EDO GA . 1.54 32.35 2.27
O2 EDO GA . 0.65 33.06 3.11
C1 EDO HA . 27.62 14.84 -8.90
O1 EDO HA . 27.85 16.09 -8.26
C2 EDO HA . 26.48 14.05 -8.33
O2 EDO HA . 26.32 14.15 -6.92
C1 PEG IA . 18.60 -1.81 -0.44
O1 PEG IA . 17.83 -0.93 -1.22
C2 PEG IA . 18.86 -3.10 -1.14
O2 PEG IA . 19.43 -2.86 -2.43
C3 PEG IA . 20.86 -2.73 -2.40
C4 PEG IA . 21.36 -2.30 -3.76
O4 PEG IA . 20.77 -3.02 -4.82
C1 EDO JA . 16.10 17.13 13.36
O1 EDO JA . 17.01 16.51 14.22
C2 EDO JA . 14.94 16.25 13.05
O2 EDO JA . 15.19 15.21 12.13
C1 EDO KA . -30.13 36.77 -27.26
O1 EDO KA . -30.21 37.57 -26.10
C2 EDO KA . -29.68 37.52 -28.46
O2 EDO KA . -30.32 38.77 -28.65
C1 EDO LA . 8.96 22.69 0.78
O1 EDO LA . 7.74 23.38 0.83
C2 EDO LA . 9.25 22.13 -0.55
O2 EDO LA . 8.26 21.22 -0.99
C1 KBO MA . -12.72 -28.69 12.87
C2 KBO MA . -13.84 -27.85 13.51
C3 KBO MA . -14.39 -26.90 12.45
C4 KBO MA . -13.33 -26.20 11.61
C5 KBO MA . -14.89 -28.82 14.05
C6 KBO MA . -15.98 -28.16 14.87
C7 KBO MA . -12.07 -30.42 11.26
C8 KBO MA . -10.75 -30.71 11.72
C11 KBO MA . -6.20 -32.27 10.83
C12 KBO MA . -5.03 -31.86 9.93
C15 KBO MA . -3.53 -30.05 9.29
C16 KBO MA . -2.30 -29.97 10.22
C17 KBO MA . -2.33 -29.09 11.28
C18 KBO MA . -1.26 -28.97 12.15
C19 KBO MA . -0.13 -29.77 11.95
C21 KBO MA . 1.03 -31.45 10.70
C23 KBO MA . -0.03 -32.44 8.79
C24 KBO MA . -1.18 -30.78 10.02
C27 KBO MA . -12.46 -31.00 10.04
O1 KBO MA . -11.56 -28.52 13.28
C KBO MA . -13.25 -27.12 14.69
O KBO MA . -12.55 -27.73 15.51
N KBO MA . -12.99 -29.57 11.88
C26 KBO MA . -11.59 -31.82 9.31
C25 KBO MA . -10.30 -32.09 9.79
C9 KBO MA . -9.88 -31.53 11.00
C10 KBO MA . -8.49 -31.83 11.50
N1 KBO MA . -7.40 -31.43 10.57
C14 KBO MA . -7.09 -29.97 10.70
C13 KBO MA . -5.89 -29.57 9.82
N2 KBO MA . -4.71 -30.42 10.11
N3 KBO MA . -1.10 -31.66 9.00
C22 KBO MA . 1.07 -32.34 9.64
C20 KBO MA . -0.10 -30.66 10.89
C1 EDO NA . -26.78 -37.74 -9.87
O1 EDO NA . -27.49 -36.99 -10.84
C2 EDO NA . -27.28 -39.13 -9.74
O2 EDO NA . -27.27 -39.82 -10.98
C1 EDO OA . -27.47 -40.60 -1.09
O1 EDO OA . -27.88 -39.24 -1.23
C2 EDO OA . -26.43 -41.01 -2.06
O2 EDO OA . -26.81 -40.93 -3.43
C1 EDO PA . -0.14 -44.06 -2.17
O1 EDO PA . -0.22 -43.47 -0.88
C2 EDO PA . -1.01 -45.25 -2.38
O2 EDO PA . -2.39 -44.99 -2.22
C1 EDO QA . -30.07 -39.22 1.73
O1 EDO QA . -28.87 -38.52 2.04
C2 EDO QA . -30.00 -40.72 1.74
O2 EDO QA . -29.79 -41.32 3.03
C1 EDO RA . -33.67 -26.99 -0.88
O1 EDO RA . -34.50 -26.15 -1.68
C2 EDO RA . -34.15 -28.39 -0.79
O2 EDO RA . -34.74 -28.75 0.45
C1 EDO SA . -22.12 -50.13 1.74
O1 EDO SA . -21.70 -50.58 0.48
C2 EDO SA . -21.14 -49.26 2.44
O2 EDO SA . -19.92 -49.08 1.75
C1 EDO TA . 0.59 -25.60 21.61
O1 EDO TA . 1.86 -25.89 22.16
C2 EDO TA . -0.05 -26.78 20.96
O2 EDO TA . 0.29 -28.02 21.59
C1 EDO UA . -12.35 -20.12 40.92
O1 EDO UA . -11.60 -21.24 40.51
C2 EDO UA . -13.19 -19.61 39.83
O2 EDO UA . -14.41 -20.29 39.61
C1 EDO VA . -7.47 -17.73 16.18
O1 EDO VA . -6.26 -18.32 16.55
C2 EDO VA . -8.11 -18.46 15.07
O2 EDO VA . -7.36 -18.36 13.89
C1 EDO WA . -23.58 -7.71 29.07
O1 EDO WA . -24.16 -8.93 28.61
C2 EDO WA . -22.29 -7.87 29.81
O2 EDO WA . -21.12 -7.50 29.09
C1 PEG XA . -17.43 1.73 2.03
O1 PEG XA . -16.61 0.67 2.47
C2 PEG XA . -18.88 1.36 2.03
O2 PEG XA . -19.49 1.74 0.80
C3 PEG XA . -20.89 1.53 0.75
C4 PEG XA . -21.23 0.40 -0.18
O4 PEG XA . -20.54 0.47 -1.42
C1 EDO YA . -12.39 -9.23 3.34
O1 EDO YA . -13.66 -9.35 3.98
C2 EDO YA . -11.56 -10.48 3.33
O2 EDO YA . -12.17 -11.65 3.87
C1 EDO ZA . 18.79 -42.90 10.26
O1 EDO ZA . 20.14 -42.96 9.87
C2 EDO ZA . 18.61 -42.65 11.70
O2 EDO ZA . 17.66 -43.49 12.33
#